data_7YK5
#
_entry.id   7YK5
#
loop_
_entity.id
_entity.type
_entity.pdbx_description
1 polymer 'Ribulose bisphosphate carboxylase large chain'
2 polymer 'Multifunctional fusion protein'
3 polymer 'PYCO1 SSU binding motif'
4 polymer 'PYCO1 LSU binding motif'
5 non-polymer 2-CARBOXYARABINITOL-1,5-DIPHOSPHATE
#
loop_
_entity_poly.entity_id
_entity_poly.type
_entity_poly.pdbx_seq_one_letter_code
_entity_poly.pdbx_strand_id
1 'polypeptide(L)'
;MSQSVSERTRIKSDRYESGVIPYAKMGYWDAAYAVKNTDVLALFRIT(HYP)QPGVDPVEAAAAVAGESSTATWTVVWTD
LLTACDRYRAKAYRVDPVPNTTDQYFAFIAYE(CSO)DLFEEGSLANLTASIIGNVFGFKAVSALRLEDMRIPHSYL
(LYO)TFQG(HYP)ATGVIVERERLNKYGIPL(HLU)GATVKPKLGLSGKNYGRVVYEGL(LYO)GGLDFL(KCX)DDEN
INSQPFMRWRERFLYCMEGINRASAATGETKGSYLNITAGTMEEVYKRAEYAKTVGSIVVMIDLVMGYTAIQSAAIWARD
NDLILHLHRAGNSTYARQKNHGINFRVICKWMRMCGVDHIHAGTVVGKLEGDPLMI(M3L)GFYDTLLLTHLNVNLPYGI
FFEMTWASLRKCMPVASGGIHCGQMHQLVHYLGDDVVLQFGGGTIGHPDGIQAGATANRVALEAMILARNEGADYFNSDI
GPQILRNAAKTCGPLQTALDLWKDISFNYTSTDTSDFSVTPTANV
;
A,B,C,D,E,F,G,H
2 'polypeptide(L)'
;MRLTQGCFSFLPDLTDQQIEKQIAYCITKGWAMNVEWTDDPHPRNSYWELWGLPLFDVKDPASVMFELREARKSCAAGYI
RINAFNAAYGTESCVMSFIVNRPSNEPGFYLERQELEGRRIAYTTKSYSVQANPEGGRY
;
I,J,K,L,M,N,O,P
3 'polypeptide(L)' KWSPRGGS i,k,j,l
4 'polypeptide(L)' AAEWGSMNQ h,g,f,e,d,c,b,a
#
# COMPACT_ATOMS: atom_id res chain seq x y z
N SER A 4 -4.42 -55.03 -31.72
CA SER A 4 -4.35 -53.63 -31.22
C SER A 4 -3.16 -53.47 -30.27
N VAL A 5 -2.57 -52.28 -30.22
CA VAL A 5 -1.42 -52.02 -29.30
C VAL A 5 -1.91 -52.11 -27.84
N SER A 6 -3.06 -51.49 -27.53
CA SER A 6 -3.60 -51.51 -26.14
C SER A 6 -3.77 -52.95 -25.65
N GLU A 7 -4.37 -53.81 -26.47
CA GLU A 7 -4.65 -55.20 -26.02
C GLU A 7 -3.32 -55.93 -25.72
N ARG A 8 -2.30 -55.73 -26.57
CA ARG A 8 -0.99 -56.40 -26.38
C ARG A 8 -0.27 -55.84 -25.14
N THR A 9 -0.54 -54.59 -24.75
CA THR A 9 0.22 -53.98 -23.62
C THR A 9 -0.54 -54.10 -22.30
N ARG A 10 -1.41 -55.12 -22.17
CA ARG A 10 -2.20 -55.29 -20.93
C ARG A 10 -1.30 -55.84 -19.80
N ILE A 11 -1.48 -55.33 -18.57
CA ILE A 11 -0.69 -55.82 -17.40
C ILE A 11 -1.22 -57.19 -16.97
N LYS A 12 -0.33 -58.18 -16.87
CA LYS A 12 -0.76 -59.56 -16.50
C LYS A 12 -0.19 -59.94 -15.14
N SER A 13 0.51 -59.01 -14.48
CA SER A 13 1.07 -59.27 -13.14
C SER A 13 -0.07 -59.60 -12.16
N ASP A 14 0.15 -60.55 -11.25
CA ASP A 14 -0.92 -60.96 -10.31
C ASP A 14 -1.39 -59.74 -9.49
N ARG A 15 -0.48 -58.84 -9.13
CA ARG A 15 -0.86 -57.69 -8.25
C ARG A 15 -1.39 -56.51 -9.07
N TYR A 16 -0.93 -56.32 -10.31
CA TYR A 16 -1.34 -55.09 -11.06
C TYR A 16 -2.25 -55.43 -12.24
N GLU A 17 -2.81 -56.63 -12.28
CA GLU A 17 -3.82 -56.92 -13.33
C GLU A 17 -5.16 -56.31 -12.87
N SER A 18 -5.99 -55.86 -13.81
CA SER A 18 -7.26 -55.17 -13.45
C SER A 18 -8.18 -56.10 -12.63
N GLY A 19 -9.03 -55.52 -11.76
CA GLY A 19 -9.97 -56.32 -10.95
C GLY A 19 -9.99 -55.90 -9.49
N VAL A 20 -10.84 -56.54 -8.68
CA VAL A 20 -10.97 -56.19 -7.24
C VAL A 20 -10.37 -57.32 -6.38
N ILE A 21 -9.53 -56.97 -5.40
CA ILE A 21 -8.94 -57.97 -4.46
C ILE A 21 -9.09 -57.43 -3.03
N PRO A 22 -9.05 -58.26 -1.95
CA PRO A 22 -9.12 -57.73 -0.57
C PRO A 22 -8.01 -56.72 -0.22
N TYR A 23 -8.33 -55.74 0.65
CA TYR A 23 -7.33 -54.72 1.06
C TYR A 23 -6.14 -55.38 1.77
N ALA A 24 -6.40 -56.50 2.46
CA ALA A 24 -5.34 -57.18 3.23
C ALA A 24 -4.37 -57.92 2.28
N LYS A 25 -4.76 -58.12 1.01
CA LYS A 25 -3.84 -58.75 0.02
C LYS A 25 -3.24 -57.65 -0.86
N MET A 26 -3.63 -56.38 -0.64
CA MET A 26 -3.07 -55.24 -1.43
C MET A 26 -1.83 -54.69 -0.73
N GLY A 27 -1.50 -55.19 0.47
CA GLY A 27 -0.29 -54.74 1.20
C GLY A 27 -0.60 -53.76 2.33
N TYR A 28 -1.83 -53.78 2.87
CA TYR A 28 -2.22 -52.80 3.92
C TYR A 28 -2.29 -53.50 5.28
N TRP A 29 -1.96 -54.80 5.34
CA TRP A 29 -1.90 -55.52 6.65
C TRP A 29 -0.51 -56.15 6.79
N ASP A 30 0.19 -55.87 7.90
CA ASP A 30 1.56 -56.41 8.11
C ASP A 30 1.81 -56.64 9.60
N ALA A 31 1.49 -57.84 10.09
CA ALA A 31 1.68 -58.15 11.53
C ALA A 31 3.16 -58.06 11.92
N ALA A 32 4.07 -58.31 10.99
CA ALA A 32 5.52 -58.26 11.32
C ALA A 32 6.11 -56.89 10.93
N TYR A 33 5.35 -55.81 11.13
CA TYR A 33 5.86 -54.45 10.79
C TYR A 33 6.68 -53.88 11.96
N ALA A 34 7.80 -53.21 11.65
CA ALA A 34 8.62 -52.57 12.70
C ALA A 34 8.38 -51.06 12.67
N VAL A 35 7.93 -50.47 13.78
CA VAL A 35 7.57 -49.02 13.79
C VAL A 35 8.83 -48.14 13.82
N LYS A 36 8.80 -46.98 13.17
CA LYS A 36 9.95 -46.03 13.18
C LYS A 36 9.64 -44.86 14.12
N ASN A 37 10.68 -44.13 14.56
CA ASN A 37 10.48 -43.00 15.51
C ASN A 37 9.95 -41.77 14.77
N THR A 38 9.88 -41.81 13.44
CA THR A 38 9.34 -40.68 12.64
C THR A 38 7.89 -40.96 12.22
N ASP A 39 7.39 -42.16 12.50
CA ASP A 39 6.03 -42.54 12.02
C ASP A 39 4.90 -41.91 12.84
N VAL A 40 3.78 -41.59 12.20
CA VAL A 40 2.58 -41.13 12.96
C VAL A 40 1.76 -42.39 13.23
N LEU A 41 1.21 -42.55 14.44
CA LEU A 41 0.45 -43.78 14.80
C LEU A 41 -0.98 -43.40 15.24
N ALA A 42 -1.95 -44.32 15.05
CA ALA A 42 -3.34 -44.05 15.45
C ALA A 42 -3.98 -45.29 16.08
N LEU A 43 -4.86 -45.10 17.08
CA LEU A 43 -5.59 -46.24 17.69
C LEU A 43 -7.09 -46.05 17.42
N PHE A 44 -7.73 -47.03 16.77
CA PHE A 44 -9.17 -46.93 16.43
C PHE A 44 -9.97 -48.03 17.12
N ARG A 45 -11.17 -47.70 17.64
CA ARG A 45 -12.07 -48.74 18.20
C ARG A 45 -13.07 -49.06 17.08
N ILE A 46 -13.00 -50.27 16.49
CA ILE A 46 -13.84 -50.59 15.29
C ILE A 46 -14.96 -51.58 15.65
N THR A 47 -16.12 -51.46 15.00
CA THR A 47 -17.23 -52.43 15.20
C THR A 47 -17.61 -53.02 13.84
N GLN A 49 -19.31 -55.01 10.58
CA GLN A 49 -20.70 -55.43 10.24
C GLN A 49 -20.79 -56.95 10.33
N PRO A 50 -21.94 -57.56 10.72
CA PRO A 50 -22.07 -59.01 10.74
C PRO A 50 -21.47 -59.69 9.50
N GLY A 51 -20.49 -60.58 9.69
CA GLY A 51 -19.89 -61.31 8.56
C GLY A 51 -18.51 -60.80 8.18
N VAL A 52 -18.23 -59.51 8.41
CA VAL A 52 -16.93 -58.92 7.99
C VAL A 52 -15.82 -59.40 8.93
N ASP A 53 -14.68 -59.84 8.36
CA ASP A 53 -13.52 -60.33 9.17
C ASP A 53 -12.84 -59.14 9.87
N PRO A 54 -12.57 -59.20 11.20
CA PRO A 54 -11.90 -58.11 11.92
C PRO A 54 -10.63 -57.58 11.23
N VAL A 55 -9.81 -58.49 10.68
CA VAL A 55 -8.52 -58.06 10.04
C VAL A 55 -8.81 -57.31 8.72
N GLU A 56 -9.79 -57.75 7.95
CA GLU A 56 -10.14 -57.05 6.68
C GLU A 56 -10.58 -55.61 7.00
N ALA A 57 -11.41 -55.42 8.03
CA ALA A 57 -11.88 -54.07 8.43
C ALA A 57 -10.67 -53.16 8.73
N ALA A 58 -9.75 -53.62 9.57
CA ALA A 58 -8.53 -52.82 9.89
C ALA A 58 -7.78 -52.46 8.60
N ALA A 59 -7.59 -53.43 7.71
CA ALA A 59 -6.87 -53.18 6.43
C ALA A 59 -7.63 -52.16 5.58
N ALA A 60 -8.96 -52.22 5.56
CA ALA A 60 -9.77 -51.24 4.80
C ALA A 60 -9.54 -49.82 5.35
N VAL A 61 -9.62 -49.64 6.67
CA VAL A 61 -9.39 -48.29 7.30
C VAL A 61 -8.00 -47.79 6.90
N ALA A 62 -6.97 -48.64 6.95
CA ALA A 62 -5.59 -48.21 6.64
C ALA A 62 -5.46 -47.79 5.16
N GLY A 63 -6.03 -48.57 4.25
CA GLY A 63 -5.94 -48.28 2.81
C GLY A 63 -6.70 -47.01 2.42
N GLU A 64 -7.94 -46.87 2.89
CA GLU A 64 -8.79 -45.72 2.48
C GLU A 64 -8.31 -44.42 3.14
N SER A 65 -7.44 -44.51 4.16
CA SER A 65 -6.90 -43.30 4.82
C SER A 65 -5.49 -42.98 4.30
N SER A 66 -5.02 -43.71 3.29
CA SER A 66 -3.63 -43.51 2.77
C SER A 66 -3.64 -43.34 1.24
N THR A 67 -3.60 -44.44 0.48
CA THR A 67 -3.48 -44.30 -1.00
C THR A 67 -4.33 -45.31 -1.78
N ALA A 68 -5.25 -46.04 -1.13
CA ALA A 68 -5.97 -47.12 -1.85
C ALA A 68 -7.35 -46.71 -2.38
N THR A 69 -7.92 -47.52 -3.28
CA THR A 69 -9.32 -47.31 -3.78
C THR A 69 -9.98 -48.70 -3.84
N TRP A 70 -11.21 -48.80 -4.36
CA TRP A 70 -11.97 -50.09 -4.33
C TRP A 70 -11.47 -51.10 -5.39
N THR A 71 -10.63 -50.70 -6.33
CA THR A 71 -10.20 -51.62 -7.43
C THR A 71 -8.72 -51.36 -7.76
N VAL A 72 -8.06 -52.28 -8.48
CA VAL A 72 -6.59 -52.15 -8.76
C VAL A 72 -6.31 -51.04 -9.78
N VAL A 73 -5.28 -50.22 -9.53
CA VAL A 73 -4.87 -49.16 -10.50
C VAL A 73 -3.38 -49.34 -10.87
N TRP A 74 -3.04 -49.32 -12.16
CA TRP A 74 -1.64 -49.53 -12.61
C TRP A 74 -0.80 -48.27 -12.33
N THR A 75 -1.44 -47.12 -12.17
CA THR A 75 -0.71 -45.85 -11.95
C THR A 75 0.19 -45.97 -10.72
N ASP A 76 -0.11 -46.90 -9.81
CA ASP A 76 0.73 -47.13 -8.61
C ASP A 76 2.20 -47.37 -9.01
N LEU A 77 2.44 -47.93 -10.20
CA LEU A 77 3.82 -48.28 -10.64
C LEU A 77 4.63 -47.03 -11.04
N LEU A 78 4.02 -45.84 -10.99
CA LEU A 78 4.76 -44.59 -11.30
C LEU A 78 5.25 -43.97 -9.99
N THR A 79 5.17 -44.71 -8.88
CA THR A 79 5.54 -44.15 -7.56
C THR A 79 6.23 -45.21 -6.71
N ALA A 80 6.88 -44.81 -5.61
CA ALA A 80 7.45 -45.80 -4.66
C ALA A 80 6.29 -46.27 -3.78
N CYS A 81 5.37 -47.08 -4.33
CA CYS A 81 4.13 -47.48 -3.61
C CYS A 81 4.36 -48.00 -2.20
N ASP A 82 5.28 -48.94 -2.01
CA ASP A 82 5.47 -49.58 -0.67
C ASP A 82 5.72 -48.52 0.41
N ARG A 83 6.43 -47.43 0.08
CA ARG A 83 6.78 -46.43 1.11
C ARG A 83 5.55 -45.60 1.52
N TYR A 84 4.59 -45.41 0.61
CA TYR A 84 3.45 -44.48 0.92
C TYR A 84 2.24 -45.20 1.54
N ARG A 85 2.17 -46.53 1.48
CA ARG A 85 0.99 -47.27 2.01
C ARG A 85 1.00 -47.27 3.55
N ALA A 86 -0.12 -46.96 4.20
CA ALA A 86 -0.21 -47.08 5.67
C ALA A 86 -0.30 -48.57 6.02
N LYS A 87 0.06 -48.97 7.24
CA LYS A 87 0.08 -50.43 7.55
C LYS A 87 -0.62 -50.77 8.86
N ALA A 88 -1.67 -51.60 8.79
CA ALA A 88 -2.30 -52.10 10.04
C ALA A 88 -1.35 -53.17 10.61
N TYR A 89 -1.06 -53.13 11.91
CA TYR A 89 -0.03 -54.09 12.43
C TYR A 89 -0.51 -54.83 13.70
N ARG A 90 -1.62 -54.41 14.32
CA ARG A 90 -2.16 -55.21 15.47
C ARG A 90 -3.67 -55.01 15.65
N VAL A 91 -4.38 -56.09 16.00
CA VAL A 91 -5.85 -56.03 16.24
C VAL A 91 -6.15 -56.84 17.50
N ASP A 92 -6.93 -56.27 18.43
CA ASP A 92 -7.22 -56.95 19.73
C ASP A 92 -8.69 -56.78 20.10
N PRO A 93 -9.38 -57.80 20.68
CA PRO A 93 -10.76 -57.61 21.12
C PRO A 93 -10.83 -56.63 22.30
N VAL A 94 -11.89 -55.82 22.35
CA VAL A 94 -12.08 -54.88 23.50
C VAL A 94 -12.54 -55.69 24.72
N PRO A 95 -11.91 -55.54 25.92
CA PRO A 95 -12.28 -56.35 27.09
C PRO A 95 -13.77 -56.25 27.48
N ASN A 96 -14.35 -57.36 27.95
CA ASN A 96 -15.77 -57.36 28.41
C ASN A 96 -16.73 -56.97 27.28
N THR A 97 -16.31 -57.14 26.02
CA THR A 97 -17.17 -56.74 24.87
C THR A 97 -17.11 -57.78 23.75
N THR A 98 -18.22 -57.97 23.04
CA THR A 98 -18.20 -58.84 21.84
C THR A 98 -18.56 -57.93 20.66
N ASP A 99 -17.80 -57.99 19.56
CA ASP A 99 -18.05 -57.16 18.33
C ASP A 99 -17.25 -55.85 18.38
N GLN A 100 -16.44 -55.61 19.41
CA GLN A 100 -15.57 -54.40 19.42
C GLN A 100 -14.10 -54.84 19.39
N TYR A 101 -13.27 -54.17 18.58
CA TYR A 101 -11.81 -54.50 18.50
C TYR A 101 -10.95 -53.24 18.44
N PHE A 102 -9.75 -53.29 19.03
CA PHE A 102 -8.79 -52.16 18.96
C PHE A 102 -7.82 -52.42 17.80
N ALA A 103 -7.49 -51.39 17.01
CA ALA A 103 -6.58 -51.55 15.84
C ALA A 103 -5.49 -50.47 15.84
N PHE A 104 -4.22 -50.86 15.66
CA PHE A 104 -3.09 -49.91 15.62
C PHE A 104 -2.62 -49.72 14.16
N ILE A 105 -2.39 -48.47 13.73
CA ILE A 105 -1.99 -48.20 12.32
C ILE A 105 -0.83 -47.19 12.25
N ALA A 106 0.15 -47.41 11.37
CA ALA A 106 1.34 -46.53 11.25
C ALA A 106 1.33 -45.78 9.90
N TYR A 107 1.72 -44.51 9.89
CA TYR A 107 1.73 -43.68 8.65
C TYR A 107 3.12 -43.05 8.44
N GLU A 108 3.60 -42.99 7.18
CA GLU A 108 4.93 -42.42 6.85
C GLU A 108 4.92 -40.89 7.04
N ASP A 110 6.40 -38.50 5.29
CA ASP A 110 6.27 -37.74 4.01
C ASP A 110 4.82 -37.61 3.51
N LEU A 111 3.85 -38.28 4.15
CA LEU A 111 2.43 -38.16 3.73
C LEU A 111 1.80 -36.83 4.14
N PHE A 112 2.41 -36.09 5.07
CA PHE A 112 1.73 -34.87 5.63
C PHE A 112 2.42 -33.55 5.25
N GLU A 113 1.66 -32.45 5.22
CA GLU A 113 2.24 -31.11 4.94
C GLU A 113 2.73 -30.51 6.27
N GLU A 114 3.94 -29.96 6.28
CA GLU A 114 4.53 -29.42 7.54
C GLU A 114 3.68 -28.28 8.14
N GLY A 115 3.40 -28.33 9.45
CA GLY A 115 2.69 -27.23 10.13
C GLY A 115 1.22 -27.07 9.76
N SER A 116 0.56 -28.09 9.23
CA SER A 116 -0.85 -27.91 8.78
C SER A 116 -1.80 -28.95 9.40
N LEU A 117 -2.72 -28.52 10.28
CA LEU A 117 -3.70 -29.43 10.93
C LEU A 117 -4.79 -29.88 9.94
N ALA A 118 -5.28 -28.97 9.08
CA ALA A 118 -6.27 -29.35 8.04
C ALA A 118 -5.78 -30.59 7.26
N ASN A 119 -4.49 -30.60 6.87
CA ASN A 119 -3.94 -31.73 6.07
C ASN A 119 -3.91 -33.03 6.88
N LEU A 120 -3.40 -32.98 8.12
CA LEU A 120 -3.32 -34.20 8.98
C LEU A 120 -4.73 -34.81 9.10
N THR A 121 -5.74 -33.99 9.43
CA THR A 121 -7.13 -34.47 9.63
C THR A 121 -7.74 -34.97 8.31
N ALA A 122 -7.48 -34.28 7.19
CA ALA A 122 -7.99 -34.73 5.86
C ALA A 122 -7.67 -36.22 5.64
N SER A 123 -6.51 -36.68 6.10
CA SER A 123 -6.13 -38.11 5.93
C SER A 123 -6.75 -38.99 7.03
N ILE A 124 -6.56 -38.65 8.30
CA ILE A 124 -7.01 -39.54 9.43
C ILE A 124 -8.54 -39.63 9.52
N ILE A 125 -9.28 -38.53 9.33
CA ILE A 125 -10.77 -38.58 9.56
C ILE A 125 -11.55 -38.22 8.30
N GLY A 126 -10.90 -38.13 7.14
CA GLY A 126 -11.58 -37.70 5.90
C GLY A 126 -12.88 -38.42 5.58
N ASN A 127 -12.82 -39.71 5.20
CA ASN A 127 -14.05 -40.44 4.75
C ASN A 127 -14.24 -41.78 5.48
N VAL A 128 -13.26 -42.29 6.24
CA VAL A 128 -13.35 -43.65 6.85
C VAL A 128 -14.61 -43.84 7.71
N PHE A 129 -15.09 -42.80 8.40
CA PHE A 129 -16.24 -42.96 9.34
C PHE A 129 -17.55 -43.29 8.60
N GLY A 130 -17.61 -43.09 7.28
CA GLY A 130 -18.85 -43.32 6.50
C GLY A 130 -18.84 -44.64 5.72
N PHE A 131 -17.80 -45.47 5.88
CA PHE A 131 -17.67 -46.75 5.14
C PHE A 131 -18.82 -47.70 5.50
N LYS A 132 -19.49 -48.28 4.49
CA LYS A 132 -20.64 -49.20 4.73
C LYS A 132 -20.19 -50.47 5.47
N ALA A 133 -18.97 -50.95 5.25
CA ALA A 133 -18.54 -52.25 5.84
C ALA A 133 -18.37 -52.18 7.37
N VAL A 134 -18.32 -50.97 7.94
CA VAL A 134 -18.25 -50.86 9.43
C VAL A 134 -19.56 -50.27 9.93
N SER A 135 -19.99 -50.64 11.15
CA SER A 135 -21.25 -50.11 11.73
C SER A 135 -20.96 -48.95 12.69
N ALA A 136 -19.72 -48.85 13.21
CA ALA A 136 -19.33 -47.77 14.14
C ALA A 136 -17.80 -47.66 14.21
N LEU A 137 -17.27 -46.49 14.58
CA LEU A 137 -15.80 -46.27 14.58
C LEU A 137 -15.46 -45.07 15.47
N ARG A 138 -14.33 -45.15 16.19
CA ARG A 138 -13.94 -44.06 17.12
C ARG A 138 -12.41 -43.91 17.18
N LEU A 139 -11.89 -42.70 16.96
CA LEU A 139 -10.43 -42.43 17.10
C LEU A 139 -10.14 -42.19 18.58
N GLU A 140 -9.43 -43.10 19.24
CA GLU A 140 -9.19 -43.00 20.72
C GLU A 140 -7.88 -42.27 21.06
N ASP A 141 -6.80 -42.49 20.30
CA ASP A 141 -5.49 -41.88 20.66
C ASP A 141 -4.57 -41.76 19.44
N MET A 142 -3.46 -41.04 19.57
CA MET A 142 -2.47 -40.86 18.46
C MET A 142 -1.08 -40.61 19.05
N ARG A 143 -0.03 -41.03 18.35
CA ARG A 143 1.37 -40.75 18.78
C ARG A 143 1.99 -39.81 17.73
N ILE A 144 2.14 -38.53 18.06
CA ILE A 144 2.72 -37.52 17.12
C ILE A 144 4.22 -37.44 17.35
N PRO A 145 5.09 -37.78 16.36
CA PRO A 145 6.54 -37.83 16.58
C PRO A 145 7.25 -36.48 16.80
N HIS A 146 8.44 -36.51 17.39
CA HIS A 146 9.23 -35.27 17.67
C HIS A 146 9.45 -34.48 16.38
N SER A 147 9.90 -35.14 15.31
CA SER A 147 10.17 -34.46 14.01
C SER A 147 8.98 -33.62 13.54
N TYR A 148 7.76 -34.18 13.57
CA TYR A 148 6.56 -33.44 13.09
C TYR A 148 6.21 -32.30 14.07
N LEU A 149 6.35 -32.53 15.38
CA LEU A 149 6.00 -31.50 16.40
C LEU A 149 6.79 -30.22 16.14
N THR A 151 7.46 -28.63 13.54
CA THR A 151 6.97 -27.79 12.41
C THR A 151 5.78 -26.95 12.87
N PHE A 152 5.40 -27.04 14.15
CA PHE A 152 4.23 -26.27 14.68
C PHE A 152 4.71 -25.27 15.75
N GLN A 153 3.99 -24.17 15.94
CA GLN A 153 4.40 -23.10 16.90
C GLN A 153 4.25 -23.55 18.35
N GLY A 154 3.13 -24.18 18.72
CA GLY A 154 2.89 -24.47 20.15
C GLY A 154 2.30 -23.23 20.83
N ALA A 156 1.10 -19.72 22.25
CA ALA A 156 1.70 -18.38 21.99
C ALA A 156 2.37 -17.84 23.26
N THR A 157 1.69 -17.93 24.40
CA THR A 157 2.26 -17.44 25.69
C THR A 157 2.76 -18.62 26.51
N GLY A 158 1.87 -19.56 26.87
CA GLY A 158 2.25 -20.70 27.72
C GLY A 158 2.01 -20.42 29.19
N VAL A 159 1.80 -21.46 30.00
CA VAL A 159 1.44 -21.24 31.44
C VAL A 159 2.52 -20.41 32.15
N ILE A 160 3.80 -20.76 32.00
CA ILE A 160 4.91 -20.07 32.76
C ILE A 160 4.92 -18.56 32.45
N VAL A 161 5.01 -18.16 31.18
CA VAL A 161 5.08 -16.72 30.82
C VAL A 161 3.80 -16.02 31.29
N GLU A 162 2.66 -16.72 31.25
CA GLU A 162 1.36 -16.06 31.61
C GLU A 162 1.33 -15.69 33.10
N ARG A 163 1.71 -16.60 33.99
CA ARG A 163 1.74 -16.29 35.46
C ARG A 163 2.66 -15.09 35.70
N GLU A 164 3.75 -14.97 34.93
CA GLU A 164 4.68 -13.83 35.08
C GLU A 164 3.98 -12.54 34.66
N ARG A 165 3.21 -12.57 33.57
CA ARG A 165 2.49 -11.37 33.08
C ARG A 165 1.48 -10.88 34.12
N LEU A 166 0.99 -11.78 34.97
CA LEU A 166 -0.05 -11.41 35.98
C LEU A 166 0.60 -11.25 37.37
N ASN A 167 1.86 -11.64 37.53
CA ASN A 167 2.49 -11.61 38.89
C ASN A 167 1.62 -12.41 39.86
N LYS A 168 1.26 -13.65 39.48
CA LYS A 168 0.42 -14.51 40.37
C LYS A 168 1.03 -15.91 40.40
N TYR A 169 1.46 -16.38 41.57
CA TYR A 169 2.15 -17.70 41.62
C TYR A 169 1.69 -18.58 42.79
N GLY A 170 1.54 -19.88 42.56
CA GLY A 170 1.28 -20.82 43.69
C GLY A 170 -0.17 -21.04 44.08
N ILE A 171 -1.12 -20.71 43.22
CA ILE A 171 -2.56 -20.98 43.53
C ILE A 171 -3.35 -20.95 42.23
N PRO A 172 -4.47 -21.70 42.10
CA PRO A 172 -5.31 -21.61 40.90
C PRO A 172 -5.81 -20.17 40.67
N LEU A 173 -6.02 -19.80 39.41
CA LEU A 173 -6.57 -18.45 39.06
C LEU A 173 -8.10 -18.50 39.23
N GLY A 175 -12.15 -16.79 38.16
CA GLY A 175 -12.91 -16.07 37.11
C GLY A 175 -14.43 -16.27 37.17
N ALA A 176 -15.16 -15.63 36.25
CA ALA A 176 -16.64 -15.75 36.21
C ALA A 176 -17.17 -15.33 34.84
N THR A 177 -18.35 -15.85 34.45
CA THR A 177 -18.99 -15.44 33.16
C THR A 177 -20.14 -14.48 33.45
N VAL A 178 -20.34 -13.46 32.60
CA VAL A 178 -21.43 -12.45 32.78
C VAL A 178 -22.79 -13.10 32.47
N LYS A 179 -23.79 -12.85 33.32
CA LYS A 179 -25.15 -13.46 33.13
C LYS A 179 -26.22 -12.35 33.26
N PRO A 180 -27.38 -12.41 32.57
CA PRO A 180 -27.75 -13.58 31.73
C PRO A 180 -26.96 -13.68 30.42
N LYS A 181 -27.05 -14.83 29.74
CA LYS A 181 -26.23 -15.06 28.50
C LYS A 181 -26.43 -13.91 27.51
N LEU A 182 -27.67 -13.50 27.23
CA LEU A 182 -27.93 -12.46 26.19
C LEU A 182 -28.93 -11.41 26.70
N GLY A 183 -28.91 -10.19 26.12
CA GLY A 183 -29.89 -9.15 26.48
C GLY A 183 -29.29 -7.88 27.07
N LEU A 184 -28.09 -7.92 27.64
CA LEU A 184 -27.53 -6.73 28.34
C LEU A 184 -26.92 -5.70 27.36
N SER A 185 -26.89 -4.43 27.76
CA SER A 185 -26.25 -3.36 26.94
C SER A 185 -24.76 -3.27 27.30
N GLY A 186 -23.98 -2.54 26.50
CA GLY A 186 -22.53 -2.38 26.76
C GLY A 186 -22.27 -1.73 28.12
N LYS A 187 -23.07 -0.74 28.51
CA LYS A 187 -22.84 -0.02 29.79
C LYS A 187 -23.13 -0.94 30.98
N ASN A 188 -24.21 -1.70 30.91
CA ASN A 188 -24.55 -2.68 32.00
C ASN A 188 -23.50 -3.79 32.05
N TYR A 189 -22.93 -4.17 30.90
CA TYR A 189 -21.87 -5.21 30.88
C TYR A 189 -20.65 -4.73 31.67
N GLY A 190 -20.21 -3.49 31.42
CA GLY A 190 -19.05 -2.90 32.14
C GLY A 190 -19.28 -2.84 33.64
N ARG A 191 -20.52 -2.54 34.05
CA ARG A 191 -20.85 -2.45 35.50
C ARG A 191 -20.56 -3.80 36.18
N VAL A 192 -21.03 -4.90 35.60
CA VAL A 192 -20.82 -6.25 36.20
C VAL A 192 -19.32 -6.54 36.30
N VAL A 193 -18.57 -6.28 35.22
CA VAL A 193 -17.10 -6.50 35.20
C VAL A 193 -16.45 -5.72 36.35
N TYR A 194 -16.70 -4.42 36.42
CA TYR A 194 -16.17 -3.58 37.54
C TYR A 194 -16.48 -4.24 38.89
N GLU A 195 -17.74 -4.57 39.16
CA GLU A 195 -18.16 -5.16 40.47
C GLU A 195 -17.39 -6.48 40.75
N GLY A 196 -17.48 -7.46 39.86
CA GLY A 196 -16.82 -8.77 40.08
C GLY A 196 -15.33 -8.63 40.37
N LEU A 197 -14.60 -7.91 39.52
CA LEU A 197 -13.13 -7.72 39.70
C LEU A 197 -12.87 -7.06 41.06
N GLY A 199 -14.48 -7.19 43.79
CA GLY A 199 -14.69 -8.15 44.90
C GLY A 199 -13.55 -9.14 45.04
N GLY A 200 -12.76 -9.36 43.98
CA GLY A 200 -11.56 -10.21 44.12
C GLY A 200 -11.36 -11.25 43.03
N LEU A 201 -12.08 -11.15 41.91
CA LEU A 201 -11.83 -12.10 40.79
C LEU A 201 -10.61 -11.65 39.98
N ASP A 202 -9.86 -12.59 39.41
CA ASP A 202 -8.72 -12.24 38.53
C ASP A 202 -9.27 -11.85 37.15
N PHE A 203 -10.31 -12.56 36.67
CA PHE A 203 -10.82 -12.29 35.29
C PHE A 203 -12.32 -12.52 35.17
N LEU A 204 -12.97 -11.86 34.19
CA LEU A 204 -14.39 -12.17 33.86
C LEU A 204 -14.40 -12.48 32.36
N ASP A 206 -16.90 -12.86 28.40
CA ASP A 206 -18.19 -12.78 27.66
C ASP A 206 -18.68 -14.21 27.44
N ASP A 207 -20.00 -14.42 27.33
CA ASP A 207 -20.52 -15.78 27.01
C ASP A 207 -20.09 -16.16 25.58
N GLU A 208 -20.01 -17.45 25.27
CA GLU A 208 -19.58 -17.91 23.92
C GLU A 208 -20.51 -17.33 22.85
N ASN A 209 -21.77 -17.05 23.17
CA ASN A 209 -22.73 -16.59 22.12
C ASN A 209 -22.82 -15.05 22.08
N ILE A 210 -21.97 -14.34 22.81
CA ILE A 210 -21.94 -12.84 22.74
C ILE A 210 -20.94 -12.41 21.67
N ASN A 211 -21.41 -11.76 20.61
CA ASN A 211 -20.51 -11.25 19.53
C ASN A 211 -20.91 -9.80 19.21
N SER A 212 -21.75 -9.59 18.20
CA SER A 212 -22.29 -8.23 17.87
C SER A 212 -23.75 -8.38 17.47
N GLN A 213 -24.69 -7.97 18.33
CA GLN A 213 -26.14 -8.20 18.04
C GLN A 213 -26.93 -6.90 18.18
N PRO A 214 -28.23 -6.84 17.79
CA PRO A 214 -29.00 -5.58 17.86
C PRO A 214 -29.03 -4.96 19.26
N PHE A 215 -29.06 -5.78 20.31
CA PHE A 215 -29.15 -5.26 21.70
C PHE A 215 -27.80 -4.71 22.18
N MET A 216 -26.69 -4.99 21.47
CA MET A 216 -25.34 -4.52 21.90
C MET A 216 -24.32 -4.73 20.77
N ARG A 217 -23.73 -3.63 20.25
CA ARG A 217 -22.69 -3.74 19.18
C ARG A 217 -21.32 -3.90 19.85
N TRP A 218 -20.38 -4.62 19.23
CA TRP A 218 -19.09 -4.96 19.90
C TRP A 218 -18.26 -3.75 20.34
N ARG A 219 -18.10 -2.72 19.49
CA ARG A 219 -17.21 -1.57 19.84
C ARG A 219 -17.66 -0.94 21.17
N GLU A 220 -18.96 -0.86 21.42
CA GLU A 220 -19.48 -0.29 22.70
C GLU A 220 -19.01 -1.15 23.87
N ARG A 221 -19.13 -2.47 23.76
CA ARG A 221 -18.75 -3.38 24.88
C ARG A 221 -17.26 -3.23 25.19
N PHE A 222 -16.41 -3.23 24.16
CA PHE A 222 -14.94 -3.20 24.39
C PHE A 222 -14.54 -1.92 25.15
N LEU A 223 -15.13 -0.78 24.78
CA LEU A 223 -14.80 0.52 25.42
C LEU A 223 -15.19 0.50 26.91
N TYR A 224 -16.43 0.15 27.24
CA TYR A 224 -16.88 0.20 28.66
C TYR A 224 -16.07 -0.80 29.50
N CYS A 225 -15.70 -1.95 28.93
CA CYS A 225 -14.99 -2.99 29.72
C CYS A 225 -13.61 -2.48 30.17
N MET A 226 -12.90 -1.73 29.31
CA MET A 226 -11.55 -1.22 29.67
C MET A 226 -11.67 -0.18 30.80
N GLU A 227 -12.77 0.59 30.84
CA GLU A 227 -12.99 1.54 31.96
C GLU A 227 -13.19 0.75 33.27
N GLY A 228 -13.96 -0.34 33.24
CA GLY A 228 -14.20 -1.18 34.44
C GLY A 228 -12.93 -1.87 34.93
N ILE A 229 -12.08 -2.34 34.02
CA ILE A 229 -10.82 -3.04 34.39
C ILE A 229 -9.87 -2.06 35.07
N ASN A 230 -9.64 -0.88 34.48
CA ASN A 230 -8.70 0.13 35.04
C ASN A 230 -9.19 0.59 36.42
N ARG A 231 -10.50 0.88 36.55
CA ARG A 231 -11.08 1.27 37.86
C ARG A 231 -10.77 0.20 38.90
N ALA A 232 -11.03 -1.08 38.61
CA ALA A 232 -10.82 -2.16 39.61
C ALA A 232 -9.32 -2.30 39.94
N SER A 233 -8.45 -2.23 38.92
CA SER A 233 -7.00 -2.43 39.17
C SER A 233 -6.47 -1.30 40.07
N ALA A 234 -6.93 -0.07 39.84
CA ALA A 234 -6.46 1.09 40.64
C ALA A 234 -6.97 0.99 42.07
N ALA A 235 -8.09 0.29 42.30
CA ALA A 235 -8.69 0.22 43.65
C ALA A 235 -8.13 -0.94 44.47
N THR A 236 -7.36 -1.84 43.85
CA THR A 236 -6.89 -3.05 44.56
C THR A 236 -5.36 -3.17 44.53
N GLY A 237 -4.73 -2.63 43.48
CA GLY A 237 -3.26 -2.72 43.34
C GLY A 237 -2.83 -3.98 42.61
N GLU A 238 -3.76 -4.62 41.88
CA GLU A 238 -3.47 -5.90 41.19
C GLU A 238 -3.68 -5.76 39.68
N THR A 239 -3.06 -6.65 38.89
CA THR A 239 -3.32 -6.67 37.42
C THR A 239 -4.63 -7.44 37.19
N LYS A 240 -5.56 -6.90 36.40
CA LYS A 240 -6.88 -7.54 36.15
C LYS A 240 -7.16 -7.66 34.65
N GLY A 241 -8.23 -8.35 34.25
CA GLY A 241 -8.58 -8.41 32.81
C GLY A 241 -9.91 -9.08 32.52
N SER A 242 -10.39 -8.96 31.27
CA SER A 242 -11.64 -9.65 30.84
C SER A 242 -11.44 -10.23 29.43
N TYR A 243 -11.95 -11.44 29.18
CA TYR A 243 -11.80 -12.08 27.85
C TYR A 243 -12.74 -11.41 26.85
N LEU A 244 -12.21 -10.60 25.92
CA LEU A 244 -13.06 -10.01 24.85
C LEU A 244 -13.27 -11.04 23.73
N ASN A 245 -14.52 -11.25 23.29
CA ASN A 245 -14.82 -12.27 22.25
C ASN A 245 -14.65 -11.69 20.85
N ILE A 246 -13.76 -12.26 20.04
CA ILE A 246 -13.46 -11.73 18.67
C ILE A 246 -14.03 -12.68 17.61
N THR A 247 -14.78 -13.71 18.03
CA THR A 247 -15.42 -14.65 17.07
C THR A 247 -16.26 -13.85 16.06
N ALA A 248 -16.14 -14.16 14.76
CA ALA A 248 -16.96 -13.47 13.73
C ALA A 248 -17.22 -14.38 12.53
N GLY A 249 -17.97 -13.87 11.53
CA GLY A 249 -18.35 -14.70 10.36
C GLY A 249 -17.27 -14.82 9.29
N THR A 250 -16.37 -13.83 9.19
CA THR A 250 -15.29 -13.85 8.16
C THR A 250 -13.93 -13.51 8.80
N MET A 251 -12.84 -13.99 8.21
CA MET A 251 -11.48 -13.75 8.76
C MET A 251 -11.22 -12.23 8.87
N GLU A 252 -11.62 -11.46 7.86
CA GLU A 252 -11.35 -9.99 7.88
C GLU A 252 -11.96 -9.37 9.14
N GLU A 253 -13.21 -9.73 9.46
CA GLU A 253 -13.91 -9.17 10.65
C GLU A 253 -13.21 -9.63 11.94
N VAL A 254 -12.72 -10.88 11.95
CA VAL A 254 -11.96 -11.37 13.15
C VAL A 254 -10.76 -10.45 13.39
N TYR A 255 -9.92 -10.25 12.36
CA TYR A 255 -8.71 -9.40 12.50
C TYR A 255 -9.07 -7.98 12.97
N LYS A 256 -10.15 -7.41 12.41
CA LYS A 256 -10.57 -6.03 12.78
C LYS A 256 -10.83 -5.96 14.29
N ARG A 257 -11.47 -6.99 14.86
CA ARG A 257 -11.81 -7.00 16.32
C ARG A 257 -10.55 -7.27 17.16
N ALA A 258 -9.61 -8.09 16.67
CA ALA A 258 -8.34 -8.34 17.40
C ALA A 258 -7.49 -7.06 17.47
N GLU A 259 -7.39 -6.31 16.36
CA GLU A 259 -6.56 -5.08 16.32
C GLU A 259 -7.14 -3.99 17.23
N TYR A 260 -8.47 -3.93 17.34
CA TYR A 260 -9.14 -2.95 18.24
C TYR A 260 -8.80 -3.25 19.71
N ALA A 261 -8.99 -4.51 20.14
CA ALA A 261 -8.71 -4.89 21.55
C ALA A 261 -7.26 -4.58 21.92
N LYS A 262 -6.32 -4.84 21.02
CA LYS A 262 -4.88 -4.54 21.28
C LYS A 262 -4.73 -3.02 21.45
N THR A 263 -5.36 -2.23 20.58
CA THR A 263 -5.23 -0.75 20.62
C THR A 263 -5.66 -0.21 22.00
N VAL A 264 -6.75 -0.73 22.57
CA VAL A 264 -7.27 -0.22 23.88
C VAL A 264 -6.49 -0.85 25.05
N GLY A 265 -5.56 -1.78 24.79
CA GLY A 265 -4.70 -2.30 25.86
C GLY A 265 -5.21 -3.55 26.58
N SER A 266 -5.99 -4.39 25.90
CA SER A 266 -6.45 -5.66 26.52
C SER A 266 -5.29 -6.64 26.69
N ILE A 267 -5.23 -7.35 27.82
CA ILE A 267 -4.15 -8.36 28.04
C ILE A 267 -4.60 -9.72 27.47
N VAL A 268 -5.87 -9.87 27.07
CA VAL A 268 -6.37 -11.21 26.65
C VAL A 268 -7.58 -11.11 25.71
N VAL A 269 -7.83 -12.16 24.90
CA VAL A 269 -9.03 -12.21 24.02
C VAL A 269 -9.50 -13.68 23.95
N MET A 270 -10.70 -13.95 23.42
CA MET A 270 -11.21 -15.34 23.40
C MET A 270 -11.79 -15.70 22.02
N ILE A 271 -11.77 -16.99 21.67
CA ILE A 271 -12.34 -17.48 20.38
C ILE A 271 -13.16 -18.74 20.64
N ASP A 272 -14.04 -19.10 19.70
CA ASP A 272 -14.91 -20.32 19.84
C ASP A 272 -14.45 -21.42 18.88
N LEU A 273 -14.67 -22.69 19.25
CA LEU A 273 -14.24 -23.83 18.40
C LEU A 273 -15.04 -23.89 17.09
N VAL A 274 -16.27 -23.36 17.05
CA VAL A 274 -17.14 -23.42 15.83
C VAL A 274 -16.48 -22.65 14.66
N MET A 275 -15.47 -21.83 14.93
CA MET A 275 -14.80 -21.02 13.87
C MET A 275 -14.10 -21.95 12.87
N GLY A 276 -13.35 -22.96 13.36
CA GLY A 276 -12.68 -23.91 12.46
C GLY A 276 -11.17 -23.96 12.61
N TYR A 277 -10.54 -25.08 12.23
CA TYR A 277 -9.07 -25.27 12.42
C TYR A 277 -8.24 -24.15 11.78
N THR A 278 -8.50 -23.80 10.52
CA THR A 278 -7.63 -22.81 9.83
C THR A 278 -7.75 -21.42 10.46
N ALA A 279 -8.98 -20.99 10.79
CA ALA A 279 -9.13 -19.68 11.48
C ALA A 279 -8.40 -19.73 12.82
N ILE A 280 -8.48 -20.85 13.55
CA ILE A 280 -7.79 -20.99 14.87
C ILE A 280 -6.27 -20.84 14.70
N GLN A 281 -5.70 -21.57 13.74
CA GLN A 281 -4.23 -21.49 13.50
C GLN A 281 -3.81 -20.04 13.23
N SER A 282 -4.54 -19.33 12.34
CA SER A 282 -4.23 -17.92 12.02
C SER A 282 -4.25 -17.05 13.29
N ALA A 283 -5.24 -17.24 14.15
CA ALA A 283 -5.38 -16.43 15.39
C ALA A 283 -4.19 -16.68 16.33
N ALA A 284 -3.73 -17.93 16.45
CA ALA A 284 -2.62 -18.27 17.38
C ALA A 284 -1.30 -17.64 16.88
N ILE A 285 -1.12 -17.55 15.57
CA ILE A 285 0.10 -16.89 15.01
C ILE A 285 0.02 -15.39 15.31
N TRP A 286 -1.16 -14.77 15.14
CA TRP A 286 -1.35 -13.32 15.43
C TRP A 286 -1.04 -13.01 16.90
N ALA A 287 -1.56 -13.82 17.85
CA ALA A 287 -1.38 -13.53 19.30
C ALA A 287 0.11 -13.50 19.67
N ARG A 288 0.89 -14.46 19.15
CA ARG A 288 2.36 -14.50 19.40
C ARG A 288 3.03 -13.23 18.86
N ASP A 289 2.61 -12.76 17.68
CA ASP A 289 3.27 -11.58 17.05
C ASP A 289 2.79 -10.29 17.70
N ASN A 290 1.76 -10.33 18.55
CA ASN A 290 1.19 -9.07 19.12
C ASN A 290 1.12 -9.08 20.66
N ASP A 291 1.77 -10.05 21.31
CA ASP A 291 1.82 -10.12 22.81
C ASP A 291 0.41 -10.14 23.43
N LEU A 292 -0.50 -11.00 22.97
CA LEU A 292 -1.84 -11.14 23.62
C LEU A 292 -2.02 -12.58 24.12
N ILE A 293 -2.84 -12.80 25.17
CA ILE A 293 -3.15 -14.19 25.62
C ILE A 293 -4.39 -14.69 24.85
N LEU A 294 -4.42 -15.98 24.46
CA LEU A 294 -5.54 -16.48 23.61
C LEU A 294 -6.33 -17.59 24.34
N HIS A 295 -7.62 -17.35 24.60
CA HIS A 295 -8.49 -18.33 25.30
C HIS A 295 -9.38 -19.06 24.30
N LEU A 296 -9.52 -20.38 24.43
CA LEU A 296 -10.33 -21.17 23.46
C LEU A 296 -11.58 -21.77 24.13
N HIS A 297 -12.78 -21.39 23.68
CA HIS A 297 -14.03 -22.03 24.18
C HIS A 297 -14.31 -23.22 23.25
N ARG A 298 -14.72 -24.37 23.81
CA ARG A 298 -14.87 -25.60 22.97
C ARG A 298 -16.32 -25.82 22.48
N ALA A 299 -17.00 -24.77 22.02
CA ALA A 299 -18.39 -24.90 21.50
C ALA A 299 -18.50 -25.96 20.39
N GLY A 300 -19.39 -26.95 20.55
CA GLY A 300 -19.63 -27.96 19.50
C GLY A 300 -18.93 -29.29 19.74
N ASN A 301 -17.92 -29.34 20.62
CA ASN A 301 -17.10 -30.58 20.83
C ASN A 301 -17.96 -31.80 21.18
N SER A 302 -19.01 -31.64 21.99
CA SER A 302 -19.81 -32.80 22.47
C SER A 302 -20.70 -33.40 21.37
N THR A 303 -20.76 -32.81 20.17
CA THR A 303 -21.53 -33.44 19.06
C THR A 303 -20.84 -34.75 18.63
N TYR A 304 -19.53 -34.87 18.85
CA TYR A 304 -18.78 -36.08 18.40
C TYR A 304 -17.93 -36.69 19.51
N ALA A 305 -17.80 -36.05 20.67
CA ALA A 305 -16.88 -36.57 21.73
C ALA A 305 -17.63 -37.16 22.93
N ARG A 306 -18.95 -37.35 22.85
CA ARG A 306 -19.73 -37.80 24.04
C ARG A 306 -19.89 -39.33 24.10
N GLN A 307 -20.14 -39.99 22.96
CA GLN A 307 -20.44 -41.46 22.99
C GLN A 307 -19.18 -42.32 22.87
N LYS A 308 -19.15 -43.47 23.53
CA LYS A 308 -17.96 -44.37 23.52
C LYS A 308 -17.87 -45.20 22.23
N ASN A 309 -18.97 -45.39 21.50
CA ASN A 309 -18.97 -46.29 20.31
C ASN A 309 -18.57 -45.57 19.02
N HIS A 310 -18.73 -44.25 18.91
CA HIS A 310 -18.46 -43.56 17.62
C HIS A 310 -17.98 -42.11 17.83
N GLY A 311 -17.05 -41.62 17.00
CA GLY A 311 -16.60 -40.22 17.08
C GLY A 311 -15.13 -40.04 17.39
N ILE A 312 -14.75 -38.95 18.05
CA ILE A 312 -13.33 -38.68 18.44
C ILE A 312 -13.25 -38.42 19.95
N ASN A 313 -12.33 -39.08 20.66
CA ASN A 313 -12.14 -38.84 22.12
C ASN A 313 -11.52 -37.45 22.34
N PHE A 314 -11.93 -36.75 23.41
CA PHE A 314 -11.45 -35.36 23.66
C PHE A 314 -9.91 -35.31 23.81
N ARG A 315 -9.29 -36.37 24.31
CA ARG A 315 -7.81 -36.34 24.56
C ARG A 315 -7.08 -36.08 23.24
N VAL A 316 -7.63 -36.53 22.12
CA VAL A 316 -7.03 -36.24 20.77
C VAL A 316 -7.18 -34.75 20.47
N ILE A 317 -8.38 -34.20 20.65
CA ILE A 317 -8.59 -32.74 20.43
C ILE A 317 -7.59 -31.97 21.29
N CYS A 318 -7.37 -32.39 22.53
CA CYS A 318 -6.39 -31.72 23.43
C CYS A 318 -5.03 -31.61 22.72
N LYS A 319 -4.51 -32.72 22.17
CA LYS A 319 -3.19 -32.72 21.49
C LYS A 319 -3.20 -31.76 20.30
N TRP A 320 -4.20 -31.83 19.43
CA TRP A 320 -4.26 -30.96 18.22
C TRP A 320 -4.24 -29.48 18.63
N MET A 321 -5.01 -29.11 19.64
CA MET A 321 -5.11 -27.68 20.05
C MET A 321 -3.80 -27.22 20.72
N ARG A 322 -3.15 -28.08 21.49
CA ARG A 322 -1.81 -27.71 22.06
C ARG A 322 -0.82 -27.48 20.91
N MET A 323 -0.94 -28.26 19.83
CA MET A 323 -0.07 -28.08 18.64
C MET A 323 -0.36 -26.74 17.94
N CYS A 324 -1.63 -26.39 17.78
CA CYS A 324 -2.01 -25.11 17.10
C CYS A 324 -1.44 -23.92 17.88
N GLY A 325 -1.50 -23.97 19.21
CA GLY A 325 -0.89 -22.91 20.02
C GLY A 325 -1.88 -22.06 20.80
N VAL A 326 -2.99 -22.62 21.27
CA VAL A 326 -3.90 -21.84 22.17
C VAL A 326 -3.30 -21.79 23.57
N ASP A 327 -3.66 -20.78 24.38
CA ASP A 327 -3.08 -20.61 25.75
C ASP A 327 -3.97 -21.25 26.83
N HIS A 328 -5.30 -21.19 26.68
CA HIS A 328 -6.24 -21.84 27.63
C HIS A 328 -7.21 -22.75 26.87
N ILE A 329 -7.80 -23.74 27.55
CA ILE A 329 -8.86 -24.60 26.92
C ILE A 329 -9.76 -25.21 28.00
N HIS A 330 -11.08 -25.19 27.82
CA HIS A 330 -12.02 -25.86 28.78
C HIS A 330 -11.74 -27.37 28.80
N ALA A 331 -11.67 -27.98 30.01
CA ALA A 331 -11.31 -29.42 30.10
C ALA A 331 -12.18 -30.23 31.09
N GLY A 332 -13.09 -29.59 31.84
CA GLY A 332 -14.00 -30.39 32.71
C GLY A 332 -13.91 -30.09 34.20
N THR A 333 -14.95 -30.46 34.96
CA THR A 333 -15.01 -30.13 36.42
C THR A 333 -15.22 -31.38 37.29
N VAL A 334 -15.70 -32.49 36.73
CA VAL A 334 -16.03 -33.73 37.50
C VAL A 334 -17.33 -33.56 38.31
N VAL A 335 -17.43 -32.54 39.17
CA VAL A 335 -18.61 -32.42 40.08
C VAL A 335 -19.65 -31.41 39.57
N GLY A 336 -19.43 -30.79 38.40
CA GLY A 336 -20.36 -29.77 37.89
C GLY A 336 -21.59 -30.34 37.17
N LYS A 337 -22.18 -29.57 36.26
CA LYS A 337 -23.42 -30.00 35.56
C LYS A 337 -23.13 -30.60 34.17
N LEU A 338 -21.88 -30.53 33.68
CA LEU A 338 -21.53 -31.13 32.36
C LEU A 338 -20.81 -32.48 32.56
N GLU A 339 -20.74 -33.32 31.51
CA GLU A 339 -20.16 -34.69 31.60
C GLU A 339 -18.67 -34.68 31.98
N GLY A 340 -18.23 -35.68 32.74
CA GLY A 340 -16.80 -35.79 33.11
C GLY A 340 -16.48 -36.91 34.07
N ASP A 341 -15.84 -37.99 33.59
CA ASP A 341 -15.41 -39.10 34.48
C ASP A 341 -14.06 -38.72 35.10
N PRO A 342 -13.83 -38.88 36.43
CA PRO A 342 -12.57 -38.43 37.06
C PRO A 342 -11.29 -39.03 36.44
N LEU A 343 -11.32 -40.30 36.05
CA LEU A 343 -10.10 -40.96 35.48
C LEU A 343 -9.81 -40.35 34.11
N MET A 344 -10.82 -40.25 33.24
CA MET A 344 -10.62 -39.65 31.90
C MET A 344 -10.15 -38.19 32.02
N ILE A 345 -10.76 -37.43 32.93
CA ILE A 345 -10.40 -35.98 33.10
C ILE A 345 -8.94 -35.84 33.51
N GLY A 347 -6.57 -37.78 32.76
CA GLY A 347 -5.83 -37.99 31.49
C GLY A 347 -5.73 -36.70 30.69
N PHE A 348 -6.85 -36.00 30.49
CA PHE A 348 -6.86 -34.71 29.73
C PHE A 348 -5.85 -33.73 30.34
N TYR A 349 -5.92 -33.49 31.65
CA TYR A 349 -5.03 -32.49 32.30
C TYR A 349 -3.56 -32.84 32.04
N ASP A 350 -3.21 -34.12 32.14
CA ASP A 350 -1.80 -34.57 31.92
C ASP A 350 -1.36 -34.27 30.48
N THR A 351 -2.21 -34.60 29.49
CA THR A 351 -1.88 -34.31 28.07
C THR A 351 -1.57 -32.82 27.88
N LEU A 352 -2.22 -31.94 28.64
CA LEU A 352 -2.06 -30.48 28.41
C LEU A 352 -0.90 -29.88 29.24
N LEU A 353 -0.46 -30.51 30.33
CA LEU A 353 0.54 -29.85 31.22
C LEU A 353 1.91 -30.55 31.30
N LEU A 354 2.02 -31.83 30.91
CA LEU A 354 3.30 -32.55 31.13
C LEU A 354 4.33 -32.31 30.02
N THR A 355 5.61 -32.62 30.29
CA THR A 355 6.68 -32.50 29.26
C THR A 355 6.81 -33.84 28.53
N HIS A 356 6.22 -34.91 29.09
CA HIS A 356 6.31 -36.25 28.47
C HIS A 356 5.16 -37.14 28.99
N LEU A 357 4.67 -38.07 28.16
CA LEU A 357 3.55 -38.96 28.57
C LEU A 357 4.02 -40.43 28.58
N ASN A 358 3.66 -41.19 29.61
CA ASN A 358 4.00 -42.64 29.69
C ASN A 358 2.69 -43.44 29.63
N VAL A 359 2.74 -44.69 29.15
CA VAL A 359 1.48 -45.50 28.98
C VAL A 359 0.73 -45.61 30.32
N ASN A 360 -0.59 -45.40 30.32
CA ASN A 360 -1.42 -45.51 31.55
C ASN A 360 -2.84 -45.90 31.13
N LEU A 361 -3.09 -47.20 30.96
CA LEU A 361 -4.40 -47.68 30.43
C LEU A 361 -5.58 -47.16 31.29
N PRO A 362 -5.65 -47.35 32.62
CA PRO A 362 -6.81 -46.88 33.38
C PRO A 362 -7.14 -45.39 33.15
N TYR A 363 -6.17 -44.60 32.70
CA TYR A 363 -6.39 -43.15 32.44
C TYR A 363 -6.65 -42.91 30.95
N GLY A 364 -6.59 -43.95 30.12
CA GLY A 364 -6.81 -43.81 28.67
C GLY A 364 -5.54 -43.40 27.92
N ILE A 365 -4.37 -43.51 28.55
CA ILE A 365 -3.08 -43.18 27.86
C ILE A 365 -2.55 -44.43 27.16
N PHE A 366 -2.60 -44.48 25.83
CA PHE A 366 -2.19 -45.71 25.09
C PHE A 366 -0.78 -45.59 24.51
N PHE A 367 -0.28 -44.38 24.28
CA PHE A 367 1.05 -44.21 23.63
C PHE A 367 2.00 -43.38 24.48
N GLU A 368 3.27 -43.79 24.58
CA GLU A 368 4.26 -42.93 25.25
C GLU A 368 4.61 -41.82 24.25
N MET A 369 4.88 -40.60 24.72
CA MET A 369 5.09 -39.47 23.77
C MET A 369 5.77 -38.27 24.45
N THR A 370 6.79 -37.70 23.83
CA THR A 370 7.44 -36.47 24.38
C THR A 370 6.87 -35.23 23.68
N TRP A 371 6.92 -34.07 24.34
CA TRP A 371 6.35 -32.83 23.75
C TRP A 371 7.43 -31.96 23.09
N ALA A 372 8.66 -32.48 22.94
CA ALA A 372 9.72 -31.74 22.21
C ALA A 372 9.79 -30.27 22.66
N SER A 373 9.69 -29.98 23.96
CA SER A 373 9.82 -28.60 24.51
C SER A 373 8.70 -27.65 24.03
N LEU A 374 7.53 -28.18 23.66
CA LEU A 374 6.40 -27.28 23.34
C LEU A 374 5.85 -26.71 24.66
N ARG A 375 5.45 -25.44 24.69
CA ARG A 375 4.96 -24.79 25.93
C ARG A 375 3.69 -25.50 26.46
N LYS A 376 3.34 -25.27 27.73
CA LYS A 376 2.16 -25.94 28.36
C LYS A 376 0.86 -25.13 28.12
N CYS A 377 -0.27 -25.83 28.00
CA CYS A 377 -1.59 -25.16 27.82
C CYS A 377 -2.36 -25.21 29.15
N MET A 378 -2.98 -24.10 29.55
CA MET A 378 -3.68 -24.02 30.87
C MET A 378 -5.11 -24.57 30.78
N PRO A 379 -5.51 -25.58 31.59
CA PRO A 379 -6.89 -26.08 31.61
C PRO A 379 -7.87 -25.12 32.30
N VAL A 380 -9.14 -25.14 31.88
CA VAL A 380 -10.18 -24.26 32.50
C VAL A 380 -11.35 -25.12 32.99
N ALA A 381 -11.79 -24.91 34.23
CA ALA A 381 -12.89 -25.71 34.83
C ALA A 381 -14.13 -24.81 34.99
N SER A 382 -15.26 -25.17 34.37
CA SER A 382 -16.47 -24.31 34.39
C SER A 382 -17.75 -25.15 34.21
N GLY A 383 -18.87 -24.74 34.85
CA GLY A 383 -20.16 -25.43 34.66
C GLY A 383 -20.85 -25.86 35.95
N GLY A 384 -21.72 -25.03 36.52
CA GLY A 384 -22.49 -25.39 37.73
C GLY A 384 -21.64 -25.85 38.90
N ILE A 385 -20.70 -25.02 39.36
CA ILE A 385 -19.87 -25.35 40.56
C ILE A 385 -20.00 -24.22 41.61
N HIS A 386 -19.80 -24.53 42.89
CA HIS A 386 -20.01 -23.50 43.95
C HIS A 386 -18.97 -23.62 45.08
N CYS A 387 -18.74 -22.54 45.84
CA CYS A 387 -17.69 -22.51 46.90
C CYS A 387 -17.89 -23.64 47.93
N GLY A 388 -19.10 -24.16 48.07
CA GLY A 388 -19.34 -25.30 48.98
C GLY A 388 -18.59 -26.57 48.54
N GLN A 389 -18.06 -26.59 47.32
CA GLN A 389 -17.35 -27.81 46.79
C GLN A 389 -15.84 -27.55 46.70
N MET A 390 -15.33 -26.50 47.35
CA MET A 390 -13.88 -26.15 47.23
C MET A 390 -12.97 -27.36 47.51
N HIS A 391 -13.22 -28.12 48.58
CA HIS A 391 -12.32 -29.25 48.95
C HIS A 391 -12.18 -30.24 47.78
N GLN A 392 -13.26 -30.54 47.06
CA GLN A 392 -13.23 -31.50 45.93
C GLN A 392 -12.45 -30.90 44.74
N LEU A 393 -12.70 -29.62 44.41
CA LEU A 393 -12.02 -28.96 43.27
C LEU A 393 -10.49 -29.01 43.44
N VAL A 394 -9.98 -28.66 44.63
CA VAL A 394 -8.51 -28.67 44.90
C VAL A 394 -7.96 -30.10 44.70
N HIS A 395 -8.70 -31.11 45.15
CA HIS A 395 -8.19 -32.51 45.11
C HIS A 395 -8.19 -33.10 43.69
N TYR A 396 -9.20 -32.79 42.87
CA TYR A 396 -9.28 -33.43 41.52
C TYR A 396 -8.59 -32.60 40.44
N LEU A 397 -8.63 -31.26 40.51
CA LEU A 397 -8.14 -30.44 39.37
C LEU A 397 -6.69 -29.97 39.50
N GLY A 398 -6.14 -29.85 40.71
CA GLY A 398 -4.71 -29.50 40.85
C GLY A 398 -4.47 -28.02 41.09
N ASP A 399 -3.31 -27.49 40.69
CA ASP A 399 -2.96 -26.07 41.00
C ASP A 399 -2.82 -25.21 39.74
N ASP A 400 -2.50 -25.81 38.59
CA ASP A 400 -2.46 -25.04 37.32
C ASP A 400 -3.83 -25.16 36.64
N VAL A 401 -4.76 -24.25 36.99
CA VAL A 401 -6.14 -24.32 36.42
C VAL A 401 -6.86 -23.00 36.67
N VAL A 402 -7.83 -22.66 35.81
CA VAL A 402 -8.69 -21.47 36.06
C VAL A 402 -10.06 -21.97 36.51
N LEU A 403 -10.44 -21.67 37.76
CA LEU A 403 -11.78 -22.05 38.27
C LEU A 403 -12.77 -20.91 37.97
N GLN A 404 -13.84 -21.18 37.23
CA GLN A 404 -14.78 -20.10 36.81
C GLN A 404 -16.16 -20.26 37.46
N PHE A 405 -16.71 -19.19 38.06
CA PHE A 405 -18.03 -19.26 38.76
C PHE A 405 -19.01 -18.19 38.22
N GLY A 406 -19.93 -18.59 37.34
CA GLY A 406 -20.92 -17.64 36.76
C GLY A 406 -22.13 -17.45 37.67
N GLY A 407 -23.07 -18.40 37.67
CA GLY A 407 -24.21 -18.33 38.61
C GLY A 407 -23.73 -18.37 40.06
N GLY A 408 -22.59 -19.04 40.29
CA GLY A 408 -22.04 -19.15 41.66
C GLY A 408 -21.53 -17.83 42.22
N THR A 409 -21.52 -16.77 41.39
CA THR A 409 -21.05 -15.43 41.84
C THR A 409 -22.19 -14.42 41.72
N ILE A 410 -22.76 -14.27 40.52
CA ILE A 410 -23.83 -13.25 40.28
C ILE A 410 -25.09 -13.63 41.06
N GLY A 411 -25.29 -14.92 41.35
CA GLY A 411 -26.52 -15.38 42.04
C GLY A 411 -26.50 -15.17 43.56
N HIS A 412 -25.49 -14.48 44.09
CA HIS A 412 -25.40 -14.20 45.55
C HIS A 412 -26.48 -13.20 45.97
N PRO A 413 -27.21 -13.42 47.08
CA PRO A 413 -28.29 -12.50 47.50
C PRO A 413 -27.81 -11.10 47.92
N ASP A 414 -26.55 -10.95 48.34
CA ASP A 414 -26.06 -9.63 48.84
C ASP A 414 -25.29 -8.86 47.75
N GLY A 415 -25.35 -9.27 46.48
CA GLY A 415 -24.71 -8.49 45.41
C GLY A 415 -23.54 -9.20 44.77
N ILE A 416 -23.02 -8.66 43.66
CA ILE A 416 -21.92 -9.33 42.91
C ILE A 416 -20.60 -9.24 43.68
N GLN A 417 -20.30 -8.08 44.26
CA GLN A 417 -19.04 -7.90 45.04
C GLN A 417 -19.00 -8.93 46.17
N ALA A 418 -20.10 -9.11 46.89
CA ALA A 418 -20.16 -10.10 47.99
C ALA A 418 -19.87 -11.51 47.44
N GLY A 419 -20.54 -11.89 46.35
CA GLY A 419 -20.29 -13.21 45.72
C GLY A 419 -18.81 -13.44 45.44
N ALA A 420 -18.14 -12.45 44.84
CA ALA A 420 -16.71 -12.61 44.48
C ALA A 420 -15.87 -12.85 45.73
N THR A 421 -16.12 -12.09 46.80
CA THR A 421 -15.36 -12.23 48.07
C THR A 421 -15.50 -13.65 48.62
N ALA A 422 -16.73 -14.18 48.68
CA ALA A 422 -16.95 -15.52 49.27
C ALA A 422 -16.10 -16.56 48.53
N ASN A 423 -15.99 -16.46 47.21
CA ASN A 423 -15.23 -17.46 46.41
C ASN A 423 -13.72 -17.37 46.73
N ARG A 424 -13.15 -16.17 46.77
CA ARG A 424 -11.68 -16.01 47.01
C ARG A 424 -11.32 -16.50 48.41
N VAL A 425 -12.02 -16.04 49.44
CA VAL A 425 -11.75 -16.48 50.85
C VAL A 425 -11.76 -18.02 50.90
N ALA A 426 -12.82 -18.65 50.41
CA ALA A 426 -12.94 -20.13 50.46
C ALA A 426 -11.65 -20.77 49.92
N LEU A 427 -11.22 -20.34 48.73
CA LEU A 427 -9.98 -20.89 48.11
C LEU A 427 -8.77 -20.69 49.03
N GLU A 428 -8.48 -19.44 49.42
CA GLU A 428 -7.27 -19.14 50.24
C GLU A 428 -7.20 -20.05 51.48
N ALA A 429 -8.31 -20.19 52.21
CA ALA A 429 -8.32 -21.02 53.44
C ALA A 429 -8.00 -22.49 53.11
N MET A 430 -8.56 -23.02 52.02
CA MET A 430 -8.36 -24.45 51.65
C MET A 430 -6.88 -24.72 51.33
N ILE A 431 -6.25 -23.87 50.51
CA ILE A 431 -4.82 -24.03 50.12
C ILE A 431 -3.93 -23.96 51.37
N LEU A 432 -4.09 -22.92 52.19
CA LEU A 432 -3.33 -22.82 53.46
C LEU A 432 -3.42 -24.14 54.22
N ALA A 433 -4.64 -24.62 54.48
CA ALA A 433 -4.85 -25.88 55.24
C ALA A 433 -4.11 -27.02 54.55
N ARG A 434 -4.26 -27.15 53.23
CA ARG A 434 -3.55 -28.22 52.47
C ARG A 434 -2.05 -28.14 52.76
N ASN A 435 -1.44 -26.96 52.59
CA ASN A 435 0.03 -26.82 52.75
C ASN A 435 0.48 -27.18 54.18
N GLU A 436 -0.44 -27.15 55.14
CA GLU A 436 -0.09 -27.49 56.56
C GLU A 436 -0.23 -29.00 56.80
N GLY A 437 -0.65 -29.76 55.78
CA GLY A 437 -0.75 -31.23 55.90
C GLY A 437 -2.03 -31.69 56.57
N ALA A 438 -3.19 -31.28 56.05
CA ALA A 438 -4.49 -31.77 56.58
C ALA A 438 -5.17 -32.67 55.55
N ASP A 439 -6.13 -33.50 55.99
CA ASP A 439 -6.88 -34.39 55.06
C ASP A 439 -8.13 -33.66 54.56
N TYR A 440 -7.94 -32.56 53.82
CA TYR A 440 -9.08 -31.71 53.38
C TYR A 440 -10.08 -32.45 52.49
N PHE A 441 -9.71 -33.61 51.93
CA PHE A 441 -10.64 -34.29 50.99
C PHE A 441 -11.66 -35.12 51.78
N ASN A 442 -11.33 -35.49 53.02
CA ASN A 442 -12.27 -36.27 53.88
C ASN A 442 -13.65 -35.59 53.88
N SER A 443 -14.72 -36.38 53.90
CA SER A 443 -16.10 -35.80 53.82
C SER A 443 -16.42 -34.95 55.05
N ASP A 444 -15.60 -35.01 56.09
CA ASP A 444 -15.87 -34.24 57.33
C ASP A 444 -14.88 -33.07 57.46
N ILE A 445 -13.57 -33.34 57.28
CA ILE A 445 -12.53 -32.28 57.43
C ILE A 445 -12.79 -31.14 56.44
N GLY A 446 -12.89 -31.46 55.15
CA GLY A 446 -13.12 -30.43 54.12
C GLY A 446 -14.19 -29.43 54.52
N PRO A 447 -15.48 -29.83 54.70
CA PRO A 447 -16.54 -28.86 54.99
C PRO A 447 -16.27 -28.05 56.27
N GLN A 448 -15.77 -28.71 57.33
CA GLN A 448 -15.46 -28.01 58.60
C GLN A 448 -14.48 -26.86 58.33
N ILE A 449 -13.42 -27.12 57.55
CA ILE A 449 -12.44 -26.05 57.20
C ILE A 449 -13.20 -24.83 56.66
N LEU A 450 -14.12 -25.03 55.71
CA LEU A 450 -14.89 -23.91 55.11
C LEU A 450 -15.76 -23.27 56.20
N ARG A 451 -16.43 -24.10 57.00
CA ARG A 451 -17.28 -23.57 58.11
C ARG A 451 -16.43 -22.68 59.03
N ASN A 452 -15.25 -23.16 59.42
CA ASN A 452 -14.37 -22.38 60.31
C ASN A 452 -14.09 -21.00 59.68
N ALA A 453 -13.61 -20.98 58.43
CA ALA A 453 -13.35 -19.71 57.72
C ALA A 453 -14.60 -18.83 57.69
N ALA A 454 -15.79 -19.44 57.48
CA ALA A 454 -17.06 -18.68 57.39
C ALA A 454 -17.34 -17.87 58.66
N LYS A 455 -16.79 -18.28 59.80
CA LYS A 455 -17.11 -17.57 61.06
C LYS A 455 -16.31 -16.26 61.15
N THR A 456 -15.70 -15.83 60.04
CA THR A 456 -14.99 -14.52 60.02
C THR A 456 -15.36 -13.80 58.72
N CYS A 457 -16.34 -14.33 57.97
CA CYS A 457 -16.74 -13.72 56.67
C CYS A 457 -18.22 -13.98 56.41
N GLY A 458 -19.07 -12.96 56.62
CA GLY A 458 -20.53 -13.11 56.44
C GLY A 458 -20.92 -13.60 55.05
N PRO A 459 -20.47 -12.96 53.94
CA PRO A 459 -20.77 -13.45 52.58
C PRO A 459 -20.60 -14.97 52.44
N LEU A 460 -19.47 -15.52 52.91
CA LEU A 460 -19.22 -16.98 52.77
C LEU A 460 -20.30 -17.77 53.53
N GLN A 461 -20.59 -17.37 54.76
CA GLN A 461 -21.66 -18.04 55.55
C GLN A 461 -22.96 -18.09 54.74
N THR A 462 -23.35 -16.95 54.16
CA THR A 462 -24.62 -16.87 53.37
C THR A 462 -24.57 -17.87 52.21
N ALA A 463 -23.47 -17.89 51.44
CA ALA A 463 -23.36 -18.77 50.26
C ALA A 463 -23.46 -20.25 50.67
N LEU A 464 -22.72 -20.66 51.70
CA LEU A 464 -22.73 -22.08 52.15
C LEU A 464 -24.18 -22.49 52.45
N ASP A 465 -24.89 -21.70 53.25
CA ASP A 465 -26.29 -22.02 53.62
C ASP A 465 -27.18 -22.09 52.37
N LEU A 466 -26.92 -21.26 51.36
CA LEU A 466 -27.81 -21.19 50.16
C LEU A 466 -27.65 -22.44 49.27
N TRP A 467 -26.42 -22.83 48.93
CA TRP A 467 -26.22 -23.95 47.97
C TRP A 467 -25.70 -25.20 48.70
N LYS A 468 -26.15 -25.45 49.93
CA LYS A 468 -25.64 -26.58 50.75
C LYS A 468 -25.97 -27.93 50.11
N ASP A 469 -27.23 -28.16 49.75
CA ASP A 469 -27.64 -29.50 49.25
C ASP A 469 -27.64 -29.55 47.72
N ILE A 470 -26.69 -28.87 47.06
CA ILE A 470 -26.70 -28.82 45.56
C ILE A 470 -25.69 -29.82 44.99
N SER A 471 -26.15 -30.78 44.18
CA SER A 471 -25.23 -31.75 43.53
C SER A 471 -25.81 -32.25 42.20
N PHE A 472 -24.96 -32.83 41.33
CA PHE A 472 -25.42 -33.35 40.02
C PHE A 472 -24.91 -34.79 39.83
N ASN A 473 -25.62 -35.77 40.36
CA ASN A 473 -25.17 -37.19 40.29
C ASN A 473 -25.91 -37.90 39.15
N TYR A 474 -25.18 -38.33 38.12
CA TYR A 474 -25.78 -39.09 36.98
C TYR A 474 -24.72 -40.03 36.41
N THR A 475 -25.13 -41.19 35.88
CA THR A 475 -24.18 -42.16 35.26
C THR A 475 -23.48 -41.50 34.06
N SER A 476 -22.16 -41.71 33.92
CA SER A 476 -21.37 -41.09 32.82
C SER A 476 -21.53 -41.85 31.51
N THR A 477 -21.28 -41.20 30.38
CA THR A 477 -21.38 -41.84 29.04
C THR A 477 -20.01 -42.34 28.59
N ASP A 478 -18.97 -41.52 28.75
CA ASP A 478 -17.61 -41.90 28.29
C ASP A 478 -16.81 -42.44 29.48
N THR A 479 -16.51 -43.75 29.49
CA THR A 479 -15.82 -44.36 30.65
C THR A 479 -14.58 -45.15 30.23
N SER A 480 -13.84 -45.71 31.18
CA SER A 480 -12.59 -46.45 30.89
C SER A 480 -12.88 -47.92 30.52
N ASP A 481 -11.86 -48.64 30.02
CA ASP A 481 -12.02 -50.07 29.67
C ASP A 481 -11.01 -50.90 30.47
N PHE A 482 -10.23 -50.26 31.34
CA PHE A 482 -9.21 -50.97 32.16
C PHE A 482 -9.32 -50.51 33.62
N SER A 483 -8.70 -51.21 34.57
CA SER A 483 -8.85 -50.86 36.01
C SER A 483 -7.49 -50.74 36.72
N VAL A 484 -7.51 -50.51 38.04
CA VAL A 484 -6.26 -50.34 38.84
C VAL A 484 -5.55 -49.06 38.40
N SER B 4 -27.68 -3.50 57.86
CA SER B 4 -26.85 -3.25 56.65
C SER B 4 -27.75 -2.88 55.47
N VAL B 5 -27.24 -2.07 54.54
CA VAL B 5 -28.03 -1.68 53.34
C VAL B 5 -28.26 -2.91 52.47
N SER B 6 -27.22 -3.72 52.23
CA SER B 6 -27.35 -4.93 51.37
C SER B 6 -28.48 -5.84 51.91
N GLU B 7 -28.48 -6.11 53.22
CA GLU B 7 -29.49 -7.06 53.78
C GLU B 7 -30.90 -6.50 53.55
N ARG B 8 -31.10 -5.20 53.75
CA ARG B 8 -32.44 -4.59 53.58
C ARG B 8 -32.86 -4.56 52.11
N THR B 9 -31.91 -4.57 51.17
CA THR B 9 -32.27 -4.43 49.73
C THR B 9 -32.31 -5.81 49.04
N ARG B 10 -32.57 -6.87 49.79
CA ARG B 10 -32.58 -8.23 49.19
C ARG B 10 -33.89 -8.46 48.43
N ILE B 11 -33.83 -9.12 47.27
CA ILE B 11 -35.05 -9.38 46.43
C ILE B 11 -35.88 -10.48 47.09
N LYS B 12 -37.19 -10.24 47.29
CA LYS B 12 -38.07 -11.24 47.96
C LYS B 12 -39.11 -11.76 46.96
N SER B 13 -39.03 -11.31 45.70
CA SER B 13 -39.98 -11.78 44.65
C SER B 13 -39.86 -13.30 44.53
N ASP B 14 -40.98 -14.00 44.34
CA ASP B 14 -40.96 -15.48 44.20
C ASP B 14 -40.05 -15.88 43.03
N ARG B 15 -40.04 -15.11 41.96
CA ARG B 15 -39.25 -15.49 40.75
C ARG B 15 -37.81 -14.99 40.83
N TYR B 16 -37.55 -13.87 41.51
CA TYR B 16 -36.17 -13.31 41.48
C TYR B 16 -35.48 -13.40 42.85
N GLU B 17 -36.01 -14.21 43.77
CA GLU B 17 -35.29 -14.43 45.05
C GLU B 17 -34.19 -15.47 44.77
N SER B 18 -33.06 -15.38 45.47
CA SER B 18 -31.91 -16.29 45.20
C SER B 18 -32.29 -17.76 45.42
N GLY B 19 -31.65 -18.70 44.71
CA GLY B 19 -31.93 -20.14 44.87
C GLY B 19 -32.07 -20.85 43.53
N VAL B 20 -32.29 -22.17 43.58
CA VAL B 20 -32.42 -23.00 42.33
C VAL B 20 -33.88 -23.44 42.16
N ILE B 21 -34.43 -23.27 40.96
CA ILE B 21 -35.82 -23.73 40.65
C ILE B 21 -35.80 -24.49 39.31
N PRO B 22 -36.77 -25.38 38.97
CA PRO B 22 -36.78 -26.05 37.66
C PRO B 22 -36.81 -25.09 36.45
N TYR B 23 -36.17 -25.49 35.35
CA TYR B 23 -36.16 -24.64 34.11
C TYR B 23 -37.58 -24.42 33.59
N ALA B 24 -38.46 -25.39 33.81
CA ALA B 24 -39.85 -25.30 33.30
C ALA B 24 -40.67 -24.29 34.12
N LYS B 25 -40.18 -23.90 35.31
CA LYS B 25 -40.88 -22.86 36.12
C LYS B 25 -40.15 -21.53 35.96
N MET B 26 -39.06 -21.51 35.18
CA MET B 26 -38.29 -20.25 34.91
C MET B 26 -38.86 -19.54 33.68
N GLY B 27 -39.80 -20.17 32.97
CA GLY B 27 -40.42 -19.55 31.78
C GLY B 27 -39.88 -20.11 30.46
N TYR B 28 -39.34 -21.33 30.46
CA TYR B 28 -38.72 -21.89 29.23
C TYR B 28 -39.62 -22.98 28.64
N TRP B 29 -40.79 -23.22 29.25
CA TRP B 29 -41.77 -24.18 28.68
C TRP B 29 -43.12 -23.46 28.50
N ASP B 30 -43.68 -23.50 27.28
CA ASP B 30 -44.97 -22.80 27.00
C ASP B 30 -45.75 -23.57 25.94
N ALA B 31 -46.60 -24.50 26.37
CA ALA B 31 -47.40 -25.31 25.43
C ALA B 31 -48.35 -24.42 24.60
N ALA B 32 -48.78 -23.29 25.15
CA ALA B 32 -49.72 -22.40 24.42
C ALA B 32 -48.94 -21.26 23.73
N TYR B 33 -47.75 -21.57 23.19
CA TYR B 33 -46.95 -20.53 22.48
C TYR B 33 -47.39 -20.41 21.02
N ALA B 34 -47.48 -19.19 20.50
CA ALA B 34 -47.83 -18.98 19.07
C ALA B 34 -46.56 -18.61 18.30
N VAL B 35 -46.22 -19.38 17.26
CA VAL B 35 -44.94 -19.15 16.53
C VAL B 35 -45.06 -17.94 15.58
N LYS B 36 -43.98 -17.17 15.42
CA LYS B 36 -43.98 -16.01 14.48
C LYS B 36 -43.23 -16.38 13.20
N ASN B 37 -43.44 -15.62 12.11
CA ASN B 37 -42.79 -15.93 10.81
C ASN B 37 -41.34 -15.46 10.81
N THR B 38 -40.90 -14.75 11.85
CA THR B 38 -39.49 -14.29 11.96
C THR B 38 -38.70 -15.21 12.90
N ASP B 39 -39.37 -16.15 13.56
CA ASP B 39 -38.69 -17.00 14.57
C ASP B 39 -37.81 -18.09 13.94
N VAL B 40 -36.69 -18.44 14.59
CA VAL B 40 -35.89 -19.60 14.14
C VAL B 40 -36.41 -20.80 14.93
N LEU B 41 -36.58 -21.96 14.30
CA LEU B 41 -37.15 -23.15 14.99
C LEU B 41 -36.15 -24.33 14.90
N ALA B 42 -36.19 -25.25 15.88
CA ALA B 42 -35.28 -26.41 15.87
C ALA B 42 -36.02 -27.69 16.32
N LEU B 43 -35.66 -28.84 15.75
CA LEU B 43 -36.26 -30.13 16.18
C LEU B 43 -35.14 -31.01 16.76
N PHE B 44 -35.27 -31.44 18.01
CA PHE B 44 -34.22 -32.27 18.68
C PHE B 44 -34.77 -33.64 19.05
N ARG B 45 -33.99 -34.71 18.86
CA ARG B 45 -34.39 -36.06 19.33
C ARG B 45 -33.67 -36.25 20.67
N ILE B 46 -34.40 -36.27 21.79
CA ILE B 46 -33.76 -36.30 23.14
C ILE B 46 -33.93 -37.68 23.81
N THR B 47 -32.94 -38.11 24.60
CA THR B 47 -33.06 -39.38 25.36
C THR B 47 -32.83 -39.07 26.85
N GLN B 49 -32.23 -39.11 30.99
CA GLN B 49 -31.60 -40.07 31.93
C GLN B 49 -32.71 -40.72 32.77
N PRO B 50 -32.58 -42.00 33.21
CA PRO B 50 -33.58 -42.61 34.08
C PRO B 50 -34.04 -41.68 35.21
N GLY B 51 -35.34 -41.38 35.28
CA GLY B 51 -35.88 -40.53 36.36
C GLY B 51 -36.21 -39.12 35.90
N VAL B 52 -35.50 -38.60 34.89
CA VAL B 52 -35.71 -37.19 34.44
C VAL B 52 -37.03 -37.09 33.67
N ASP B 53 -37.85 -36.07 33.99
CA ASP B 53 -39.16 -35.86 33.30
C ASP B 53 -38.91 -35.36 31.86
N PRO B 54 -39.55 -35.96 30.82
CA PRO B 54 -39.38 -35.51 29.43
C PRO B 54 -39.53 -33.99 29.24
N VAL B 55 -40.50 -33.38 29.92
CA VAL B 55 -40.76 -31.91 29.73
C VAL B 55 -39.62 -31.09 30.37
N GLU B 56 -39.10 -31.52 31.52
CA GLU B 56 -37.98 -30.79 32.17
C GLU B 56 -36.75 -30.81 31.23
N ALA B 57 -36.45 -31.95 30.62
CA ALA B 57 -35.31 -32.06 29.68
C ALA B 57 -35.45 -31.03 28.54
N ALA B 58 -36.61 -31.01 27.89
CA ALA B 58 -36.85 -30.02 26.80
C ALA B 58 -36.63 -28.59 27.30
N ALA B 59 -37.17 -28.26 28.48
CA ALA B 59 -37.01 -26.91 29.06
C ALA B 59 -35.54 -26.61 29.33
N ALA B 60 -34.78 -27.60 29.81
CA ALA B 60 -33.33 -27.42 30.06
C ALA B 60 -32.59 -27.07 28.76
N VAL B 61 -32.84 -27.84 27.69
CA VAL B 61 -32.19 -27.57 26.36
C VAL B 61 -32.52 -26.15 25.92
N ALA B 62 -33.78 -25.71 26.05
CA ALA B 62 -34.19 -24.36 25.60
C ALA B 62 -33.48 -23.27 26.41
N GLY B 63 -33.43 -23.42 27.73
CA GLY B 63 -32.81 -22.41 28.61
C GLY B 63 -31.30 -22.31 28.40
N GLU B 64 -30.61 -23.45 28.36
CA GLU B 64 -29.12 -23.43 28.27
C GLU B 64 -28.66 -23.02 26.87
N SER B 65 -29.58 -23.00 25.89
CA SER B 65 -29.21 -22.57 24.50
C SER B 65 -29.66 -21.11 24.26
N SER B 66 -30.16 -20.43 25.30
CA SER B 66 -30.68 -19.04 25.14
C SER B 66 -30.06 -18.10 26.18
N THR B 67 -30.66 -17.99 27.38
CA THR B 67 -30.16 -16.99 28.36
C THR B 67 -30.14 -17.52 29.80
N ALA B 68 -30.32 -18.83 30.02
CA ALA B 68 -30.45 -19.32 31.42
C ALA B 68 -29.16 -19.89 32.01
N THR B 69 -29.12 -20.07 33.35
CA THR B 69 -27.98 -20.72 34.04
C THR B 69 -28.57 -21.66 35.11
N TRP B 70 -27.75 -22.29 35.95
CA TRP B 70 -28.26 -23.30 36.93
C TRP B 70 -28.97 -22.68 38.14
N THR B 71 -28.86 -21.37 38.35
CA THR B 71 -29.45 -20.73 39.57
C THR B 71 -30.04 -19.36 39.19
N VAL B 72 -30.88 -18.77 40.05
CA VAL B 72 -31.58 -17.49 39.72
C VAL B 72 -30.61 -16.30 39.74
N VAL B 73 -30.70 -15.41 38.75
CA VAL B 73 -29.86 -14.16 38.72
C VAL B 73 -30.76 -12.93 38.63
N TRP B 74 -30.54 -11.92 39.48
CA TRP B 74 -31.39 -10.70 39.49
C TRP B 74 -31.06 -9.81 38.28
N THR B 75 -29.88 -9.98 37.69
CA THR B 75 -29.45 -9.11 36.56
C THR B 75 -30.47 -9.22 35.42
N ASP B 76 -31.26 -10.28 35.39
CA ASP B 76 -32.31 -10.45 34.34
C ASP B 76 -33.24 -9.23 34.32
N LEU B 77 -33.41 -8.54 35.45
CA LEU B 77 -34.36 -7.40 35.55
C LEU B 77 -33.80 -6.14 34.87
N LEU B 78 -32.58 -6.20 34.32
CA LEU B 78 -32.00 -5.05 33.59
C LEU B 78 -32.25 -5.24 32.10
N THR B 79 -33.11 -6.19 31.72
CA THR B 79 -33.34 -6.51 30.29
C THR B 79 -34.81 -6.86 30.05
N ALA B 80 -35.24 -6.88 28.79
CA ALA B 80 -36.62 -7.36 28.48
C ALA B 80 -36.55 -8.89 28.47
N CYS B 81 -36.42 -9.52 29.64
CA CYS B 81 -36.20 -10.99 29.73
C CYS B 81 -37.17 -11.83 28.90
N ASP B 82 -38.48 -11.59 29.02
CA ASP B 82 -39.49 -12.45 28.33
C ASP B 82 -39.20 -12.53 26.83
N ARG B 83 -38.72 -11.44 26.21
CA ARG B 83 -38.52 -11.43 24.74
C ARG B 83 -37.30 -12.29 24.35
N TYR B 84 -36.30 -12.40 25.22
CA TYR B 84 -35.03 -13.10 24.82
C TYR B 84 -35.04 -14.60 25.15
N ARG B 85 -35.95 -15.08 25.99
CA ARG B 85 -35.96 -16.51 26.41
C ARG B 85 -36.45 -17.39 25.26
N ALA B 86 -35.76 -18.50 24.94
CA ALA B 86 -36.27 -19.46 23.94
C ALA B 86 -37.42 -20.24 24.58
N LYS B 87 -38.32 -20.83 23.79
CA LYS B 87 -39.50 -21.49 24.41
C LYS B 87 -39.75 -22.90 23.86
N ALA B 88 -39.71 -23.92 24.73
CA ALA B 88 -40.11 -25.28 24.29
C ALA B 88 -41.64 -25.27 24.19
N TYR B 89 -42.22 -25.83 23.12
CA TYR B 89 -43.69 -25.70 22.95
C TYR B 89 -44.36 -27.02 22.53
N ARG B 90 -43.59 -28.07 22.20
CA ARG B 90 -44.20 -29.38 21.80
C ARG B 90 -43.24 -30.54 22.10
N VAL B 91 -43.72 -31.63 22.75
CA VAL B 91 -42.87 -32.82 23.05
C VAL B 91 -43.69 -34.07 22.73
N ASP B 92 -43.12 -35.02 21.97
CA ASP B 92 -43.87 -36.24 21.57
C ASP B 92 -42.95 -37.47 21.58
N PRO B 93 -43.43 -38.67 21.94
CA PRO B 93 -42.60 -39.88 21.91
C PRO B 93 -42.22 -40.27 20.47
N VAL B 94 -41.01 -40.80 20.27
CA VAL B 94 -40.58 -41.27 18.93
C VAL B 94 -41.29 -42.61 18.64
N PRO B 95 -41.94 -42.80 17.47
CA PRO B 95 -42.70 -44.03 17.19
C PRO B 95 -41.85 -45.31 17.32
N ASN B 96 -42.47 -46.39 17.80
CA ASN B 96 -41.76 -47.71 17.90
C ASN B 96 -40.54 -47.62 18.83
N THR B 97 -40.51 -46.64 19.73
CA THR B 97 -39.35 -46.47 20.63
C THR B 97 -39.79 -46.12 22.06
N THR B 98 -39.03 -46.60 23.05
CA THR B 98 -39.30 -46.17 24.45
C THR B 98 -38.04 -45.43 24.92
N ASP B 99 -38.19 -44.26 25.53
CA ASP B 99 -37.05 -43.45 26.04
C ASP B 99 -36.57 -42.43 25.00
N GLN B 100 -37.21 -42.35 23.82
CA GLN B 100 -36.85 -41.30 22.83
C GLN B 100 -38.04 -40.35 22.64
N TYR B 101 -37.79 -39.04 22.59
CA TYR B 101 -38.88 -38.03 22.38
C TYR B 101 -38.45 -36.93 21.41
N PHE B 102 -39.38 -36.41 20.62
CA PHE B 102 -39.10 -35.27 19.71
C PHE B 102 -39.51 -33.96 20.41
N ALA B 103 -38.70 -32.91 20.30
CA ALA B 103 -38.99 -31.62 20.98
C ALA B 103 -38.85 -30.44 20.01
N PHE B 104 -39.83 -29.54 19.96
CA PHE B 104 -39.80 -28.35 19.08
C PHE B 104 -39.47 -27.10 19.90
N ILE B 105 -38.57 -26.25 19.42
CA ILE B 105 -38.14 -25.03 20.19
C ILE B 105 -38.07 -23.79 19.28
N ALA B 106 -38.55 -22.63 19.77
CA ALA B 106 -38.57 -21.38 18.96
C ALA B 106 -37.59 -20.34 19.53
N TYR B 107 -36.87 -19.61 18.68
CA TYR B 107 -35.88 -18.60 19.12
C TYR B 107 -36.18 -17.23 18.47
N GLU B 108 -36.03 -16.12 19.22
CA GLU B 108 -36.29 -14.75 18.71
C GLU B 108 -35.23 -14.34 17.68
N ASP B 110 -33.79 -11.41 17.12
CA ASP B 110 -32.74 -10.50 17.67
C ASP B 110 -31.63 -11.23 18.44
N LEU B 111 -31.74 -12.53 18.65
CA LEU B 111 -30.67 -13.30 19.37
C LEU B 111 -29.45 -13.54 18.47
N PHE B 112 -29.56 -13.38 17.15
CA PHE B 112 -28.44 -13.78 16.24
C PHE B 112 -27.76 -12.60 15.53
N GLU B 113 -26.49 -12.76 15.16
CA GLU B 113 -25.76 -11.71 14.39
C GLU B 113 -26.03 -11.92 12.90
N GLU B 114 -26.36 -10.85 12.18
CA GLU B 114 -26.72 -10.96 10.73
C GLU B 114 -25.56 -11.54 9.90
N GLY B 115 -25.85 -12.52 9.04
CA GLY B 115 -24.82 -13.07 8.12
C GLY B 115 -23.71 -13.88 8.76
N SER B 116 -23.90 -14.40 9.97
CA SER B 116 -22.78 -15.12 10.65
C SER B 116 -23.18 -16.54 11.09
N LEU B 117 -22.58 -17.58 10.48
CA LEU B 117 -22.88 -18.99 10.83
C LEU B 117 -22.24 -19.37 12.19
N ALA B 118 -21.01 -18.92 12.46
CA ALA B 118 -20.36 -19.17 13.77
C ALA B 118 -21.32 -18.78 14.91
N ASN B 119 -21.97 -17.61 14.81
CA ASN B 119 -22.88 -17.13 15.89
C ASN B 119 -24.11 -18.03 16.03
N LEU B 120 -24.77 -18.36 14.91
CA LEU B 120 -25.99 -19.23 14.95
C LEU B 120 -25.64 -20.54 15.66
N THR B 121 -24.53 -21.19 15.27
CA THR B 121 -24.12 -22.49 15.84
C THR B 121 -23.70 -22.35 17.31
N ALA B 122 -22.99 -21.27 17.66
CA ALA B 122 -22.59 -21.02 19.08
C ALA B 122 -23.81 -21.18 20.01
N SER B 123 -24.99 -20.74 19.57
CA SER B 123 -26.21 -20.86 20.40
C SER B 123 -26.84 -22.26 20.29
N ILE B 124 -27.11 -22.75 19.08
CA ILE B 124 -27.85 -24.04 18.91
C ILE B 124 -27.03 -25.25 19.38
N ILE B 125 -25.72 -25.31 19.12
CA ILE B 125 -24.94 -26.56 19.45
C ILE B 125 -23.80 -26.28 20.43
N GLY B 126 -23.76 -25.08 21.03
CA GLY B 126 -22.64 -24.70 21.93
C GLY B 126 -22.29 -25.73 23.00
N ASN B 127 -23.15 -25.90 24.02
CA ASN B 127 -22.81 -26.80 25.17
C ASN B 127 -23.92 -27.83 25.47
N VAL B 128 -25.12 -27.73 24.88
CA VAL B 128 -26.26 -28.62 25.25
C VAL B 128 -25.92 -30.12 25.11
N PHE B 129 -25.09 -30.51 24.15
CA PHE B 129 -24.82 -31.96 23.91
C PHE B 129 -24.04 -32.60 25.07
N GLY B 130 -23.43 -31.81 25.96
CA GLY B 130 -22.62 -32.35 27.07
C GLY B 130 -23.35 -32.34 28.42
N PHE B 131 -24.62 -31.96 28.45
CA PHE B 131 -25.40 -31.87 29.71
C PHE B 131 -25.54 -33.26 30.37
N LYS B 132 -25.23 -33.35 31.67
CA LYS B 132 -25.31 -34.66 32.39
C LYS B 132 -26.74 -35.20 32.44
N ALA B 133 -27.76 -34.34 32.49
CA ALA B 133 -29.16 -34.81 32.68
C ALA B 133 -29.69 -35.56 31.44
N VAL B 134 -29.02 -35.44 30.29
CA VAL B 134 -29.45 -36.22 29.09
C VAL B 134 -28.39 -37.27 28.79
N SER B 135 -28.80 -38.41 28.22
CA SER B 135 -27.84 -39.51 27.89
C SER B 135 -27.47 -39.45 26.40
N ALA B 136 -28.30 -38.81 25.57
CA ALA B 136 -28.03 -38.69 24.12
C ALA B 136 -28.89 -37.57 23.51
N LEU B 137 -28.47 -37.00 22.38
CA LEU B 137 -29.19 -35.84 21.78
C LEU B 137 -28.80 -35.69 20.31
N ARG B 138 -29.76 -35.31 19.46
CA ARG B 138 -29.48 -35.19 18.00
C ARG B 138 -30.30 -34.05 17.38
N LEU B 139 -29.66 -33.11 16.68
CA LEU B 139 -30.38 -32.03 15.94
C LEU B 139 -30.85 -32.60 14.61
N GLU B 140 -32.15 -32.78 14.42
CA GLU B 140 -32.69 -33.43 13.18
C GLU B 140 -33.05 -32.41 12.09
N ASP B 141 -33.62 -31.25 12.44
CA ASP B 141 -34.07 -30.28 11.40
C ASP B 141 -34.13 -28.85 11.95
N MET B 142 -34.31 -27.86 11.07
CA MET B 142 -34.42 -26.43 11.48
C MET B 142 -35.25 -25.66 10.45
N ARG B 143 -35.97 -24.63 10.89
CA ARG B 143 -36.74 -23.75 9.95
C ARG B 143 -36.09 -22.36 9.99
N ILE B 144 -35.33 -22.00 8.95
CA ILE B 144 -34.64 -20.67 8.88
C ILE B 144 -35.56 -19.68 8.18
N PRO B 145 -36.01 -18.58 8.85
CA PRO B 145 -36.98 -17.66 8.25
C PRO B 145 -36.48 -16.80 7.07
N HIS B 146 -37.41 -16.28 6.27
CA HIS B 146 -37.06 -15.44 5.08
C HIS B 146 -36.20 -14.25 5.51
N SER B 147 -36.61 -13.52 6.56
CA SER B 147 -35.86 -12.33 7.05
C SER B 147 -34.38 -12.64 7.29
N TYR B 148 -34.07 -13.74 7.98
CA TYR B 148 -32.65 -14.09 8.29
C TYR B 148 -31.92 -14.53 7.00
N LEU B 149 -32.59 -15.27 6.11
CA LEU B 149 -31.95 -15.77 4.85
C LEU B 149 -31.40 -14.58 4.06
N THR B 151 -29.80 -12.03 4.86
CA THR B 151 -28.53 -11.44 5.37
C THR B 151 -27.34 -12.30 4.92
N PHE B 152 -27.59 -13.35 4.14
CA PHE B 152 -26.50 -14.25 3.66
C PHE B 152 -26.39 -14.17 2.13
N GLN B 153 -25.21 -14.44 1.58
CA GLN B 153 -24.97 -14.33 0.10
C GLN B 153 -25.68 -15.44 -0.67
N GLY B 154 -25.59 -16.70 -0.23
CA GLY B 154 -26.11 -17.81 -1.05
C GLY B 154 -25.06 -18.21 -2.09
N ALA B 156 -22.21 -18.71 -4.82
CA ALA B 156 -21.51 -17.65 -5.59
C ALA B 156 -21.92 -17.71 -7.07
N THR B 157 -21.95 -18.91 -7.65
CA THR B 157 -22.33 -19.07 -9.09
C THR B 157 -23.76 -19.60 -9.18
N GLY B 158 -24.03 -20.78 -8.61
CA GLY B 158 -25.37 -21.39 -8.69
C GLY B 158 -25.49 -22.33 -9.88
N VAL B 159 -26.38 -23.31 -9.82
CA VAL B 159 -26.47 -24.34 -10.91
C VAL B 159 -26.73 -23.67 -12.26
N ILE B 160 -27.71 -22.77 -12.36
CA ILE B 160 -28.10 -22.15 -13.68
C ILE B 160 -26.90 -21.45 -14.33
N VAL B 161 -26.26 -20.50 -13.64
CA VAL B 161 -25.12 -19.75 -14.24
C VAL B 161 -24.00 -20.72 -14.59
N GLU B 162 -23.81 -21.78 -13.79
CA GLU B 162 -22.67 -22.70 -14.02
C GLU B 162 -22.85 -23.47 -15.35
N ARG B 163 -24.04 -24.03 -15.60
CA ARG B 163 -24.29 -24.75 -16.89
C ARG B 163 -24.03 -23.80 -18.07
N GLU B 164 -24.35 -22.51 -17.90
CA GLU B 164 -24.12 -21.52 -18.98
C GLU B 164 -22.62 -21.34 -19.20
N ARG B 165 -21.84 -21.29 -18.12
CA ARG B 165 -20.36 -21.11 -18.22
C ARG B 165 -19.73 -22.29 -18.97
N LEU B 166 -20.37 -23.47 -18.92
CA LEU B 166 -19.80 -24.69 -19.56
C LEU B 166 -20.51 -24.97 -20.90
N ASN B 167 -21.61 -24.27 -21.20
CA ASN B 167 -22.39 -24.58 -22.42
C ASN B 167 -22.77 -26.07 -22.40
N LYS B 168 -23.34 -26.54 -21.29
CA LYS B 168 -23.75 -27.97 -21.18
C LYS B 168 -25.16 -28.03 -20.58
N TYR B 169 -26.14 -28.56 -21.32
CA TYR B 169 -27.54 -28.53 -20.82
C TYR B 169 -28.28 -29.85 -21.04
N GLY B 170 -29.08 -30.29 -20.06
CA GLY B 170 -29.96 -31.46 -20.27
C GLY B 170 -29.38 -32.83 -19.97
N ILE B 171 -28.29 -32.92 -19.21
CA ILE B 171 -27.75 -34.25 -18.81
C ILE B 171 -26.82 -34.06 -17.61
N PRO B 172 -26.67 -35.06 -16.72
CA PRO B 172 -25.72 -34.95 -15.60
C PRO B 172 -24.29 -34.69 -16.11
N LEU B 173 -23.48 -33.97 -15.32
CA LEU B 173 -22.06 -33.71 -15.67
C LEU B 173 -21.23 -34.95 -15.28
N GLY B 175 -17.20 -36.71 -14.19
CA GLY B 175 -15.89 -36.41 -13.59
C GLY B 175 -15.15 -37.63 -13.03
N ALA B 176 -13.94 -37.41 -12.49
CA ALA B 176 -13.14 -38.52 -11.91
C ALA B 176 -12.07 -37.97 -10.96
N THR B 177 -11.62 -38.78 -9.99
CA THR B 177 -10.53 -38.36 -9.06
C THR B 177 -9.22 -39.04 -9.47
N VAL B 178 -8.09 -38.34 -9.37
CA VAL B 178 -6.75 -38.90 -9.74
C VAL B 178 -6.32 -39.95 -8.70
N LYS B 179 -5.79 -41.09 -9.15
CA LYS B 179 -5.37 -42.19 -8.24
C LYS B 179 -3.96 -42.67 -8.63
N PRO B 180 -3.10 -43.15 -7.70
CA PRO B 180 -3.47 -43.34 -6.27
C PRO B 180 -3.60 -42.02 -5.49
N LYS B 181 -4.18 -42.08 -4.28
CA LYS B 181 -4.44 -40.85 -3.49
C LYS B 181 -3.15 -40.01 -3.36
N LEU B 182 -2.02 -40.62 -2.99
CA LEU B 182 -0.77 -39.85 -2.74
C LEU B 182 0.44 -40.51 -3.42
N GLY B 183 1.50 -39.74 -3.71
CA GLY B 183 2.74 -40.31 -4.28
C GLY B 183 3.14 -39.78 -5.64
N LEU B 184 2.20 -39.24 -6.43
CA LEU B 184 2.52 -38.82 -7.82
C LEU B 184 3.22 -37.45 -7.89
N SER B 185 4.01 -37.22 -8.93
CA SER B 185 4.68 -35.90 -9.14
C SER B 185 3.74 -34.98 -9.95
N GLY B 186 4.06 -33.68 -10.01
CA GLY B 186 3.23 -32.72 -10.77
C GLY B 186 3.11 -33.10 -12.25
N LYS B 187 4.20 -33.58 -12.86
CA LYS B 187 4.19 -33.89 -14.31
C LYS B 187 3.30 -35.12 -14.57
N ASN B 188 3.41 -36.15 -13.73
CA ASN B 188 2.55 -37.36 -13.87
C ASN B 188 1.09 -37.01 -13.60
N TYR B 189 0.83 -36.05 -12.69
CA TYR B 189 -0.56 -35.61 -12.40
C TYR B 189 -1.18 -35.01 -13.67
N GLY B 190 -0.46 -34.11 -14.34
CA GLY B 190 -0.95 -33.48 -15.59
C GLY B 190 -1.24 -34.50 -16.67
N ARG B 191 -0.42 -35.55 -16.77
CA ARG B 191 -0.61 -36.60 -17.79
C ARG B 191 -1.99 -37.25 -17.61
N VAL B 192 -2.33 -37.65 -16.39
CA VAL B 192 -3.65 -38.31 -16.11
C VAL B 192 -4.79 -37.36 -16.49
N VAL B 193 -4.70 -36.09 -16.08
CA VAL B 193 -5.75 -35.07 -16.41
C VAL B 193 -5.92 -35.00 -17.93
N TYR B 194 -4.84 -34.77 -18.66
CA TYR B 194 -4.89 -34.74 -20.15
C TYR B 194 -5.63 -35.99 -20.68
N GLU B 195 -5.19 -37.18 -20.28
CA GLU B 195 -5.80 -38.45 -20.79
C GLU B 195 -7.31 -38.51 -20.47
N GLY B 196 -7.70 -38.40 -19.20
CA GLY B 196 -9.13 -38.49 -18.82
C GLY B 196 -10.01 -37.53 -19.59
N LEU B 197 -9.64 -36.24 -19.60
CA LEU B 197 -10.44 -35.20 -20.32
C LEU B 197 -10.55 -35.57 -21.80
N GLY B 199 -10.55 -38.39 -23.26
CA GLY B 199 -11.48 -39.53 -23.46
C GLY B 199 -12.94 -39.11 -23.35
N GLY B 200 -13.23 -37.99 -22.68
CA GLY B 200 -14.62 -37.48 -22.67
C GLY B 200 -15.16 -37.06 -21.32
N LEU B 201 -14.29 -36.90 -20.30
CA LEU B 201 -14.79 -36.39 -18.99
C LEU B 201 -14.93 -34.87 -19.04
N ASP B 202 -15.89 -34.31 -18.30
CA ASP B 202 -16.02 -32.83 -18.20
C ASP B 202 -14.98 -32.30 -17.23
N PHE B 203 -14.73 -33.03 -16.13
CA PHE B 203 -13.78 -32.51 -15.09
C PHE B 203 -13.01 -33.62 -14.40
N LEU B 204 -11.83 -33.30 -13.84
CA LEU B 204 -11.11 -34.26 -12.96
C LEU B 204 -10.84 -33.50 -11.66
N ASP B 206 -8.36 -33.16 -7.68
CA ASP B 206 -7.30 -33.65 -6.76
C ASP B 206 -7.99 -34.37 -5.60
N ASP B 207 -7.32 -35.35 -4.98
CA ASP B 207 -7.90 -36.01 -3.78
C ASP B 207 -7.98 -34.99 -2.63
N GLU B 208 -8.89 -35.21 -1.67
CA GLU B 208 -9.05 -34.27 -0.53
C GLU B 208 -7.73 -34.12 0.23
N ASN B 209 -6.87 -35.14 0.23
CA ASN B 209 -5.62 -35.07 1.05
C ASN B 209 -4.42 -34.58 0.21
N ILE B 210 -4.63 -34.13 -1.02
CA ILE B 210 -3.53 -33.56 -1.85
C ILE B 210 -3.48 -32.05 -1.62
N ASN B 211 -2.37 -31.55 -1.06
CA ASN B 211 -2.19 -30.09 -0.84
C ASN B 211 -0.79 -29.68 -1.31
N SER B 212 0.19 -29.64 -0.41
CA SER B 212 1.61 -29.38 -0.78
C SER B 212 2.51 -30.27 0.07
N GLN B 213 3.10 -31.32 -0.51
CA GLN B 213 3.89 -32.30 0.29
C GLN B 213 5.27 -32.51 -0.32
N PRO B 214 6.22 -33.22 0.35
CA PRO B 214 7.59 -33.39 -0.19
C PRO B 214 7.61 -34.02 -1.59
N PHE B 215 6.69 -34.93 -1.87
CA PHE B 215 6.68 -35.63 -3.20
C PHE B 215 6.13 -34.73 -4.31
N MET B 216 5.49 -33.60 -3.97
CA MET B 216 4.89 -32.69 -4.99
C MET B 216 4.49 -31.35 -4.35
N ARG B 217 5.10 -30.24 -4.79
CA ARG B 217 4.74 -28.89 -4.26
C ARG B 217 3.59 -28.33 -5.12
N TRP B 218 2.69 -27.53 -4.52
CA TRP B 218 1.46 -27.08 -5.23
C TRP B 218 1.72 -26.30 -6.53
N ARG B 219 2.65 -25.34 -6.54
CA ARG B 219 2.85 -24.50 -7.76
C ARG B 219 3.15 -25.37 -8.99
N GLU B 220 3.92 -26.45 -8.80
CA GLU B 220 4.24 -27.38 -9.92
C GLU B 220 2.95 -28.02 -10.45
N ARG B 221 2.09 -28.51 -9.56
CA ARG B 221 0.84 -29.19 -9.98
C ARG B 221 -0.05 -28.22 -10.78
N PHE B 222 -0.23 -27.00 -10.28
CA PHE B 222 -1.16 -26.04 -10.95
C PHE B 222 -0.69 -25.74 -12.38
N LEU B 223 0.62 -25.57 -12.58
CA LEU B 223 1.16 -25.26 -13.93
C LEU B 223 0.91 -26.41 -14.91
N TYR B 224 1.29 -27.64 -14.55
CA TYR B 224 1.14 -28.78 -15.49
C TYR B 224 -0.35 -29.02 -15.80
N CYS B 225 -1.23 -28.82 -14.81
CA CYS B 225 -2.67 -29.11 -15.03
C CYS B 225 -3.27 -28.18 -16.10
N MET B 226 -2.86 -26.91 -16.12
CA MET B 226 -3.41 -25.95 -17.12
C MET B 226 -2.93 -26.33 -18.53
N GLU B 227 -1.73 -26.89 -18.65
CA GLU B 227 -1.26 -27.39 -19.98
C GLU B 227 -2.13 -28.57 -20.43
N GLY B 228 -2.46 -29.50 -19.53
CA GLY B 228 -3.32 -30.66 -19.86
C GLY B 228 -4.74 -30.25 -20.23
N ILE B 229 -5.30 -29.25 -19.54
CA ILE B 229 -6.69 -28.78 -19.81
C ILE B 229 -6.76 -28.14 -21.20
N ASN B 230 -5.83 -27.22 -21.52
CA ASN B 230 -5.84 -26.51 -22.83
C ASN B 230 -5.64 -27.53 -23.96
N ARG B 231 -4.69 -28.45 -23.81
CA ARG B 231 -4.47 -29.51 -24.84
C ARG B 231 -5.78 -30.26 -25.10
N ALA B 232 -6.47 -30.72 -24.04
CA ALA B 232 -7.71 -31.52 -24.23
C ALA B 232 -8.81 -30.66 -24.87
N SER B 233 -8.96 -29.41 -24.43
CA SER B 233 -10.05 -28.56 -24.96
C SER B 233 -9.82 -28.30 -26.46
N ALA B 234 -8.57 -28.08 -26.86
CA ALA B 234 -8.26 -27.79 -28.28
C ALA B 234 -8.49 -29.04 -29.13
N ALA B 235 -8.40 -30.24 -28.54
CA ALA B 235 -8.51 -31.49 -29.32
C ALA B 235 -9.97 -31.96 -29.43
N THR B 236 -10.89 -31.34 -28.68
CA THR B 236 -12.29 -31.83 -28.66
C THR B 236 -13.28 -30.73 -29.06
N GLY B 237 -12.93 -29.47 -28.79
CA GLY B 237 -13.83 -28.33 -29.10
C GLY B 237 -14.78 -28.03 -27.95
N GLU B 238 -14.47 -28.51 -26.74
CA GLU B 238 -15.36 -28.34 -25.58
C GLU B 238 -14.65 -27.56 -24.45
N THR B 239 -15.42 -26.95 -23.55
CA THR B 239 -14.81 -26.30 -22.36
C THR B 239 -14.52 -27.39 -21.31
N LYS B 240 -13.31 -27.42 -20.74
CA LYS B 240 -12.92 -28.48 -19.76
C LYS B 240 -12.36 -27.84 -18.48
N GLY B 241 -12.10 -28.63 -17.44
CA GLY B 241 -11.48 -28.08 -16.22
C GLY B 241 -11.08 -29.11 -15.18
N SER B 242 -10.31 -28.70 -14.17
CA SER B 242 -9.93 -29.60 -13.05
C SER B 242 -10.03 -28.84 -11.73
N TYR B 243 -10.53 -29.48 -10.67
CA TYR B 243 -10.67 -28.82 -9.35
C TYR B 243 -9.29 -28.69 -8.69
N LEU B 244 -8.72 -27.48 -8.63
CA LEU B 244 -7.43 -27.28 -7.91
C LEU B 244 -7.71 -27.14 -6.41
N ASN B 245 -6.98 -27.87 -5.56
CA ASN B 245 -7.21 -27.84 -4.09
C ASN B 245 -6.44 -26.69 -3.44
N ILE B 246 -7.15 -25.77 -2.78
CA ILE B 246 -6.49 -24.56 -2.17
C ILE B 246 -6.51 -24.70 -0.63
N THR B 247 -6.96 -25.85 -0.10
CA THR B 247 -6.96 -26.08 1.37
C THR B 247 -5.55 -25.83 1.92
N ALA B 248 -5.44 -25.09 3.03
CA ALA B 248 -4.11 -24.86 3.66
C ALA B 248 -4.23 -24.66 5.17
N GLY B 249 -3.10 -24.45 5.86
CA GLY B 249 -3.10 -24.34 7.34
C GLY B 249 -3.49 -22.97 7.87
N THR B 250 -3.28 -21.90 7.08
CA THR B 250 -3.60 -20.52 7.51
C THR B 250 -4.37 -19.77 6.40
N MET B 251 -5.19 -18.79 6.78
CA MET B 251 -6.01 -18.03 5.80
C MET B 251 -5.09 -17.37 4.75
N GLU B 252 -3.96 -16.81 5.17
CA GLU B 252 -3.04 -16.10 4.22
C GLU B 252 -2.61 -17.07 3.11
N GLU B 253 -2.25 -18.30 3.46
CA GLU B 253 -1.79 -19.32 2.46
C GLU B 253 -2.96 -19.72 1.57
N VAL B 254 -4.17 -19.80 2.11
CA VAL B 254 -5.36 -20.12 1.27
C VAL B 254 -5.48 -19.06 0.17
N TYR B 255 -5.51 -17.78 0.56
CA TYR B 255 -5.66 -16.67 -0.43
C TYR B 255 -4.55 -16.72 -1.48
N LYS B 256 -3.31 -16.98 -1.05
CA LYS B 256 -2.16 -17.04 -2.01
C LYS B 256 -2.42 -18.08 -3.09
N ARG B 257 -2.98 -19.24 -2.71
CA ARG B 257 -3.25 -20.34 -3.69
C ARG B 257 -4.47 -20.00 -4.56
N ALA B 258 -5.48 -19.31 -4.02
CA ALA B 258 -6.66 -18.89 -4.82
C ALA B 258 -6.25 -17.86 -5.89
N GLU B 259 -5.40 -16.88 -5.53
CA GLU B 259 -4.98 -15.82 -6.48
C GLU B 259 -4.13 -16.40 -7.61
N TYR B 260 -3.32 -17.42 -7.31
CA TYR B 260 -2.48 -18.10 -8.34
C TYR B 260 -3.38 -18.82 -9.36
N ALA B 261 -4.33 -19.64 -8.90
CA ALA B 261 -5.22 -20.39 -9.81
C ALA B 261 -5.98 -19.43 -10.74
N LYS B 262 -6.45 -18.30 -10.21
CA LYS B 262 -7.17 -17.30 -11.04
C LYS B 262 -6.20 -16.76 -12.10
N THR B 263 -4.97 -16.44 -11.71
CA THR B 263 -3.97 -15.86 -12.64
C THR B 263 -3.75 -16.79 -13.85
N VAL B 264 -3.66 -18.10 -13.63
CA VAL B 264 -3.40 -19.08 -14.74
C VAL B 264 -4.70 -19.40 -15.50
N GLY B 265 -5.85 -18.89 -15.06
CA GLY B 265 -7.10 -19.06 -15.82
C GLY B 265 -7.94 -20.28 -15.47
N SER B 266 -7.87 -20.75 -14.23
CA SER B 266 -8.72 -21.90 -13.80
C SER B 266 -10.20 -21.47 -13.73
N ILE B 267 -11.11 -22.34 -14.17
CA ILE B 267 -12.57 -22.02 -14.09
C ILE B 267 -13.12 -22.48 -12.73
N VAL B 268 -12.34 -23.24 -11.94
CA VAL B 268 -12.90 -23.82 -10.67
C VAL B 268 -11.80 -24.13 -9.65
N VAL B 269 -12.16 -24.20 -8.36
CA VAL B 269 -11.20 -24.59 -7.29
C VAL B 269 -11.98 -25.40 -6.23
N MET B 270 -11.29 -26.07 -5.29
CA MET B 270 -12.00 -26.91 -4.31
C MET B 270 -11.48 -26.66 -2.89
N ILE B 271 -12.32 -26.89 -1.87
CA ILE B 271 -11.93 -26.72 -0.44
C ILE B 271 -12.45 -27.92 0.36
N ASP B 272 -11.89 -28.14 1.56
CA ASP B 272 -12.31 -29.28 2.43
C ASP B 272 -13.09 -28.76 3.65
N LEU B 273 -14.01 -29.58 4.18
CA LEU B 273 -14.84 -29.16 5.34
C LEU B 273 -13.98 -29.01 6.62
N VAL B 274 -12.85 -29.70 6.73
CA VAL B 274 -11.99 -29.65 7.95
C VAL B 274 -11.44 -28.23 8.18
N MET B 275 -11.52 -27.36 7.17
CA MET B 275 -10.99 -25.97 7.28
C MET B 275 -11.78 -25.18 8.34
N GLY B 276 -13.12 -25.27 8.32
CA GLY B 276 -13.95 -24.58 9.34
C GLY B 276 -14.93 -23.57 8.76
N TYR B 277 -16.00 -23.27 9.49
CA TYR B 277 -17.07 -22.35 8.99
C TYR B 277 -16.53 -20.98 8.58
N THR B 278 -15.73 -20.33 9.43
CA THR B 278 -15.26 -18.95 9.12
C THR B 278 -14.39 -18.91 7.86
N ALA B 279 -13.48 -19.88 7.72
CA ALA B 279 -12.65 -19.94 6.48
C ALA B 279 -13.55 -20.19 5.27
N ILE B 280 -14.55 -21.07 5.40
CA ILE B 280 -15.48 -21.38 4.27
C ILE B 280 -16.23 -20.11 3.84
N GLN B 281 -16.81 -19.37 4.78
CA GLN B 281 -17.55 -18.13 4.44
C GLN B 281 -16.64 -17.17 3.67
N SER B 282 -15.41 -16.95 4.16
CA SER B 282 -14.45 -16.03 3.47
C SER B 282 -14.20 -16.49 2.03
N ALA B 283 -14.02 -17.79 1.81
CA ALA B 283 -13.74 -18.33 0.45
C ALA B 283 -14.94 -18.10 -0.48
N ALA B 284 -16.17 -18.26 0.02
CA ALA B 284 -17.38 -18.10 -0.84
C ALA B 284 -17.55 -16.63 -1.25
N ILE B 285 -17.15 -15.70 -0.38
CA ILE B 285 -17.22 -14.25 -0.74
C ILE B 285 -16.16 -13.96 -1.82
N TRP B 286 -14.96 -14.51 -1.67
CA TRP B 286 -13.86 -14.32 -2.67
C TRP B 286 -14.29 -14.85 -4.06
N ALA B 287 -14.88 -16.06 -4.13
CA ALA B 287 -15.24 -16.67 -5.44
C ALA B 287 -16.23 -15.78 -6.20
N ARG B 288 -17.24 -15.23 -5.50
CA ARG B 288 -18.23 -14.32 -6.13
C ARG B 288 -17.52 -13.07 -6.68
N ASP B 289 -16.55 -12.53 -5.93
CA ASP B 289 -15.88 -11.27 -6.36
C ASP B 289 -14.83 -11.55 -7.45
N ASN B 290 -14.53 -12.82 -7.74
CA ASN B 290 -13.44 -13.14 -8.72
C ASN B 290 -13.90 -14.09 -9.83
N ASP B 291 -15.22 -14.32 -9.96
CA ASP B 291 -15.77 -15.18 -11.06
C ASP B 291 -15.14 -16.59 -11.07
N LEU B 292 -15.08 -17.29 -9.93
CA LEU B 292 -14.59 -18.70 -9.91
C LEU B 292 -15.70 -19.63 -9.39
N ILE B 293 -15.70 -20.92 -9.78
CA ILE B 293 -16.68 -21.89 -9.21
C ILE B 293 -16.07 -22.52 -7.94
N LEU B 294 -16.87 -22.76 -6.89
CA LEU B 294 -16.30 -23.26 -5.61
C LEU B 294 -16.87 -24.65 -5.25
N HIS B 295 -16.00 -25.67 -5.18
CA HIS B 295 -16.43 -27.06 -4.85
C HIS B 295 -16.11 -27.38 -3.39
N LEU B 296 -17.05 -28.01 -2.67
CA LEU B 296 -16.83 -28.32 -1.23
C LEU B 296 -16.74 -29.84 -0.99
N HIS B 297 -15.60 -30.32 -0.49
CA HIS B 297 -15.48 -31.75 -0.09
C HIS B 297 -15.90 -31.83 1.39
N ARG B 298 -16.67 -32.85 1.77
CA ARG B 298 -17.22 -32.90 3.17
C ARG B 298 -16.37 -33.76 4.13
N ALA B 299 -15.03 -33.63 4.07
CA ALA B 299 -14.13 -34.40 4.97
C ALA B 299 -14.49 -34.19 6.46
N GLY B 300 -14.73 -35.28 7.19
CA GLY B 300 -15.00 -35.19 8.65
C GLY B 300 -16.47 -35.28 9.03
N ASN B 301 -17.40 -35.07 8.07
CA ASN B 301 -18.86 -35.01 8.38
C ASN B 301 -19.35 -36.27 9.10
N SER B 302 -18.87 -37.46 8.73
CA SER B 302 -19.40 -38.72 9.31
C SER B 302 -18.97 -38.95 10.77
N THR B 303 -18.10 -38.09 11.33
CA THR B 303 -17.75 -38.22 12.78
C THR B 303 -18.99 -37.92 13.65
N TYR B 304 -19.93 -37.13 13.13
CA TYR B 304 -21.12 -36.73 13.94
C TYR B 304 -22.44 -36.97 13.19
N ALA B 305 -22.41 -37.33 11.91
CA ALA B 305 -23.68 -37.44 11.13
C ALA B 305 -24.06 -38.90 10.81
N ARG B 306 -23.38 -39.89 11.40
CA ARG B 306 -23.62 -41.31 11.03
C ARG B 306 -24.67 -41.99 11.92
N GLN B 307 -24.65 -41.74 13.24
CA GLN B 307 -25.55 -42.49 14.17
C GLN B 307 -26.90 -41.79 14.36
N LYS B 308 -27.98 -42.56 14.53
CA LYS B 308 -29.35 -41.97 14.68
C LYS B 308 -29.60 -41.45 16.10
N ASN B 309 -28.84 -41.90 17.11
CA ASN B 309 -29.13 -41.52 18.52
C ASN B 309 -28.43 -40.22 18.94
N HIS B 310 -27.33 -39.82 18.30
CA HIS B 310 -26.57 -38.62 18.77
C HIS B 310 -25.86 -37.90 17.62
N GLY B 311 -25.79 -36.56 17.66
CA GLY B 311 -25.05 -35.80 16.63
C GLY B 311 -25.91 -34.83 15.83
N ILE B 312 -25.53 -34.56 14.58
CA ILE B 312 -26.32 -33.65 13.69
C ILE B 312 -26.65 -34.38 12.38
N ASN B 313 -27.91 -34.34 11.94
CA ASN B 313 -28.31 -34.97 10.64
C ASN B 313 -27.73 -34.17 9.48
N PHE B 314 -27.32 -34.85 8.40
CA PHE B 314 -26.66 -34.16 7.25
C PHE B 314 -27.59 -33.10 6.62
N ARG B 315 -28.90 -33.31 6.65
CA ARG B 315 -29.84 -32.35 5.99
C ARG B 315 -29.67 -30.94 6.59
N VAL B 316 -29.31 -30.86 7.87
CA VAL B 316 -29.04 -29.53 8.51
C VAL B 316 -27.75 -28.95 7.92
N ILE B 317 -26.68 -29.75 7.85
CA ILE B 317 -25.42 -29.28 7.22
C ILE B 317 -25.72 -28.76 5.81
N CYS B 318 -26.56 -29.48 5.06
CA CYS B 318 -26.94 -29.05 3.68
C CYS B 318 -27.44 -27.59 3.71
N LYS B 319 -28.39 -27.28 4.61
CA LYS B 319 -28.97 -25.91 4.70
C LYS B 319 -27.88 -24.89 5.03
N TRP B 320 -27.05 -25.14 6.04
CA TRP B 320 -25.99 -24.18 6.46
C TRP B 320 -25.05 -23.89 5.30
N MET B 321 -24.63 -24.92 4.56
CA MET B 321 -23.65 -24.74 3.45
C MET B 321 -24.31 -24.00 2.26
N ARG B 322 -25.58 -24.27 1.98
CA ARG B 322 -26.29 -23.50 0.91
C ARG B 322 -26.35 -22.02 1.32
N MET B 323 -26.50 -21.75 2.62
CA MET B 323 -26.52 -20.35 3.13
C MET B 323 -25.13 -19.69 2.97
N CYS B 324 -24.06 -20.41 3.29
CA CYS B 324 -22.68 -19.85 3.17
C CYS B 324 -22.39 -19.48 1.71
N GLY B 325 -22.81 -20.32 0.76
CA GLY B 325 -22.66 -19.97 -0.65
C GLY B 325 -21.69 -20.86 -1.42
N VAL B 326 -21.60 -22.16 -1.09
CA VAL B 326 -20.76 -23.07 -1.92
C VAL B 326 -21.53 -23.43 -3.19
N ASP B 327 -20.83 -23.82 -4.28
CA ASP B 327 -21.49 -24.13 -5.58
C ASP B 327 -21.77 -25.63 -5.73
N HIS B 328 -20.88 -26.50 -5.23
CA HIS B 328 -21.10 -27.97 -5.26
C HIS B 328 -20.94 -28.56 -3.85
N ILE B 329 -21.54 -29.74 -3.60
CA ILE B 329 -21.33 -30.44 -2.29
C ILE B 329 -21.59 -31.94 -2.45
N HIS B 330 -20.73 -32.80 -1.90
CA HIS B 330 -20.96 -34.28 -1.94
C HIS B 330 -22.25 -34.61 -1.16
N ALA B 331 -23.12 -35.48 -1.72
CA ALA B 331 -24.43 -35.76 -1.07
C ALA B 331 -24.81 -37.26 -1.06
N GLY B 332 -24.05 -38.14 -1.70
CA GLY B 332 -24.36 -39.59 -1.59
C GLY B 332 -24.66 -40.30 -2.91
N THR B 333 -24.56 -41.63 -2.94
CA THR B 333 -24.75 -42.41 -4.20
C THR B 333 -25.82 -43.51 -4.06
N VAL B 334 -26.16 -43.92 -2.84
CA VAL B 334 -27.13 -45.04 -2.59
C VAL B 334 -26.49 -46.40 -2.87
N VAL B 335 -25.94 -46.62 -4.08
CA VAL B 335 -25.44 -47.98 -4.45
C VAL B 335 -23.91 -48.10 -4.33
N GLY B 336 -23.22 -47.05 -3.89
CA GLY B 336 -21.75 -47.08 -3.80
C GLY B 336 -21.21 -47.76 -2.55
N LYS B 337 -19.99 -47.38 -2.12
CA LYS B 337 -19.35 -48.05 -0.96
C LYS B 337 -19.52 -47.23 0.33
N LEU B 338 -20.06 -46.00 0.26
CA LEU B 338 -20.29 -45.17 1.49
C LEU B 338 -21.77 -45.23 1.91
N GLU B 339 -22.10 -44.86 3.15
CA GLU B 339 -23.48 -44.98 3.70
C GLU B 339 -24.49 -44.09 2.93
N GLY B 340 -25.74 -44.55 2.81
CA GLY B 340 -26.78 -43.75 2.14
C GLY B 340 -28.11 -44.47 1.98
N ASP B 341 -29.12 -44.09 2.76
CA ASP B 341 -30.49 -44.67 2.60
C ASP B 341 -31.22 -43.91 1.49
N PRO B 342 -31.90 -44.57 0.52
CA PRO B 342 -32.52 -43.86 -0.61
C PRO B 342 -33.52 -42.77 -0.21
N LEU B 343 -34.32 -43.00 0.83
CA LEU B 343 -35.35 -42.00 1.25
C LEU B 343 -34.64 -40.77 1.83
N MET B 344 -33.69 -40.98 2.74
CA MET B 344 -32.93 -39.84 3.33
C MET B 344 -32.18 -39.06 2.24
N ILE B 345 -31.55 -39.77 1.30
CA ILE B 345 -30.75 -39.11 0.22
C ILE B 345 -31.65 -38.22 -0.63
N GLY B 347 -34.26 -36.72 0.31
CA GLY B 347 -34.45 -35.50 1.14
C GLY B 347 -33.30 -34.52 0.96
N PHE B 348 -32.05 -34.99 1.05
CA PHE B 348 -30.87 -34.10 0.87
C PHE B 348 -30.94 -33.37 -0.48
N TYR B 349 -31.14 -34.11 -1.57
CA TYR B 349 -31.14 -33.49 -2.93
C TYR B 349 -32.20 -32.37 -3.00
N ASP B 350 -33.38 -32.62 -2.44
CA ASP B 350 -34.48 -31.61 -2.45
C ASP B 350 -34.07 -30.34 -1.69
N THR B 351 -33.49 -30.50 -0.49
CA THR B 351 -33.02 -29.33 0.29
C THR B 351 -32.04 -28.48 -0.53
N LEU B 352 -31.25 -29.10 -1.40
CA LEU B 352 -30.20 -28.34 -2.14
C LEU B 352 -30.72 -27.76 -3.48
N LEU B 353 -31.79 -28.30 -4.07
CA LEU B 353 -32.19 -27.85 -5.44
C LEU B 353 -33.55 -27.14 -5.52
N LEU B 354 -34.43 -27.27 -4.52
CA LEU B 354 -35.80 -26.70 -4.67
C LEU B 354 -35.88 -25.22 -4.30
N THR B 355 -36.96 -24.54 -4.73
CA THR B 355 -37.19 -23.11 -4.38
C THR B 355 -38.02 -23.05 -3.10
N HIS B 356 -38.63 -24.18 -2.70
CA HIS B 356 -39.47 -24.22 -1.47
C HIS B 356 -39.60 -25.67 -0.99
N LEU B 357 -39.73 -25.87 0.33
CA LEU B 357 -39.85 -27.24 0.90
C LEU B 357 -41.21 -27.40 1.59
N ASN B 358 -41.88 -28.53 1.38
CA ASN B 358 -43.17 -28.83 2.07
C ASN B 358 -42.96 -30.04 3.00
N VAL B 359 -43.76 -30.16 4.06
CA VAL B 359 -43.55 -31.26 5.06
C VAL B 359 -43.61 -32.63 4.37
N ASN B 360 -42.66 -33.53 4.67
CA ASN B 360 -42.62 -34.89 4.07
C ASN B 360 -41.94 -35.83 5.07
N LEU B 361 -42.69 -36.36 6.03
CA LEU B 361 -42.09 -37.19 7.12
C LEU B 361 -41.28 -38.37 6.56
N PRO B 362 -41.80 -39.27 5.69
CA PRO B 362 -40.99 -40.41 5.22
C PRO B 362 -39.63 -40.01 4.64
N TYR B 363 -39.49 -38.75 4.20
CA TYR B 363 -38.21 -38.25 3.62
C TYR B 363 -37.40 -37.50 4.67
N GLY B 364 -37.94 -37.32 5.88
CA GLY B 364 -37.25 -36.59 6.96
C GLY B 364 -37.45 -35.08 6.87
N ILE B 365 -38.44 -34.62 6.09
CA ILE B 365 -38.73 -33.16 6.00
C ILE B 365 -39.76 -32.79 7.08
N PHE B 366 -39.35 -32.07 8.13
CA PHE B 366 -40.27 -31.77 9.27
C PHE B 366 -40.84 -30.35 9.19
N PHE B 367 -40.17 -29.42 8.49
CA PHE B 367 -40.63 -28.01 8.45
C PHE B 367 -40.86 -27.52 7.03
N GLU B 368 -41.95 -26.80 6.80
CA GLU B 368 -42.13 -26.15 5.47
C GLU B 368 -41.22 -24.93 5.46
N MET B 369 -40.62 -24.59 4.31
CA MET B 369 -39.61 -23.48 4.30
C MET B 369 -39.35 -22.97 2.87
N THR B 370 -39.35 -21.65 2.67
CA THR B 370 -39.01 -21.08 1.34
C THR B 370 -37.53 -20.66 1.32
N TRP B 371 -36.92 -20.60 0.14
CA TRP B 371 -35.48 -20.26 0.03
C TRP B 371 -35.27 -18.77 -0.32
N ALA B 372 -36.34 -17.96 -0.30
CA ALA B 372 -36.20 -16.50 -0.54
C ALA B 372 -35.30 -16.20 -1.74
N SER B 373 -35.45 -16.93 -2.85
CA SER B 373 -34.68 -16.68 -4.11
C SER B 373 -33.17 -16.90 -3.94
N LEU B 374 -32.74 -17.72 -2.99
CA LEU B 374 -31.29 -18.06 -2.91
C LEU B 374 -30.97 -19.04 -4.06
N ARG B 375 -29.80 -18.90 -4.69
CA ARG B 375 -29.43 -19.77 -5.84
C ARG B 375 -29.36 -21.26 -5.42
N LYS B 376 -29.39 -22.18 -6.39
CA LYS B 376 -29.37 -23.64 -6.09
C LYS B 376 -27.93 -24.17 -5.97
N CYS B 377 -27.73 -25.18 -5.11
CA CYS B 377 -26.38 -25.81 -4.95
C CYS B 377 -26.39 -27.18 -5.67
N MET B 378 -25.32 -27.48 -6.42
CA MET B 378 -25.26 -28.73 -7.22
C MET B 378 -24.79 -29.93 -6.38
N PRO B 379 -25.55 -31.04 -6.27
CA PRO B 379 -25.10 -32.24 -5.55
C PRO B 379 -24.02 -33.03 -6.32
N VAL B 380 -23.15 -33.73 -5.59
CA VAL B 380 -22.07 -34.55 -6.24
C VAL B 380 -22.16 -35.99 -5.73
N ALA B 381 -22.15 -36.96 -6.64
CA ALA B 381 -22.26 -38.40 -6.26
C ALA B 381 -20.91 -39.09 -6.51
N SER B 382 -20.30 -39.69 -5.47
CA SER B 382 -18.95 -40.30 -5.61
C SER B 382 -18.74 -41.42 -4.59
N GLY B 383 -17.98 -42.47 -4.94
CA GLY B 383 -17.65 -43.55 -3.98
C GLY B 383 -17.97 -44.96 -4.48
N GLY B 384 -17.01 -45.64 -5.12
CA GLY B 384 -17.20 -47.04 -5.56
C GLY B 384 -18.43 -47.26 -6.44
N ILE B 385 -18.52 -46.55 -7.57
CA ILE B 385 -19.65 -46.75 -8.54
C ILE B 385 -19.08 -47.06 -9.92
N HIS B 386 -19.83 -47.78 -10.78
CA HIS B 386 -19.29 -48.19 -12.10
C HIS B 386 -20.36 -48.13 -13.21
N CYS B 387 -19.94 -48.02 -14.47
CA CYS B 387 -20.88 -47.87 -15.62
C CYS B 387 -21.92 -49.00 -15.68
N GLY B 388 -21.63 -50.15 -15.08
CA GLY B 388 -22.61 -51.25 -15.03
C GLY B 388 -23.85 -50.89 -14.19
N GLN B 389 -23.80 -49.79 -13.44
CA GLN B 389 -24.95 -49.38 -12.56
C GLN B 389 -25.64 -48.13 -13.13
N MET B 390 -25.38 -47.77 -14.39
CA MET B 390 -25.94 -46.51 -14.96
C MET B 390 -27.46 -46.43 -14.76
N HIS B 391 -28.22 -47.49 -15.03
CA HIS B 391 -29.70 -47.44 -14.93
C HIS B 391 -30.14 -47.00 -13.53
N GLN B 392 -29.49 -47.48 -12.48
CA GLN B 392 -29.85 -47.12 -11.08
C GLN B 392 -29.50 -45.64 -10.79
N LEU B 393 -28.31 -45.20 -11.20
CA LEU B 393 -27.86 -43.80 -10.95
C LEU B 393 -28.87 -42.79 -11.54
N VAL B 394 -29.29 -42.99 -12.80
CA VAL B 394 -30.27 -42.08 -13.46
C VAL B 394 -31.58 -42.06 -12.66
N HIS B 395 -32.02 -43.21 -12.15
CA HIS B 395 -33.34 -43.30 -11.48
C HIS B 395 -33.33 -42.66 -10.08
N TYR B 396 -32.24 -42.82 -9.32
CA TYR B 396 -32.23 -42.31 -7.91
C TYR B 396 -31.69 -40.89 -7.81
N LEU B 397 -30.70 -40.50 -8.63
CA LEU B 397 -30.03 -39.19 -8.41
C LEU B 397 -30.59 -38.03 -9.24
N GLY B 398 -31.22 -38.29 -10.40
CA GLY B 398 -31.86 -37.20 -11.16
C GLY B 398 -30.99 -36.66 -12.28
N ASP B 399 -31.17 -35.39 -12.66
CA ASP B 399 -30.43 -34.82 -13.83
C ASP B 399 -29.48 -33.68 -13.42
N ASP B 400 -29.76 -32.99 -12.31
CA ASP B 400 -28.81 -31.94 -11.82
C ASP B 400 -27.85 -32.60 -10.82
N VAL B 401 -26.74 -33.17 -11.31
CA VAL B 401 -25.79 -33.88 -10.41
C VAL B 401 -24.46 -34.10 -11.14
N VAL B 402 -23.36 -34.19 -10.39
CA VAL B 402 -22.05 -34.56 -11.00
C VAL B 402 -21.74 -36.00 -10.61
N LEU B 403 -21.69 -36.91 -11.59
CA LEU B 403 -21.33 -38.33 -11.32
C LEU B 403 -19.81 -38.48 -11.45
N GLN B 404 -19.13 -38.93 -10.40
CA GLN B 404 -17.64 -39.00 -10.42
C GLN B 404 -17.14 -40.46 -10.37
N PHE B 405 -16.21 -40.84 -11.27
CA PHE B 405 -15.70 -42.24 -11.33
C PHE B 405 -14.15 -42.27 -11.24
N GLY B 406 -13.61 -42.58 -10.05
CA GLY B 406 -12.14 -42.64 -9.86
C GLY B 406 -11.57 -44.00 -10.26
N GLY B 407 -11.70 -45.01 -9.41
CA GLY B 407 -11.26 -46.37 -9.79
C GLY B 407 -12.05 -46.88 -11.00
N GLY B 408 -13.30 -46.42 -11.16
CA GLY B 408 -14.14 -46.84 -12.28
C GLY B 408 -13.65 -46.33 -13.62
N THR B 409 -12.62 -45.48 -13.64
CA THR B 409 -12.06 -44.93 -14.90
C THR B 409 -10.59 -45.36 -15.03
N ILE B 410 -9.76 -45.02 -14.05
CA ILE B 410 -8.29 -45.31 -14.11
C ILE B 410 -8.07 -46.83 -14.08
N GLY B 411 -8.98 -47.59 -13.48
CA GLY B 411 -8.80 -49.06 -13.34
C GLY B 411 -9.15 -49.85 -14.60
N HIS B 412 -9.41 -49.18 -15.72
CA HIS B 412 -9.73 -49.86 -16.99
C HIS B 412 -8.48 -50.56 -17.55
N PRO B 413 -8.56 -51.83 -18.03
CA PRO B 413 -7.37 -52.55 -18.52
C PRO B 413 -6.76 -51.96 -19.81
N ASP B 414 -7.55 -51.22 -20.60
CA ASP B 414 -7.04 -50.71 -21.91
C ASP B 414 -6.59 -49.24 -21.81
N GLY B 415 -6.43 -48.68 -20.61
CA GLY B 415 -5.91 -47.30 -20.48
C GLY B 415 -6.94 -46.32 -19.95
N ILE B 416 -6.48 -45.11 -19.59
CA ILE B 416 -7.39 -44.09 -18.97
C ILE B 416 -8.37 -43.55 -20.03
N GLN B 417 -7.87 -43.26 -21.24
CA GLN B 417 -8.74 -42.72 -22.32
C GLN B 417 -9.89 -43.70 -22.58
N ALA B 418 -9.58 -45.00 -22.66
CA ALA B 418 -10.63 -46.03 -22.88
C ALA B 418 -11.66 -45.98 -21.75
N GLY B 419 -11.20 -45.97 -20.49
CA GLY B 419 -12.11 -45.87 -19.34
C GLY B 419 -13.08 -44.70 -19.46
N ALA B 420 -12.56 -43.51 -19.80
CA ALA B 420 -13.42 -42.30 -19.89
C ALA B 420 -14.50 -42.51 -20.96
N THR B 421 -14.13 -43.05 -22.13
CA THR B 421 -15.09 -43.28 -23.23
C THR B 421 -16.23 -44.19 -22.77
N ALA B 422 -15.90 -45.31 -22.12
CA ALA B 422 -16.94 -46.28 -21.70
C ALA B 422 -17.98 -45.58 -20.81
N ASN B 423 -17.54 -44.69 -19.93
CA ASN B 423 -18.48 -44.01 -18.98
C ASN B 423 -19.42 -43.07 -19.75
N ARG B 424 -18.89 -42.25 -20.67
CA ARG B 424 -19.73 -41.27 -21.41
C ARG B 424 -20.76 -41.98 -22.29
N VAL B 425 -20.33 -42.94 -23.10
CA VAL B 425 -21.26 -43.71 -23.98
C VAL B 425 -22.40 -44.28 -23.13
N ALA B 426 -22.07 -44.99 -22.05
CA ALA B 426 -23.11 -45.62 -21.18
C ALA B 426 -24.18 -44.58 -20.82
N LEU B 427 -23.74 -43.42 -20.32
CA LEU B 427 -24.69 -42.34 -19.93
C LEU B 427 -25.56 -41.91 -21.12
N GLU B 428 -24.94 -41.50 -22.23
CA GLU B 428 -25.70 -40.98 -23.41
C GLU B 428 -26.81 -41.97 -23.82
N ALA B 429 -26.48 -43.26 -23.94
CA ALA B 429 -27.48 -44.27 -24.37
C ALA B 429 -28.64 -44.35 -23.37
N MET B 430 -28.35 -44.31 -22.06
CA MET B 430 -29.41 -44.44 -21.01
C MET B 430 -30.39 -43.26 -21.09
N ILE B 431 -29.88 -42.02 -21.18
CA ILE B 431 -30.74 -40.81 -21.24
C ILE B 431 -31.60 -40.85 -22.50
N LEU B 432 -31.01 -41.09 -23.67
CA LEU B 432 -31.79 -41.23 -24.92
C LEU B 432 -32.95 -42.20 -24.68
N ALA B 433 -32.66 -43.42 -24.21
CA ALA B 433 -33.70 -44.45 -23.99
C ALA B 433 -34.78 -43.89 -23.04
N ARG B 434 -34.34 -43.28 -21.93
CA ARG B 434 -35.31 -42.69 -20.97
C ARG B 434 -36.25 -41.72 -21.69
N ASN B 435 -35.69 -40.77 -22.45
CA ASN B 435 -36.51 -39.74 -23.13
C ASN B 435 -37.50 -40.36 -24.12
N GLU B 436 -37.24 -41.59 -24.58
CA GLU B 436 -38.14 -42.27 -25.55
C GLU B 436 -39.25 -43.04 -24.80
N GLY B 437 -39.23 -43.01 -23.46
CA GLY B 437 -40.30 -43.67 -22.67
C GLY B 437 -40.08 -45.16 -22.48
N ALA B 438 -38.92 -45.57 -21.96
CA ALA B 438 -38.67 -47.00 -21.67
C ALA B 438 -38.60 -47.21 -20.15
N ASP B 439 -38.77 -48.46 -19.69
CA ASP B 439 -38.69 -48.78 -18.24
C ASP B 439 -37.24 -49.15 -17.90
N TYR B 440 -36.31 -48.20 -18.04
CA TYR B 440 -34.86 -48.49 -17.84
C TYR B 440 -34.53 -48.96 -16.43
N PHE B 441 -35.42 -48.76 -15.46
CA PHE B 441 -35.07 -49.13 -14.06
C PHE B 441 -35.32 -50.63 -13.84
N ASN B 442 -36.19 -51.23 -14.66
CA ASN B 442 -36.47 -52.70 -14.53
C ASN B 442 -35.15 -53.47 -14.49
N SER B 443 -35.07 -54.53 -13.69
CA SER B 443 -33.80 -55.28 -13.53
C SER B 443 -33.38 -55.95 -14.84
N ASP B 444 -34.24 -55.94 -15.86
CA ASP B 444 -33.90 -56.64 -17.14
C ASP B 444 -33.70 -55.60 -18.25
N ILE B 445 -34.61 -54.63 -18.38
CA ILE B 445 -34.51 -53.58 -19.44
C ILE B 445 -33.20 -52.80 -19.29
N GLY B 446 -32.96 -52.23 -18.10
CA GLY B 446 -31.73 -51.43 -17.86
C GLY B 446 -30.49 -52.12 -18.40
N PRO B 447 -30.07 -53.30 -17.89
CA PRO B 447 -28.81 -53.93 -18.34
C PRO B 447 -28.79 -54.19 -19.85
N GLN B 448 -29.91 -54.67 -20.41
CA GLN B 448 -29.99 -54.94 -21.87
C GLN B 448 -29.65 -53.67 -22.65
N ILE B 449 -30.22 -52.53 -22.25
CA ILE B 449 -29.91 -51.23 -22.93
C ILE B 449 -28.38 -51.05 -23.00
N LEU B 450 -27.68 -51.24 -21.88
CA LEU B 450 -26.21 -51.07 -21.83
C LEU B 450 -25.56 -52.13 -22.75
N ARG B 451 -26.02 -53.37 -22.65
CA ARG B 451 -25.48 -54.47 -23.50
C ARG B 451 -25.62 -54.08 -24.98
N ASN B 452 -26.80 -53.59 -25.38
CA ASN B 452 -27.04 -53.19 -26.79
C ASN B 452 -26.00 -52.14 -27.20
N ALA B 453 -25.87 -51.07 -26.43
CA ALA B 453 -24.87 -50.01 -26.72
C ALA B 453 -23.46 -50.62 -26.81
N ALA B 454 -23.13 -51.58 -25.94
CA ALA B 454 -21.79 -52.19 -25.89
C ALA B 454 -21.42 -52.85 -27.23
N LYS B 455 -22.41 -53.28 -28.02
CA LYS B 455 -22.08 -54.01 -29.28
C LYS B 455 -21.55 -53.04 -30.34
N THR B 456 -21.39 -51.76 -29.99
CA THR B 456 -20.80 -50.78 -30.94
C THR B 456 -19.64 -50.04 -30.26
N CYS B 457 -19.21 -50.52 -29.09
CA CYS B 457 -18.11 -49.84 -28.34
C CYS B 457 -17.32 -50.86 -27.52
N GLY B 458 -16.14 -51.26 -28.00
CA GLY B 458 -15.32 -52.27 -27.31
C GLY B 458 -14.99 -51.91 -25.87
N PRO B 459 -14.45 -50.72 -25.56
CA PRO B 459 -14.19 -50.31 -24.17
C PRO B 459 -15.36 -50.63 -23.22
N LEU B 460 -16.59 -50.25 -23.61
CA LEU B 460 -17.77 -50.49 -22.74
C LEU B 460 -17.95 -52.00 -22.51
N GLN B 461 -17.87 -52.80 -23.57
CA GLN B 461 -17.97 -54.28 -23.43
C GLN B 461 -16.98 -54.78 -22.38
N THR B 462 -15.72 -54.34 -22.49
CA THR B 462 -14.65 -54.78 -21.54
C THR B 462 -15.05 -54.41 -20.10
N ALA B 463 -15.47 -53.17 -19.87
CA ALA B 463 -15.81 -52.70 -18.50
C ALA B 463 -16.97 -53.53 -17.92
N LEU B 464 -18.04 -53.72 -18.70
CA LEU B 464 -19.22 -54.48 -18.19
C LEU B 464 -18.75 -55.86 -17.71
N ASP B 465 -18.00 -56.58 -18.55
CA ASP B 465 -17.52 -57.93 -18.19
C ASP B 465 -16.65 -57.88 -16.93
N LEU B 466 -15.86 -56.81 -16.74
CA LEU B 466 -14.90 -56.74 -15.61
C LEU B 466 -15.63 -56.54 -14.27
N TRP B 467 -16.54 -55.57 -14.17
CA TRP B 467 -17.18 -55.26 -12.86
C TRP B 467 -18.65 -55.72 -12.85
N LYS B 468 -18.94 -56.87 -13.48
CA LYS B 468 -20.33 -57.36 -13.60
C LYS B 468 -20.93 -57.69 -12.23
N ASP B 469 -20.24 -58.50 -11.43
CA ASP B 469 -20.81 -58.96 -10.13
C ASP B 469 -20.37 -58.08 -8.97
N ILE B 470 -20.22 -56.77 -9.16
CA ILE B 470 -19.70 -55.88 -8.07
C ILE B 470 -20.86 -55.16 -7.39
N SER B 471 -21.04 -55.35 -6.08
CA SER B 471 -22.10 -54.63 -5.31
C SER B 471 -21.69 -54.45 -3.85
N PHE B 472 -22.34 -53.53 -3.13
CA PHE B 472 -22.04 -53.28 -1.69
C PHE B 472 -23.34 -53.29 -0.88
N ASN B 473 -23.81 -54.46 -0.48
CA ASN B 473 -25.09 -54.58 0.27
C ASN B 473 -24.82 -54.70 1.76
N TYR B 474 -25.23 -53.71 2.55
CA TYR B 474 -25.08 -53.76 4.03
C TYR B 474 -26.22 -52.97 4.68
N THR B 475 -26.67 -53.37 5.87
CA THR B 475 -27.74 -52.63 6.59
C THR B 475 -27.29 -51.18 6.88
N SER B 476 -28.20 -50.21 6.68
CA SER B 476 -27.86 -48.78 6.89
C SER B 476 -27.91 -48.39 8.38
N THR B 477 -27.21 -47.32 8.77
CA THR B 477 -27.19 -46.84 10.17
C THR B 477 -28.24 -45.75 10.36
N ASP B 478 -28.31 -44.79 9.43
CA ASP B 478 -29.27 -43.65 9.57
C ASP B 478 -30.51 -43.95 8.73
N THR B 479 -31.66 -44.17 9.39
CA THR B 479 -32.89 -44.56 8.66
C THR B 479 -34.08 -43.68 9.05
N SER B 480 -35.23 -43.88 8.42
CA SER B 480 -36.44 -43.04 8.68
C SER B 480 -37.23 -43.55 9.89
N ASP B 481 -38.20 -42.76 10.37
CA ASP B 481 -39.05 -43.17 11.52
C ASP B 481 -40.52 -43.17 11.08
N PHE B 482 -40.79 -42.89 9.81
CA PHE B 482 -42.18 -42.86 9.28
C PHE B 482 -42.24 -43.64 7.96
N SER B 483 -43.44 -43.97 7.46
CA SER B 483 -43.55 -44.81 6.23
C SER B 483 -44.50 -44.18 5.20
N VAL B 484 -44.74 -44.88 4.08
CA VAL B 484 -45.62 -44.37 2.98
C VAL B 484 -44.95 -43.16 2.35
N SER C 4 -40.68 -16.25 -46.19
CA SER C 4 -39.55 -15.90 -45.28
C SER C 4 -39.72 -16.62 -43.94
N VAL C 5 -38.61 -16.96 -43.28
CA VAL C 5 -38.70 -17.62 -41.95
C VAL C 5 -39.28 -16.62 -40.94
N SER C 6 -38.81 -15.37 -40.95
CA SER C 6 -39.31 -14.35 -39.99
C SER C 6 -40.83 -14.21 -40.10
N GLU C 7 -41.36 -14.08 -41.32
CA GLU C 7 -42.82 -13.86 -41.48
C GLU C 7 -43.59 -15.05 -40.90
N ARG C 8 -43.12 -16.28 -41.14
CA ARG C 8 -43.81 -17.50 -40.65
C ARG C 8 -43.71 -17.59 -39.12
N THR C 9 -42.69 -17.02 -38.50
CA THR C 9 -42.49 -17.18 -37.03
C THR C 9 -43.06 -15.99 -36.26
N ARG C 10 -44.06 -15.30 -36.82
CA ARG C 10 -44.65 -14.12 -36.15
C ARG C 10 -45.55 -14.57 -34.99
N ILE C 11 -45.49 -13.87 -33.85
CA ILE C 11 -46.36 -14.20 -32.67
C ILE C 11 -47.79 -13.74 -32.95
N LYS C 12 -48.76 -14.65 -32.81
CA LYS C 12 -50.18 -14.31 -33.11
C LYS C 12 -51.00 -14.36 -31.82
N SER C 13 -50.36 -14.61 -30.68
CA SER C 13 -51.08 -14.65 -29.39
C SER C 13 -51.72 -13.27 -29.12
N ASP C 14 -52.93 -13.26 -28.56
CA ASP C 14 -53.64 -11.96 -28.32
C ASP C 14 -52.79 -11.05 -27.44
N ARG C 15 -52.05 -11.61 -26.47
CA ARG C 15 -51.29 -10.76 -25.52
C ARG C 15 -49.89 -10.42 -26.06
N TYR C 16 -49.29 -11.30 -26.87
CA TYR C 16 -47.88 -11.03 -27.30
C TYR C 16 -47.79 -10.72 -28.79
N GLU C 17 -48.90 -10.40 -29.44
CA GLU C 17 -48.81 -9.93 -30.84
C GLU C 17 -48.40 -8.44 -30.81
N SER C 18 -47.65 -7.99 -31.82
CA SER C 18 -47.15 -6.59 -31.83
C SER C 18 -48.29 -5.57 -31.79
N GLY C 19 -48.04 -4.37 -31.22
CA GLY C 19 -49.08 -3.32 -31.17
C GLY C 19 -49.19 -2.68 -29.80
N VAL C 20 -50.07 -1.68 -29.66
CA VAL C 20 -50.24 -0.94 -28.37
C VAL C 20 -51.59 -1.32 -27.75
N ILE C 21 -51.60 -1.65 -26.44
CA ILE C 21 -52.87 -1.97 -25.72
C ILE C 21 -52.86 -1.20 -24.39
N PRO C 22 -54.01 -0.94 -23.71
CA PRO C 22 -53.99 -0.26 -22.40
C PRO C 22 -53.16 -0.99 -21.32
N TYR C 23 -52.54 -0.22 -20.40
CA TYR C 23 -51.72 -0.82 -19.31
C TYR C 23 -52.59 -1.71 -18.42
N ALA C 24 -53.87 -1.38 -18.28
CA ALA C 24 -54.78 -2.15 -17.41
C ALA C 24 -55.14 -3.50 -18.05
N LYS C 25 -54.89 -3.67 -19.35
CA LYS C 25 -55.14 -4.99 -20.02
C LYS C 25 -53.80 -5.72 -20.18
N MET C 26 -52.70 -5.10 -19.75
CA MET C 26 -51.35 -5.73 -19.83
C MET C 26 -51.07 -6.53 -18.55
N GLY C 27 -51.95 -6.43 -17.55
CA GLY C 27 -51.78 -7.18 -16.28
C GLY C 27 -51.26 -6.31 -15.14
N TYR C 28 -51.46 -4.99 -15.20
CA TYR C 28 -50.91 -4.08 -14.15
C TYR C 28 -52.03 -3.59 -13.24
N TRP C 29 -53.27 -4.06 -13.46
CA TRP C 29 -54.39 -3.72 -12.55
C TRP C 29 -55.04 -5.02 -12.04
N ASP C 30 -55.17 -5.18 -10.72
CA ASP C 30 -55.73 -6.43 -10.13
C ASP C 30 -56.46 -6.10 -8.84
N ALA C 31 -57.76 -5.79 -8.92
CA ALA C 31 -58.55 -5.45 -7.72
C ALA C 31 -58.60 -6.63 -6.74
N ALA C 32 -58.51 -7.86 -7.23
CA ALA C 32 -58.57 -9.04 -6.34
C ALA C 32 -57.15 -9.54 -6.00
N TYR C 33 -56.21 -8.62 -5.80
CA TYR C 33 -54.81 -9.00 -5.45
C TYR C 33 -54.69 -9.22 -3.93
N ALA C 34 -53.95 -10.26 -3.53
CA ALA C 34 -53.71 -10.50 -2.08
C ALA C 34 -52.28 -10.07 -1.73
N VAL C 35 -52.11 -9.15 -0.79
CA VAL C 35 -50.76 -8.61 -0.47
C VAL C 35 -49.94 -9.62 0.36
N LYS C 36 -48.62 -9.68 0.14
CA LYS C 36 -47.74 -10.58 0.93
C LYS C 36 -46.97 -9.77 1.97
N ASN C 37 -46.43 -10.43 3.01
CA ASN C 37 -45.69 -9.72 4.09
C ASN C 37 -44.27 -9.34 3.63
N THR C 38 -43.85 -9.81 2.45
CA THR C 38 -42.51 -9.46 1.89
C THR C 38 -42.65 -8.35 0.85
N ASP C 39 -43.87 -7.96 0.50
CA ASP C 39 -44.07 -6.96 -0.59
C ASP C 39 -43.75 -5.52 -0.16
N VAL C 40 -43.23 -4.70 -1.07
CA VAL C 40 -43.08 -3.25 -0.78
C VAL C 40 -44.35 -2.58 -1.28
N LEU C 41 -44.92 -1.64 -0.52
CA LEU C 41 -46.20 -0.98 -0.92
C LEU C 41 -46.00 0.54 -1.02
N ALA C 42 -46.79 1.21 -1.86
CA ALA C 42 -46.68 2.69 -2.02
C ALA C 42 -48.07 3.33 -2.14
N LEU C 43 -48.23 4.54 -1.59
CA LEU C 43 -49.51 5.28 -1.72
C LEU C 43 -49.24 6.57 -2.52
N PHE C 44 -49.93 6.76 -3.64
CA PHE C 44 -49.73 7.95 -4.51
C PHE C 44 -51.00 8.80 -4.59
N ARG C 45 -50.88 10.12 -4.54
CA ARG C 45 -52.05 11.02 -4.77
C ARG C 45 -51.97 11.44 -6.23
N ILE C 46 -52.89 10.98 -7.09
CA ILE C 46 -52.77 11.23 -8.56
C ILE C 46 -53.83 12.24 -9.03
N THR C 47 -53.50 13.06 -10.03
CA THR C 47 -54.48 14.01 -10.62
C THR C 47 -54.56 13.74 -12.13
N GLN C 49 -55.30 13.74 -16.24
CA GLN C 49 -55.58 14.81 -17.24
C GLN C 49 -57.04 14.71 -17.67
N PRO C 50 -57.74 15.82 -18.01
CA PRO C 50 -59.12 15.73 -18.51
C PRO C 50 -59.32 14.61 -19.53
N GLY C 51 -60.22 13.66 -19.25
CA GLY C 51 -60.52 12.57 -20.19
C GLY C 51 -59.90 11.24 -19.78
N VAL C 52 -58.78 11.27 -19.07
CA VAL C 52 -58.07 10.00 -18.69
C VAL C 52 -58.85 9.28 -17.58
N ASP C 53 -59.06 7.96 -17.74
CA ASP C 53 -59.80 7.15 -16.72
C ASP C 53 -58.92 6.98 -15.46
N PRO C 54 -59.44 7.23 -14.23
CA PRO C 54 -58.67 7.06 -12.99
C PRO C 54 -57.94 5.72 -12.90
N VAL C 55 -58.59 4.63 -13.32
CA VAL C 55 -57.97 3.28 -13.19
C VAL C 55 -56.81 3.12 -14.19
N GLU C 56 -56.95 3.66 -15.40
CA GLU C 56 -55.86 3.59 -16.42
C GLU C 56 -54.61 4.32 -15.87
N ALA C 57 -54.80 5.50 -15.27
CA ALA C 57 -53.67 6.27 -14.71
C ALA C 57 -52.92 5.42 -13.66
N ALA C 58 -53.63 4.84 -12.70
CA ALA C 58 -53.00 3.97 -11.68
C ALA C 58 -52.22 2.85 -12.35
N ALA C 59 -52.81 2.18 -13.34
CA ALA C 59 -52.14 1.07 -14.06
C ALA C 59 -50.88 1.56 -14.77
N ALA C 60 -50.94 2.77 -15.36
CA ALA C 60 -49.75 3.36 -16.04
C ALA C 60 -48.61 3.56 -15.03
N VAL C 61 -48.90 4.18 -13.88
CA VAL C 61 -47.85 4.40 -12.82
C VAL C 61 -47.24 3.06 -12.42
N ALA C 62 -48.05 2.02 -12.22
CA ALA C 62 -47.54 0.70 -11.79
C ALA C 62 -46.63 0.07 -12.86
N GLY C 63 -47.05 0.12 -14.12
CA GLY C 63 -46.28 -0.48 -15.23
C GLY C 63 -44.96 0.24 -15.47
N GLU C 64 -45.00 1.58 -15.54
CA GLU C 64 -43.77 2.36 -15.88
C GLU C 64 -42.78 2.37 -14.71
N SER C 65 -43.22 1.95 -13.50
CA SER C 65 -42.31 1.90 -12.34
C SER C 65 -41.83 0.46 -12.10
N SER C 66 -42.16 -0.47 -12.99
CA SER C 66 -41.80 -1.91 -12.80
C SER C 66 -41.11 -2.47 -14.06
N THR C 67 -41.87 -2.96 -15.03
CA THR C 67 -41.23 -3.62 -16.20
C THR C 67 -41.91 -3.30 -17.54
N ALA C 68 -42.81 -2.33 -17.59
CA ALA C 68 -43.58 -2.09 -18.85
C ALA C 68 -43.01 -0.99 -19.75
N THR C 69 -43.46 -0.93 -21.01
CA THR C 69 -43.11 0.17 -21.94
C THR C 69 -44.39 0.56 -22.71
N TRP C 70 -44.30 1.45 -23.70
CA TRP C 70 -45.52 1.97 -24.39
C TRP C 70 -46.11 0.96 -25.40
N THR C 71 -45.40 -0.11 -25.74
CA THR C 71 -45.88 -1.06 -26.79
C THR C 71 -45.52 -2.50 -26.37
N VAL C 72 -46.14 -3.52 -27.00
CA VAL C 72 -45.92 -4.94 -26.59
C VAL C 72 -44.52 -5.43 -26.99
N VAL C 73 -43.84 -6.16 -26.09
CA VAL C 73 -42.50 -6.75 -26.42
C VAL C 73 -42.55 -8.28 -26.17
N TRP C 74 -42.08 -9.08 -27.14
CA TRP C 74 -42.13 -10.56 -27.00
C TRP C 74 -41.04 -11.03 -26.02
N THR C 75 -40.02 -10.22 -25.79
CA THR C 75 -38.89 -10.63 -24.90
C THR C 75 -39.43 -10.98 -23.51
N ASP C 76 -40.62 -10.49 -23.15
CA ASP C 76 -41.25 -10.82 -21.84
C ASP C 76 -41.33 -12.34 -21.66
N LEU C 77 -41.44 -13.11 -22.75
CA LEU C 77 -41.62 -14.59 -22.66
C LEU C 77 -40.31 -15.30 -22.28
N LEU C 78 -39.21 -14.55 -22.11
CA LEU C 78 -37.93 -15.16 -21.68
C LEU C 78 -37.79 -15.01 -20.16
N THR C 79 -38.87 -14.62 -19.48
CA THR C 79 -38.81 -14.35 -18.02
C THR C 79 -40.10 -14.81 -17.34
N ALA C 80 -40.09 -14.93 -16.00
CA ALA C 80 -41.36 -15.21 -15.27
C ALA C 80 -42.11 -13.88 -15.15
N CYS C 81 -42.67 -13.38 -16.25
CA CYS C 81 -43.30 -12.02 -16.28
C CYS C 81 -44.28 -11.77 -15.14
N ASP C 82 -45.23 -12.68 -14.89
CA ASP C 82 -46.28 -12.42 -13.87
C ASP C 82 -45.67 -12.07 -12.51
N ARG C 83 -44.53 -12.67 -12.16
CA ARG C 83 -43.94 -12.45 -10.82
C ARG C 83 -43.31 -11.05 -10.72
N TYR C 84 -42.81 -10.50 -11.83
CA TYR C 84 -42.05 -9.21 -11.75
C TYR C 84 -42.94 -7.97 -11.94
N ARG C 85 -44.17 -8.12 -12.44
CA ARG C 85 -45.05 -6.94 -12.70
C ARG C 85 -45.58 -6.36 -11.40
N ALA C 86 -45.51 -5.04 -11.21
CA ALA C 86 -46.14 -4.40 -10.01
C ALA C 86 -47.65 -4.41 -10.23
N LYS C 87 -48.46 -4.31 -9.17
CA LYS C 87 -49.93 -4.43 -9.36
C LYS C 87 -50.71 -3.33 -8.65
N ALA C 88 -51.47 -2.51 -9.40
CA ALA C 88 -52.38 -1.53 -8.75
C ALA C 88 -53.56 -2.33 -8.21
N TYR C 89 -54.01 -2.09 -6.97
CA TYR C 89 -55.07 -2.96 -6.40
C TYR C 89 -56.19 -2.15 -5.70
N ARG C 90 -56.03 -0.82 -5.50
CA ARG C 90 -57.09 -0.01 -4.83
C ARG C 90 -57.02 1.46 -5.30
N VAL C 91 -58.15 2.07 -5.71
CA VAL C 91 -58.19 3.50 -6.15
C VAL C 91 -59.42 4.14 -5.51
N ASP C 92 -59.24 5.31 -4.86
CA ASP C 92 -60.36 5.98 -4.15
C ASP C 92 -60.28 7.51 -4.31
N PRO C 93 -61.41 8.24 -4.43
CA PRO C 93 -61.37 9.70 -4.52
C PRO C 93 -60.85 10.34 -3.23
N VAL C 94 -60.11 11.45 -3.35
CA VAL C 94 -59.63 12.19 -2.14
C VAL C 94 -60.81 12.97 -1.55
N PRO C 95 -61.09 12.89 -0.23
CA PRO C 95 -62.27 13.56 0.36
C PRO C 95 -62.31 15.07 0.11
N ASN C 96 -63.50 15.63 -0.08
CA ASN C 96 -63.67 17.10 -0.28
C ASN C 96 -62.91 17.59 -1.53
N THR C 97 -62.63 16.69 -2.48
CA THR C 97 -61.87 17.09 -3.69
C THR C 97 -62.45 16.45 -4.95
N THR C 98 -62.39 17.16 -6.08
CA THR C 98 -62.79 16.54 -7.36
C THR C 98 -61.53 16.55 -8.24
N ASP C 99 -61.21 15.42 -8.88
CA ASP C 99 -60.01 15.30 -9.77
C ASP C 99 -58.78 14.77 -8.99
N GLN C 100 -58.92 14.47 -7.70
CA GLN C 100 -57.78 13.86 -6.95
C GLN C 100 -58.18 12.44 -6.50
N TYR C 101 -57.28 11.46 -6.63
CA TYR C 101 -57.56 10.06 -6.21
C TYR C 101 -56.35 9.43 -5.50
N PHE C 102 -56.59 8.57 -4.52
CA PHE C 102 -55.52 7.82 -3.82
C PHE C 102 -55.35 6.45 -4.50
N ALA C 103 -54.11 6.00 -4.71
CA ALA C 103 -53.86 4.70 -5.39
C ALA C 103 -52.84 3.86 -4.59
N PHE C 104 -53.15 2.58 -4.34
CA PHE C 104 -52.23 1.67 -3.61
C PHE C 104 -51.55 0.71 -4.60
N ILE C 105 -50.23 0.51 -4.47
CA ILE C 105 -49.49 -0.36 -5.43
C ILE C 105 -48.51 -1.30 -4.69
N ALA C 106 -48.42 -2.57 -5.12
CA ALA C 106 -47.55 -3.57 -4.45
C ALA C 106 -46.38 -3.98 -5.36
N TYR C 107 -45.18 -4.15 -4.81
CA TYR C 107 -43.97 -4.53 -5.60
C TYR C 107 -43.31 -5.78 -5.02
N GLU C 108 -42.82 -6.69 -5.88
CA GLU C 108 -42.16 -7.95 -5.43
C GLU C 108 -40.80 -7.65 -4.78
N ASP C 110 -37.94 -9.33 -4.91
CA ASP C 110 -36.79 -9.59 -5.82
C ASP C 110 -36.49 -8.45 -6.81
N LEU C 111 -37.34 -7.43 -6.87
CA LEU C 111 -37.10 -6.28 -7.80
C LEU C 111 -35.99 -5.35 -7.28
N PHE C 112 -35.61 -5.44 -6.00
CA PHE C 112 -34.66 -4.43 -5.43
C PHE C 112 -33.29 -5.01 -5.05
N GLU C 113 -32.25 -4.18 -5.04
CA GLU C 113 -30.90 -4.61 -4.62
C GLU C 113 -30.79 -4.46 -3.09
N GLU C 114 -30.28 -5.47 -2.40
CA GLU C 114 -30.20 -5.44 -0.91
C GLU C 114 -29.35 -4.27 -0.40
N GLY C 115 -29.84 -3.52 0.58
CA GLY C 115 -29.05 -2.44 1.21
C GLY C 115 -28.77 -1.23 0.34
N SER C 116 -29.55 -0.98 -0.71
CA SER C 116 -29.23 0.15 -1.62
C SER C 116 -30.42 1.11 -1.80
N LEU C 117 -30.31 2.35 -1.30
CA LEU C 117 -31.40 3.36 -1.44
C LEU C 117 -31.48 3.91 -2.88
N ALA C 118 -30.33 4.15 -3.53
CA ALA C 118 -30.33 4.59 -4.95
C ALA C 118 -31.22 3.66 -5.80
N ASN C 119 -31.10 2.34 -5.60
CA ASN C 119 -31.88 1.36 -6.42
C ASN C 119 -33.38 1.46 -6.11
N LEU C 120 -33.76 1.48 -4.83
CA LEU C 120 -35.20 1.57 -4.44
C LEU C 120 -35.82 2.81 -5.11
N THR C 121 -35.16 3.98 -5.00
CA THR C 121 -35.68 5.25 -5.55
C THR C 121 -35.70 5.22 -7.09
N ALA C 122 -34.67 4.66 -7.72
CA ALA C 122 -34.63 4.53 -9.21
C ALA C 122 -35.95 3.94 -9.74
N SER C 123 -36.54 2.99 -9.01
CA SER C 123 -37.82 2.38 -9.44
C SER C 123 -39.03 3.24 -9.03
N ILE C 124 -39.14 3.61 -7.76
CA ILE C 124 -40.37 4.33 -7.27
C ILE C 124 -40.49 5.75 -7.85
N ILE C 125 -39.39 6.51 -7.98
CA ILE C 125 -39.53 7.94 -8.41
C ILE C 125 -38.75 8.22 -9.70
N GLY C 126 -38.26 7.19 -10.39
CA GLY C 126 -37.43 7.38 -11.60
C GLY C 126 -38.00 8.34 -12.64
N ASN C 127 -39.08 7.95 -13.35
CA ASN C 127 -39.61 8.79 -14.46
C ASN C 127 -41.12 9.05 -14.35
N VAL C 128 -41.85 8.38 -13.44
CA VAL C 128 -43.35 8.50 -13.39
C VAL C 128 -43.82 9.96 -13.23
N PHE C 129 -43.08 10.81 -12.52
CA PHE C 129 -43.56 12.20 -12.24
C PHE C 129 -43.62 13.06 -13.52
N GLY C 130 -42.97 12.63 -14.62
CA GLY C 130 -42.93 13.42 -15.86
C GLY C 130 -43.89 12.92 -16.94
N PHE C 131 -44.72 11.92 -16.63
CA PHE C 131 -45.67 11.33 -17.62
C PHE C 131 -46.69 12.37 -18.08
N LYS C 132 -46.88 12.51 -19.41
CA LYS C 132 -47.83 13.51 -19.96
C LYS C 132 -49.28 13.21 -19.54
N ALA C 133 -49.65 11.94 -19.38
CA ALA C 133 -51.08 11.59 -19.11
C ALA C 133 -51.53 12.04 -17.71
N VAL C 134 -50.60 12.39 -16.82
CA VAL C 134 -51.01 12.92 -15.48
C VAL C 134 -50.63 14.40 -15.41
N SER C 135 -51.40 15.20 -14.66
CA SER C 135 -51.10 16.65 -14.53
C SER C 135 -50.35 16.93 -13.22
N ALA C 136 -50.43 16.02 -12.24
CA ALA C 136 -49.74 16.18 -10.95
C ALA C 136 -49.66 14.84 -10.21
N LEU C 137 -48.69 14.67 -9.30
CA LEU C 137 -48.48 13.36 -8.62
C LEU C 137 -47.67 13.57 -7.34
N ARG C 138 -47.99 12.81 -6.29
CA ARG C 138 -47.28 12.98 -4.99
C ARG C 138 -47.16 11.63 -4.25
N LEU C 139 -45.95 11.24 -3.85
CA LEU C 139 -45.74 10.00 -3.04
C LEU C 139 -46.03 10.36 -1.57
N GLU C 140 -47.11 9.83 -1.01
CA GLU C 140 -47.52 10.20 0.38
C GLU C 140 -46.96 9.25 1.44
N ASP C 141 -46.90 7.94 1.18
CA ASP C 141 -46.45 6.97 2.22
C ASP C 141 -45.91 5.68 1.59
N MET C 142 -45.28 4.82 2.40
CA MET C 142 -44.73 3.52 1.92
C MET C 142 -44.69 2.52 3.07
N ARG C 143 -44.85 1.23 2.78
CA ARG C 143 -44.73 0.16 3.82
C ARG C 143 -43.49 -0.67 3.47
N ILE C 144 -42.39 -0.49 4.22
CA ILE C 144 -41.12 -1.24 3.97
C ILE C 144 -41.12 -2.52 4.83
N PRO C 145 -41.10 -3.73 4.22
CA PRO C 145 -41.22 -4.98 5.00
C PRO C 145 -40.03 -5.34 5.90
N HIS C 146 -40.26 -6.19 6.90
CA HIS C 146 -39.19 -6.63 7.84
C HIS C 146 -37.99 -7.21 7.09
N SER C 147 -38.25 -8.14 6.15
CA SER C 147 -37.16 -8.79 5.36
C SER C 147 -36.22 -7.76 4.73
N TYR C 148 -36.75 -6.73 4.08
CA TYR C 148 -35.89 -5.72 3.40
C TYR C 148 -35.17 -4.85 4.45
N LEU C 149 -35.83 -4.50 5.56
CA LEU C 149 -35.22 -3.64 6.61
C LEU C 149 -33.92 -4.28 7.11
N THR C 151 -31.54 -5.66 5.67
CA THR C 151 -30.36 -5.54 4.77
C THR C 151 -29.73 -4.15 4.93
N PHE C 152 -30.26 -3.32 5.83
CA PHE C 152 -29.72 -1.94 6.04
C PHE C 152 -29.15 -1.82 7.47
N GLN C 153 -28.18 -0.93 7.68
CA GLN C 153 -27.51 -0.77 9.00
C GLN C 153 -28.43 -0.14 10.04
N GLY C 154 -29.15 0.93 9.70
CA GLY C 154 -29.92 1.67 10.72
C GLY C 154 -28.99 2.65 11.45
N ALA C 156 -26.19 4.80 13.27
CA ALA C 156 -24.84 4.35 13.71
C ALA C 156 -24.78 4.31 15.24
N THR C 157 -25.26 5.35 15.91
CA THR C 157 -25.24 5.41 17.40
C THR C 157 -26.63 5.11 17.95
N GLY C 158 -27.64 5.92 17.58
CA GLY C 158 -29.00 5.73 18.11
C GLY C 158 -29.25 6.57 19.35
N VAL C 159 -30.50 6.92 19.63
CA VAL C 159 -30.79 7.84 20.78
C VAL C 159 -30.26 7.25 22.10
N ILE C 160 -30.54 5.98 22.39
CA ILE C 160 -30.14 5.36 23.71
C ILE C 160 -28.63 5.46 23.94
N VAL C 161 -27.81 4.93 23.01
CA VAL C 161 -26.33 4.94 23.18
C VAL C 161 -25.85 6.39 23.27
N GLU C 162 -26.49 7.31 22.55
CA GLU C 162 -26.00 8.72 22.52
C GLU C 162 -26.16 9.38 23.90
N ARG C 163 -27.33 9.26 24.53
CA ARG C 163 -27.54 9.84 25.89
C ARG C 163 -26.49 9.27 26.86
N GLU C 164 -26.12 8.01 26.68
CA GLU C 164 -25.11 7.37 27.57
C GLU C 164 -23.73 8.03 27.33
N ARG C 165 -23.40 8.31 26.07
CA ARG C 165 -22.10 8.94 25.71
C ARG C 165 -22.01 10.34 26.34
N LEU C 166 -23.14 10.99 26.58
CA LEU C 166 -23.14 12.37 27.14
C LEU C 166 -23.47 12.35 28.63
N ASN C 167 -23.88 11.21 29.18
CA ASN C 167 -24.33 11.17 30.60
C ASN C 167 -25.42 12.22 30.82
N LYS C 168 -26.45 12.23 29.96
CA LYS C 168 -27.57 13.21 30.10
C LYS C 168 -28.89 12.47 29.94
N TYR C 169 -29.74 12.46 30.97
CA TYR C 169 -30.99 11.66 30.90
C TYR C 169 -32.22 12.40 31.42
N GLY C 170 -33.36 12.26 30.75
CA GLY C 170 -34.63 12.80 31.31
C GLY C 170 -34.97 14.25 30.98
N ILE C 171 -34.37 14.83 29.95
CA ILE C 171 -34.74 16.22 29.53
C ILE C 171 -34.25 16.44 28.10
N PRO C 172 -34.92 17.29 27.29
CA PRO C 172 -34.43 17.61 25.95
C PRO C 172 -32.99 18.18 25.99
N LEU C 173 -32.20 17.93 24.95
CA LEU C 173 -30.82 18.49 24.85
C LEU C 173 -30.93 19.94 24.34
N GLY C 175 -28.96 23.46 22.28
CA GLY C 175 -27.92 23.85 21.30
C GLY C 175 -28.13 25.22 20.66
N ALA C 176 -27.21 25.63 19.77
CA ALA C 176 -27.32 26.94 19.09
C ALA C 176 -26.45 26.95 17.82
N THR C 177 -26.80 27.80 16.84
CA THR C 177 -25.98 27.94 15.60
C THR C 177 -25.18 29.24 15.67
N VAL C 178 -23.92 29.23 15.19
CA VAL C 178 -23.04 30.44 15.20
C VAL C 178 -23.55 31.47 14.17
N LYS C 179 -23.61 32.74 14.56
CA LYS C 179 -24.11 33.82 13.65
C LYS C 179 -23.12 35.00 13.66
N PRO C 180 -22.94 35.78 12.57
CA PRO C 180 -23.75 35.62 11.33
C PRO C 180 -23.39 34.38 10.51
N LYS C 181 -24.23 34.03 9.53
CA LYS C 181 -24.02 32.77 8.74
C LYS C 181 -22.60 32.73 8.17
N LEU C 182 -22.12 33.82 7.55
CA LEU C 182 -20.78 33.80 6.88
C LEU C 182 -19.97 35.05 7.23
N GLY C 183 -18.64 34.98 7.13
CA GLY C 183 -17.78 36.17 7.35
C GLY C 183 -16.79 36.04 8.50
N LEU C 184 -17.02 35.15 9.48
CA LEU C 184 -16.15 35.09 10.68
C LEU C 184 -14.85 34.32 10.42
N SER C 185 -13.79 34.62 11.17
CA SER C 185 -12.50 33.87 11.07
C SER C 185 -12.54 32.67 12.03
N GLY C 186 -11.58 31.75 11.89
CA GLY C 186 -11.51 30.56 12.77
C GLY C 186 -11.38 30.94 14.24
N LYS C 187 -10.59 31.98 14.55
CA LYS C 187 -10.34 32.36 15.97
C LYS C 187 -11.62 32.95 16.58
N ASN C 188 -12.32 33.80 15.83
CA ASN C 188 -13.60 34.39 16.31
C ASN C 188 -14.66 33.30 16.45
N TYR C 189 -14.63 32.27 15.58
CA TYR C 189 -15.59 31.15 15.67
C TYR C 189 -15.40 30.41 17.00
N GLY C 190 -14.16 30.10 17.36
CA GLY C 190 -13.86 29.41 18.64
C GLY C 190 -14.32 30.21 19.84
N ARG C 191 -14.18 31.54 19.78
CA ARG C 191 -14.59 32.41 20.91
C ARG C 191 -16.09 32.22 21.19
N VAL C 192 -16.93 32.27 20.15
CA VAL C 192 -18.41 32.11 20.32
C VAL C 192 -18.71 30.74 20.94
N VAL C 193 -18.09 29.68 20.41
CA VAL C 193 -18.30 28.29 20.93
C VAL C 193 -17.96 28.27 22.43
N TYR C 194 -16.76 28.71 22.80
CA TYR C 194 -16.35 28.79 24.23
C TYR C 194 -17.45 29.50 25.06
N GLU C 195 -17.85 30.70 24.65
CA GLU C 195 -18.85 31.51 25.41
C GLU C 195 -20.18 30.73 25.56
N GLY C 196 -20.80 30.32 24.45
CA GLY C 196 -22.10 29.61 24.51
C GLY C 196 -22.07 28.39 25.42
N LEU C 197 -21.10 27.50 25.22
CA LEU C 197 -20.98 26.26 26.04
C LEU C 197 -20.84 26.65 27.51
N GLY C 199 -21.90 29.16 29.14
CA GLY C 199 -23.19 29.64 29.70
C GLY C 199 -24.16 28.51 29.98
N GLY C 200 -24.00 27.35 29.33
CA GLY C 200 -24.85 26.19 29.68
C GLY C 200 -25.44 25.43 28.51
N LEU C 201 -24.96 25.67 27.28
CA LEU C 201 -25.47 24.87 26.14
C LEU C 201 -24.77 23.51 26.09
N ASP C 202 -25.45 22.47 25.62
CA ASP C 202 -24.81 21.14 25.45
C ASP C 202 -23.98 21.16 24.16
N PHE C 203 -24.48 21.82 23.10
CA PHE C 203 -23.75 21.78 21.80
C PHE C 203 -23.92 23.08 21.00
N LEU C 204 -22.97 23.38 20.10
CA LEU C 204 -23.15 24.49 19.13
C LEU C 204 -22.91 23.88 17.75
N ASP C 206 -21.90 24.56 13.21
CA ASP C 206 -21.58 25.45 12.07
C ASP C 206 -22.85 25.61 11.23
N ASP C 207 -23.00 26.73 10.52
CA ASP C 207 -24.17 26.89 9.61
C ASP C 207 -24.03 25.88 8.45
N GLU C 208 -25.14 25.51 7.81
CA GLU C 208 -25.11 24.53 6.69
C GLU C 208 -24.19 25.04 5.57
N ASN C 209 -24.03 26.35 5.41
CA ASN C 209 -23.24 26.88 4.26
C ASN C 209 -21.79 27.17 4.67
N ILE C 210 -21.36 26.79 5.87
CA ILE C 210 -19.94 26.95 6.30
C ILE C 210 -19.16 25.68 5.93
N ASN C 211 -18.18 25.80 5.03
CA ASN C 211 -17.34 24.63 4.64
C ASN C 211 -15.86 25.08 4.66
N SER C 212 -15.31 25.48 3.51
CA SER C 212 -13.93 26.04 3.44
C SER C 212 -13.94 27.19 2.44
N GLN C 213 -13.85 28.44 2.92
CA GLN C 213 -13.97 29.61 2.00
C GLN C 213 -12.79 30.57 2.20
N PRO C 214 -12.60 31.62 1.34
CA PRO C 214 -11.45 32.52 1.47
C PRO C 214 -11.35 33.18 2.86
N PHE C 215 -12.49 33.51 3.48
CA PHE C 215 -12.48 34.20 4.80
C PHE C 215 -12.12 33.23 5.94
N MET C 216 -12.14 31.91 5.70
CA MET C 216 -11.84 30.92 6.77
C MET C 216 -11.65 29.52 6.17
N ARG C 217 -10.44 28.94 6.32
CA ARG C 217 -10.17 27.56 5.80
C ARG C 217 -10.55 26.55 6.89
N TRP C 218 -11.01 25.36 6.53
CA TRP C 218 -11.56 24.39 7.52
C TRP C 218 -10.57 23.98 8.62
N ARG C 219 -9.32 23.65 8.28
CA ARG C 219 -8.36 23.15 9.32
C ARG C 219 -8.23 24.16 10.47
N GLU C 220 -8.23 25.45 10.16
CA GLU C 220 -8.14 26.51 11.22
C GLU C 220 -9.35 26.41 12.15
N ARG C 221 -10.56 26.29 11.59
CA ARG C 221 -11.79 26.25 12.41
C ARG C 221 -11.76 25.03 13.35
N PHE C 222 -11.41 23.86 12.82
CA PHE C 222 -11.45 22.62 13.64
C PHE C 222 -10.51 22.73 14.85
N LEU C 223 -9.31 23.29 14.64
CA LEU C 223 -8.32 23.42 15.75
C LEU C 223 -8.85 24.35 16.85
N TYR C 224 -9.29 25.56 16.50
CA TYR C 224 -9.74 26.53 17.54
C TYR C 224 -10.97 25.97 18.28
N CYS C 225 -11.85 25.25 17.59
CA CYS C 225 -13.10 24.76 18.23
C CYS C 225 -12.77 23.75 19.34
N MET C 226 -11.77 22.89 19.14
CA MET C 226 -11.41 21.87 20.17
C MET C 226 -10.83 22.57 21.41
N GLU C 227 -10.12 23.69 21.23
CA GLU C 227 -9.62 24.46 22.40
C GLU C 227 -10.82 25.04 23.18
N GLY C 228 -11.83 25.58 22.49
CA GLY C 228 -13.03 26.14 23.16
C GLY C 228 -13.84 25.07 23.89
N ILE C 229 -13.97 23.88 23.31
CA ILE C 229 -14.75 22.77 23.93
C ILE C 229 -14.06 22.31 25.21
N ASN C 230 -12.75 22.05 25.17
CA ASN C 230 -12.00 21.55 26.36
C ASN C 230 -12.05 22.60 27.48
N ARG C 231 -11.82 23.88 27.14
CA ARG C 231 -11.91 24.98 28.14
C ARG C 231 -13.27 24.94 28.83
N ALA C 232 -14.37 24.88 28.06
CA ALA C 232 -15.73 24.92 28.67
C ALA C 232 -15.97 23.67 29.53
N SER C 233 -15.56 22.49 29.04
CA SER C 233 -15.83 21.24 29.79
C SER C 233 -15.08 21.27 31.14
N ALA C 234 -13.84 21.78 31.14
CA ALA C 234 -13.03 21.82 32.37
C ALA C 234 -13.62 22.83 33.36
N ALA C 235 -14.36 23.84 32.87
CA ALA C 235 -14.89 24.90 33.75
C ALA C 235 -16.26 24.54 34.32
N THR C 236 -16.89 23.47 33.81
CA THR C 236 -18.28 23.15 34.25
C THR C 236 -18.37 21.73 34.81
N GLY C 237 -17.50 20.82 34.35
CA GLY C 237 -17.53 19.41 34.81
C GLY C 237 -18.46 18.56 33.97
N GLU C 238 -18.82 19.03 32.76
CA GLU C 238 -19.78 18.31 31.89
C GLU C 238 -19.12 17.94 30.56
N THR C 239 -19.68 16.94 29.86
CA THR C 239 -19.19 16.60 28.49
C THR C 239 -19.84 17.59 27.51
N LYS C 240 -19.06 18.21 26.62
CA LYS C 240 -19.58 19.23 25.66
C LYS C 240 -19.17 18.86 24.23
N GLY C 241 -19.68 19.59 23.22
CA GLY C 241 -19.24 19.35 21.83
C GLY C 241 -19.77 20.34 20.81
N SER C 242 -19.23 20.31 19.59
CA SER C 242 -19.73 21.18 18.49
C SER C 242 -19.78 20.37 17.19
N TYR C 243 -20.83 20.56 16.38
CA TYR C 243 -20.98 19.82 15.10
C TYR C 243 -20.00 20.38 14.06
N LEU C 244 -18.93 19.65 13.75
CA LEU C 244 -18.00 20.10 12.67
C LEU C 244 -18.57 19.71 11.31
N ASN C 245 -18.62 20.64 10.34
CA ASN C 245 -19.22 20.36 9.01
C ASN C 245 -18.19 19.74 8.06
N ILE C 246 -18.45 18.53 7.57
CA ILE C 246 -17.48 17.81 6.69
C ILE C 246 -18.01 17.79 5.25
N THR C 247 -19.12 18.48 4.96
CA THR C 247 -19.67 18.55 3.58
C THR C 247 -18.57 19.04 2.62
N ALA C 248 -18.42 18.37 1.47
CA ALA C 248 -17.41 18.82 0.47
C ALA C 248 -17.84 18.46 -0.96
N GLY C 249 -17.03 18.82 -1.96
CA GLY C 249 -17.40 18.60 -3.38
C GLY C 249 -17.14 17.18 -3.88
N THR C 250 -16.18 16.47 -3.28
CA THR C 250 -15.84 15.08 -3.71
C THR C 250 -15.74 14.15 -2.50
N MET C 251 -15.99 12.86 -2.71
CA MET C 251 -15.95 11.86 -1.59
C MET C 251 -14.57 11.88 -0.92
N GLU C 252 -13.49 11.97 -1.70
CA GLU C 252 -12.11 11.94 -1.12
C GLU C 252 -11.95 13.08 -0.09
N GLU C 253 -12.41 14.27 -0.44
CA GLU C 253 -12.29 15.46 0.47
C GLU C 253 -13.18 15.26 1.70
N VAL C 254 -14.35 14.65 1.53
CA VAL C 254 -15.23 14.36 2.71
C VAL C 254 -14.45 13.49 3.70
N TYR C 255 -13.91 12.36 3.23
CA TYR C 255 -13.15 11.43 4.12
C TYR C 255 -11.99 12.14 4.81
N LYS C 256 -11.26 12.99 4.06
CA LYS C 256 -10.09 13.72 4.64
C LYS C 256 -10.54 14.55 5.84
N ARG C 257 -11.71 15.20 5.74
CA ARG C 257 -12.22 16.07 6.84
C ARG C 257 -12.76 15.22 8.00
N ALA C 258 -13.36 14.05 7.72
CA ALA C 258 -13.85 13.14 8.79
C ALA C 258 -12.68 12.59 9.59
N GLU C 259 -11.59 12.17 8.93
CA GLU C 259 -10.41 11.58 9.63
C GLU C 259 -9.70 12.62 10.50
N TYR C 260 -9.69 13.88 10.07
CA TYR C 260 -9.08 14.98 10.87
C TYR C 260 -9.88 15.20 12.16
N ALA C 261 -11.20 15.36 12.06
CA ALA C 261 -12.05 15.60 13.26
C ALA C 261 -11.89 14.46 14.28
N LYS C 262 -11.81 13.22 13.81
CA LYS C 262 -11.62 12.06 14.72
C LYS C 262 -10.26 12.21 15.41
N THR C 263 -9.21 12.55 14.65
CA THR C 263 -7.84 12.67 15.21
C THR C 263 -7.81 13.67 16.38
N VAL C 264 -8.49 14.81 16.25
CA VAL C 264 -8.47 15.87 17.32
C VAL C 264 -9.46 15.52 18.44
N GLY C 265 -10.24 14.44 18.31
CA GLY C 265 -11.11 13.99 19.42
C GLY C 265 -12.52 14.56 19.43
N SER C 266 -13.08 14.88 18.26
CA SER C 266 -14.49 15.37 18.20
C SER C 266 -15.46 14.23 18.52
N ILE C 267 -16.52 14.51 19.28
CA ILE C 267 -17.54 13.47 19.60
C ILE C 267 -18.62 13.45 18.50
N VAL C 268 -18.63 14.44 17.59
CA VAL C 268 -19.74 14.53 16.60
C VAL C 268 -19.32 15.29 15.33
N VAL C 269 -20.02 15.04 14.20
CA VAL C 269 -19.77 15.79 12.94
C VAL C 269 -21.13 15.97 12.22
N MET C 270 -21.20 16.82 11.19
CA MET C 270 -22.50 17.08 10.52
C MET C 270 -22.36 17.02 9.00
N ILE C 271 -23.45 16.68 8.29
CA ILE C 271 -23.46 16.63 6.80
C ILE C 271 -24.74 17.29 6.29
N ASP C 272 -24.75 17.68 5.00
CA ASP C 272 -25.94 18.34 4.39
C ASP C 272 -26.64 17.39 3.41
N LEU C 273 -27.96 17.55 3.24
CA LEU C 273 -28.74 16.67 2.33
C LEU C 273 -28.34 16.87 0.86
N VAL C 274 -27.83 18.06 0.48
CA VAL C 274 -27.47 18.36 -0.94
C VAL C 274 -26.34 17.43 -1.42
N MET C 275 -25.66 16.73 -0.51
CA MET C 275 -24.54 15.82 -0.89
C MET C 275 -25.07 14.66 -1.74
N GLY C 276 -26.18 14.03 -1.34
CA GLY C 276 -26.76 12.93 -2.13
C GLY C 276 -26.86 11.60 -1.38
N TYR C 277 -27.77 10.72 -1.80
CA TYR C 277 -28.02 9.43 -1.09
C TYR C 277 -26.75 8.59 -0.94
N THR C 278 -25.98 8.39 -2.01
CA THR C 278 -24.82 7.47 -1.93
C THR C 278 -23.72 8.03 -1.00
N ALA C 279 -23.44 9.33 -1.10
CA ALA C 279 -22.45 9.94 -0.16
C ALA C 279 -22.95 9.78 1.28
N ILE C 280 -24.26 9.97 1.51
CA ILE C 280 -24.84 9.84 2.88
C ILE C 280 -24.64 8.41 3.41
N GLN C 281 -25.00 7.41 2.60
CA GLN C 281 -24.84 5.98 3.03
C GLN C 281 -23.38 5.72 3.43
N SER C 282 -22.41 6.14 2.59
CA SER C 282 -20.97 5.92 2.89
C SER C 282 -20.60 6.56 4.23
N ALA C 283 -21.08 7.78 4.50
CA ALA C 283 -20.74 8.50 5.76
C ALA C 283 -21.31 7.75 6.98
N ALA C 284 -22.52 7.20 6.87
CA ALA C 284 -23.15 6.50 8.02
C ALA C 284 -22.39 5.20 8.35
N ILE C 285 -21.84 4.54 7.32
CA ILE C 285 -21.03 3.31 7.57
C ILE C 285 -19.72 3.71 8.26
N TRP C 286 -19.09 4.80 7.81
CA TRP C 286 -17.83 5.31 8.44
C TRP C 286 -18.04 5.64 9.93
N ALA C 287 -19.13 6.36 10.26
CA ALA C 287 -19.37 6.80 11.67
C ALA C 287 -19.46 5.59 12.61
N ARG C 288 -20.18 4.54 12.19
CA ARG C 288 -20.31 3.30 13.00
C ARG C 288 -18.93 2.66 13.20
N ASP C 289 -18.08 2.66 12.18
CA ASP C 289 -16.77 1.98 12.28
C ASP C 289 -15.76 2.85 13.04
N ASN C 290 -16.10 4.12 13.33
CA ASN C 290 -15.12 5.04 13.98
C ASN C 290 -15.66 5.69 15.26
N ASP C 291 -16.80 5.21 15.78
CA ASP C 291 -17.38 5.74 17.06
C ASP C 291 -17.61 7.27 17.00
N LEU C 292 -18.26 7.79 15.96
CA LEU C 292 -18.62 9.24 15.92
C LEU C 292 -20.14 9.40 15.82
N ILE C 293 -20.71 10.52 16.30
CA ILE C 293 -22.19 10.77 16.12
C ILE C 293 -22.39 11.52 14.80
N LEU C 294 -23.45 11.22 14.04
CA LEU C 294 -23.65 11.83 12.70
C LEU C 294 -24.93 12.68 12.64
N HIS C 295 -24.79 13.99 12.41
CA HIS C 295 -25.96 14.91 12.34
C HIS C 295 -26.29 15.23 10.88
N LEU C 296 -27.58 15.20 10.52
CA LEU C 296 -27.99 15.46 9.11
C LEU C 296 -28.78 16.77 8.98
N HIS C 297 -28.27 17.74 8.21
CA HIS C 297 -29.05 18.98 7.92
C HIS C 297 -29.85 18.70 6.64
N ARG C 298 -31.12 19.12 6.58
CA ARG C 298 -31.98 18.76 5.41
C ARG C 298 -32.02 19.86 4.32
N ALA C 299 -30.88 20.44 3.98
CA ALA C 299 -30.82 21.50 2.92
C ALA C 299 -31.43 21.00 1.60
N GLY C 300 -32.42 21.74 1.06
CA GLY C 300 -33.00 21.40 -0.26
C GLY C 300 -34.33 20.65 -0.18
N ASN C 301 -34.69 20.08 0.97
CA ASN C 301 -35.92 19.24 1.10
C ASN C 301 -37.18 19.98 0.66
N SER C 302 -37.31 21.27 0.97
CA SER C 302 -38.57 22.02 0.68
C SER C 302 -38.76 22.32 -0.82
N THR C 303 -37.79 21.99 -1.68
CA THR C 303 -37.99 22.16 -3.15
C THR C 303 -39.07 21.19 -3.64
N TYR C 304 -39.26 20.06 -2.94
CA TYR C 304 -40.24 19.03 -3.40
C TYR C 304 -41.20 18.60 -2.29
N ALA C 305 -40.99 19.03 -1.04
CA ALA C 305 -41.85 18.52 0.08
C ALA C 305 -42.82 19.58 0.61
N ARG C 306 -42.97 20.73 -0.06
CA ARG C 306 -43.81 21.84 0.48
C ARG C 306 -45.26 21.78 -0.01
N GLN C 307 -45.49 21.47 -1.29
CA GLN C 307 -46.88 21.55 -1.85
C GLN C 307 -47.64 20.23 -1.70
N LYS C 308 -48.96 20.29 -1.49
CA LYS C 308 -49.79 19.07 -1.29
C LYS C 308 -50.12 18.37 -2.61
N ASN C 309 -50.05 19.07 -3.76
CA ASN C 309 -50.48 18.47 -5.05
C ASN C 309 -49.36 17.70 -5.77
N HIS C 310 -48.09 18.00 -5.51
CA HIS C 310 -46.99 17.35 -6.28
C HIS C 310 -45.70 17.21 -5.44
N GLY C 311 -44.96 16.10 -5.61
CA GLY C 311 -43.67 15.95 -4.92
C GLY C 311 -43.61 14.74 -3.99
N ILE C 312 -42.80 14.81 -2.93
CA ILE C 312 -42.69 13.71 -1.92
C ILE C 312 -42.96 14.26 -0.52
N ASN C 313 -43.83 13.60 0.26
CA ASN C 313 -44.10 14.03 1.67
C ASN C 313 -42.88 13.76 2.54
N PHE C 314 -42.59 14.64 3.51
CA PHE C 314 -41.38 14.51 4.36
C PHE C 314 -41.38 13.17 5.14
N ARG C 315 -42.55 12.65 5.50
CA ARG C 315 -42.60 11.41 6.33
C ARG C 315 -41.90 10.26 5.59
N VAL C 316 -41.93 10.26 4.25
CA VAL C 316 -41.20 9.23 3.45
C VAL C 316 -39.69 9.46 3.60
N ILE C 317 -39.24 10.71 3.42
CA ILE C 317 -37.80 11.03 3.61
C ILE C 317 -37.36 10.56 5.00
N CYS C 318 -38.19 10.78 6.02
CA CYS C 318 -37.87 10.33 7.41
C CYS C 318 -37.52 8.84 7.40
N LYS C 319 -38.37 8.00 6.80
CA LYS C 319 -38.14 6.53 6.76
C LYS C 319 -36.82 6.21 6.04
N TRP C 320 -36.59 6.78 4.86
CA TRP C 320 -35.35 6.49 4.07
C TRP C 320 -34.11 6.84 4.89
N MET C 321 -34.11 7.98 5.56
CA MET C 321 -32.91 8.44 6.32
C MET C 321 -32.70 7.57 7.57
N ARG C 322 -33.78 7.15 8.24
CA ARG C 322 -33.63 6.23 9.39
C ARG C 322 -33.02 4.90 8.89
N MET C 323 -33.37 4.48 7.67
CA MET C 323 -32.79 3.25 7.07
C MET C 323 -31.29 3.43 6.78
N CYS C 324 -30.91 4.58 6.22
CA CYS C 324 -29.48 4.85 5.89
C CYS C 324 -28.63 4.81 7.16
N GLY C 325 -29.13 5.38 8.26
CA GLY C 325 -28.41 5.28 9.53
C GLY C 325 -27.89 6.61 10.06
N VAL C 326 -28.59 7.72 9.82
CA VAL C 326 -28.16 9.01 10.46
C VAL C 326 -28.60 9.02 11.93
N ASP C 327 -27.93 9.80 12.78
CA ASP C 327 -28.24 9.83 14.25
C ASP C 327 -29.22 10.97 14.60
N HIS C 328 -29.11 12.13 13.94
CA HIS C 328 -30.05 13.26 14.16
C HIS C 328 -30.64 13.72 12.82
N ILE C 329 -31.81 14.38 12.84
CA ILE C 329 -32.40 14.97 11.59
C ILE C 329 -33.35 16.11 11.96
N HIS C 330 -33.27 17.25 11.26
CA HIS C 330 -34.22 18.38 11.48
C HIS C 330 -35.65 17.92 11.14
N ALA C 331 -36.64 18.24 12.00
CA ALA C 331 -38.03 17.74 11.78
C ALA C 331 -39.12 18.80 12.01
N GLY C 332 -38.79 20.01 12.48
CA GLY C 332 -39.84 21.06 12.59
C GLY C 332 -40.07 21.61 13.99
N THR C 333 -40.69 22.79 14.10
CA THR C 333 -40.88 23.46 15.43
C THR C 333 -42.35 23.81 15.69
N VAL C 334 -43.20 23.87 14.66
CA VAL C 334 -44.64 24.28 14.80
C VAL C 334 -44.76 25.81 15.00
N VAL C 335 -44.09 26.38 16.01
CA VAL C 335 -44.30 27.83 16.33
C VAL C 335 -43.17 28.73 15.79
N GLY C 336 -42.19 28.16 15.07
CA GLY C 336 -41.05 28.95 14.57
C GLY C 336 -41.35 29.71 13.28
N LYS C 337 -40.30 30.00 12.49
CA LYS C 337 -40.47 30.80 11.24
C LYS C 337 -40.56 29.91 9.99
N LEU C 338 -40.32 28.59 10.11
CA LEU C 338 -40.42 27.67 8.94
C LEU C 338 -41.76 26.90 8.98
N GLU C 339 -42.18 26.30 7.85
CA GLU C 339 -43.51 25.62 7.74
C GLU C 339 -43.62 24.41 8.69
N GLY C 340 -44.82 24.15 9.21
CA GLY C 340 -45.05 22.98 10.08
C GLY C 340 -46.43 22.90 10.68
N ASP C 341 -47.28 21.98 10.19
CA ASP C 341 -48.63 21.77 10.79
C ASP C 341 -48.49 20.84 12.00
N PRO C 342 -49.10 21.12 13.17
CA PRO C 342 -48.89 20.29 14.37
C PRO C 342 -49.23 18.80 14.19
N LEU C 343 -50.30 18.49 13.45
CA LEU C 343 -50.71 17.07 13.26
C LEU C 343 -49.67 16.35 12.40
N MET C 344 -49.28 16.95 11.27
CA MET C 344 -48.25 16.33 10.39
C MET C 344 -46.92 16.17 11.15
N ILE C 345 -46.52 17.18 11.92
CA ILE C 345 -45.22 17.13 12.66
C ILE C 345 -45.22 15.97 13.66
N GLY C 347 -46.79 13.25 13.39
CA GLY C 347 -46.54 12.05 12.56
C GLY C 347 -45.05 11.84 12.31
N PHE C 348 -44.33 12.89 11.90
CA PHE C 348 -42.86 12.78 11.65
C PHE C 348 -42.15 12.25 12.89
N TYR C 349 -42.37 12.84 14.06
CA TYR C 349 -41.66 12.44 15.31
C TYR C 349 -41.89 10.94 15.58
N ASP C 350 -43.13 10.48 15.41
CA ASP C 350 -43.47 9.05 15.66
C ASP C 350 -42.70 8.13 14.71
N THR C 351 -42.66 8.47 13.41
CA THR C 351 -41.90 7.66 12.42
C THR C 351 -40.43 7.52 12.85
N LEU C 352 -39.88 8.54 13.51
CA LEU C 352 -38.42 8.51 13.85
C LEU C 352 -38.14 7.86 15.22
N LEU C 353 -39.11 7.80 16.14
CA LEU C 353 -38.79 7.33 17.52
C LEU C 353 -39.48 6.01 17.93
N LEU C 354 -40.55 5.59 17.25
CA LEU C 354 -41.30 4.39 17.74
C LEU C 354 -40.69 3.06 17.28
N THR C 355 -41.07 1.95 17.95
CA THR C 355 -40.60 0.59 17.56
C THR C 355 -41.61 0.00 16.57
N HIS C 356 -42.80 0.60 16.47
CA HIS C 356 -43.85 0.09 15.55
C HIS C 356 -44.86 1.20 15.24
N LEU C 357 -45.45 1.19 14.04
CA LEU C 357 -46.43 2.24 13.64
C LEU C 357 -47.81 1.60 13.39
N ASN C 358 -48.88 2.23 13.88
CA ASN C 358 -50.26 1.74 13.63
C ASN C 358 -51.00 2.78 12.77
N VAL C 359 -52.02 2.38 12.01
CA VAL C 359 -52.71 3.34 11.08
C VAL C 359 -53.28 4.52 11.88
N ASN C 360 -53.08 5.76 11.40
CA ASN C 360 -53.60 6.98 12.07
C ASN C 360 -53.83 8.05 11.00
N LEU C 361 -54.99 8.02 10.35
CA LEU C 361 -55.27 8.95 9.21
C LEU C 361 -55.08 10.42 9.60
N PRO C 362 -55.72 10.99 10.66
CA PRO C 362 -55.54 12.40 10.97
C PRO C 362 -54.07 12.84 11.10
N TYR C 363 -53.16 11.88 11.37
CA TYR C 363 -51.71 12.18 11.51
C TYR C 363 -50.97 11.89 10.21
N GLY C 364 -51.66 11.35 9.20
CA GLY C 364 -51.03 11.01 7.91
C GLY C 364 -50.37 9.64 7.92
N ILE C 365 -50.69 8.78 8.91
CA ILE C 365 -50.13 7.40 8.95
C ILE C 365 -51.08 6.46 8.19
N PHE C 366 -50.67 5.97 7.01
CA PHE C 366 -51.57 5.14 6.17
C PHE C 366 -51.26 3.64 6.29
N PHE C 367 -50.04 3.27 6.69
CA PHE C 367 -49.65 1.84 6.73
C PHE C 367 -49.16 1.42 8.12
N GLU C 368 -49.58 0.25 8.60
CA GLU C 368 -49.01 -0.27 9.86
C GLU C 368 -47.62 -0.81 9.50
N MET C 369 -46.63 -0.70 10.39
CA MET C 369 -45.25 -1.10 10.01
C MET C 369 -44.35 -1.27 11.26
N THR C 370 -43.60 -2.37 11.34
CA THR C 370 -42.64 -2.57 12.46
C THR C 370 -41.24 -2.14 12.01
N TRP C 371 -40.37 -1.76 12.96
CA TRP C 371 -39.01 -1.29 12.61
C TRP C 371 -37.96 -2.41 12.77
N ALA C 372 -38.39 -3.65 12.98
CA ALA C 372 -37.45 -4.79 13.04
C ALA C 372 -36.22 -4.47 13.91
N SER C 373 -36.40 -3.84 15.07
CA SER C 373 -35.29 -3.54 16.03
C SER C 373 -34.24 -2.58 15.45
N LEU C 374 -34.61 -1.73 14.49
CA LEU C 374 -33.65 -0.69 14.02
C LEU C 374 -33.58 0.40 15.10
N ARG C 375 -32.39 0.96 15.36
CA ARG C 375 -32.22 2.00 16.42
C ARG C 375 -33.06 3.24 16.12
N LYS C 376 -33.30 4.09 17.14
CA LYS C 376 -34.13 5.31 16.97
C LYS C 376 -33.30 6.51 16.49
N CYS C 377 -33.92 7.39 15.69
CA CYS C 377 -33.23 8.62 15.20
C CYS C 377 -33.74 9.84 16.00
N MET C 378 -32.83 10.72 16.44
CA MET C 378 -33.21 11.87 17.30
C MET C 378 -33.70 13.07 16.46
N PRO C 379 -34.93 13.60 16.67
CA PRO C 379 -35.41 14.78 15.95
C PRO C 379 -34.74 16.09 16.44
N VAL C 380 -34.63 17.08 15.55
CA VAL C 380 -34.01 18.39 15.93
C VAL C 380 -34.99 19.52 15.59
N ALA C 381 -35.23 20.43 16.53
CA ALA C 381 -36.18 21.55 16.33
C ALA C 381 -35.40 22.87 16.24
N SER C 382 -35.52 23.61 15.13
CA SER C 382 -34.72 24.84 14.91
C SER C 382 -35.45 25.82 13.97
N GLY C 383 -35.28 27.14 14.18
CA GLY C 383 -35.87 28.14 13.26
C GLY C 383 -36.73 29.21 13.95
N GLY C 384 -36.14 30.34 14.33
CA GLY C 384 -36.90 31.46 14.93
C GLY C 384 -37.74 31.07 16.14
N ILE C 385 -37.11 30.52 17.18
CA ILE C 385 -37.84 30.18 18.45
C ILE C 385 -37.14 30.87 19.64
N HIS C 386 -37.87 31.15 20.72
CA HIS C 386 -37.27 31.89 21.86
C HIS C 386 -37.78 31.37 23.23
N CYS C 387 -37.02 31.62 24.31
CA CYS C 387 -37.36 31.08 25.66
C CYS C 387 -38.77 31.49 26.11
N GLY C 388 -39.31 32.57 25.55
CA GLY C 388 -40.70 32.98 25.87
C GLY C 388 -41.74 31.95 25.41
N GLN C 389 -41.33 30.98 24.58
CA GLN C 389 -42.29 29.96 24.04
C GLN C 389 -42.02 28.58 24.67
N MET C 390 -41.26 28.52 25.77
CA MET C 390 -40.88 27.21 26.37
C MET C 390 -42.11 26.32 26.61
N HIS C 391 -43.20 26.85 27.19
CA HIS C 391 -44.38 26.01 27.51
C HIS C 391 -44.91 25.28 26.27
N GLN C 392 -44.94 25.95 25.11
CA GLN C 392 -45.45 25.33 23.85
C GLN C 392 -44.47 24.25 23.35
N LEU C 393 -43.16 24.54 23.36
CA LEU C 393 -42.15 23.56 22.88
C LEU C 393 -42.25 22.23 23.65
N VAL C 394 -42.33 22.28 24.98
CA VAL C 394 -42.43 21.05 25.82
C VAL C 394 -43.70 20.27 25.43
N HIS C 395 -44.81 20.97 25.19
CA HIS C 395 -46.11 20.29 24.93
C HIS C 395 -46.17 19.65 23.53
N TYR C 396 -45.60 20.29 22.50
CA TYR C 396 -45.73 19.75 21.12
C TYR C 396 -44.58 18.82 20.74
N LEU C 397 -43.35 19.08 21.21
CA LEU C 397 -42.17 18.31 20.69
C LEU C 397 -41.78 17.11 21.56
N GLY C 398 -42.09 17.09 22.86
CA GLY C 398 -41.81 15.90 23.67
C GLY C 398 -40.50 15.99 24.45
N ASP C 399 -39.86 14.85 24.75
CA ASP C 399 -38.64 14.86 25.61
C ASP C 399 -37.40 14.37 24.86
N ASP C 400 -37.56 13.55 23.82
CA ASP C 400 -36.40 13.12 22.99
C ASP C 400 -36.28 14.09 21.81
N VAL C 401 -35.55 15.20 22.01
CA VAL C 401 -35.42 16.22 20.93
C VAL C 401 -34.26 17.17 21.25
N VAL C 402 -33.65 17.77 20.23
CA VAL C 402 -32.62 18.82 20.45
C VAL C 402 -33.25 20.17 20.12
N LEU C 403 -33.40 21.04 21.12
CA LEU C 403 -33.94 22.41 20.88
C LEU C 403 -32.77 23.35 20.57
N GLN C 404 -32.76 24.00 19.41
CA GLN C 404 -31.60 24.85 19.00
C GLN C 404 -31.98 26.34 18.94
N PHE C 405 -31.18 27.22 19.56
CA PHE C 405 -31.48 28.69 19.58
C PHE C 405 -30.30 29.52 19.05
N GLY C 406 -30.36 29.96 17.79
CA GLY C 406 -29.28 30.78 17.19
C GLY C 406 -29.42 32.26 17.52
N GLY C 407 -30.31 32.98 16.83
CA GLY C 407 -30.57 34.39 17.19
C GLY C 407 -31.12 34.51 18.60
N GLY C 408 -31.82 33.47 19.08
CA GLY C 408 -32.40 33.48 20.44
C GLY C 408 -31.35 33.42 21.54
N THR C 409 -30.08 33.23 21.17
CA THR C 409 -28.98 33.19 22.18
C THR C 409 -27.98 34.32 21.92
N ILE C 410 -27.43 34.39 20.70
CA ILE C 410 -26.39 35.42 20.36
C ILE C 410 -27.02 36.82 20.39
N GLY C 411 -28.32 36.93 20.15
CA GLY C 411 -28.99 38.24 20.09
C GLY C 411 -29.33 38.85 21.45
N HIS C 412 -28.86 38.23 22.54
CA HIS C 412 -29.11 38.76 23.92
C HIS C 412 -28.31 40.05 24.14
N PRO C 413 -28.90 41.12 24.72
CA PRO C 413 -28.19 42.40 24.91
C PRO C 413 -27.01 42.33 25.91
N ASP C 414 -27.03 41.36 26.84
CA ASP C 414 -25.96 41.30 27.88
C ASP C 414 -24.85 40.29 27.52
N GLY C 415 -24.80 39.79 26.28
CA GLY C 415 -23.70 38.90 25.88
C GLY C 415 -24.14 37.49 25.59
N ILE C 416 -23.25 36.66 25.03
CA ILE C 416 -23.62 35.28 24.63
C ILE C 416 -23.80 34.39 25.88
N GLN C 417 -22.91 34.51 26.85
CA GLN C 417 -23.00 33.68 28.09
C GLN C 417 -24.36 33.94 28.76
N ALA C 418 -24.78 35.20 28.85
CA ALA C 418 -26.09 35.54 29.46
C ALA C 418 -27.22 34.86 28.67
N GLY C 419 -27.21 34.99 27.34
CA GLY C 419 -28.23 34.33 26.49
C GLY C 419 -28.34 32.84 26.79
N ALA C 420 -27.21 32.13 26.86
CA ALA C 420 -27.22 30.66 27.09
C ALA C 420 -27.89 30.36 28.45
N THR C 421 -27.54 31.12 29.50
CA THR C 421 -28.11 30.89 30.84
C THR C 421 -29.63 31.03 30.82
N ALA C 422 -30.15 32.09 30.19
CA ALA C 422 -31.61 32.33 30.18
C ALA C 422 -32.34 31.11 29.57
N ASN C 423 -31.77 30.52 28.53
CA ASN C 423 -32.44 29.37 27.84
C ASN C 423 -32.47 28.14 28.77
N ARG C 424 -31.35 27.80 29.42
CA ARG C 424 -31.29 26.59 30.28
C ARG C 424 -32.23 26.73 31.48
N VAL C 425 -32.15 27.84 32.21
CA VAL C 425 -33.06 28.07 33.38
C VAL C 425 -34.52 27.88 32.95
N ALA C 426 -34.94 28.56 31.88
CA ALA C 426 -36.35 28.48 31.41
C ALA C 426 -36.76 27.00 31.29
N LEU C 427 -35.94 26.21 30.59
CA LEU C 427 -36.25 24.76 30.39
C LEU C 427 -36.37 24.04 31.74
N GLU C 428 -35.34 24.11 32.59
CA GLU C 428 -35.33 23.37 33.89
C GLU C 428 -36.62 23.66 34.69
N ALA C 429 -37.00 24.93 34.81
CA ALA C 429 -38.21 25.30 35.60
C ALA C 429 -39.46 24.67 34.99
N MET C 430 -39.59 24.68 33.66
CA MET C 430 -40.81 24.14 32.99
C MET C 430 -40.95 22.64 33.23
N ILE C 431 -39.86 21.87 33.06
CA ILE C 431 -39.88 20.39 33.27
C ILE C 431 -40.24 20.08 34.72
N LEU C 432 -39.55 20.70 35.68
CA LEU C 432 -39.89 20.51 37.12
C LEU C 432 -41.40 20.70 37.32
N ALA C 433 -41.94 21.84 36.88
CA ALA C 433 -43.38 22.14 37.05
C ALA C 433 -44.22 21.03 36.40
N ARG C 434 -43.88 20.64 35.18
CA ARG C 434 -44.62 19.55 34.49
C ARG C 434 -44.65 18.30 35.37
N ASN C 435 -43.48 17.86 35.85
CA ASN C 435 -43.40 16.60 36.65
C ASN C 435 -44.23 16.69 37.93
N GLU C 436 -44.53 17.91 38.39
CA GLU C 436 -45.34 18.09 39.64
C GLU C 436 -46.84 18.10 39.31
N GLY C 437 -47.20 17.97 38.03
CA GLY C 437 -48.62 17.89 37.63
C GLY C 437 -49.29 19.26 37.52
N ALA C 438 -48.73 20.17 36.72
CA ALA C 438 -49.37 21.48 36.49
C ALA C 438 -49.86 21.57 35.05
N ASP C 439 -50.79 22.50 34.76
CA ASP C 439 -51.31 22.69 33.38
C ASP C 439 -50.45 23.74 32.66
N TYR C 440 -49.16 23.44 32.46
CA TYR C 440 -48.22 24.42 31.87
C TYR C 440 -48.61 24.88 30.46
N PHE C 441 -49.50 24.16 29.78
CA PHE C 441 -49.81 24.54 28.38
C PHE C 441 -50.87 25.66 28.37
N ASN C 442 -51.65 25.77 29.44
CA ASN C 442 -52.68 26.86 29.53
C ASN C 442 -52.04 28.21 29.19
N SER C 443 -52.77 29.07 28.49
CA SER C 443 -52.20 30.37 28.03
C SER C 443 -51.83 31.26 29.21
N ASP C 444 -52.22 30.89 30.43
CA ASP C 444 -51.95 31.76 31.61
C ASP C 444 -50.92 31.09 32.53
N ILE C 445 -51.09 29.80 32.83
CA ILE C 445 -50.16 29.06 33.73
C ILE C 445 -48.74 29.07 33.13
N GLY C 446 -48.60 28.61 31.88
CA GLY C 446 -47.26 28.57 31.23
C GLY C 446 -46.48 29.85 31.44
N PRO C 447 -46.91 31.03 30.94
CA PRO C 447 -46.11 32.25 31.05
C PRO C 447 -45.79 32.62 32.51
N GLN C 448 -46.77 32.48 33.41
CA GLN C 448 -46.56 32.79 34.84
C GLN C 448 -45.39 31.96 35.39
N ILE C 449 -45.36 30.66 35.08
CA ILE C 449 -44.23 29.79 35.52
C ILE C 449 -42.90 30.45 35.13
N LEU C 450 -42.76 30.88 33.87
CA LEU C 450 -41.51 31.51 33.39
C LEU C 450 -41.28 32.82 34.16
N ARG C 451 -42.34 33.62 34.31
CA ARG C 451 -42.23 34.90 35.07
C ARG C 451 -41.71 34.63 36.48
N ASN C 452 -42.29 33.62 37.15
CA ASN C 452 -41.85 33.28 38.53
C ASN C 452 -40.35 32.98 38.54
N ALA C 453 -39.90 32.06 37.68
CA ALA C 453 -38.46 31.73 37.57
C ALA C 453 -37.63 32.99 37.30
N ALA C 454 -38.13 33.90 36.46
CA ALA C 454 -37.38 35.13 36.08
C ALA C 454 -37.04 35.98 37.30
N LYS C 455 -37.84 35.91 38.37
CA LYS C 455 -37.60 36.81 39.54
C LYS C 455 -36.35 36.36 40.31
N THR C 456 -35.66 35.32 39.84
CA THR C 456 -34.39 34.88 40.48
C THR C 456 -33.28 34.80 39.43
N CYS C 457 -33.52 35.34 38.23
CA CYS C 457 -32.51 35.28 37.15
C CYS C 457 -32.65 36.50 36.22
N GLY C 458 -31.77 37.49 36.37
CA GLY C 458 -31.85 38.72 35.57
C GLY C 458 -31.82 38.47 34.07
N PRO C 459 -30.84 37.71 33.52
CA PRO C 459 -30.82 37.40 32.08
C PRO C 459 -32.20 36.96 31.54
N LEU C 460 -32.87 36.04 32.23
CA LEU C 460 -34.20 35.54 31.77
C LEU C 460 -35.20 36.71 31.73
N GLN C 461 -35.25 37.51 32.78
CA GLN C 461 -36.15 38.69 32.81
C GLN C 461 -35.92 39.55 31.56
N THR C 462 -34.66 39.85 31.25
CA THR C 462 -34.31 40.71 30.09
C THR C 462 -34.85 40.06 28.79
N ALA C 463 -34.61 38.77 28.59
CA ALA C 463 -35.02 38.08 27.34
C ALA C 463 -36.55 38.12 27.19
N LEU C 464 -37.28 37.78 28.25
CA LEU C 464 -38.78 37.77 28.19
C LEU C 464 -39.26 39.14 27.71
N ASP C 465 -38.80 40.21 28.35
CA ASP C 465 -39.23 41.58 27.99
C ASP C 465 -38.87 41.89 26.53
N LEU C 466 -37.74 41.38 26.03
CA LEU C 466 -37.26 41.74 24.66
C LEU C 466 -38.12 41.07 23.58
N TRP C 467 -38.37 39.76 23.67
CA TRP C 467 -39.09 39.04 22.58
C TRP C 467 -40.51 38.67 23.03
N LYS C 468 -41.17 39.53 23.81
CA LYS C 468 -42.50 39.21 24.38
C LYS C 468 -43.55 39.07 23.28
N ASP C 469 -43.66 40.04 22.37
CA ASP C 469 -44.73 40.02 21.35
C ASP C 469 -44.25 39.42 20.03
N ILE C 470 -43.39 38.39 20.06
CA ILE C 470 -42.83 37.84 18.80
C ILE C 470 -43.57 36.55 18.42
N SER C 471 -44.19 36.52 17.23
CA SER C 471 -44.88 35.29 16.75
C SER C 471 -44.88 35.22 15.22
N PHE C 472 -45.12 34.04 14.65
CA PHE C 472 -45.16 33.87 13.17
C PHE C 472 -46.44 33.12 12.77
N ASN C 473 -47.55 33.83 12.62
CA ASN C 473 -48.85 33.19 12.30
C ASN C 473 -49.13 33.32 10.80
N TYR C 474 -49.17 32.19 10.08
CA TYR C 474 -49.50 32.18 8.63
C TYR C 474 -50.18 30.86 8.28
N THR C 475 -51.09 30.86 7.30
CA THR C 475 -51.78 29.62 6.85
C THR C 475 -50.74 28.61 6.33
N SER C 476 -50.89 27.33 6.69
CA SER C 476 -49.93 26.27 6.28
C SER C 476 -50.19 25.80 4.84
N THR C 477 -49.19 25.22 4.19
CA THR C 477 -49.32 24.70 2.80
C THR C 477 -49.64 23.20 2.83
N ASP C 478 -48.92 22.44 3.65
CA ASP C 478 -49.12 20.96 3.71
C ASP C 478 -50.04 20.62 4.89
N THR C 479 -51.26 20.16 4.61
CA THR C 479 -52.24 19.90 5.70
C THR C 479 -52.83 18.49 5.59
N SER C 480 -53.69 18.11 6.54
CA SER C 480 -54.28 16.74 6.58
C SER C 480 -55.52 16.65 5.68
N ASP C 481 -56.03 15.43 5.46
CA ASP C 481 -57.25 15.23 4.64
C ASP C 481 -58.31 14.50 5.48
N PHE C 482 -58.01 14.22 6.75
CA PHE C 482 -58.96 13.51 7.65
C PHE C 482 -59.04 14.27 8.99
N SER C 483 -60.00 13.92 9.85
CA SER C 483 -60.19 14.68 11.13
C SER C 483 -60.32 13.75 12.34
N VAL C 484 -60.55 14.32 13.53
CA VAL C 484 -60.68 13.53 14.79
C VAL C 484 -59.31 12.90 15.12
N SER D 4 -23.32 47.17 36.84
CA SER D 4 -22.67 45.98 36.23
C SER D 4 -21.91 46.39 34.97
N VAL D 5 -20.82 45.68 34.64
CA VAL D 5 -20.04 46.00 33.41
C VAL D 5 -20.91 45.69 32.17
N SER D 6 -21.58 44.53 32.16
CA SER D 6 -22.42 44.15 30.99
C SER D 6 -23.46 45.23 30.70
N GLU D 7 -24.15 45.72 31.73
CA GLU D 7 -25.24 46.72 31.49
C GLU D 7 -24.65 47.99 30.89
N ARG D 8 -23.49 48.44 31.38
CA ARG D 8 -22.85 49.68 30.88
C ARG D 8 -22.33 49.49 29.45
N THR D 9 -22.02 48.27 29.05
CA THR D 9 -21.39 48.05 27.70
C THR D 9 -22.43 47.63 26.66
N ARG D 10 -23.70 48.00 26.86
CA ARG D 10 -24.77 47.57 25.93
C ARG D 10 -24.73 48.45 24.66
N ILE D 11 -24.94 47.84 23.48
CA ILE D 11 -24.90 48.58 22.18
C ILE D 11 -26.16 49.45 22.05
N LYS D 12 -25.99 50.75 21.76
CA LYS D 12 -27.15 51.66 21.66
C LYS D 12 -27.31 52.14 20.20
N SER D 13 -26.45 51.64 19.30
CA SER D 13 -26.54 52.03 17.87
C SER D 13 -27.93 51.65 17.33
N ASP D 14 -28.52 52.50 16.49
CA ASP D 14 -29.86 52.21 15.91
C ASP D 14 -29.83 50.88 15.17
N ARG D 15 -28.73 50.56 14.49
CA ARG D 15 -28.68 49.32 13.67
C ARG D 15 -28.23 48.11 14.50
N TYR D 16 -27.42 48.30 15.53
CA TYR D 16 -26.87 47.11 16.26
C TYR D 16 -27.43 47.01 17.67
N GLU D 17 -28.50 47.74 17.99
CA GLU D 17 -29.16 47.53 19.31
C GLU D 17 -30.03 46.27 19.21
N SER D 18 -30.19 45.53 20.30
CA SER D 18 -30.95 44.25 20.26
C SER D 18 -32.41 44.48 19.81
N GLY D 19 -33.03 43.46 19.20
CA GLY D 19 -34.45 43.58 18.76
C GLY D 19 -34.66 43.09 17.34
N VAL D 20 -35.91 43.11 16.87
CA VAL D 20 -36.25 42.63 15.49
C VAL D 20 -36.61 43.82 14.60
N ILE D 21 -36.04 43.89 13.40
CA ILE D 21 -36.37 44.97 12.41
C ILE D 21 -36.62 44.31 11.05
N PRO D 22 -37.34 44.94 10.07
CA PRO D 22 -37.51 44.34 8.74
C PRO D 22 -36.19 44.04 8.00
N TYR D 23 -36.18 42.97 7.19
CA TYR D 23 -34.96 42.60 6.41
C TYR D 23 -34.57 43.72 5.44
N ALA D 24 -35.57 44.47 4.96
CA ALA D 24 -35.30 45.55 3.97
C ALA D 24 -34.64 46.76 4.66
N LYS D 25 -34.69 46.83 6.00
CA LYS D 25 -34.00 47.93 6.73
C LYS D 25 -32.68 47.40 7.31
N MET D 26 -32.39 46.11 7.10
CA MET D 26 -31.12 45.49 7.59
C MET D 26 -30.03 45.63 6.52
N GLY D 27 -30.38 46.12 5.33
CA GLY D 27 -29.39 46.31 4.24
C GLY D 27 -29.45 45.23 3.17
N TYR D 28 -30.60 44.55 3.01
CA TYR D 28 -30.70 43.43 2.04
C TYR D 28 -31.52 43.87 0.82
N TRP D 29 -31.95 45.14 0.78
CA TRP D 29 -32.66 45.67 -0.41
C TRP D 29 -31.92 46.92 -0.90
N ASP D 30 -31.54 46.96 -2.19
CA ASP D 30 -30.79 48.12 -2.74
C ASP D 30 -31.14 48.31 -4.21
N ALA D 31 -32.17 49.12 -4.49
CA ALA D 31 -32.61 49.36 -5.88
C ALA D 31 -31.49 50.04 -6.70
N ALA D 32 -30.62 50.80 -6.06
CA ALA D 32 -29.53 51.50 -6.79
C ALA D 32 -28.22 50.69 -6.70
N TYR D 33 -28.31 49.36 -6.78
CA TYR D 33 -27.10 48.49 -6.71
C TYR D 33 -26.48 48.36 -8.10
N ALA D 34 -25.15 48.40 -8.18
CA ALA D 34 -24.43 48.21 -9.47
C ALA D 34 -23.84 46.80 -9.50
N VAL D 35 -24.22 45.98 -10.49
CA VAL D 35 -23.75 44.55 -10.53
C VAL D 35 -22.30 44.47 -11.01
N LYS D 36 -21.51 43.54 -10.45
CA LYS D 36 -20.10 43.34 -10.88
C LYS D 36 -20.00 42.11 -11.78
N ASN D 37 -18.91 41.99 -12.56
CA ASN D 37 -18.74 40.85 -13.50
C ASN D 37 -18.31 39.58 -12.76
N THR D 38 -17.99 39.70 -11.47
CA THR D 38 -17.60 38.52 -10.64
C THR D 38 -18.79 38.04 -9.80
N ASP D 39 -19.90 38.77 -9.82
CA ASP D 39 -21.04 38.41 -8.93
C ASP D 39 -21.85 37.21 -9.45
N VAL D 40 -22.39 36.40 -8.54
CA VAL D 40 -23.33 35.32 -8.96
C VAL D 40 -24.74 35.93 -8.87
N LEU D 41 -25.60 35.68 -9.85
CA LEU D 41 -26.96 36.28 -9.87
C LEU D 41 -28.04 35.18 -9.91
N ALA D 42 -29.23 35.46 -9.37
CA ALA D 42 -30.32 34.46 -9.36
C ALA D 42 -31.67 35.12 -9.68
N LEU D 43 -32.56 34.41 -10.39
CA LEU D 43 -33.92 34.93 -10.67
C LEU D 43 -34.94 34.01 -9.99
N PHE D 44 -35.78 34.55 -9.11
CA PHE D 44 -36.78 33.74 -8.37
C PHE D 44 -38.20 34.19 -8.71
N ARG D 45 -39.13 33.24 -8.88
CA ARG D 45 -40.57 33.60 -9.06
C ARG D 45 -41.21 33.43 -7.68
N ILE D 46 -41.62 34.54 -7.04
CA ILE D 46 -42.11 34.47 -5.63
C ILE D 46 -43.63 34.69 -5.56
N THR D 47 -44.31 34.03 -4.61
CA THR D 47 -45.76 34.25 -4.41
C THR D 47 -45.98 34.66 -2.94
N GLN D 49 -47.45 35.72 0.82
CA GLN D 49 -48.68 35.37 1.59
C GLN D 49 -49.58 36.62 1.65
N PRO D 50 -50.93 36.48 1.67
CA PRO D 50 -51.81 37.65 1.81
C PRO D 50 -51.33 38.64 2.88
N GLY D 51 -51.07 39.89 2.49
CA GLY D 51 -50.65 40.92 3.46
C GLY D 51 -49.16 41.25 3.37
N VAL D 52 -48.33 40.29 2.96
CA VAL D 52 -46.85 40.50 2.93
C VAL D 52 -46.49 41.43 1.76
N ASP D 53 -45.65 42.44 2.01
CA ASP D 53 -45.22 43.39 0.94
C ASP D 53 -44.25 42.68 -0.03
N PRO D 54 -44.45 42.77 -1.36
CA PRO D 54 -43.54 42.14 -2.34
C PRO D 54 -42.06 42.43 -2.09
N VAL D 55 -41.72 43.66 -1.72
CA VAL D 55 -40.28 44.04 -1.52
C VAL D 55 -39.73 43.37 -0.25
N GLU D 56 -40.52 43.28 0.81
CA GLU D 56 -40.06 42.61 2.06
C GLU D 56 -39.75 41.13 1.76
N ALA D 57 -40.61 40.46 1.00
CA ALA D 57 -40.39 39.03 0.65
C ALA D 57 -39.04 38.87 -0.06
N ALA D 58 -38.78 39.67 -1.10
CA ALA D 58 -37.48 39.62 -1.82
C ALA D 58 -36.32 39.82 -0.84
N ALA D 59 -36.41 40.81 0.04
CA ALA D 59 -35.35 41.10 1.02
C ALA D 59 -35.16 39.89 1.97
N ALA D 60 -36.25 39.24 2.37
CA ALA D 60 -36.16 38.05 3.25
C ALA D 60 -35.39 36.92 2.55
N VAL D 61 -35.74 36.62 1.29
CA VAL D 61 -35.03 35.55 0.51
C VAL D 61 -33.54 35.89 0.44
N ALA D 62 -33.18 37.14 0.17
CA ALA D 62 -31.76 37.54 0.04
C ALA D 62 -31.01 37.37 1.37
N GLY D 63 -31.61 37.81 2.47
CA GLY D 63 -30.97 37.74 3.80
C GLY D 63 -30.80 36.30 4.27
N GLU D 64 -31.85 35.49 4.17
CA GLU D 64 -31.80 34.10 4.71
C GLU D 64 -30.93 33.20 3.83
N SER D 65 -30.57 33.65 2.63
CA SER D 65 -29.69 32.84 1.73
C SER D 65 -28.24 33.37 1.79
N SER D 66 -27.95 34.33 2.69
CA SER D 66 -26.60 34.93 2.77
C SER D 66 -26.08 34.91 4.21
N THR D 67 -26.38 35.94 5.02
CA THR D 67 -25.79 36.01 6.39
C THR D 67 -26.78 36.48 7.46
N ALA D 68 -28.08 36.54 7.16
CA ALA D 68 -29.03 37.13 8.15
C ALA D 68 -29.76 36.10 9.01
N THR D 69 -30.40 36.56 10.11
CA THR D 69 -31.25 35.70 10.97
C THR D 69 -32.50 36.52 11.34
N TRP D 70 -33.38 36.00 12.21
CA TRP D 70 -34.67 36.70 12.51
C TRP D 70 -34.50 37.91 13.45
N THR D 71 -33.35 38.09 14.07
CA THR D 71 -33.17 39.18 15.08
C THR D 71 -31.75 39.77 14.94
N VAL D 72 -31.50 40.95 15.51
CA VAL D 72 -30.18 41.65 15.34
C VAL D 72 -29.08 40.94 16.13
N VAL D 73 -27.88 40.77 15.53
CA VAL D 73 -26.71 40.17 16.25
C VAL D 73 -25.52 41.14 16.18
N TRP D 74 -24.87 41.41 17.32
CA TRP D 74 -23.73 42.37 17.36
C TRP D 74 -22.48 41.72 16.74
N THR D 75 -22.43 40.40 16.67
CA THR D 75 -21.22 39.69 16.16
C THR D 75 -20.93 40.16 14.72
N ASP D 76 -21.92 40.71 14.04
CA ASP D 76 -21.72 41.24 12.65
C ASP D 76 -20.57 42.26 12.63
N LEU D 77 -20.32 42.95 13.74
CA LEU D 77 -19.27 44.02 13.79
C LEU D 77 -17.86 43.42 13.84
N LEU D 78 -17.73 42.09 13.86
CA LEU D 78 -16.39 41.45 13.84
C LEU D 78 -16.05 41.07 12.40
N THR D 79 -16.82 41.56 11.42
CA THR D 79 -16.62 41.17 10.01
C THR D 79 -16.87 42.36 9.08
N ALA D 80 -16.45 42.27 7.82
CA ALA D 80 -16.80 43.33 6.83
C ALA D 80 -18.23 43.04 6.37
N CYS D 81 -19.23 43.29 7.23
CA CYS D 81 -20.64 42.91 6.94
C CYS D 81 -21.14 43.35 5.56
N ASP D 82 -20.96 44.62 5.19
CA ASP D 82 -21.53 45.14 3.92
C ASP D 82 -21.08 44.29 2.73
N ARG D 83 -19.85 43.77 2.74
CA ARG D 83 -19.33 43.01 1.57
C ARG D 83 -20.00 41.63 1.47
N TYR D 84 -20.40 41.04 2.60
CA TYR D 84 -20.91 39.63 2.56
C TYR D 84 -22.44 39.55 2.37
N ARG D 85 -23.18 40.64 2.56
CA ARG D 85 -24.67 40.60 2.46
C ARG D 85 -25.10 40.48 1.00
N ALA D 86 -26.03 39.56 0.67
CA ALA D 86 -26.58 39.49 -0.69
C ALA D 86 -27.54 40.68 -0.87
N LYS D 87 -27.82 41.11 -2.11
CA LYS D 87 -28.66 42.33 -2.27
C LYS D 87 -29.79 42.14 -3.29
N ALA D 88 -31.05 42.29 -2.85
CA ALA D 88 -32.17 42.29 -3.81
C ALA D 88 -32.14 43.64 -4.52
N TYR D 89 -32.33 43.69 -5.84
CA TYR D 89 -32.16 44.99 -6.55
C TYR D 89 -33.21 45.21 -7.65
N ARG D 90 -34.10 44.23 -7.92
CA ARG D 90 -35.15 44.41 -8.97
C ARG D 90 -36.37 43.51 -8.66
N VAL D 91 -37.60 44.06 -8.63
CA VAL D 91 -38.83 43.24 -8.37
C VAL D 91 -39.89 43.68 -9.39
N ASP D 92 -40.49 42.72 -10.10
CA ASP D 92 -41.48 43.06 -11.17
C ASP D 92 -42.64 42.06 -11.16
N PRO D 93 -43.91 42.47 -11.41
CA PRO D 93 -45.02 41.52 -11.48
C PRO D 93 -44.90 40.56 -12.67
N VAL D 94 -45.34 39.32 -12.49
CA VAL D 94 -45.33 38.33 -13.62
C VAL D 94 -46.48 38.67 -14.57
N PRO D 95 -46.26 38.78 -15.90
CA PRO D 95 -47.32 39.18 -16.84
C PRO D 95 -48.56 38.28 -16.79
N ASN D 96 -49.75 38.85 -16.98
CA ASN D 96 -51.01 38.07 -17.01
C ASN D 96 -51.25 37.33 -15.68
N THR D 97 -50.64 37.80 -14.58
CA THR D 97 -50.79 37.11 -13.28
C THR D 97 -50.96 38.11 -12.14
N THR D 98 -51.75 37.75 -11.12
CA THR D 98 -51.83 38.60 -9.91
C THR D 98 -51.30 37.74 -8.75
N ASP D 99 -50.41 38.28 -7.92
CA ASP D 99 -49.82 37.56 -6.76
C ASP D 99 -48.50 36.86 -7.13
N GLN D 100 -48.03 37.00 -8.38
CA GLN D 100 -46.70 36.44 -8.74
C GLN D 100 -45.74 37.59 -9.10
N TYR D 101 -44.49 37.53 -8.63
CA TYR D 101 -43.48 38.58 -8.94
C TYR D 101 -42.11 37.98 -9.25
N PHE D 102 -41.35 38.59 -10.15
CA PHE D 102 -39.96 38.16 -10.46
C PHE D 102 -38.98 38.98 -9.60
N ALA D 103 -37.95 38.35 -9.04
CA ALA D 103 -36.98 39.06 -8.17
C ALA D 103 -35.54 38.72 -8.57
N PHE D 104 -34.68 39.73 -8.74
CA PHE D 104 -33.25 39.53 -9.11
C PHE D 104 -32.37 39.73 -7.86
N ILE D 105 -31.39 38.85 -7.65
CA ILE D 105 -30.52 38.94 -6.43
C ILE D 105 -29.04 38.70 -6.78
N ALA D 106 -28.12 39.49 -6.20
CA ALA D 106 -26.67 39.38 -6.51
C ALA D 106 -25.89 38.86 -5.29
N TYR D 107 -24.91 37.98 -5.49
CA TYR D 107 -24.11 37.39 -4.39
C TYR D 107 -22.60 37.61 -4.64
N GLU D 108 -21.83 37.92 -3.58
CA GLU D 108 -20.36 38.16 -3.70
C GLU D 108 -19.62 36.85 -4.01
N ASP D 110 -16.67 35.75 -2.97
CA ASP D 110 -16.01 35.15 -1.78
C ASP D 110 -16.95 34.32 -0.89
N LEU D 111 -18.25 34.32 -1.16
CA LEU D 111 -19.21 33.52 -0.35
C LEU D 111 -19.13 32.02 -0.69
N PHE D 112 -18.52 31.63 -1.81
CA PHE D 112 -18.59 30.20 -2.25
C PHE D 112 -17.23 29.48 -2.20
N GLU D 113 -17.25 28.15 -2.04
CA GLU D 113 -16.00 27.34 -2.06
C GLU D 113 -15.68 26.98 -3.52
N GLU D 114 -14.42 27.15 -3.93
CA GLU D 114 -14.03 26.90 -5.35
C GLU D 114 -14.29 25.44 -5.77
N GLY D 115 -14.91 25.22 -6.93
CA GLY D 115 -15.10 23.85 -7.46
C GLY D 115 -16.08 22.98 -6.70
N SER D 116 -17.00 23.54 -5.91
CA SER D 116 -17.90 22.69 -5.09
C SER D 116 -19.38 23.01 -5.33
N LEU D 117 -20.15 22.08 -5.93
CA LEU D 117 -21.60 22.29 -6.20
C LEU D 117 -22.42 22.17 -4.89
N ALA D 118 -22.08 21.23 -4.01
CA ALA D 118 -22.78 21.11 -2.70
C ALA D 118 -22.80 22.48 -2.00
N ASN D 119 -21.67 23.20 -1.99
CA ASN D 119 -21.60 24.52 -1.29
C ASN D 119 -22.49 25.56 -1.97
N LEU D 120 -22.41 25.69 -3.30
CA LEU D 120 -23.24 26.68 -4.04
C LEU D 120 -24.72 26.45 -3.70
N THR D 121 -25.19 25.19 -3.78
CA THR D 121 -26.61 24.86 -3.53
C THR D 121 -26.99 25.07 -2.06
N ALA D 122 -26.10 24.71 -1.13
CA ALA D 122 -26.35 24.94 0.33
C ALA D 122 -26.82 26.39 0.57
N SER D 123 -26.26 27.35 -0.16
CA SER D 123 -26.66 28.77 0.01
C SER D 123 -27.94 29.10 -0.79
N ILE D 124 -27.98 28.80 -2.08
CA ILE D 124 -29.14 29.22 -2.94
C ILE D 124 -30.43 28.48 -2.59
N ILE D 125 -30.39 27.18 -2.28
CA ILE D 125 -31.67 26.42 -2.07
C ILE D 125 -31.75 25.80 -0.67
N GLY D 126 -30.84 26.17 0.24
CA GLY D 126 -30.79 25.55 1.58
C GLY D 126 -32.12 25.51 2.33
N ASN D 127 -32.64 26.66 2.78
CA ASN D 127 -33.88 26.67 3.62
C ASN D 127 -34.95 27.64 3.10
N VAL D 128 -34.65 28.51 2.14
CA VAL D 128 -35.62 29.58 1.69
C VAL D 128 -36.98 28.99 1.24
N PHE D 129 -37.01 27.81 0.65
CA PHE D 129 -38.29 27.26 0.09
C PHE D 129 -39.29 26.91 1.21
N GLY D 130 -38.85 26.82 2.47
CA GLY D 130 -39.74 26.43 3.59
C GLY D 130 -40.20 27.62 4.44
N PHE D 131 -39.86 28.85 4.06
CA PHE D 131 -40.21 30.06 4.84
C PHE D 131 -41.74 30.23 4.91
N LYS D 132 -42.28 30.45 6.12
CA LYS D 132 -43.76 30.61 6.29
C LYS D 132 -44.28 31.86 5.56
N ALA D 133 -43.49 32.93 5.46
CA ALA D 133 -44.00 34.20 4.89
C ALA D 133 -44.27 34.10 3.38
N VAL D 134 -43.76 33.06 2.71
CA VAL D 134 -44.08 32.87 1.26
C VAL D 134 -44.96 31.64 1.12
N SER D 135 -45.84 31.63 0.11
CA SER D 135 -46.75 30.46 -0.13
C SER D 135 -46.19 29.56 -1.23
N ALA D 136 -45.29 30.08 -2.08
CA ALA D 136 -44.68 29.29 -3.17
C ALA D 136 -43.42 30.00 -3.69
N LEU D 137 -42.49 29.26 -4.30
CA LEU D 137 -41.20 29.85 -4.75
C LEU D 137 -40.55 28.95 -5.80
N ARG D 138 -39.90 29.54 -6.81
CA ARG D 138 -39.28 28.73 -7.89
C ARG D 138 -38.00 29.41 -8.41
N LEU D 139 -36.88 28.69 -8.45
CA LEU D 139 -35.61 29.21 -9.03
C LEU D 139 -35.68 29.04 -10.55
N GLU D 140 -35.79 30.13 -11.31
CA GLU D 140 -35.97 30.04 -12.79
C GLU D 140 -34.64 30.09 -13.55
N ASP D 141 -33.67 30.91 -13.13
CA ASP D 141 -32.40 31.05 -13.90
C ASP D 141 -31.25 31.53 -13.01
N MET D 142 -30.02 31.50 -13.52
CA MET D 142 -28.82 31.97 -12.76
C MET D 142 -27.74 32.44 -13.75
N ARG D 143 -26.92 33.41 -13.35
CA ARG D 143 -25.78 33.87 -14.19
C ARG D 143 -24.48 33.49 -13.45
N ILE D 144 -23.79 32.45 -13.91
CA ILE D 144 -22.52 31.99 -13.27
C ILE D 144 -21.34 32.70 -13.93
N PRO D 145 -20.54 33.52 -13.21
CA PRO D 145 -19.47 34.31 -13.83
C PRO D 145 -18.26 33.51 -14.36
N HIS D 146 -17.50 34.13 -15.27
CA HIS D 146 -16.29 33.47 -15.87
C HIS D 146 -15.32 33.02 -14.77
N SER D 147 -15.01 33.91 -13.82
CA SER D 147 -14.05 33.59 -12.72
C SER D 147 -14.43 32.29 -12.00
N TYR D 148 -15.70 32.12 -11.63
CA TYR D 148 -16.13 30.90 -10.88
C TYR D 148 -16.10 29.67 -11.81
N LEU D 149 -16.49 29.82 -13.08
CA LEU D 149 -16.52 28.68 -14.05
C LEU D 149 -15.13 28.04 -14.13
N THR D 151 -13.01 27.28 -11.98
CA THR D 151 -12.63 26.40 -10.84
C THR D 151 -13.28 25.02 -11.00
N PHE D 152 -14.00 24.79 -12.10
CA PHE D 152 -14.68 23.48 -12.33
C PHE D 152 -14.07 22.79 -13.57
N GLN D 153 -14.14 21.46 -13.64
CA GLN D 153 -13.52 20.69 -14.76
C GLN D 153 -14.29 20.87 -16.07
N GLY D 154 -15.62 20.78 -16.04
CA GLY D 154 -16.39 20.78 -17.31
C GLY D 154 -16.40 19.36 -17.90
N ALA D 156 -15.92 15.64 -19.20
CA ALA D 156 -14.66 14.85 -19.24
C ALA D 156 -14.22 14.65 -20.69
N THR D 157 -15.13 14.26 -21.57
CA THR D 157 -14.78 14.02 -23.00
C THR D 157 -15.25 15.22 -23.85
N GLY D 158 -16.56 15.52 -23.84
CA GLY D 158 -17.10 16.62 -24.66
C GLY D 158 -17.57 16.13 -26.02
N VAL D 159 -18.52 16.82 -26.64
CA VAL D 159 -19.11 16.33 -27.93
C VAL D 159 -18.01 16.14 -28.99
N ILE D 160 -17.13 17.12 -29.19
CA ILE D 160 -16.10 17.06 -30.29
C ILE D 160 -15.21 15.81 -30.13
N VAL D 161 -14.56 15.63 -28.98
CA VAL D 161 -13.64 14.48 -28.78
C VAL D 161 -14.43 13.18 -28.91
N GLU D 162 -15.70 13.16 -28.49
CA GLU D 162 -16.49 11.90 -28.50
C GLU D 162 -16.74 11.43 -29.95
N ARG D 163 -17.18 12.34 -30.84
CA ARG D 163 -17.42 11.97 -32.27
C ARG D 163 -16.12 11.41 -32.87
N GLU D 164 -14.97 11.96 -32.46
CA GLU D 164 -13.67 11.47 -32.97
C GLU D 164 -13.42 10.04 -32.48
N ARG D 165 -13.75 9.75 -31.21
CA ARG D 165 -13.54 8.40 -30.63
C ARG D 165 -14.39 7.37 -31.38
N LEU D 166 -15.51 7.79 -31.97
CA LEU D 166 -16.42 6.85 -32.67
C LEU D 166 -16.24 6.93 -34.19
N ASN D 167 -15.48 7.92 -34.67
CA ASN D 167 -15.34 8.12 -36.15
C ASN D 167 -16.74 8.26 -36.76
N LYS D 168 -17.58 9.13 -36.19
CA LYS D 168 -18.96 9.34 -36.72
C LYS D 168 -19.24 10.85 -36.81
N TYR D 169 -19.47 11.37 -38.01
CA TYR D 169 -19.62 12.84 -38.15
C TYR D 169 -20.78 13.24 -39.07
N GLY D 170 -21.53 14.29 -38.70
CA GLY D 170 -22.55 14.83 -39.62
C GLY D 170 -23.95 14.23 -39.55
N ILE D 171 -24.30 13.53 -38.47
CA ILE D 171 -25.68 12.99 -38.33
C ILE D 171 -25.91 12.65 -36.86
N PRO D 172 -27.16 12.70 -36.34
CA PRO D 172 -27.44 12.29 -34.96
C PRO D 172 -27.01 10.83 -34.72
N LEU D 173 -26.62 10.50 -33.49
CA LEU D 173 -26.24 9.11 -33.12
C LEU D 173 -27.54 8.33 -32.83
N GLY D 175 -29.57 4.84 -30.78
CA GLY D 175 -29.50 3.92 -29.63
C GLY D 175 -30.83 3.28 -29.22
N ALA D 176 -30.81 2.43 -28.19
CA ALA D 176 -32.05 1.76 -27.72
C ALA D 176 -31.85 1.24 -26.29
N THR D 177 -32.95 1.09 -25.53
CA THR D 177 -32.88 0.52 -24.15
C THR D 177 -33.38 -0.94 -24.17
N VAL D 178 -32.75 -1.82 -23.39
CA VAL D 178 -33.15 -3.26 -23.33
C VAL D 178 -34.49 -3.40 -22.59
N LYS D 179 -35.41 -4.21 -23.12
CA LYS D 179 -36.75 -4.41 -22.51
C LYS D 179 -37.06 -5.92 -22.41
N PRO D 180 -37.84 -6.41 -21.41
CA PRO D 180 -38.51 -5.54 -20.40
C PRO D 180 -37.54 -4.93 -19.38
N LYS D 181 -38.01 -3.95 -18.60
CA LYS D 181 -37.13 -3.22 -17.65
C LYS D 181 -36.39 -4.22 -16.74
N LEU D 182 -37.08 -5.19 -16.15
CA LEU D 182 -36.44 -6.12 -15.18
C LEU D 182 -36.83 -7.58 -15.46
N GLY D 183 -36.00 -8.54 -15.02
CA GLY D 183 -36.34 -9.98 -15.16
C GLY D 183 -35.38 -10.79 -16.00
N LEU D 184 -34.60 -10.17 -16.90
CA LEU D 184 -33.72 -10.94 -17.83
C LEU D 184 -32.41 -11.40 -17.16
N SER D 185 -31.83 -12.50 -17.65
CA SER D 185 -30.52 -13.00 -17.14
C SER D 185 -29.39 -12.33 -17.93
N GLY D 186 -28.14 -12.45 -17.45
CA GLY D 186 -26.97 -11.85 -18.13
C GLY D 186 -26.82 -12.37 -19.56
N LYS D 187 -27.06 -13.67 -19.78
CA LYS D 187 -26.85 -14.27 -21.13
C LYS D 187 -27.91 -13.74 -22.10
N ASN D 188 -29.16 -13.66 -21.66
CA ASN D 188 -30.26 -13.11 -22.52
C ASN D 188 -30.02 -11.62 -22.78
N TYR D 189 -29.44 -10.89 -21.82
CA TYR D 189 -29.13 -9.46 -22.01
C TYR D 189 -28.13 -9.29 -23.15
N GLY D 190 -27.05 -10.09 -23.15
CA GLY D 190 -26.03 -10.03 -24.22
C GLY D 190 -26.61 -10.33 -25.59
N ARG D 191 -27.56 -11.27 -25.65
CA ARG D 191 -28.20 -11.65 -26.94
C ARG D 191 -28.87 -10.41 -27.57
N VAL D 192 -29.66 -9.68 -26.78
CA VAL D 192 -30.38 -8.48 -27.29
C VAL D 192 -29.36 -7.45 -27.80
N VAL D 193 -28.31 -7.18 -27.01
CA VAL D 193 -27.25 -6.21 -27.41
C VAL D 193 -26.66 -6.64 -28.75
N TYR D 194 -26.18 -7.87 -28.86
CA TYR D 194 -25.64 -8.40 -30.14
C TYR D 194 -26.63 -8.11 -31.30
N GLU D 195 -27.89 -8.53 -31.15
CA GLU D 195 -28.90 -8.35 -32.23
C GLU D 195 -29.07 -6.87 -32.61
N GLY D 196 -29.41 -6.00 -31.65
CA GLY D 196 -29.63 -4.57 -31.93
C GLY D 196 -28.46 -3.92 -32.66
N LEU D 197 -27.24 -4.08 -32.12
CA LEU D 197 -26.02 -3.48 -32.74
C LEU D 197 -25.86 -4.01 -34.16
N GLY D 199 -28.00 -4.99 -36.29
CA GLY D 199 -29.00 -4.38 -37.20
C GLY D 199 -28.65 -2.95 -37.59
N GLY D 200 -27.83 -2.26 -36.78
CA GLY D 200 -27.35 -0.93 -37.19
C GLY D 200 -27.43 0.16 -36.13
N LEU D 201 -27.63 -0.21 -34.85
CA LEU D 201 -27.60 0.83 -33.78
C LEU D 201 -26.16 1.16 -33.40
N ASP D 202 -25.89 2.39 -33.00
CA ASP D 202 -24.54 2.77 -32.50
C ASP D 202 -24.37 2.27 -31.07
N PHE D 203 -25.44 2.36 -30.25
CA PHE D 203 -25.31 1.98 -28.81
C PHE D 203 -26.59 1.38 -28.25
N LEU D 204 -26.48 0.58 -27.18
CA LEU D 204 -27.68 0.12 -26.43
C LEU D 204 -27.42 0.50 -24.96
N ASP D 206 -28.47 -0.16 -20.44
CA ASP D 206 -29.25 -0.84 -19.37
C ASP D 206 -30.33 0.13 -18.89
N ASP D 207 -31.46 -0.38 -18.39
CA ASP D 207 -32.50 0.52 -17.82
C ASP D 207 -31.94 1.19 -16.54
N GLU D 208 -32.47 2.35 -16.17
CA GLU D 208 -31.98 3.08 -14.96
C GLU D 208 -32.10 2.20 -13.72
N ASN D 209 -33.06 1.26 -13.68
CA ASN D 209 -33.28 0.45 -12.45
C ASN D 209 -32.53 -0.89 -12.51
N ILE D 210 -31.67 -1.11 -13.51
CA ILE D 210 -30.86 -2.35 -13.58
C ILE D 210 -29.51 -2.10 -12.89
N ASN D 211 -29.24 -2.81 -11.79
CA ASN D 211 -27.95 -2.67 -11.07
C ASN D 211 -27.40 -4.08 -10.76
N SER D 212 -27.67 -4.62 -9.58
CA SER D 212 -27.29 -6.02 -9.23
C SER D 212 -28.43 -6.63 -8.41
N GLN D 213 -29.21 -7.55 -8.98
CA GLN D 213 -30.40 -8.09 -8.28
C GLN D 213 -30.39 -9.62 -8.30
N PRO D 214 -31.29 -10.32 -7.55
CA PRO D 214 -31.26 -11.80 -7.49
C PRO D 214 -31.36 -12.45 -8.88
N PHE D 215 -32.13 -11.86 -9.80
CA PHE D 215 -32.32 -12.47 -11.15
C PHE D 215 -31.09 -12.27 -12.04
N MET D 216 -30.15 -11.39 -11.66
CA MET D 216 -28.94 -11.11 -12.50
C MET D 216 -27.90 -10.30 -11.70
N ARG D 217 -26.72 -10.87 -11.47
CA ARG D 217 -25.64 -10.13 -10.75
C ARG D 217 -24.81 -9.35 -11.77
N TRP D 218 -24.26 -8.19 -11.39
CA TRP D 218 -23.60 -7.27 -12.36
C TRP D 218 -22.42 -7.90 -13.13
N ARG D 219 -21.51 -8.61 -12.45
CA ARG D 219 -20.30 -9.14 -13.13
C ARG D 219 -20.70 -10.02 -14.34
N GLU D 220 -21.78 -10.80 -14.20
CA GLU D 220 -22.26 -11.67 -15.32
C GLU D 220 -22.68 -10.80 -16.50
N ARG D 221 -23.44 -9.73 -16.25
CA ARG D 221 -23.94 -8.86 -17.35
C ARG D 221 -22.76 -8.22 -18.09
N PHE D 222 -21.78 -7.69 -17.35
CA PHE D 222 -20.66 -6.97 -18.01
C PHE D 222 -19.88 -7.90 -18.94
N LEU D 223 -19.65 -9.14 -18.52
CA LEU D 223 -18.88 -10.12 -19.35
C LEU D 223 -19.63 -10.44 -20.65
N TYR D 224 -20.91 -10.82 -20.57
CA TYR D 224 -21.66 -11.22 -21.79
C TYR D 224 -21.77 -10.01 -22.75
N CYS D 225 -21.92 -8.80 -22.21
CA CYS D 225 -22.13 -7.61 -23.08
C CYS D 225 -20.89 -7.36 -23.95
N MET D 226 -19.68 -7.54 -23.40
CA MET D 226 -18.43 -7.30 -24.18
C MET D 226 -18.31 -8.33 -25.31
N GLU D 227 -18.79 -9.56 -25.09
CA GLU D 227 -18.79 -10.58 -26.18
C GLU D 227 -19.75 -10.13 -27.30
N GLY D 228 -20.93 -9.61 -26.96
CA GLY D 228 -21.91 -9.13 -27.96
C GLY D 228 -21.40 -7.92 -28.74
N ILE D 229 -20.70 -7.00 -28.07
CA ILE D 229 -20.17 -5.77 -28.73
C ILE D 229 -19.09 -6.16 -29.74
N ASN D 230 -18.12 -6.99 -29.34
CA ASN D 230 -17.00 -7.39 -30.24
C ASN D 230 -17.55 -8.15 -31.45
N ARG D 231 -18.48 -9.09 -31.21
CA ARG D 231 -19.11 -9.85 -32.34
C ARG D 231 -19.73 -8.86 -33.33
N ALA D 232 -20.53 -7.90 -32.87
CA ALA D 232 -21.21 -6.96 -33.79
C ALA D 232 -20.19 -6.08 -34.53
N SER D 233 -19.16 -5.59 -33.82
CA SER D 233 -18.18 -4.68 -34.46
C SER D 233 -17.42 -5.43 -35.56
N ALA D 234 -17.08 -6.70 -35.32
CA ALA D 234 -16.32 -7.49 -36.31
C ALA D 234 -17.19 -7.80 -37.52
N ALA D 235 -18.52 -7.82 -37.35
CA ALA D 235 -19.43 -8.19 -38.46
C ALA D 235 -19.83 -6.98 -39.31
N THR D 236 -19.51 -5.76 -38.86
CA THR D 236 -19.98 -4.55 -39.58
C THR D 236 -18.81 -3.65 -39.97
N GLY D 237 -17.72 -3.68 -39.20
CA GLY D 237 -16.54 -2.81 -39.49
C GLY D 237 -16.66 -1.46 -38.81
N GLU D 238 -17.53 -1.35 -37.79
CA GLU D 238 -17.77 -0.05 -37.11
C GLU D 238 -17.43 -0.14 -35.62
N THR D 239 -17.17 0.99 -34.97
CA THR D 239 -16.97 0.99 -33.49
C THR D 239 -18.35 0.98 -32.83
N LYS D 240 -18.58 0.09 -31.85
CA LYS D 240 -19.91 -0.04 -31.18
C LYS D 240 -19.75 0.05 -29.65
N GLY D 241 -20.86 0.10 -28.90
CA GLY D 241 -20.76 0.08 -27.43
C GLY D 241 -22.08 -0.02 -26.70
N SER D 242 -22.04 -0.28 -25.39
CA SER D 242 -23.28 -0.31 -24.56
C SER D 242 -23.02 0.40 -23.23
N TYR D 243 -23.99 1.18 -22.74
CA TYR D 243 -23.83 1.91 -21.46
C TYR D 243 -23.94 0.94 -20.28
N LEU D 244 -22.82 0.61 -19.62
CA LEU D 244 -22.88 -0.25 -18.41
C LEU D 244 -23.26 0.60 -17.20
N ASN D 245 -24.24 0.16 -16.39
CA ASN D 245 -24.72 0.95 -15.23
C ASN D 245 -23.87 0.67 -13.99
N ILE D 246 -23.23 1.70 -13.43
CA ILE D 246 -22.31 1.52 -12.25
C ILE D 246 -22.97 2.11 -10.99
N THR D 247 -24.23 2.55 -11.09
CA THR D 247 -24.96 3.09 -9.91
C THR D 247 -24.92 2.07 -8.77
N ALA D 248 -24.60 2.50 -7.55
CA ALA D 248 -24.60 1.57 -6.38
C ALA D 248 -24.94 2.30 -5.08
N GLY D 249 -24.98 1.57 -3.96
CA GLY D 249 -25.38 2.16 -2.66
C GLY D 249 -24.28 2.92 -1.94
N THR D 250 -23.00 2.57 -2.19
CA THR D 250 -21.85 3.23 -1.52
C THR D 250 -20.77 3.61 -2.55
N MET D 251 -19.98 4.65 -2.26
CA MET D 251 -18.93 5.11 -3.20
C MET D 251 -17.95 3.97 -3.51
N GLU D 252 -17.57 3.18 -2.50
CA GLU D 252 -16.58 2.07 -2.72
C GLU D 252 -17.11 1.12 -3.80
N GLU D 253 -18.39 0.74 -3.72
CA GLU D 253 -19.00 -0.20 -4.69
C GLU D 253 -19.06 0.45 -6.08
N VAL D 254 -19.33 1.75 -6.14
CA VAL D 254 -19.33 2.47 -7.45
C VAL D 254 -17.95 2.30 -8.11
N TYR D 255 -16.89 2.66 -7.39
CA TYR D 255 -15.50 2.57 -7.94
C TYR D 255 -15.18 1.15 -8.40
N LYS D 256 -15.58 0.14 -7.60
CA LYS D 256 -15.30 -1.28 -7.96
C LYS D 256 -15.90 -1.61 -9.32
N ARG D 257 -17.12 -1.12 -9.59
CA ARG D 257 -17.82 -1.41 -10.88
C ARG D 257 -17.20 -0.59 -12.03
N ALA D 258 -16.73 0.64 -11.77
CA ALA D 258 -16.07 1.46 -12.81
C ALA D 258 -14.73 0.82 -13.23
N GLU D 259 -13.94 0.33 -12.27
CA GLU D 259 -12.61 -0.27 -12.57
C GLU D 259 -12.77 -1.58 -13.36
N TYR D 260 -13.83 -2.34 -13.09
CA TYR D 260 -14.11 -3.60 -13.84
C TYR D 260 -14.43 -3.28 -15.30
N ALA D 261 -15.36 -2.37 -15.56
CA ALA D 261 -15.75 -2.01 -16.95
C ALA D 261 -14.53 -1.54 -17.75
N LYS D 262 -13.65 -0.74 -17.14
CA LYS D 262 -12.43 -0.26 -17.83
C LYS D 262 -11.55 -1.48 -18.16
N THR D 263 -11.38 -2.40 -17.22
CA THR D 263 -10.52 -3.59 -17.42
C THR D 263 -10.97 -4.39 -18.66
N VAL D 264 -12.28 -4.58 -18.84
CA VAL D 264 -12.81 -5.40 -19.99
C VAL D 264 -12.85 -4.55 -21.28
N GLY D 265 -12.53 -3.25 -21.22
CA GLY D 265 -12.42 -2.44 -22.44
C GLY D 265 -13.70 -1.72 -22.87
N SER D 266 -14.57 -1.36 -21.93
CA SER D 266 -15.80 -0.59 -22.28
C SER D 266 -15.42 0.84 -22.70
N ILE D 267 -16.08 1.38 -23.72
CA ILE D 267 -15.81 2.78 -24.16
C ILE D 267 -16.72 3.75 -23.37
N VAL D 268 -17.70 3.23 -22.61
CA VAL D 268 -18.68 4.15 -21.94
C VAL D 268 -19.33 3.50 -20.72
N VAL D 269 -19.84 4.32 -19.78
CA VAL D 269 -20.57 3.81 -18.59
C VAL D 269 -21.70 4.81 -18.27
N MET D 270 -22.64 4.45 -17.39
CA MET D 270 -23.78 5.36 -17.11
C MET D 270 -24.04 5.47 -15.60
N ILE D 271 -24.60 6.60 -15.15
CA ILE D 271 -24.94 6.82 -13.71
C ILE D 271 -26.34 7.44 -13.62
N ASP D 272 -26.96 7.36 -12.44
CA ASP D 272 -28.33 7.92 -12.22
C ASP D 272 -28.26 9.17 -11.34
N LEU D 273 -29.22 10.10 -11.52
CA LEU D 273 -29.23 11.37 -10.75
C LEU D 273 -29.53 11.11 -9.25
N VAL D 274 -30.22 10.01 -8.90
CA VAL D 274 -30.59 9.72 -7.49
C VAL D 274 -29.33 9.51 -6.62
N MET D 275 -28.16 9.32 -7.24
CA MET D 275 -26.90 9.08 -6.49
C MET D 275 -26.53 10.32 -5.67
N GLY D 276 -26.61 11.52 -6.26
CA GLY D 276 -26.31 12.77 -5.52
C GLY D 276 -25.17 13.57 -6.10
N TYR D 277 -25.14 14.89 -5.84
CA TYR D 277 -24.11 15.80 -6.41
C TYR D 277 -22.67 15.34 -6.11
N THR D 278 -22.36 15.04 -4.85
CA THR D 278 -20.95 14.70 -4.49
C THR D 278 -20.48 13.42 -5.19
N ALA D 279 -21.34 12.39 -5.23
CA ALA D 279 -20.97 11.15 -5.97
C ALA D 279 -20.78 11.46 -7.46
N ILE D 280 -21.66 12.30 -8.04
CA ILE D 280 -21.56 12.65 -9.49
C ILE D 280 -20.22 13.35 -9.76
N GLN D 281 -19.86 14.35 -8.97
CA GLN D 281 -18.57 15.08 -9.18
C GLN D 281 -17.40 14.09 -9.15
N SER D 282 -17.36 13.19 -8.16
CA SER D 282 -16.26 12.19 -8.06
C SER D 282 -16.19 11.33 -9.33
N ALA D 283 -17.34 10.90 -9.85
CA ALA D 283 -17.38 10.03 -11.06
C ALA D 283 -16.84 10.79 -12.29
N ALA D 284 -17.16 12.08 -12.42
CA ALA D 284 -16.72 12.87 -13.60
C ALA D 284 -15.19 13.08 -13.56
N ILE D 285 -14.61 13.19 -12.37
CA ILE D 285 -13.14 13.32 -12.25
C ILE D 285 -12.49 11.99 -12.64
N TRP D 286 -13.06 10.87 -12.18
CA TRP D 286 -12.54 9.51 -12.53
C TRP D 286 -12.55 9.28 -14.06
N ALA D 287 -13.66 9.61 -14.73
CA ALA D 287 -13.79 9.35 -16.20
C ALA D 287 -12.68 10.08 -16.98
N ARG D 288 -12.42 11.35 -16.63
CA ARG D 288 -11.34 12.14 -17.29
C ARG D 288 -9.98 11.46 -17.07
N ASP D 289 -9.73 10.94 -15.87
CA ASP D 289 -8.40 10.35 -15.56
C ASP D 289 -8.28 8.94 -16.15
N ASN D 290 -9.38 8.36 -16.66
CA ASN D 290 -9.33 6.95 -17.14
C ASN D 290 -9.84 6.80 -18.59
N ASP D 291 -10.02 7.90 -19.32
CA ASP D 291 -10.45 7.86 -20.75
C ASP D 291 -11.77 7.08 -20.94
N LEU D 292 -12.81 7.37 -20.16
CA LEU D 292 -14.14 6.72 -20.38
C LEU D 292 -15.20 7.80 -20.69
N ILE D 293 -16.27 7.47 -21.43
CA ILE D 293 -17.38 8.44 -21.65
C ILE D 293 -18.41 8.28 -20.52
N LEU D 294 -19.00 9.38 -20.03
CA LEU D 294 -19.92 9.31 -18.86
C LEU D 294 -21.34 9.75 -19.22
N HIS D 295 -22.32 8.84 -19.12
CA HIS D 295 -23.73 9.16 -19.45
C HIS D 295 -24.54 9.39 -18.17
N LEU D 296 -25.38 10.43 -18.14
CA LEU D 296 -26.17 10.74 -16.92
C LEU D 296 -27.68 10.54 -17.15
N HIS D 297 -28.30 9.62 -16.41
CA HIS D 297 -29.79 9.47 -16.47
C HIS D 297 -30.37 10.41 -15.40
N ARG D 298 -31.46 11.12 -15.71
CA ARG D 298 -31.99 12.14 -14.76
C ARG D 298 -33.13 11.61 -13.86
N ALA D 299 -32.99 10.40 -13.31
CA ALA D 299 -34.01 9.82 -12.41
C ALA D 299 -34.34 10.75 -11.23
N GLY D 300 -35.61 11.11 -11.04
CA GLY D 300 -36.04 11.93 -9.88
C GLY D 300 -36.24 13.40 -10.20
N ASN D 301 -35.72 13.90 -11.33
CA ASN D 301 -35.78 15.36 -11.66
C ASN D 301 -37.21 15.91 -11.64
N SER D 302 -38.19 15.15 -12.12
CA SER D 302 -39.58 15.67 -12.25
C SER D 302 -40.30 15.82 -10.90
N THR D 303 -39.69 15.38 -9.79
CA THR D 303 -40.31 15.60 -8.45
C THR D 303 -40.33 17.10 -8.12
N TYR D 304 -39.40 17.88 -8.71
CA TYR D 304 -39.31 19.33 -8.39
C TYR D 304 -39.28 20.20 -9.65
N ALA D 305 -39.17 19.63 -10.84
CA ALA D 305 -39.01 20.46 -12.07
C ALA D 305 -40.28 20.47 -12.95
N ARG D 306 -41.40 19.94 -12.48
CA ARG D 306 -42.61 19.81 -13.34
C ARG D 306 -43.56 21.02 -13.23
N GLN D 307 -43.78 21.54 -12.02
CA GLN D 307 -44.81 22.62 -11.83
C GLN D 307 -44.21 24.02 -12.01
N LYS D 308 -44.99 24.96 -12.55
CA LYS D 308 -44.50 26.35 -12.81
C LYS D 308 -44.51 27.20 -11.53
N ASN D 309 -45.27 26.84 -10.50
CA ASN D 309 -45.40 27.70 -9.29
C ASN D 309 -44.32 27.42 -8.23
N HIS D 310 -43.73 26.23 -8.20
CA HIS D 310 -42.77 25.89 -7.11
C HIS D 310 -41.69 24.90 -7.58
N GLY D 311 -40.44 25.05 -7.09
CA GLY D 311 -39.38 24.09 -7.42
C GLY D 311 -38.19 24.70 -8.15
N ILE D 312 -37.50 23.91 -8.98
CA ILE D 312 -36.34 24.41 -9.79
C ILE D 312 -36.57 24.09 -11.27
N ASN D 313 -36.39 25.07 -12.16
CA ASN D 313 -36.53 24.85 -13.63
C ASN D 313 -35.38 23.98 -14.13
N PHE D 314 -35.64 23.09 -15.09
CA PHE D 314 -34.60 22.14 -15.59
C PHE D 314 -33.39 22.90 -16.17
N ARG D 315 -33.59 24.08 -16.75
CA ARG D 315 -32.47 24.81 -17.41
C ARG D 315 -31.35 25.09 -16.39
N VAL D 316 -31.72 25.27 -15.12
CA VAL D 316 -30.69 25.46 -14.04
C VAL D 316 -29.94 24.15 -13.83
N ILE D 317 -30.67 23.04 -13.70
CA ILE D 317 -30.00 21.71 -13.56
C ILE D 317 -29.04 21.51 -14.73
N CYS D 318 -29.44 21.88 -15.95
CA CYS D 318 -28.57 21.75 -17.14
C CYS D 318 -27.22 22.44 -16.87
N LYS D 319 -27.23 23.68 -16.41
CA LYS D 319 -25.98 24.44 -16.14
C LYS D 319 -25.13 23.73 -15.07
N TRP D 320 -25.72 23.33 -13.95
CA TRP D 320 -24.96 22.67 -12.85
C TRP D 320 -24.28 21.40 -13.36
N MET D 321 -24.99 20.58 -14.14
CA MET D 321 -24.44 19.29 -14.63
C MET D 321 -23.34 19.53 -15.68
N ARG D 322 -23.50 20.54 -16.54
CA ARG D 322 -22.41 20.88 -17.50
C ARG D 322 -21.16 21.31 -16.71
N MET D 323 -21.35 22.00 -15.58
CA MET D 323 -20.22 22.41 -14.71
C MET D 323 -19.53 21.18 -14.07
N CYS D 324 -20.32 20.22 -13.58
CA CYS D 324 -19.76 19.00 -12.93
C CYS D 324 -18.90 18.23 -13.94
N GLY D 325 -19.37 18.12 -15.19
CA GLY D 325 -18.54 17.47 -16.22
C GLY D 325 -19.11 16.17 -16.76
N VAL D 326 -20.44 16.03 -16.84
CA VAL D 326 -21.01 14.81 -17.49
C VAL D 326 -20.91 14.96 -19.01
N ASP D 327 -20.90 13.85 -19.77
CA ASP D 327 -20.74 13.90 -21.25
C ASP D 327 -22.10 13.88 -21.97
N HIS D 328 -23.09 13.14 -21.45
CA HIS D 328 -24.46 13.11 -22.03
C HIS D 328 -25.50 13.44 -20.96
N ILE D 329 -26.70 13.91 -21.35
CA ILE D 329 -27.80 14.15 -20.37
C ILE D 329 -29.16 14.09 -21.09
N HIS D 330 -30.14 13.40 -20.52
CA HIS D 330 -31.52 13.38 -21.10
C HIS D 330 -32.11 14.80 -21.09
N ALA D 331 -32.72 15.25 -22.20
CA ALA D 331 -33.22 16.65 -22.27
C ALA D 331 -34.63 16.78 -22.89
N GLY D 332 -35.25 15.71 -23.40
CA GLY D 332 -36.64 15.83 -23.89
C GLY D 332 -36.84 15.49 -25.37
N THR D 333 -38.08 15.20 -25.77
CA THR D 333 -38.38 14.76 -27.17
C THR D 333 -39.46 15.63 -27.83
N VAL D 334 -40.27 16.36 -27.06
CA VAL D 334 -41.40 17.18 -27.60
C VAL D 334 -42.59 16.28 -28.00
N VAL D 335 -42.37 15.28 -28.88
CA VAL D 335 -43.52 14.49 -29.42
C VAL D 335 -43.67 13.12 -28.71
N GLY D 336 -42.84 12.83 -27.72
CA GLY D 336 -42.89 11.51 -27.05
C GLY D 336 -43.96 11.41 -25.97
N LYS D 337 -43.76 10.52 -24.98
CA LYS D 337 -44.78 10.29 -23.93
C LYS D 337 -44.46 11.07 -22.64
N LEU D 338 -43.29 11.71 -22.53
CA LEU D 338 -42.93 12.52 -21.32
C LEU D 338 -43.13 14.02 -21.60
N GLU D 339 -43.22 14.85 -20.55
CA GLU D 339 -43.52 16.31 -20.70
C GLU D 339 -42.42 17.06 -21.49
N GLY D 340 -42.82 18.07 -22.26
CA GLY D 340 -41.83 18.87 -23.01
C GLY D 340 -42.45 19.92 -23.92
N ASP D 341 -42.37 21.21 -23.56
CA ASP D 341 -42.86 22.30 -24.44
C ASP D 341 -41.76 22.64 -25.46
N PRO D 342 -42.05 22.79 -26.77
CA PRO D 342 -40.99 23.02 -27.78
C PRO D 342 -40.10 24.24 -27.51
N LEU D 343 -40.69 25.34 -27.02
CA LEU D 343 -39.89 26.58 -26.78
C LEU D 343 -38.94 26.34 -25.60
N MET D 344 -39.44 25.80 -24.49
CA MET D 344 -38.58 25.50 -23.31
C MET D 344 -37.47 24.51 -23.70
N ILE D 345 -37.82 23.47 -24.46
CA ILE D 345 -36.82 22.42 -24.84
C ILE D 345 -35.69 23.05 -25.66
N GLY D 347 -34.61 25.99 -25.47
CA GLY D 347 -33.75 26.66 -24.46
C GLY D 347 -32.77 25.70 -23.83
N PHE D 348 -33.24 24.52 -23.37
CA PHE D 348 -32.35 23.51 -22.77
C PHE D 348 -31.19 23.14 -23.71
N TYR D 349 -31.50 22.80 -24.96
CA TYR D 349 -30.45 22.36 -25.93
C TYR D 349 -29.39 23.46 -26.08
N ASP D 350 -29.81 24.73 -26.17
CA ASP D 350 -28.86 25.86 -26.32
C ASP D 350 -27.93 25.95 -25.09
N THR D 351 -28.50 25.88 -23.88
CA THR D 351 -27.67 25.92 -22.65
C THR D 351 -26.59 24.84 -22.68
N LEU D 352 -26.87 23.69 -23.29
CA LEU D 352 -25.89 22.56 -23.25
C LEU D 352 -24.89 22.59 -24.42
N LEU D 353 -25.19 23.26 -25.54
CA LEU D 353 -24.30 23.16 -26.73
C LEU D 353 -23.60 24.47 -27.15
N LEU D 354 -24.07 25.63 -26.70
CA LEU D 354 -23.49 26.91 -27.21
C LEU D 354 -22.22 27.34 -26.47
N THR D 355 -21.44 28.25 -27.07
CA THR D 355 -20.22 28.80 -26.42
C THR D 355 -20.61 30.06 -25.64
N HIS D 356 -21.81 30.61 -25.92
CA HIS D 356 -22.27 31.85 -25.23
C HIS D 356 -23.80 31.94 -25.33
N LEU D 357 -24.45 32.55 -24.31
CA LEU D 357 -25.93 32.68 -24.31
C LEU D 357 -26.32 34.16 -24.33
N ASN D 358 -27.31 34.53 -25.14
CA ASN D 358 -27.83 35.92 -25.19
C ASN D 358 -29.28 35.92 -24.68
N VAL D 359 -29.76 37.04 -24.14
CA VAL D 359 -31.14 37.08 -23.54
C VAL D 359 -32.19 36.67 -24.59
N ASN D 360 -33.13 35.80 -24.23
CA ASN D 360 -34.21 35.33 -25.15
C ASN D 360 -35.43 34.96 -24.31
N LEU D 361 -36.26 35.94 -23.97
CA LEU D 361 -37.41 35.69 -23.04
C LEU D 361 -38.33 34.57 -23.56
N PRO D 362 -38.87 34.58 -24.80
CA PRO D 362 -39.77 33.51 -25.23
C PRO D 362 -39.19 32.09 -25.03
N TYR D 363 -37.87 31.97 -24.95
CA TYR D 363 -37.20 30.65 -24.76
C TYR D 363 -36.85 30.43 -23.29
N GLY D 364 -37.11 31.42 -22.43
CA GLY D 364 -36.79 31.31 -20.99
C GLY D 364 -35.34 31.67 -20.67
N ILE D 365 -34.64 32.35 -21.59
CA ILE D 365 -33.25 32.80 -21.34
C ILE D 365 -33.28 34.21 -20.73
N PHE D 366 -32.96 34.34 -19.44
CA PHE D 366 -33.07 35.66 -18.75
C PHE D 366 -31.71 36.35 -18.63
N PHE D 367 -30.60 35.60 -18.65
CA PHE D 367 -29.26 36.22 -18.42
C PHE D 367 -28.31 35.94 -19.58
N GLU D 368 -27.54 36.95 -20.00
CA GLU D 368 -26.49 36.70 -21.01
C GLU D 368 -25.33 36.02 -20.27
N MET D 369 -24.62 35.08 -20.88
CA MET D 369 -23.58 34.33 -20.12
C MET D 369 -22.61 33.61 -21.08
N THR D 370 -21.30 33.71 -20.83
CA THR D 370 -20.30 32.98 -21.65
C THR D 370 -19.90 31.69 -20.92
N TRP D 371 -19.43 30.67 -21.66
CA TRP D 371 -19.07 29.37 -21.04
C TRP D 371 -17.55 29.26 -20.80
N ALA D 372 -16.80 30.36 -20.96
CA ALA D 372 -15.35 30.36 -20.64
C ALA D 372 -14.65 29.11 -21.21
N SER D 373 -14.96 28.70 -22.45
CA SER D 373 -14.28 27.55 -23.12
C SER D 373 -14.54 26.21 -22.42
N LEU D 374 -15.64 26.07 -21.69
CA LEU D 374 -15.99 24.73 -21.13
C LEU D 374 -16.51 23.86 -22.29
N ARG D 375 -16.16 22.56 -22.30
CA ARG D 375 -16.58 21.65 -23.40
C ARG D 375 -18.11 21.54 -23.47
N LYS D 376 -18.64 21.06 -24.61
CA LYS D 376 -20.11 20.94 -24.80
C LYS D 376 -20.66 19.60 -24.27
N CYS D 377 -21.90 19.61 -23.77
CA CYS D 377 -22.55 18.36 -23.27
C CYS D 377 -23.58 17.88 -24.31
N MET D 378 -23.60 16.58 -24.61
CA MET D 378 -24.50 16.03 -25.67
C MET D 378 -25.91 15.75 -25.13
N PRO D 379 -27.00 16.33 -25.70
CA PRO D 379 -28.37 16.02 -25.27
C PRO D 379 -28.84 14.63 -25.73
N VAL D 380 -29.74 14.02 -24.96
CA VAL D 380 -30.29 12.68 -25.32
C VAL D 380 -31.82 12.74 -25.38
N ALA D 381 -32.42 12.23 -26.46
CA ALA D 381 -33.90 12.27 -26.63
C ALA D 381 -34.46 10.85 -26.51
N SER D 382 -35.38 10.61 -25.55
CA SER D 382 -35.90 9.23 -25.30
C SER D 382 -37.31 9.29 -24.69
N GLY D 383 -38.17 8.30 -25.01
CA GLY D 383 -39.51 8.23 -24.40
C GLY D 383 -40.65 8.12 -25.40
N GLY D 384 -41.08 6.91 -25.76
CA GLY D 384 -42.24 6.70 -26.65
C GLY D 384 -42.14 7.44 -27.98
N ILE D 385 -41.09 7.19 -28.76
CA ILE D 385 -40.94 7.81 -30.12
C ILE D 385 -40.75 6.70 -31.16
N HIS D 386 -41.14 6.95 -32.43
CA HIS D 386 -41.06 5.88 -33.46
C HIS D 386 -40.62 6.44 -34.83
N CYS D 387 -40.09 5.58 -35.70
CA CYS D 387 -39.55 6.02 -37.03
C CYS D 387 -40.59 6.78 -37.86
N GLY D 388 -41.88 6.57 -37.60
CA GLY D 388 -42.93 7.33 -38.30
C GLY D 388 -42.87 8.83 -37.99
N GLN D 389 -42.11 9.24 -36.98
CA GLN D 389 -42.03 10.68 -36.58
C GLN D 389 -40.66 11.27 -36.95
N MET D 390 -39.89 10.60 -37.81
CA MET D 390 -38.51 11.07 -38.13
C MET D 390 -38.50 12.55 -38.57
N HIS D 391 -39.41 12.97 -39.45
CA HIS D 391 -39.40 14.37 -39.96
C HIS D 391 -39.47 15.38 -38.81
N GLN D 392 -40.28 15.13 -37.78
CA GLN D 392 -40.43 16.05 -36.63
C GLN D 392 -39.14 16.06 -35.78
N LEU D 393 -38.58 14.87 -35.50
CA LEU D 393 -37.35 14.77 -34.66
C LEU D 393 -36.21 15.61 -35.27
N VAL D 394 -35.96 15.47 -36.57
CA VAL D 394 -34.87 16.23 -37.26
C VAL D 394 -35.13 17.74 -37.11
N HIS D 395 -36.38 18.17 -37.23
CA HIS D 395 -36.70 19.63 -37.22
C HIS D 395 -36.59 20.25 -35.82
N TYR D 396 -37.00 19.53 -34.77
CA TYR D 396 -37.01 20.14 -33.41
C TYR D 396 -35.71 19.89 -32.65
N LEU D 397 -35.06 18.73 -32.82
CA LEU D 397 -33.91 18.39 -31.94
C LEU D 397 -32.53 18.75 -32.53
N GLY D 398 -32.39 18.84 -33.85
CA GLY D 398 -31.10 19.28 -34.42
C GLY D 398 -30.20 18.13 -34.85
N ASP D 399 -28.87 18.33 -34.84
CA ASP D 399 -27.94 17.29 -35.36
C ASP D 399 -27.01 16.74 -34.28
N ASP D 400 -26.74 17.52 -33.22
CA ASP D 400 -25.93 17.00 -32.09
C ASP D 400 -26.89 16.43 -31.03
N VAL D 401 -27.25 15.15 -31.16
CA VAL D 401 -28.23 14.52 -30.23
C VAL D 401 -28.18 13.00 -30.36
N VAL D 402 -28.53 12.28 -29.30
CA VAL D 402 -28.66 10.80 -29.38
C VAL D 402 -30.15 10.46 -29.38
N LEU D 403 -30.66 9.91 -30.48
CA LEU D 403 -32.08 9.47 -30.55
C LEU D 403 -32.18 8.02 -30.08
N GLN D 404 -32.97 7.74 -29.03
CA GLN D 404 -33.02 6.37 -28.46
C GLN D 404 -34.40 5.72 -28.67
N PHE D 405 -34.45 4.47 -29.17
CA PHE D 405 -35.74 3.78 -29.45
C PHE D 405 -35.81 2.40 -28.74
N GLY D 406 -36.50 2.33 -27.60
CA GLY D 406 -36.62 1.05 -26.84
C GLY D 406 -37.75 0.19 -27.38
N GLY D 407 -39.00 0.48 -27.02
CA GLY D 407 -40.15 -0.24 -27.59
C GLY D 407 -40.21 -0.08 -29.11
N GLY D 408 -39.72 1.06 -29.62
CA GLY D 408 -39.73 1.33 -31.06
C GLY D 408 -38.79 0.44 -31.84
N THR D 409 -37.97 -0.38 -31.16
CA THR D 409 -37.03 -1.30 -31.84
C THR D 409 -37.38 -2.76 -31.47
N ILE D 410 -37.40 -3.08 -30.18
CA ILE D 410 -37.66 -4.48 -29.72
C ILE D 410 -39.09 -4.90 -30.07
N GLY D 411 -40.01 -3.94 -30.18
CA GLY D 411 -41.44 -4.26 -30.44
C GLY D 411 -41.75 -4.55 -31.91
N HIS D 412 -40.73 -4.65 -32.77
CA HIS D 412 -40.93 -4.95 -34.21
C HIS D 412 -41.39 -6.40 -34.38
N PRO D 413 -42.42 -6.71 -35.22
CA PRO D 413 -42.92 -8.09 -35.38
C PRO D 413 -41.92 -9.05 -36.04
N ASP D 414 -40.95 -8.54 -36.81
CA ASP D 414 -40.02 -9.43 -37.55
C ASP D 414 -38.68 -9.58 -36.83
N GLY D 415 -38.57 -9.19 -35.56
CA GLY D 415 -37.32 -9.42 -34.80
C GLY D 415 -36.58 -8.13 -34.46
N ILE D 416 -35.57 -8.23 -33.58
CA ILE D 416 -34.83 -7.02 -33.11
C ILE D 416 -33.96 -6.47 -34.25
N GLN D 417 -33.26 -7.34 -34.98
CA GLN D 417 -32.38 -6.89 -36.10
C GLN D 417 -33.22 -6.09 -37.11
N ALA D 418 -34.41 -6.59 -37.45
CA ALA D 418 -35.29 -5.87 -38.40
C ALA D 418 -35.64 -4.49 -37.85
N GLY D 419 -36.07 -4.42 -36.58
CA GLY D 419 -36.38 -3.12 -35.94
C GLY D 419 -35.24 -2.12 -36.08
N ALA D 420 -34.00 -2.55 -35.78
CA ALA D 420 -32.83 -1.63 -35.83
C ALA D 420 -32.66 -1.09 -37.26
N THR D 421 -32.77 -1.96 -38.27
CA THR D 421 -32.60 -1.56 -39.68
C THR D 421 -33.62 -0.47 -40.05
N ALA D 422 -34.90 -0.68 -39.71
CA ALA D 422 -35.95 0.29 -40.09
C ALA D 422 -35.60 1.69 -39.54
N ASN D 423 -35.07 1.76 -38.33
CA ASN D 423 -34.77 3.08 -37.69
C ASN D 423 -33.61 3.78 -38.45
N ARG D 424 -32.53 3.05 -38.76
CA ARG D 424 -31.35 3.67 -39.43
C ARG D 424 -31.72 4.16 -40.83
N VAL D 425 -32.34 3.31 -41.64
CA VAL D 425 -32.76 3.71 -43.02
C VAL D 425 -33.59 5.00 -42.94
N ALA D 426 -34.63 5.02 -42.11
CA ALA D 426 -35.52 6.21 -42.00
C ALA D 426 -34.67 7.47 -41.81
N LEU D 427 -33.75 7.44 -40.83
CA LEU D 427 -32.88 8.61 -40.55
C LEU D 427 -32.06 9.00 -41.79
N GLU D 428 -31.29 8.06 -42.36
CA GLU D 428 -30.40 8.37 -43.52
C GLU D 428 -31.19 9.07 -44.64
N ALA D 429 -32.35 8.55 -45.00
CA ALA D 429 -33.16 9.14 -46.10
C ALA D 429 -33.58 10.58 -45.76
N MET D 430 -34.00 10.82 -44.51
CA MET D 430 -34.48 12.17 -44.09
C MET D 430 -33.35 13.21 -44.20
N ILE D 431 -32.16 12.89 -43.67
CA ILE D 431 -30.99 13.82 -43.70
C ILE D 431 -30.60 14.11 -45.15
N LEU D 432 -30.42 13.08 -45.97
CA LEU D 432 -30.12 13.28 -47.41
C LEU D 432 -31.11 14.29 -48.00
N ALA D 433 -32.42 14.04 -47.85
CA ALA D 433 -33.46 14.92 -48.42
C ALA D 433 -33.27 16.34 -47.87
N ARG D 434 -33.08 16.48 -46.56
CA ARG D 434 -32.86 17.82 -45.95
C ARG D 434 -31.71 18.52 -46.67
N ASN D 435 -30.56 17.86 -46.78
CA ASN D 435 -29.34 18.50 -47.37
C ASN D 435 -29.58 18.91 -48.83
N GLU D 436 -30.58 18.33 -49.49
CA GLU D 436 -30.89 18.67 -50.91
C GLU D 436 -31.87 19.85 -50.96
N GLY D 437 -32.31 20.37 -49.81
CA GLY D 437 -33.20 21.55 -49.78
C GLY D 437 -34.66 21.21 -50.00
N ALA D 438 -35.23 20.30 -49.20
CA ALA D 438 -36.67 19.98 -49.31
C ALA D 438 -37.39 20.47 -48.04
N ASP D 439 -38.72 20.63 -48.11
CA ASP D 439 -39.53 21.07 -46.93
C ASP D 439 -39.99 19.83 -46.16
N TYR D 440 -39.04 19.06 -45.60
CA TYR D 440 -39.38 17.79 -44.92
C TYR D 440 -40.31 17.96 -43.72
N PHE D 441 -40.46 19.18 -43.20
CA PHE D 441 -41.29 19.35 -41.98
C PHE D 441 -42.78 19.45 -42.36
N ASN D 442 -43.07 19.83 -43.61
CA ASN D 442 -44.48 19.93 -44.08
C ASN D 442 -45.21 18.62 -43.74
N SER D 443 -46.49 18.71 -43.36
CA SER D 443 -47.24 17.50 -42.93
C SER D 443 -47.41 16.52 -44.08
N ASP D 444 -47.06 16.90 -45.32
CA ASP D 444 -47.27 16.01 -46.48
C ASP D 444 -45.91 15.54 -47.02
N ILE D 445 -44.95 16.46 -47.20
CA ILE D 445 -43.61 16.11 -47.75
C ILE D 445 -42.92 15.09 -46.81
N GLY D 446 -42.80 15.42 -45.53
CA GLY D 446 -42.14 14.51 -44.56
C GLY D 446 -42.58 13.07 -44.72
N PRO D 447 -43.88 12.71 -44.49
CA PRO D 447 -44.31 11.30 -44.54
C PRO D 447 -44.03 10.66 -45.91
N GLN D 448 -44.28 11.39 -47.00
CA GLN D 448 -44.04 10.86 -48.36
C GLN D 448 -42.57 10.42 -48.49
N ILE D 449 -41.64 11.27 -48.03
CA ILE D 449 -40.19 10.91 -48.07
C ILE D 449 -40.00 9.52 -47.43
N LEU D 450 -40.56 9.28 -46.25
CA LEU D 450 -40.42 7.98 -45.55
C LEU D 450 -41.09 6.89 -46.39
N ARG D 451 -42.29 7.16 -46.90
CA ARG D 451 -43.02 6.18 -47.75
C ARG D 451 -42.14 5.81 -48.95
N ASN D 452 -41.55 6.79 -49.61
CA ASN D 452 -40.68 6.52 -50.79
C ASN D 452 -39.56 5.55 -50.39
N ALA D 453 -38.81 5.90 -49.33
CA ALA D 453 -37.73 5.02 -48.83
C ALA D 453 -38.27 3.62 -48.52
N ALA D 454 -39.46 3.52 -47.94
CA ALA D 454 -40.05 2.22 -47.54
C ALA D 454 -40.21 1.27 -48.73
N LYS D 455 -40.34 1.80 -49.95
CA LYS D 455 -40.59 0.91 -51.12
C LYS D 455 -39.30 0.16 -51.50
N THR D 456 -38.22 0.34 -50.73
CA THR D 456 -36.97 -0.43 -50.99
C THR D 456 -36.52 -1.11 -49.69
N CYS D 457 -37.36 -1.13 -48.67
CA CYS D 457 -37.00 -1.74 -47.36
C CYS D 457 -38.24 -2.28 -46.65
N GLY D 458 -38.43 -3.60 -46.70
CA GLY D 458 -39.63 -4.23 -46.09
C GLY D 458 -39.79 -3.91 -44.61
N PRO D 459 -38.77 -4.11 -43.75
CA PRO D 459 -38.88 -3.75 -42.32
C PRO D 459 -39.50 -2.36 -42.10
N LEU D 460 -39.02 -1.35 -42.82
CA LEU D 460 -39.54 0.04 -42.65
C LEU D 460 -41.04 0.07 -43.00
N GLN D 461 -41.43 -0.53 -44.12
CA GLN D 461 -42.86 -0.59 -44.51
C GLN D 461 -43.69 -1.17 -43.35
N THR D 462 -43.24 -2.29 -42.78
CA THR D 462 -43.98 -2.96 -41.67
C THR D 462 -44.13 -1.98 -40.49
N ALA D 463 -43.04 -1.32 -40.08
CA ALA D 463 -43.08 -0.42 -38.90
C ALA D 463 -44.06 0.74 -39.15
N LEU D 464 -43.97 1.39 -40.32
CA LEU D 464 -44.87 2.55 -40.62
C LEU D 464 -46.32 2.11 -40.44
N ASP D 465 -46.71 1.00 -41.07
CA ASP D 465 -48.10 0.50 -40.99
C ASP D 465 -48.48 0.20 -39.54
N LEU D 466 -47.55 -0.28 -38.72
CA LEU D 466 -47.87 -0.71 -37.33
C LEU D 466 -48.15 0.51 -36.42
N TRP D 467 -47.27 1.52 -36.40
CA TRP D 467 -47.42 2.66 -35.46
C TRP D 467 -47.87 3.91 -36.20
N LYS D 468 -48.72 3.77 -37.22
CA LYS D 468 -49.15 4.93 -38.06
C LYS D 468 -49.94 5.96 -37.25
N ASP D 469 -50.97 5.52 -36.51
CA ASP D 469 -51.85 6.48 -35.79
C ASP D 469 -51.42 6.65 -34.33
N ILE D 470 -50.13 6.65 -34.03
CA ILE D 470 -49.68 6.72 -32.60
C ILE D 470 -49.23 8.15 -32.28
N SER D 471 -49.87 8.79 -31.29
CA SER D 471 -49.47 10.16 -30.86
C SER D 471 -49.80 10.38 -29.37
N PHE D 472 -49.18 11.38 -28.74
CA PHE D 472 -49.44 11.70 -27.30
C PHE D 472 -49.73 13.20 -27.16
N ASN D 473 -50.97 13.62 -27.38
CA ASN D 473 -51.34 15.06 -27.31
C ASN D 473 -51.97 15.37 -25.96
N TYR D 474 -51.32 16.19 -25.15
CA TYR D 474 -51.87 16.62 -23.83
C TYR D 474 -51.35 18.02 -23.51
N THR D 475 -52.14 18.84 -22.80
CA THR D 475 -51.70 20.20 -22.40
C THR D 475 -50.45 20.12 -21.51
N SER D 476 -49.47 21.01 -21.74
CA SER D 476 -48.19 20.99 -20.97
C SER D 476 -48.35 21.66 -19.61
N THR D 477 -47.46 21.33 -18.65
CA THR D 477 -47.50 21.93 -17.29
C THR D 477 -46.54 23.12 -17.22
N ASP D 478 -45.33 22.96 -17.74
CA ASP D 478 -44.30 24.04 -17.66
C ASP D 478 -44.30 24.81 -18.99
N THR D 479 -44.74 26.07 -18.97
CA THR D 479 -44.85 26.86 -20.23
C THR D 479 -44.16 28.22 -20.10
N SER D 480 -44.14 29.00 -21.19
CA SER D 480 -43.44 30.31 -21.21
C SER D 480 -44.34 31.42 -20.66
N ASP D 481 -43.76 32.60 -20.41
CA ASP D 481 -44.54 33.77 -19.91
C ASP D 481 -44.41 34.94 -20.89
N PHE D 482 -43.69 34.74 -22.00
CA PHE D 482 -43.48 35.80 -23.02
C PHE D 482 -43.76 35.23 -24.42
N SER D 483 -43.91 36.07 -25.44
CA SER D 483 -44.26 35.58 -26.80
C SER D 483 -43.32 36.13 -27.88
N VAL D 484 -43.59 35.81 -29.16
CA VAL D 484 -42.73 36.26 -30.30
C VAL D 484 -41.37 35.58 -30.18
N SER E 4 0.66 16.71 -61.44
CA SER E 4 0.67 16.07 -60.09
C SER E 4 -0.45 16.66 -59.23
N VAL E 5 -1.00 15.86 -58.30
CA VAL E 5 -2.08 16.37 -57.40
C VAL E 5 -1.49 17.43 -56.46
N SER E 6 -0.31 17.18 -55.89
CA SER E 6 0.33 18.15 -54.95
C SER E 6 0.49 19.52 -55.63
N GLU E 7 1.00 19.54 -56.86
CA GLU E 7 1.27 20.84 -57.53
C GLU E 7 -0.04 21.59 -57.73
N ARG E 8 -1.12 20.89 -58.13
CA ARG E 8 -2.43 21.54 -58.37
C ARG E 8 -3.05 22.03 -57.06
N THR E 9 -2.71 21.42 -55.92
CA THR E 9 -3.38 21.79 -54.64
C THR E 9 -2.53 22.78 -53.84
N ARG E 10 -1.69 23.57 -54.52
CA ARG E 10 -0.82 24.55 -53.82
C ARG E 10 -1.64 25.75 -53.34
N ILE E 11 -1.38 26.24 -52.13
CA ILE E 11 -2.10 27.44 -51.58
C ILE E 11 -1.57 28.70 -52.27
N LYS E 12 -2.47 29.50 -52.84
CA LYS E 12 -2.05 30.73 -53.59
C LYS E 12 -2.55 31.98 -52.84
N SER E 13 -3.17 31.79 -51.67
CA SER E 13 -3.66 32.94 -50.87
C SER E 13 -2.46 33.83 -50.49
N ASP E 14 -2.64 35.15 -50.50
CA ASP E 14 -1.51 36.08 -50.19
C ASP E 14 -0.97 35.77 -48.79
N ARG E 15 -1.82 35.40 -47.84
CA ARG E 15 -1.35 35.20 -46.44
C ARG E 15 -0.84 33.77 -46.22
N TYR E 16 -1.38 32.77 -46.93
CA TYR E 16 -0.98 31.36 -46.63
C TYR E 16 -0.17 30.75 -47.76
N GLU E 17 0.35 31.56 -48.68
CA GLU E 17 1.28 31.00 -49.70
C GLU E 17 2.66 30.85 -49.04
N SER E 18 3.44 29.84 -49.44
CA SER E 18 4.76 29.57 -48.80
C SER E 18 5.69 30.78 -48.92
N GLY E 19 6.62 30.95 -47.97
CA GLY E 19 7.59 32.07 -48.02
C GLY E 19 7.72 32.79 -46.68
N VAL E 20 8.61 33.79 -46.62
CA VAL E 20 8.85 34.56 -45.36
C VAL E 20 8.27 35.98 -45.50
N ILE E 21 7.52 36.44 -44.51
CA ILE E 21 6.96 37.83 -44.51
C ILE E 21 7.23 38.45 -43.13
N PRO E 22 7.24 39.80 -42.94
CA PRO E 22 7.42 40.39 -41.59
C PRO E 22 6.37 39.95 -40.56
N TYR E 23 6.77 39.85 -39.28
CA TYR E 23 5.83 39.44 -38.20
C TYR E 23 4.69 40.45 -38.08
N ALA E 24 4.95 41.72 -38.38
CA ALA E 24 3.93 42.78 -38.26
C ALA E 24 2.88 42.66 -39.38
N LYS E 25 3.17 41.90 -40.44
CA LYS E 25 2.16 41.68 -41.52
C LYS E 25 1.53 40.29 -41.34
N MET E 26 1.97 39.55 -40.32
CA MET E 26 1.40 38.19 -40.03
C MET E 26 0.21 38.32 -39.07
N GLY E 27 -0.04 39.52 -38.55
CA GLY E 27 -1.18 39.75 -37.63
C GLY E 27 -0.76 39.85 -36.16
N TYR E 28 0.50 40.21 -35.88
CA TYR E 28 0.99 40.24 -34.48
C TYR E 28 1.13 41.69 -34.01
N TRP E 29 0.77 42.66 -34.86
CA TRP E 29 0.77 44.08 -34.44
C TRP E 29 -0.62 44.68 -34.68
N ASP E 30 -1.23 45.28 -33.65
CA ASP E 30 -2.61 45.85 -33.78
C ASP E 30 -2.75 47.07 -32.87
N ALA E 31 -2.43 48.26 -33.38
CA ALA E 31 -2.52 49.49 -32.58
C ALA E 31 -3.97 49.75 -32.13
N ALA E 32 -4.96 49.30 -32.90
CA ALA E 32 -6.38 49.53 -32.54
C ALA E 32 -6.96 48.31 -31.82
N TYR E 33 -6.17 47.66 -30.96
CA TYR E 33 -6.65 46.47 -30.21
C TYR E 33 -7.37 46.90 -28.93
N ALA E 34 -8.48 46.25 -28.60
CA ALA E 34 -9.23 46.55 -27.35
C ALA E 34 -8.93 45.45 -26.32
N VAL E 35 -8.39 45.80 -25.16
CA VAL E 35 -7.99 44.77 -24.15
C VAL E 35 -9.23 44.21 -23.42
N LYS E 36 -9.19 42.92 -23.07
CA LYS E 36 -10.32 42.29 -22.32
C LYS E 36 -9.91 42.10 -20.84
N ASN E 37 -10.88 41.91 -19.96
CA ASN E 37 -10.60 41.76 -18.50
C ASN E 37 -10.08 40.35 -18.19
N THR E 38 -10.11 39.44 -19.17
CA THR E 38 -9.59 38.06 -18.98
C THR E 38 -8.18 37.94 -19.58
N ASP E 39 -7.70 38.97 -20.26
CA ASP E 39 -6.39 38.86 -20.96
C ASP E 39 -5.19 38.96 -20.01
N VAL E 40 -4.10 38.25 -20.32
CA VAL E 40 -2.84 38.43 -19.54
C VAL E 40 -2.04 39.49 -20.30
N LEU E 41 -1.42 40.44 -19.58
CA LEU E 41 -0.67 41.54 -20.25
C LEU E 41 0.80 41.55 -19.77
N ALA E 42 1.71 42.03 -20.61
CA ALA E 42 3.16 42.08 -20.24
C ALA E 42 3.80 43.39 -20.71
N LEU E 43 4.75 43.93 -19.93
CA LEU E 43 5.48 45.15 -20.34
C LEU E 43 6.96 44.78 -20.51
N PHE E 44 7.53 45.00 -21.69
CA PHE E 44 8.95 44.65 -21.97
C PHE E 44 9.77 45.90 -22.30
N ARG E 45 11.00 45.99 -21.80
CA ARG E 45 11.92 47.10 -22.19
C ARG E 45 12.82 46.52 -23.28
N ILE E 46 12.68 46.96 -24.53
CA ILE E 46 13.43 46.32 -25.67
C ILE E 46 14.53 47.25 -26.19
N THR E 47 15.65 46.67 -26.65
CA THR E 47 16.74 47.47 -27.26
C THR E 47 17.01 46.92 -28.66
N GLN E 49 18.43 46.00 -32.49
CA GLN E 49 19.78 46.01 -33.12
C GLN E 49 19.83 47.17 -34.13
N PRO E 50 20.99 47.83 -34.36
CA PRO E 50 21.08 48.88 -35.38
C PRO E 50 20.37 48.50 -36.69
N GLY E 51 19.39 49.30 -37.12
CA GLY E 51 18.69 49.04 -38.39
C GLY E 51 17.30 48.45 -38.20
N VAL E 52 17.08 47.70 -37.12
CA VAL E 52 15.76 47.02 -36.90
C VAL E 52 14.70 48.06 -36.51
N ASP E 53 13.52 48.00 -37.14
CA ASP E 53 12.41 48.95 -36.82
C ASP E 53 11.81 48.62 -35.44
N PRO E 54 11.63 49.61 -34.53
CA PRO E 54 11.04 49.36 -33.20
C PRO E 54 9.74 48.54 -33.25
N VAL E 55 8.86 48.81 -34.21
CA VAL E 55 7.55 48.10 -34.27
C VAL E 55 7.76 46.63 -34.70
N GLU E 56 8.68 46.37 -35.62
CA GLU E 56 8.96 44.97 -36.05
C GLU E 56 9.46 44.16 -34.84
N ALA E 57 10.36 44.73 -34.04
CA ALA E 57 10.89 44.03 -32.84
C ALA E 57 9.74 43.63 -31.91
N ALA E 58 8.85 44.57 -31.57
CA ALA E 58 7.69 44.27 -30.70
C ALA E 58 6.87 43.13 -31.30
N ALA E 59 6.58 43.19 -32.61
CA ALA E 59 5.79 42.15 -33.29
C ALA E 59 6.50 40.79 -33.22
N ALA E 60 7.84 40.78 -33.37
CA ALA E 60 8.62 39.53 -33.27
C ALA E 60 8.47 38.91 -31.87
N VAL E 61 8.65 39.70 -30.81
CA VAL E 61 8.50 39.20 -29.41
C VAL E 61 7.10 38.60 -29.24
N ALA E 62 6.05 39.27 -29.73
CA ALA E 62 4.66 38.78 -29.56
C ALA E 62 4.45 37.45 -30.30
N GLY E 63 4.93 37.35 -31.53
CA GLY E 63 4.75 36.13 -32.34
C GLY E 63 5.51 34.94 -31.78
N GLU E 64 6.79 35.14 -31.43
CA GLU E 64 7.64 34.00 -30.97
C GLU E 64 7.24 33.56 -29.56
N SER E 65 6.44 34.36 -28.84
CA SER E 65 5.99 33.98 -27.49
C SER E 65 4.55 33.43 -27.53
N SER E 66 3.99 33.25 -28.73
CA SER E 66 2.58 32.79 -28.86
C SER E 66 2.49 31.59 -29.82
N THR E 67 2.36 31.83 -31.13
CA THR E 67 2.14 30.70 -32.07
C THR E 67 2.91 30.84 -33.40
N ALA E 68 3.84 31.79 -33.51
CA ALA E 68 4.49 32.03 -34.82
C ALA E 68 5.84 31.33 -35.01
N THR E 69 6.33 31.25 -36.26
CA THR E 69 7.69 30.72 -36.56
C THR E 69 8.31 31.64 -37.62
N TRP E 70 9.49 31.31 -38.15
CA TRP E 70 10.21 32.23 -39.09
C TRP E 70 9.62 32.22 -40.51
N THR E 71 8.73 31.30 -40.84
CA THR E 71 8.20 31.19 -42.24
C THR E 71 6.70 30.82 -42.18
N VAL E 72 5.97 30.99 -43.29
CA VAL E 72 4.49 30.74 -43.30
C VAL E 72 4.17 29.24 -43.22
N VAL E 73 3.18 28.86 -42.40
CA VAL E 73 2.74 27.44 -42.31
C VAL E 73 1.22 27.35 -42.59
N TRP E 74 0.81 26.44 -43.48
CA TRP E 74 -0.64 26.31 -43.84
C TRP E 74 -1.42 25.64 -42.70
N THR E 75 -0.73 24.92 -41.83
CA THR E 75 -1.42 24.18 -40.73
C THR E 75 -2.23 25.16 -39.87
N ASP E 76 -1.90 26.45 -39.91
CA ASP E 76 -2.66 27.49 -39.16
C ASP E 76 -4.15 27.41 -39.51
N LEU E 77 -4.50 26.98 -40.73
CA LEU E 77 -5.91 26.96 -41.19
C LEU E 77 -6.71 25.81 -40.55
N LEU E 78 -6.07 24.99 -39.71
CA LEU E 78 -6.79 23.90 -39.00
C LEU E 78 -7.17 24.39 -37.60
N THR E 79 -7.04 25.69 -37.35
CA THR E 79 -7.29 26.24 -35.99
C THR E 79 -7.96 27.61 -36.08
N ALA E 80 -8.52 28.11 -34.98
CA ALA E 80 -9.05 29.50 -34.97
C ALA E 80 -7.84 30.42 -34.76
N CYS E 81 -6.99 30.58 -35.78
CA CYS E 81 -5.71 31.34 -35.63
C CYS E 81 -5.86 32.71 -34.98
N ASP E 82 -6.79 33.54 -35.44
CA ASP E 82 -6.91 34.94 -34.93
C ASP E 82 -7.05 34.95 -33.40
N ARG E 83 -7.75 33.97 -32.82
CA ARG E 83 -8.00 33.98 -31.37
C ARG E 83 -6.73 33.65 -30.58
N TYR E 84 -5.82 32.85 -31.15
CA TYR E 84 -4.64 32.37 -30.36
C TYR E 84 -3.41 33.28 -30.51
N ARG E 85 -3.38 34.19 -31.49
CA ARG E 85 -2.18 35.06 -31.71
C ARG E 85 -2.09 36.13 -30.63
N ALA E 86 -0.92 36.34 -30.03
CA ALA E 86 -0.74 37.46 -29.08
C ALA E 86 -0.66 38.75 -29.88
N LYS E 87 -0.95 39.91 -29.28
CA LYS E 87 -0.99 41.16 -30.09
C LYS E 87 -0.20 42.30 -29.46
N ALA E 88 0.82 42.82 -30.15
CA ALA E 88 1.51 44.04 -29.67
C ALA E 88 0.57 45.22 -29.95
N TYR E 89 0.37 46.13 -29.00
CA TYR E 89 -0.64 47.20 -29.23
C TYR E 89 -0.12 48.61 -28.84
N ARG E 90 1.04 48.72 -28.20
CA ARG E 90 1.59 50.06 -27.80
C ARG E 90 3.12 50.04 -27.71
N VAL E 91 3.83 51.00 -28.34
CA VAL E 91 5.32 51.06 -28.28
C VAL E 91 5.71 52.52 -28.04
N ASP E 92 6.58 52.78 -27.04
CA ASP E 92 6.96 54.17 -26.69
C ASP E 92 8.45 54.26 -26.32
N PRO E 93 9.18 55.35 -26.65
CA PRO E 93 10.58 55.48 -26.25
C PRO E 93 10.74 55.61 -24.74
N VAL E 94 11.82 55.05 -24.18
CA VAL E 94 12.10 55.19 -22.72
C VAL E 94 12.63 56.61 -22.47
N PRO E 95 12.09 57.37 -21.48
CA PRO E 95 12.51 58.76 -21.26
C PRO E 95 14.02 58.92 -21.01
N ASN E 96 14.61 60.02 -21.49
CA ASN E 96 16.06 60.30 -21.26
C ASN E 96 16.95 59.20 -21.86
N THR E 97 16.43 58.44 -22.84
CA THR E 97 17.23 57.34 -23.44
C THR E 97 17.06 57.29 -24.96
N THR E 98 18.11 56.88 -25.66
CA THR E 98 17.98 56.66 -27.13
C THR E 98 18.29 55.17 -27.35
N ASP E 99 17.45 54.47 -28.12
CA ASP E 99 17.65 53.02 -28.42
C ASP E 99 16.89 52.13 -27.42
N GLN E 100 16.16 52.72 -26.46
CA GLN E 100 15.32 51.89 -25.54
C GLN E 100 13.84 52.22 -25.77
N TYR E 101 12.97 51.20 -25.81
CA TYR E 101 11.51 51.42 -26.01
C TYR E 101 10.68 50.50 -25.10
N PHE E 102 9.52 50.98 -24.63
CA PHE E 102 8.59 50.16 -23.82
C PHE E 102 7.53 49.56 -24.76
N ALA E 103 7.18 48.28 -24.57
CA ALA E 103 6.20 47.60 -25.46
C ALA E 103 5.14 46.86 -24.62
N PHE E 104 3.85 47.05 -24.93
CA PHE E 104 2.74 46.37 -24.22
C PHE E 104 2.19 45.23 -25.08
N ILE E 105 1.95 44.06 -24.49
CA ILE E 105 1.47 42.87 -25.27
C ILE E 105 0.33 42.14 -24.53
N ALA E 106 -0.71 41.70 -25.25
CA ALA E 106 -1.88 41.02 -24.63
C ALA E 106 -1.95 39.55 -25.06
N TYR E 107 -2.29 38.64 -24.15
CA TYR E 107 -2.38 37.18 -24.44
C TYR E 107 -3.75 36.63 -24.06
N GLU E 108 -4.31 35.72 -24.87
CA GLU E 108 -5.65 35.11 -24.61
C GLU E 108 -5.58 34.16 -23.40
N ASP E 110 -7.10 31.28 -22.86
CA ASP E 110 -7.04 29.83 -23.24
C ASP E 110 -5.63 29.34 -23.60
N LEU E 111 -4.65 30.23 -23.69
CA LEU E 111 -3.25 29.82 -24.02
C LEU E 111 -2.56 29.15 -22.82
N PHE E 112 -3.08 29.29 -21.60
CA PHE E 112 -2.33 28.80 -20.40
C PHE E 112 -3.01 27.61 -19.69
N GLU E 113 -2.21 26.79 -18.99
CA GLU E 113 -2.77 25.65 -18.20
C GLU E 113 -3.15 26.17 -16.81
N GLU E 114 -4.35 25.83 -16.32
CA GLU E 114 -4.83 26.34 -15.01
C GLU E 114 -3.91 25.93 -13.85
N GLY E 115 -3.55 26.87 -12.98
CA GLY E 115 -2.75 26.56 -11.78
C GLY E 115 -1.31 26.14 -12.02
N SER E 116 -0.72 26.47 -13.16
CA SER E 116 0.67 25.99 -13.45
C SER E 116 1.62 27.14 -13.81
N LEU E 117 2.62 27.42 -12.94
CA LEU E 117 3.61 28.50 -13.19
C LEU E 117 4.62 28.09 -14.28
N ALA E 118 5.07 26.83 -14.29
CA ALA E 118 5.98 26.34 -15.36
C ALA E 118 5.39 26.68 -16.75
N ASN E 119 4.09 26.46 -16.95
CA ASN E 119 3.45 26.71 -18.27
C ASN E 119 3.44 28.21 -18.60
N LEU E 120 3.01 29.06 -17.66
CA LEU E 120 2.96 30.53 -17.89
C LEU E 120 4.36 31.01 -18.33
N THR E 121 5.41 30.63 -17.60
CA THR E 121 6.79 31.08 -17.90
C THR E 121 7.30 30.49 -19.22
N ALA E 122 6.98 29.22 -19.51
CA ALA E 122 7.39 28.59 -20.80
C ALA E 122 7.02 29.50 -21.98
N SER E 123 5.87 30.18 -21.90
CA SER E 123 5.44 31.09 -23.00
C SER E 123 6.11 32.47 -22.88
N ILE E 124 6.02 33.13 -21.72
CA ILE E 124 6.52 34.54 -21.59
C ILE E 124 8.05 34.63 -21.69
N ILE E 125 8.81 33.69 -21.11
CA ILE E 125 10.31 33.85 -21.08
C ILE E 125 11.01 32.68 -21.77
N GLY E 126 10.28 31.82 -22.48
CA GLY E 126 10.88 30.62 -23.11
C GLY E 126 12.14 30.87 -23.93
N ASN E 127 12.02 31.52 -25.10
CA ASN E 127 13.19 31.69 -26.01
C ASN E 127 13.40 33.15 -26.46
N VAL E 128 12.46 34.06 -26.20
CA VAL E 128 12.55 35.47 -26.74
C VAL E 128 13.86 36.18 -26.34
N PHE E 129 14.41 35.90 -25.16
CA PHE E 129 15.62 36.65 -24.69
C PHE E 129 16.87 36.32 -25.53
N GLY E 130 16.84 35.25 -26.33
CA GLY E 130 18.01 34.85 -27.14
C GLY E 130 17.92 35.23 -28.61
N PHE E 131 16.87 35.95 -29.01
CA PHE E 131 16.65 36.35 -30.42
C PHE E 131 17.80 37.25 -30.92
N LYS E 132 18.38 36.92 -32.09
CA LYS E 132 19.51 37.72 -32.64
C LYS E 132 19.08 39.16 -32.98
N ALA E 133 17.83 39.38 -33.39
CA ALA E 133 17.41 40.73 -33.86
C ALA E 133 17.35 41.75 -32.71
N VAL E 134 17.37 41.30 -31.45
CA VAL E 134 17.40 42.27 -30.32
C VAL E 134 18.77 42.16 -29.63
N SER E 135 19.27 43.26 -29.06
CA SER E 135 20.58 43.27 -28.37
C SER E 135 20.39 43.13 -26.85
N ALA E 136 19.19 43.46 -26.33
CA ALA E 136 18.90 43.34 -24.89
C ALA E 136 17.38 43.36 -24.65
N LEU E 137 16.91 42.81 -23.53
CA LEU E 137 15.45 42.70 -23.27
C LEU E 137 15.20 42.49 -21.78
N ARG E 138 14.12 43.08 -21.24
CA ARG E 138 13.84 42.95 -19.78
C ARG E 138 12.32 42.94 -19.53
N LEU E 139 11.81 41.94 -18.81
CA LEU E 139 10.37 41.89 -18.42
C LEU E 139 10.20 42.77 -17.18
N GLU E 140 9.51 43.90 -17.31
CA GLU E 140 9.38 44.87 -16.17
C GLU E 140 8.12 44.63 -15.33
N ASP E 141 6.98 44.29 -15.94
CA ASP E 141 5.71 44.14 -15.17
C ASP E 141 4.72 43.22 -15.89
N MET E 142 3.63 42.83 -15.21
CA MET E 142 2.58 41.96 -15.80
C MET E 142 1.24 42.23 -15.12
N ARG E 143 0.13 42.07 -15.84
CA ARG E 143 -1.23 42.21 -15.23
C ARG E 143 -1.88 40.82 -15.28
N ILE E 144 -1.98 40.15 -14.13
CA ILE E 144 -2.60 38.78 -14.05
C ILE E 144 -4.09 38.93 -13.72
N PRO E 145 -5.02 38.50 -14.61
CA PRO E 145 -6.45 38.73 -14.38
C PRO E 145 -7.10 37.94 -13.23
N HIS E 146 -8.25 38.42 -12.75
CA HIS E 146 -8.98 37.76 -11.63
C HIS E 146 -9.27 36.29 -11.97
N SER E 147 -9.80 36.02 -13.16
CA SER E 147 -10.15 34.63 -13.59
C SER E 147 -8.97 33.68 -13.41
N TYR E 148 -7.77 34.06 -13.87
CA TYR E 148 -6.59 33.16 -13.77
C TYR E 148 -6.14 33.03 -12.30
N LEU E 149 -6.19 34.11 -11.52
CA LEU E 149 -5.74 34.09 -10.10
C LEU E 149 -6.52 33.02 -9.34
N THR E 151 -7.32 30.09 -10.02
CA THR E 151 -6.88 28.68 -10.25
C THR E 151 -5.64 28.37 -9.42
N PHE E 152 -5.17 29.32 -8.61
CA PHE E 152 -3.95 29.11 -7.77
C PHE E 152 -4.33 29.17 -6.27
N GLN E 153 -3.55 28.50 -5.42
CA GLN E 153 -3.88 28.42 -3.96
C GLN E 153 -3.64 29.76 -3.25
N GLY E 154 -2.52 30.43 -3.51
CA GLY E 154 -2.18 31.63 -2.72
C GLY E 154 -1.51 31.22 -1.41
N ALA E 156 -0.12 29.68 1.98
CA ALA E 156 -0.70 28.57 2.78
C ALA E 156 -1.26 29.10 4.09
N THR E 157 -0.51 29.95 4.80
CA THR E 157 -0.97 30.50 6.10
C THR E 157 -1.44 31.95 5.89
N GLY E 158 -0.56 32.84 5.42
CA GLY E 158 -0.92 34.26 5.24
C GLY E 158 -0.57 35.09 6.46
N VAL E 159 -0.33 36.38 6.30
CA VAL E 159 0.13 37.23 7.45
C VAL E 159 -0.88 37.17 8.60
N ILE E 160 -2.17 37.36 8.34
CA ILE E 160 -3.21 37.42 9.44
C ILE E 160 -3.19 36.14 10.29
N VAL E 161 -3.36 34.96 9.67
CA VAL E 161 -3.41 33.69 10.43
C VAL E 161 -2.08 33.49 11.16
N GLU E 162 -0.97 33.92 10.57
CA GLU E 162 0.37 33.67 11.20
C GLU E 162 0.51 34.44 12.52
N ARG E 163 0.17 35.74 12.53
CA ARG E 163 0.25 36.55 13.78
C ARG E 163 -0.62 35.89 14.87
N GLU E 164 -1.74 35.30 14.47
CA GLU E 164 -2.64 34.63 15.46
C GLU E 164 -1.95 33.38 16.02
N ARG E 165 -1.24 32.62 15.17
CA ARG E 165 -0.53 31.40 15.61
C ARG E 165 0.57 31.75 16.62
N LEU E 166 1.09 32.97 16.56
CA LEU E 166 2.20 33.39 17.47
C LEU E 166 1.67 34.27 18.60
N ASN E 167 0.40 34.69 18.54
CA ASN E 167 -0.13 35.64 19.56
C ASN E 167 0.78 36.88 19.62
N LYS E 168 1.08 37.48 18.46
CA LYS E 168 1.96 38.69 18.42
C LYS E 168 1.31 39.73 17.50
N TYR E 169 0.95 40.90 18.04
CA TYR E 169 0.22 41.89 17.20
C TYR E 169 0.73 43.32 17.39
N GLY E 170 0.83 44.09 16.30
CA GLY E 170 1.15 45.52 16.43
C GLY E 170 2.62 45.93 16.44
N ILE E 171 3.52 45.06 15.99
CA ILE E 171 4.96 45.44 15.91
C ILE E 171 5.67 44.47 14.96
N PRO E 172 6.75 44.88 14.26
CA PRO E 172 7.51 43.95 13.41
C PRO E 172 8.03 42.75 14.23
N LEU E 173 8.16 41.59 13.58
CA LEU E 173 8.72 40.38 14.25
C LEU E 173 10.26 40.48 14.23
N GLY E 175 14.28 38.40 14.39
CA GLY E 175 14.98 37.13 14.10
C GLY E 175 16.49 37.27 13.90
N ALA E 176 17.18 36.15 13.65
CA ALA E 176 18.65 36.17 13.43
C ALA E 176 19.09 34.89 12.72
N THR E 177 20.23 34.95 12.00
CA THR E 177 20.79 33.74 11.33
C THR E 177 21.99 33.23 12.13
N VAL E 178 22.15 31.90 12.23
CA VAL E 178 23.28 31.27 12.99
C VAL E 178 24.60 31.48 12.22
N LYS E 179 25.66 31.87 12.93
CA LYS E 179 26.99 32.13 12.28
C LYS E 179 28.09 31.40 13.07
N PRO E 180 29.20 30.93 12.46
CA PRO E 180 29.48 31.16 11.02
C PRO E 180 28.60 30.34 10.07
N LYS E 181 28.60 30.67 8.78
CA LYS E 181 27.70 29.99 7.81
C LYS E 181 27.86 28.47 7.88
N LEU E 182 29.09 27.95 7.90
CA LEU E 182 29.31 26.47 7.87
C LEU E 182 30.37 26.05 8.90
N GLY E 183 30.34 24.78 9.35
CA GLY E 183 31.37 24.26 10.26
C GLY E 183 30.86 23.79 11.62
N LEU E 184 29.69 24.25 12.08
CA LEU E 184 29.21 23.92 13.45
C LEU E 184 28.58 22.52 13.52
N SER E 185 28.61 21.89 14.69
CA SER E 185 27.94 20.57 14.91
C SER E 185 26.49 20.80 15.34
N GLY E 186 25.67 19.75 15.33
CA GLY E 186 24.25 19.85 15.73
C GLY E 186 24.10 20.36 17.16
N LYS E 187 24.97 19.91 18.08
CA LYS E 187 24.83 20.29 19.51
C LYS E 187 25.17 21.78 19.68
N ASN E 188 26.23 22.24 19.03
CA ASN E 188 26.61 23.69 19.09
C ASN E 188 25.54 24.55 18.42
N TYR E 189 24.88 24.03 17.37
CA TYR E 189 23.79 24.78 16.70
C TYR E 189 22.64 25.02 17.68
N GLY E 190 22.22 23.98 18.41
CA GLY E 190 21.14 24.10 19.41
C GLY E 190 21.47 25.11 20.50
N ARG E 191 22.74 25.15 20.92
CA ARG E 191 23.17 26.09 21.98
C ARG E 191 22.89 27.54 21.54
N VAL E 192 23.29 27.90 20.32
CA VAL E 192 23.09 29.29 19.81
C VAL E 192 21.59 29.60 19.78
N VAL E 193 20.77 28.68 19.25
CA VAL E 193 19.29 28.87 19.18
C VAL E 193 18.75 29.14 20.59
N TYR E 194 19.04 28.26 21.54
CA TYR E 194 18.62 28.46 22.96
C TYR E 194 18.99 29.88 23.43
N GLU E 195 20.27 30.26 23.30
CA GLU E 195 20.75 31.59 23.78
C GLU E 195 19.97 32.74 23.11
N GLY E 196 19.97 32.81 21.78
CA GLY E 196 19.29 33.90 21.06
C GLY E 196 17.83 34.07 21.47
N LEU E 197 17.06 32.97 21.42
CA LEU E 197 15.61 33.01 21.79
C LEU E 197 15.47 33.50 23.23
N GLY E 199 17.26 35.47 24.97
CA GLY E 199 17.52 36.92 25.06
C GLY E 199 16.36 37.76 24.55
N GLY E 200 15.49 37.19 23.69
CA GLY E 200 14.29 37.92 23.28
C GLY E 200 13.98 37.91 21.79
N LEU E 201 14.63 37.03 21.01
CA LEU E 201 14.26 36.93 19.57
C LEU E 201 13.01 36.07 19.40
N ASP E 202 12.19 36.37 18.38
CA ASP E 202 11.01 35.53 18.08
C ASP E 202 11.47 34.27 17.34
N PHE E 203 12.45 34.40 16.43
CA PHE E 203 12.87 33.23 15.61
C PHE E 203 14.36 33.26 15.27
N LEU E 204 14.95 32.09 14.99
CA LEU E 204 16.34 32.04 14.44
C LEU E 204 16.24 31.20 13.16
N ASP E 206 18.45 28.61 9.91
CA ASP E 206 19.68 28.01 9.36
C ASP E 206 20.12 28.85 8.16
N ASP E 207 21.42 28.89 7.84
CA ASP E 207 21.88 29.61 6.63
C ASP E 207 21.34 28.89 5.38
N GLU E 208 21.20 29.60 4.26
CA GLU E 208 20.67 28.99 3.01
C GLU E 208 21.54 27.79 2.59
N ASN E 209 22.83 27.78 2.93
CA ASN E 209 23.72 26.69 2.44
C ASN E 209 23.85 25.56 3.49
N ILE E 210 23.08 25.59 4.57
CA ILE E 210 23.09 24.49 5.57
C ILE E 210 22.02 23.46 5.18
N ASN E 211 22.44 22.23 4.86
CA ASN E 211 21.49 21.14 4.51
C ASN E 211 21.91 19.87 5.28
N SER E 212 22.67 18.99 4.65
CA SER E 212 23.22 17.78 5.34
C SER E 212 24.65 17.56 4.84
N GLN E 213 25.66 17.84 5.68
CA GLN E 213 27.08 17.77 5.21
C GLN E 213 27.91 16.92 6.17
N PRO E 214 29.19 16.56 5.85
CA PRO E 214 29.99 15.69 6.73
C PRO E 214 30.14 16.24 8.15
N PHE E 215 30.22 17.56 8.32
CA PHE E 215 30.42 18.16 9.66
C PHE E 215 29.11 18.14 10.48
N MET E 216 27.96 17.87 9.86
CA MET E 216 26.66 17.88 10.59
C MET E 216 25.55 17.26 9.71
N ARG E 217 24.96 16.14 10.15
CA ARG E 217 23.85 15.50 9.39
C ARG E 217 22.52 16.12 9.86
N TRP E 218 21.52 16.22 8.97
CA TRP E 218 20.27 16.97 9.29
C TRP E 218 19.51 16.43 10.51
N ARG E 219 19.32 15.11 10.64
CA ARG E 219 18.49 14.57 11.76
C ARG E 219 19.04 15.04 13.11
N GLU E 220 20.36 15.12 13.26
CA GLU E 220 20.99 15.59 14.52
C GLU E 220 20.57 17.05 14.79
N ARG E 221 20.65 17.91 13.77
CA ARG E 221 20.32 19.35 13.95
C ARG E 221 18.86 19.51 14.38
N PHE E 222 17.94 18.81 13.71
CA PHE E 222 16.49 18.99 14.01
C PHE E 222 16.18 18.62 15.46
N LEU E 223 16.78 17.53 15.96
CA LEU E 223 16.53 17.08 17.36
C LEU E 223 17.02 18.12 18.37
N TYR E 224 18.27 18.56 18.27
CA TYR E 224 18.82 19.52 19.27
C TYR E 224 18.03 20.84 19.22
N CYS E 225 17.60 21.27 18.03
CA CYS E 225 16.91 22.58 17.91
C CYS E 225 15.58 22.57 18.68
N MET E 226 14.85 21.46 18.65
CA MET E 226 13.54 21.39 19.36
C MET E 226 13.76 21.43 20.88
N GLU E 227 14.88 20.88 21.37
CA GLU E 227 15.20 21.00 22.82
C GLU E 227 15.47 22.47 23.18
N GLY E 228 16.21 23.20 22.34
CA GLY E 228 16.50 24.63 22.58
C GLY E 228 15.25 25.50 22.53
N ILE E 229 14.33 25.22 21.62
CA ILE E 229 13.07 26.01 21.47
C ILE E 229 12.20 25.82 22.71
N ASN E 230 11.97 24.57 23.14
CA ASN E 230 11.10 24.28 24.31
C ASN E 230 11.70 24.91 25.57
N ARG E 231 13.02 24.76 25.78
CA ARG E 231 13.70 25.38 26.94
C ARG E 231 13.43 26.89 26.95
N ALA E 232 13.63 27.58 25.82
CA ALA E 232 13.46 29.05 25.79
C ALA E 232 11.98 29.43 26.03
N SER E 233 11.05 28.69 25.42
CA SER E 233 9.61 29.05 25.55
C SER E 233 9.18 28.89 27.02
N ALA E 234 9.66 27.84 27.69
CA ALA E 234 9.27 27.60 29.10
C ALA E 234 9.88 28.66 30.01
N ALA E 235 10.99 29.28 29.60
CA ALA E 235 11.69 30.26 30.47
C ALA E 235 11.15 31.68 30.28
N THR E 236 10.31 31.90 29.24
CA THR E 236 9.86 33.29 28.94
C THR E 236 8.33 33.39 28.94
N GLY E 237 7.63 32.28 28.62
CA GLY E 237 6.16 32.29 28.56
C GLY E 237 5.65 32.69 27.18
N GLU E 238 6.51 32.61 26.15
CA GLU E 238 6.13 33.04 24.79
C GLU E 238 6.24 31.88 23.80
N THR E 239 5.55 31.96 22.66
CA THR E 239 5.71 30.94 21.59
C THR E 239 6.97 31.29 20.79
N LYS E 240 7.86 30.32 20.55
CA LYS E 240 9.15 30.57 19.83
C LYS E 240 9.30 29.59 18.67
N GLY E 241 10.33 29.77 17.82
CA GLY E 241 10.58 28.79 16.74
C GLY E 241 11.87 29.02 15.96
N SER E 242 12.26 28.04 15.14
CA SER E 242 13.46 28.20 14.26
C SER E 242 13.15 27.63 12.87
N TYR E 243 13.60 28.30 11.81
CA TYR E 243 13.35 27.83 10.42
C TYR E 243 14.24 26.62 10.12
N LEU E 244 13.66 25.40 10.07
CA LEU E 244 14.46 24.21 9.67
C LEU E 244 14.56 24.14 8.14
N ASN E 245 15.77 23.95 7.59
CA ASN E 245 15.97 23.93 6.12
C ASN E 245 15.72 22.54 5.54
N ILE E 246 14.75 22.41 4.63
CA ILE E 246 14.38 21.08 4.06
C ILE E 246 14.85 21.00 2.60
N THR E 247 15.60 22.00 2.12
CA THR E 247 16.14 21.97 0.73
C THR E 247 16.93 20.68 0.51
N ALA E 248 16.71 19.99 -0.61
CA ALA E 248 17.48 18.75 -0.91
C ALA E 248 17.63 18.53 -2.42
N GLY E 249 18.31 17.46 -2.83
CA GLY E 249 18.60 17.21 -4.26
C GLY E 249 17.44 16.57 -5.02
N THR E 250 16.57 15.83 -4.33
CA THR E 250 15.41 15.15 -5.01
C THR E 250 14.12 15.40 -4.22
N MET E 251 12.98 15.35 -4.90
CA MET E 251 11.66 15.61 -4.25
C MET E 251 11.45 14.62 -3.10
N GLU E 252 11.80 13.34 -3.28
CA GLU E 252 11.58 12.31 -2.22
C GLU E 252 12.29 12.74 -0.93
N GLU E 253 13.55 13.19 -1.04
CA GLU E 253 14.34 13.61 0.14
C GLU E 253 13.72 14.86 0.78
N VAL E 254 13.20 15.78 -0.04
CA VAL E 254 12.52 16.98 0.50
C VAL E 254 11.36 16.53 1.41
N TYR E 255 10.46 15.70 0.88
CA TYR E 255 9.28 15.22 1.65
C TYR E 255 9.72 14.53 2.95
N LYS E 256 10.77 13.70 2.88
CA LYS E 256 11.25 12.97 4.09
C LYS E 256 11.62 13.97 5.19
N ARG E 257 12.26 15.08 4.82
CA ARG E 257 12.70 16.10 5.83
C ARG E 257 11.50 16.92 6.32
N ALA E 258 10.50 17.19 5.47
CA ALA E 258 9.28 17.92 5.89
C ALA E 258 8.48 17.08 6.89
N GLU E 259 8.32 15.77 6.65
CA GLU E 259 7.52 14.89 7.54
C GLU E 259 8.20 14.73 8.91
N TYR E 260 9.53 14.73 8.94
CA TYR E 260 10.29 14.65 10.22
C TYR E 260 10.05 15.91 11.07
N ALA E 261 10.23 17.09 10.48
CA ALA E 261 10.04 18.37 11.22
C ALA E 261 8.62 18.45 11.81
N LYS E 262 7.61 18.03 11.05
CA LYS E 262 6.21 18.04 11.54
C LYS E 262 6.11 17.09 12.74
N THR E 263 6.70 15.90 12.63
CA THR E 263 6.62 14.88 13.72
C THR E 263 7.15 15.45 15.04
N VAL E 264 8.27 16.19 15.00
CA VAL E 264 8.88 16.73 16.26
C VAL E 264 8.17 18.02 16.70
N GLY E 265 7.21 18.52 15.93
CA GLY E 265 6.39 19.67 16.37
C GLY E 265 6.93 21.05 15.97
N SER E 266 7.63 21.15 14.85
CA SER E 266 8.12 22.48 14.37
C SER E 266 6.93 23.32 13.88
N ILE E 267 6.93 24.62 14.17
CA ILE E 267 5.84 25.53 13.70
C ILE E 267 6.20 26.08 12.31
N VAL E 268 7.44 25.87 11.83
CA VAL E 268 7.87 26.52 10.56
C VAL E 268 9.02 25.75 9.88
N VAL E 269 9.18 25.91 8.55
CA VAL E 269 10.32 25.30 7.81
C VAL E 269 10.73 26.29 6.69
N MET E 270 11.88 26.06 6.05
CA MET E 270 12.36 27.03 5.02
C MET E 270 12.83 26.30 3.76
N ILE E 271 12.75 26.97 2.60
CA ILE E 271 13.22 26.39 1.30
C ILE E 271 14.02 27.45 0.54
N ASP E 272 14.82 27.02 -0.44
CA ASP E 272 15.66 27.96 -1.25
C ASP E 272 15.10 28.08 -2.67
N LEU E 273 15.31 29.24 -3.32
CA LEU E 273 14.79 29.47 -4.69
C LEU E 273 15.49 28.56 -5.72
N VAL E 274 16.74 28.13 -5.46
CA VAL E 274 17.52 27.28 -6.42
C VAL E 274 16.81 25.94 -6.66
N MET E 275 15.84 25.57 -5.82
CA MET E 275 15.12 24.28 -5.97
C MET E 275 14.32 24.25 -7.28
N GLY E 276 13.59 25.33 -7.59
CA GLY E 276 12.83 25.40 -8.85
C GLY E 276 11.33 25.58 -8.67
N TYR E 277 10.65 26.12 -9.68
CA TYR E 277 9.19 26.44 -9.59
C TYR E 277 8.35 25.21 -9.19
N THR E 278 8.53 24.08 -9.86
CA THR E 278 7.64 22.91 -9.59
C THR E 278 7.85 22.36 -8.17
N ALA E 279 9.10 22.25 -7.72
CA ALA E 279 9.34 21.80 -6.33
C ALA E 279 8.70 22.80 -5.36
N ILE E 280 8.80 24.10 -5.64
CA ILE E 280 8.20 25.15 -4.75
C ILE E 280 6.68 24.97 -4.66
N GLN E 281 6.02 24.83 -5.82
CA GLN E 281 4.54 24.65 -5.83
C GLN E 281 4.15 23.43 -4.97
N SER E 282 4.83 22.29 -5.16
CA SER E 282 4.53 21.06 -4.37
C SER E 282 4.67 21.34 -2.86
N ALA E 283 5.72 22.06 -2.45
CA ALA E 283 5.96 22.34 -1.01
C ALA E 283 4.83 23.22 -0.44
N ALA E 284 4.35 24.21 -1.21
CA ALA E 284 3.29 25.13 -0.71
C ALA E 284 1.96 24.37 -0.53
N ILE E 285 1.71 23.38 -1.38
CA ILE E 285 0.46 22.55 -1.22
C ILE E 285 0.61 21.68 0.05
N TRP E 286 1.79 21.10 0.26
CA TRP E 286 2.04 20.27 1.48
C TRP E 286 1.85 21.10 2.77
N ALA E 287 2.40 22.31 2.83
CA ALA E 287 2.32 23.14 4.07
C ALA E 287 0.87 23.42 4.45
N ARG E 288 0.02 23.76 3.47
CA ARG E 288 -1.42 24.01 3.72
C ARG E 288 -2.09 22.74 4.27
N ASP E 289 -1.74 21.57 3.74
CA ASP E 289 -2.41 20.31 4.16
C ASP E 289 -1.85 19.82 5.50
N ASN E 290 -0.77 20.43 6.01
CA ASN E 290 -0.12 19.92 7.25
C ASN E 290 0.05 21.00 8.32
N ASP E 291 -0.58 22.17 8.15
CA ASP E 291 -0.53 23.27 9.17
C ASP E 291 0.92 23.68 9.50
N LEU E 292 1.77 23.94 8.51
CA LEU E 292 3.15 24.46 8.78
C LEU E 292 3.32 25.84 8.11
N ILE E 293 4.21 26.70 8.64
CA ILE E 293 4.51 28.00 7.96
C ILE E 293 5.67 27.78 6.98
N LEU E 294 5.64 28.42 5.79
CA LEU E 294 6.68 28.16 4.76
C LEU E 294 7.49 29.43 4.44
N HIS E 295 8.81 29.40 4.71
CA HIS E 295 9.69 30.57 4.46
C HIS E 295 10.49 30.36 3.17
N LEU E 296 10.61 31.39 2.33
CA LEU E 296 11.32 31.24 1.03
C LEU E 296 12.60 32.10 1.00
N HIS E 297 13.77 31.48 0.86
CA HIS E 297 15.03 32.25 0.68
C HIS E 297 15.22 32.44 -0.84
N ARG E 298 15.63 33.64 -1.28
CA ARG E 298 15.69 33.92 -2.75
C ARG E 298 17.09 33.70 -3.35
N ALA E 299 17.77 32.60 -2.98
CA ALA E 299 19.12 32.29 -3.53
C ALA E 299 19.11 32.26 -5.07
N GLY E 300 19.99 33.05 -5.71
CA GLY E 300 20.13 33.02 -7.19
C GLY E 300 19.40 34.16 -7.91
N ASN E 301 18.46 34.84 -7.24
CA ASN E 301 17.62 35.89 -7.91
C ASN E 301 18.47 36.98 -8.58
N SER E 302 19.58 37.40 -7.96
CA SER E 302 20.37 38.54 -8.50
C SER E 302 21.17 38.18 -9.76
N THR E 303 21.16 36.91 -10.20
CA THR E 303 21.83 36.55 -11.48
C THR E 303 21.08 37.20 -12.66
N TYR E 304 19.78 37.48 -12.49
CA TYR E 304 18.98 38.04 -13.61
C TYR E 304 18.18 39.29 -13.19
N ALA E 305 18.16 39.65 -11.91
CA ALA E 305 17.29 40.79 -11.47
C ALA E 305 18.11 42.03 -11.09
N ARG E 306 19.41 42.07 -11.36
CA ARG E 306 20.26 43.21 -10.90
C ARG E 306 20.38 44.33 -11.94
N GLN E 307 20.53 44.00 -13.23
CA GLN E 307 20.79 45.06 -14.25
C GLN E 307 19.50 45.61 -14.85
N LYS E 308 19.49 46.90 -15.21
CA LYS E 308 18.27 47.56 -15.76
C LYS E 308 18.08 47.25 -17.25
N ASN E 309 19.12 46.84 -17.97
CA ASN E 309 19.01 46.64 -19.45
C ASN E 309 18.54 45.23 -19.83
N HIS E 310 18.73 44.22 -18.99
CA HIS E 310 18.39 42.82 -19.40
C HIS E 310 17.97 41.96 -18.20
N GLY E 311 16.99 41.06 -18.37
CA GLY E 311 16.60 40.13 -17.30
C GLY E 311 15.15 40.26 -16.86
N ILE E 312 14.85 39.96 -15.60
CA ILE E 312 13.47 40.08 -15.04
C ILE E 312 13.50 40.96 -13.78
N ASN E 313 12.61 41.95 -13.67
CA ASN E 313 12.53 42.81 -12.46
C ASN E 313 11.97 42.00 -11.29
N PHE E 314 12.47 42.24 -10.07
CA PHE E 314 12.05 41.44 -8.88
C PHE E 314 10.53 41.55 -8.63
N ARG E 315 9.91 42.68 -8.97
CA ARG E 315 8.46 42.87 -8.67
C ARG E 315 7.63 41.78 -9.38
N VAL E 316 8.10 41.29 -10.53
CA VAL E 316 7.41 40.17 -11.24
C VAL E 316 7.58 38.89 -10.42
N ILE E 317 8.81 38.59 -9.99
CA ILE E 317 9.05 37.39 -9.13
C ILE E 317 8.13 37.47 -7.91
N CYS E 318 7.98 38.65 -7.31
CA CYS E 318 7.09 38.83 -6.13
C CYS E 318 5.68 38.30 -6.46
N LYS E 319 5.10 38.71 -7.59
CA LYS E 319 3.74 38.28 -7.99
C LYS E 319 3.69 36.75 -8.16
N TRP E 320 4.63 36.16 -8.89
CA TRP E 320 4.63 34.70 -9.15
C TRP E 320 4.68 33.93 -7.82
N MET E 321 5.52 34.35 -6.89
CA MET E 321 5.69 33.62 -5.60
C MET E 321 4.44 33.80 -4.71
N ARG E 322 3.81 34.97 -4.73
CA ARG E 322 2.54 35.15 -3.97
C ARG E 322 1.48 34.21 -4.56
N MET E 323 1.51 34.00 -5.88
CA MET E 323 0.56 33.06 -6.53
C MET E 323 0.83 31.60 -6.11
N CYS E 324 2.11 31.20 -6.06
CA CYS E 324 2.47 29.81 -5.67
C CYS E 324 2.00 29.53 -4.24
N GLY E 325 2.15 30.50 -3.34
CA GLY E 325 1.62 30.32 -1.98
C GLY E 325 2.68 30.24 -0.89
N VAL E 326 3.81 30.95 -1.04
CA VAL E 326 4.80 30.99 0.09
C VAL E 326 4.30 31.97 1.17
N ASP E 327 4.74 31.80 2.42
CA ASP E 327 4.25 32.65 3.55
C ASP E 327 5.21 33.84 3.80
N HIS E 328 6.52 33.66 3.65
CA HIS E 328 7.51 34.76 3.79
C HIS E 328 8.40 34.85 2.55
N ILE E 329 9.01 36.02 2.29
CA ILE E 329 9.99 36.15 1.17
C ILE E 329 10.95 37.32 1.44
N HIS E 330 12.26 37.14 1.24
CA HIS E 330 13.24 38.26 1.38
C HIS E 330 12.93 39.37 0.36
N ALA E 331 12.92 40.65 0.79
CA ALA E 331 12.52 41.75 -0.14
C ALA E 331 13.44 42.99 -0.06
N GLY E 332 14.41 43.04 0.86
CA GLY E 332 15.36 44.19 0.85
C GLY E 332 15.38 45.02 2.12
N THR E 333 16.46 45.80 2.33
CA THR E 333 16.63 46.58 3.59
C THR E 333 16.86 48.08 3.32
N VAL E 334 17.27 48.46 2.10
CA VAL E 334 17.61 49.88 1.75
C VAL E 334 18.97 50.28 2.36
N VAL E 335 19.16 50.16 3.68
CA VAL E 335 20.41 50.68 4.32
C VAL E 335 21.44 49.57 4.60
N GLY E 336 21.15 48.32 4.22
CA GLY E 336 22.08 47.20 4.51
C GLY E 336 23.23 47.08 3.52
N LYS E 337 23.78 45.86 3.37
CA LYS E 337 24.96 45.65 2.49
C LYS E 337 24.56 45.11 1.11
N LEU E 338 23.29 44.75 0.90
CA LEU E 338 22.82 44.26 -0.44
C LEU E 338 22.08 45.38 -1.20
N GLU E 339 21.91 45.24 -2.53
CA GLU E 339 21.30 46.30 -3.38
C GLU E 339 19.84 46.60 -3.00
N GLY E 340 19.42 47.86 -3.14
CA GLY E 340 18.02 48.22 -2.85
C GLY E 340 17.74 49.71 -2.94
N ASP E 341 17.04 50.16 -4.00
CA ASP E 341 16.63 51.59 -4.11
C ASP E 341 15.34 51.79 -3.31
N PRO E 342 15.20 52.85 -2.47
CA PRO E 342 14.00 53.01 -1.63
C PRO E 342 12.67 53.03 -2.39
N LEU E 343 12.63 53.67 -3.56
CA LEU E 343 11.36 53.76 -4.34
C LEU E 343 10.99 52.38 -4.87
N MET E 344 11.94 51.67 -5.48
CA MET E 344 11.67 50.29 -6.00
C MET E 344 11.25 49.36 -4.85
N ILE E 345 11.94 49.45 -3.71
CA ILE E 345 11.64 48.54 -2.55
C ILE E 345 10.20 48.78 -2.07
N GLY E 347 7.74 49.70 -3.80
CA GLY E 347 6.91 48.97 -4.79
C GLY E 347 6.79 47.50 -4.45
N PHE E 348 7.92 46.82 -4.17
CA PHE E 348 7.90 45.39 -3.81
C PHE E 348 6.98 45.12 -2.61
N TYR E 349 7.13 45.88 -1.52
CA TYR E 349 6.32 45.65 -0.29
C TYR E 349 4.82 45.77 -0.63
N ASP E 350 4.44 46.76 -1.43
CA ASP E 350 3.02 46.95 -1.81
C ASP E 350 2.49 45.73 -2.58
N THR E 351 3.25 45.26 -3.58
CA THR E 351 2.83 44.06 -4.36
C THR E 351 2.56 42.88 -3.42
N LEU E 352 3.29 42.77 -2.32
CA LEU E 352 3.15 41.57 -1.43
C LEU E 352 2.07 41.76 -0.35
N LEU E 353 1.69 42.99 0.02
CA LEU E 353 0.77 43.18 1.18
C LEU E 353 -0.61 43.77 0.84
N LEU E 354 -0.78 44.41 -0.33
CA LEU E 354 -2.07 45.11 -0.60
C LEU E 354 -3.16 44.19 -1.15
N THR E 355 -4.43 44.63 -1.08
CA THR E 355 -5.57 43.85 -1.65
C THR E 355 -5.78 44.30 -3.10
N HIS E 356 -5.19 45.43 -3.49
CA HIS E 356 -5.35 45.96 -4.88
C HIS E 356 -4.20 46.92 -5.20
N LEU E 357 -3.79 46.99 -6.48
CA LEU E 357 -2.68 47.88 -6.89
C LEU E 357 -3.19 48.94 -7.88
N ASN E 358 -2.77 50.20 -7.71
CA ASN E 358 -3.15 51.29 -8.66
C ASN E 358 -1.86 51.78 -9.35
N VAL E 359 -1.99 52.34 -10.56
CA VAL E 359 -0.77 52.75 -11.33
C VAL E 359 0.07 53.76 -10.52
N ASN E 360 1.39 53.57 -10.47
CA ASN E 360 2.31 54.48 -9.72
C ASN E 360 3.68 54.43 -10.39
N LEU E 361 3.88 55.22 -11.45
CA LEU E 361 5.14 55.17 -12.24
C LEU E 361 6.38 55.36 -11.36
N PRO E 362 6.55 56.43 -10.55
CA PRO E 362 7.78 56.59 -9.75
C PRO E 362 8.13 55.37 -8.91
N TYR E 363 7.15 54.51 -8.60
CA TYR E 363 7.38 53.29 -7.78
C TYR E 363 7.56 52.06 -8.68
N GLY E 364 7.40 52.23 -10.00
CA GLY E 364 7.53 51.10 -10.95
C GLY E 364 6.24 50.31 -11.10
N ILE E 365 5.09 50.86 -10.65
CA ILE E 365 3.78 50.17 -10.81
C ILE E 365 3.16 50.60 -12.15
N PHE E 366 3.11 49.70 -13.14
CA PHE E 366 2.62 50.07 -14.49
C PHE E 366 1.17 49.62 -14.73
N PHE E 367 0.69 48.61 -14.00
CA PHE E 367 -0.67 48.07 -14.26
C PHE E 367 -1.54 48.10 -13.00
N GLU E 368 -2.81 48.50 -13.14
CA GLU E 368 -3.73 48.39 -11.98
C GLU E 368 -4.11 46.91 -11.89
N MET E 369 -4.31 46.37 -10.68
CA MET E 369 -4.56 44.91 -10.55
C MET E 369 -5.15 44.55 -9.17
N THR E 370 -6.20 43.74 -9.14
CA THR E 370 -6.77 43.28 -7.84
C THR E 370 -6.22 41.89 -7.51
N TRP E 371 -6.19 41.52 -6.23
CA TRP E 371 -5.62 40.21 -5.81
C TRP E 371 -6.72 39.16 -5.59
N ALA E 372 -7.97 39.46 -5.97
CA ALA E 372 -9.06 38.45 -5.90
C ALA E 372 -9.06 37.72 -4.55
N SER E 373 -8.87 38.42 -3.43
CA SER E 373 -8.91 37.83 -2.05
C SER E 373 -7.81 36.79 -1.81
N LEU E 374 -6.68 36.88 -2.52
CA LEU E 374 -5.54 35.97 -2.19
C LEU E 374 -4.89 36.49 -0.90
N ARG E 375 -4.45 35.58 -0.01
CA ARG E 375 -3.85 35.99 1.29
C ARG E 375 -2.57 36.82 1.08
N LYS E 376 -2.14 37.55 2.12
CA LYS E 376 -0.93 38.42 2.01
C LYS E 376 0.37 37.65 2.32
N CYS E 377 1.47 38.03 1.66
CA CYS E 377 2.79 37.39 1.92
C CYS E 377 3.65 38.34 2.77
N MET E 378 4.33 37.81 3.79
CA MET E 378 5.12 38.66 4.73
C MET E 378 6.53 38.96 4.18
N PRO E 379 6.95 40.23 4.02
CA PRO E 379 8.31 40.56 3.58
C PRO E 379 9.37 40.33 4.69
N VAL E 380 10.61 40.02 4.29
CA VAL E 380 11.71 39.80 5.27
C VAL E 380 12.88 40.71 4.94
N ALA E 381 13.41 41.43 5.93
CA ALA E 381 14.53 42.38 5.72
C ALA E 381 15.80 41.83 6.37
N SER E 382 16.88 41.61 5.61
CA SER E 382 18.11 40.97 6.14
C SER E 382 19.35 41.41 5.34
N GLY E 383 20.52 41.54 6.00
CA GLY E 383 21.77 41.87 5.28
C GLY E 383 22.54 43.06 5.85
N GLY E 384 23.47 42.83 6.79
CA GLY E 384 24.31 43.92 7.33
C GLY E 384 23.53 45.10 7.89
N ILE E 385 22.65 44.86 8.88
CA ILE E 385 21.89 45.96 9.54
C ILE E 385 22.12 45.89 11.07
N HIS E 386 22.01 47.02 11.78
CA HIS E 386 22.32 47.02 13.23
C HIS E 386 21.36 47.93 14.02
N CYS E 387 21.22 47.70 15.34
CA CYS E 387 20.24 48.46 16.18
C CYS E 387 20.47 49.98 16.11
N GLY E 388 21.68 50.41 15.75
CA GLY E 388 21.95 51.86 15.58
C GLY E 388 21.14 52.46 14.43
N GLN E 389 20.52 51.64 13.58
CA GLN E 389 19.74 52.16 12.41
C GLN E 389 18.24 51.96 12.63
N MET E 390 17.80 51.68 13.86
CA MET E 390 16.36 51.38 14.12
C MET E 390 15.44 52.46 13.54
N HIS E 391 15.74 53.75 13.74
CA HIS E 391 14.84 54.84 13.27
C HIS E 391 14.59 54.73 11.75
N GLN E 392 15.61 54.40 10.96
CA GLN E 392 15.47 54.29 9.48
C GLN E 392 14.62 53.05 9.12
N LEU E 393 14.89 51.91 9.76
CA LEU E 393 14.15 50.65 9.47
C LEU E 393 12.63 50.85 9.66
N VAL E 394 12.22 51.45 10.78
CA VAL E 394 10.77 51.69 11.07
C VAL E 394 10.17 52.58 9.97
N HIS E 395 10.91 53.60 9.52
CA HIS E 395 10.36 54.58 8.54
C HIS E 395 10.24 53.99 7.12
N TYR E 396 11.20 53.18 6.68
CA TYR E 396 11.17 52.68 5.28
C TYR E 396 10.43 51.35 5.14
N LEU E 397 10.52 50.44 6.13
CA LEU E 397 9.97 49.07 5.92
C LEU E 397 8.54 48.88 6.45
N GLY E 398 8.09 49.66 7.44
CA GLY E 398 6.69 49.54 7.88
C GLY E 398 6.51 48.67 9.11
N ASP E 399 5.33 48.04 9.27
CA ASP E 399 5.04 47.26 10.51
C ASP E 399 4.84 45.77 10.24
N ASP E 400 4.43 45.40 9.02
CA ASP E 400 4.32 43.96 8.67
C ASP E 400 5.64 43.52 8.01
N VAL E 401 6.61 43.10 8.83
CA VAL E 401 7.94 42.71 8.29
C VAL E 401 8.72 41.92 9.34
N VAL E 402 9.63 41.05 8.90
CA VAL E 402 10.54 40.35 9.86
C VAL E 402 11.93 40.99 9.73
N LEU E 403 12.40 41.64 10.79
CA LEU E 403 13.77 42.24 10.80
C LEU E 403 14.76 41.19 11.32
N GLN E 404 15.77 40.83 10.53
CA GLN E 404 16.70 39.73 10.93
C GLN E 404 18.13 40.27 11.19
N PHE E 405 18.74 39.91 12.32
CA PHE E 405 20.11 40.41 12.68
C PHE E 405 21.08 39.25 12.98
N GLY E 406 21.93 38.87 12.01
CA GLY E 406 22.90 37.77 12.20
C GLY E 406 24.17 38.24 12.90
N GLY E 407 25.09 38.89 12.16
CA GLY E 407 26.29 39.47 12.80
C GLY E 407 25.91 40.53 13.82
N GLY E 408 24.77 41.21 13.60
CA GLY E 408 24.31 42.26 14.53
C GLY E 408 23.88 41.73 15.89
N THR E 409 23.84 40.40 16.05
CA THR E 409 23.44 39.77 17.34
C THR E 409 24.61 38.93 17.89
N ILE E 410 25.09 37.97 17.10
CA ILE E 410 26.17 37.05 17.57
C ILE E 410 27.47 37.83 17.77
N GLY E 411 27.65 38.94 17.06
CA GLY E 411 28.92 39.72 17.15
C GLY E 411 29.00 40.64 18.36
N HIS E 412 28.05 40.54 19.29
CA HIS E 412 28.07 41.38 20.53
C HIS E 412 29.20 40.93 21.46
N PRO E 413 30.01 41.85 22.04
CA PRO E 413 31.14 41.45 22.91
C PRO E 413 30.73 40.77 24.21
N ASP E 414 29.50 41.00 24.71
CA ASP E 414 29.08 40.42 26.02
C ASP E 414 28.27 39.13 25.85
N GLY E 415 28.22 38.54 24.65
CA GLY E 415 27.53 37.24 24.49
C GLY E 415 26.30 37.33 23.62
N ILE E 416 25.72 36.18 23.25
CA ILE E 416 24.56 36.16 22.32
C ILE E 416 23.30 36.68 23.03
N GLN E 417 23.07 36.27 24.27
CA GLN E 417 21.87 36.72 25.03
C GLN E 417 21.88 38.25 25.12
N ALA E 418 23.02 38.85 25.42
CA ALA E 418 23.13 40.33 25.50
C ALA E 418 22.76 40.95 24.14
N GLY E 419 23.35 40.44 23.05
CA GLY E 419 23.02 40.94 21.70
C GLY E 419 21.52 40.95 21.45
N ALA E 420 20.83 39.84 21.75
CA ALA E 420 19.37 39.73 21.48
C ALA E 420 18.62 40.82 22.27
N THR E 421 18.97 41.02 23.54
CA THR E 421 18.29 42.02 24.39
C THR E 421 18.43 43.43 23.78
N ALA E 422 19.64 43.81 23.36
CA ALA E 422 19.86 45.17 22.82
C ALA E 422 18.93 45.42 21.63
N ASN E 423 18.74 44.42 20.77
CA ASN E 423 17.89 44.59 19.56
C ASN E 423 16.42 44.79 19.94
N ARG E 424 15.88 43.98 20.86
CA ARG E 424 14.44 44.08 21.24
C ARG E 424 14.16 45.43 21.91
N VAL E 425 14.95 45.80 22.92
CA VAL E 425 14.76 47.11 23.62
C VAL E 425 14.73 48.24 22.58
N ALA E 426 15.74 48.31 21.71
CA ALA E 426 15.81 49.40 20.70
C ALA E 426 14.47 49.51 19.96
N LEU E 427 13.97 48.38 19.45
CA LEU E 427 12.68 48.38 18.71
C LEU E 427 11.54 48.91 19.58
N GLU E 428 11.31 48.31 20.76
CA GLU E 428 10.17 48.70 21.64
C GLU E 428 10.16 50.22 21.88
N ALA E 429 11.31 50.80 22.22
CA ALA E 429 11.39 52.26 22.51
C ALA E 429 11.00 53.08 21.27
N MET E 430 11.48 52.67 20.08
CA MET E 430 11.20 53.44 18.83
C MET E 430 9.70 53.45 18.51
N ILE E 431 9.04 52.28 18.58
CA ILE E 431 7.58 52.18 18.28
C ILE E 431 6.78 53.03 19.27
N LEU E 432 7.03 52.85 20.58
CA LEU E 432 6.36 53.69 21.60
C LEU E 432 6.47 55.16 21.20
N ALA E 433 7.69 55.65 20.97
CA ALA E 433 7.91 57.08 20.61
C ALA E 433 7.09 57.43 19.36
N ARG E 434 7.15 56.58 18.33
CA ARG E 434 6.36 56.83 17.10
C ARG E 434 4.89 57.02 17.44
N ASN E 435 4.31 56.08 18.20
CA ASN E 435 2.85 56.13 18.52
C ASN E 435 2.49 57.40 19.31
N GLU E 436 3.47 58.04 19.95
CA GLU E 436 3.22 59.28 20.74
C GLU E 436 3.33 60.52 19.83
N GLY E 437 3.65 60.33 18.56
CA GLY E 437 3.72 61.46 17.60
C GLY E 437 5.03 62.22 17.66
N ALA E 438 6.17 61.53 17.50
CA ALA E 438 7.48 62.22 17.45
C ALA E 438 8.06 62.11 16.03
N ASP E 439 9.03 62.98 15.69
CA ASP E 439 9.69 62.95 14.36
C ASP E 439 10.92 62.03 14.44
N TYR E 440 10.71 60.74 14.70
CA TYR E 440 11.84 59.79 14.90
C TYR E 440 12.75 59.67 13.68
N PHE E 441 12.31 60.11 12.50
CA PHE E 441 13.15 59.91 11.29
C PHE E 441 14.20 61.02 11.19
N ASN E 442 13.95 62.17 11.83
CA ASN E 442 14.92 63.30 11.82
C ASN E 442 16.31 62.77 12.22
N SER E 443 17.36 63.29 11.58
CA SER E 443 18.74 62.78 11.83
C SER E 443 19.18 63.04 13.28
N ASP E 444 18.40 63.81 14.04
CA ASP E 444 18.81 64.14 15.43
C ASP E 444 17.86 63.47 16.43
N ILE E 445 16.55 63.56 16.21
CA ILE E 445 15.54 62.95 17.14
C ILE E 445 15.76 61.43 17.22
N GLY E 446 15.76 60.75 16.07
CA GLY E 446 15.95 59.28 16.05
C GLY E 446 17.08 58.83 16.96
N PRO E 447 18.36 59.20 16.72
CA PRO E 447 19.47 58.69 17.53
C PRO E 447 19.31 59.02 19.03
N GLN E 448 18.86 60.24 19.34
CA GLN E 448 18.66 60.65 20.75
C GLN E 448 17.70 59.67 21.44
N ILE E 449 16.58 59.34 20.78
CA ILE E 449 15.61 58.36 21.35
C ILE E 449 16.37 57.09 21.78
N LEU E 450 17.21 56.54 20.90
CA LEU E 450 17.97 55.30 21.20
C LEU E 450 18.93 55.58 22.37
N ARG E 451 19.63 56.72 22.32
CA ARG E 451 20.57 57.10 23.40
C ARG E 451 19.82 57.13 24.74
N ASN E 452 18.65 57.78 24.76
CA ASN E 452 17.84 57.87 26.01
C ASN E 452 17.57 56.46 26.54
N ALA E 453 17.01 55.59 25.70
CA ALA E 453 16.74 54.19 26.11
C ALA E 453 18.02 53.50 26.62
N ALA E 454 19.16 53.76 25.98
CA ALA E 454 20.44 53.12 26.34
C ALA E 454 20.83 53.41 27.80
N LYS E 455 20.37 54.53 28.36
CA LYS E 455 20.81 54.90 29.74
C LYS E 455 20.11 54.00 30.77
N THR E 456 19.31 53.03 30.33
CA THR E 456 18.68 52.07 31.27
C THR E 456 18.98 50.63 30.81
N CYS E 457 19.90 50.46 29.86
CA CYS E 457 20.22 49.10 29.33
C CYS E 457 21.68 49.06 28.86
N GLY E 458 22.56 48.46 29.66
CA GLY E 458 24.00 48.40 29.34
C GLY E 458 24.28 47.75 27.98
N PRO E 459 23.76 46.54 27.68
CA PRO E 459 23.96 45.92 26.36
C PRO E 459 23.74 46.91 25.20
N LEU E 460 22.63 47.64 25.22
CA LEU E 460 22.32 48.60 24.12
C LEU E 460 23.43 49.66 24.02
N GLN E 461 23.82 50.24 25.16
CA GLN E 461 24.92 51.24 25.18
C GLN E 461 26.15 50.67 24.48
N THR E 462 26.55 49.43 24.84
CA THR E 462 27.76 48.80 24.24
C THR E 462 27.60 48.69 22.72
N ALA E 463 26.45 48.21 22.24
CA ALA E 463 26.23 48.00 20.79
C ALA E 463 26.32 49.34 20.04
N LEU E 464 25.64 50.37 20.53
CA LEU E 464 25.64 51.70 19.86
C LEU E 464 27.09 52.16 19.67
N ASP E 465 27.88 52.14 20.75
CA ASP E 465 29.29 52.58 20.69
C ASP E 465 30.09 51.73 19.68
N LEU E 466 29.78 50.44 19.58
CA LEU E 466 30.59 49.52 18.72
C LEU E 466 30.33 49.79 17.23
N TRP E 467 29.07 49.86 16.79
CA TRP E 467 28.78 49.99 15.34
C TRP E 467 28.26 51.40 15.00
N LYS E 468 28.79 52.44 15.66
CA LYS E 468 28.29 53.82 15.47
C LYS E 468 28.55 54.32 14.05
N ASP E 469 29.79 54.23 13.57
CA ASP E 469 30.13 54.80 12.24
C ASP E 469 30.02 53.75 11.12
N ILE E 470 29.04 52.83 11.20
CA ILE E 470 28.96 51.74 10.18
C ILE E 470 27.88 52.08 9.14
N SER E 471 28.25 52.19 7.86
CA SER E 471 27.26 52.45 6.78
C SER E 471 27.73 51.85 5.45
N PHE E 472 26.82 51.67 4.49
CA PHE E 472 27.17 51.11 3.16
C PHE E 472 26.60 52.01 2.05
N ASN E 473 27.32 53.06 1.69
CA ASN E 473 26.83 54.03 0.67
C ASN E 473 27.46 53.71 -0.69
N TYR E 474 26.65 53.33 -1.67
CA TYR E 474 27.15 53.05 -3.05
C TYR E 474 26.03 53.34 -4.05
N THR E 475 26.37 53.79 -5.26
CA THR E 475 25.35 54.06 -6.32
C THR E 475 24.59 52.77 -6.65
N SER E 476 23.26 52.86 -6.81
CA SER E 476 22.40 51.67 -7.09
C SER E 476 22.46 51.28 -8.57
N THR E 477 22.14 50.02 -8.90
CA THR E 477 22.14 49.54 -10.30
C THR E 477 20.72 49.62 -10.88
N ASP E 478 19.72 49.17 -10.11
CA ASP E 478 18.32 49.16 -10.62
C ASP E 478 17.60 50.42 -10.10
N THR E 479 17.25 51.34 -11.00
CA THR E 479 16.64 52.63 -10.55
C THR E 479 15.35 52.92 -11.33
N SER E 480 14.66 54.02 -10.98
CA SER E 480 13.36 54.37 -11.63
C SER E 480 13.59 55.14 -12.93
N ASP E 481 12.53 55.33 -13.72
CA ASP E 481 12.61 56.10 -14.99
C ASP E 481 11.63 57.28 -14.94
N PHE E 482 10.94 57.47 -13.82
CA PHE E 482 9.95 58.57 -13.66
C PHE E 482 10.18 59.26 -12.32
N SER E 483 9.61 60.45 -12.11
CA SER E 483 9.87 61.22 -10.85
C SER E 483 8.57 61.66 -10.17
N VAL E 484 8.67 62.41 -9.07
CA VAL E 484 7.48 62.88 -8.30
C VAL E 484 6.80 61.67 -7.66
N SER F 4 31.49 42.36 36.61
CA SER F 4 30.59 41.35 35.99
C SER F 4 31.42 40.23 35.35
N VAL F 5 30.87 39.02 35.30
CA VAL F 5 31.59 37.86 34.69
C VAL F 5 31.74 38.12 33.18
N SER F 6 30.66 38.56 32.51
CA SER F 6 30.71 38.81 31.04
C SER F 6 31.82 39.80 30.71
N GLU F 7 31.91 40.92 31.44
CA GLU F 7 32.92 41.96 31.10
C GLU F 7 34.32 41.37 31.24
N ARG F 8 34.58 40.57 32.28
CA ARG F 8 35.93 39.98 32.50
C ARG F 8 36.23 38.92 31.44
N THR F 9 35.21 38.30 30.84
CA THR F 9 35.47 37.18 29.88
C THR F 9 35.44 37.67 28.42
N ARG F 10 35.72 38.95 28.19
CA ARG F 10 35.65 39.49 26.81
C ARG F 10 36.91 39.08 26.02
N ILE F 11 36.75 38.74 24.73
CA ILE F 11 37.89 38.31 23.87
C ILE F 11 38.76 39.53 23.54
N LYS F 12 40.07 39.44 23.77
CA LYS F 12 40.98 40.59 23.50
C LYS F 12 41.90 40.26 22.32
N SER F 13 41.78 39.05 21.76
CA SER F 13 42.65 38.63 20.64
C SER F 13 42.45 39.59 19.46
N ASP F 14 43.54 39.92 18.75
CA ASP F 14 43.44 40.89 17.62
C ASP F 14 42.44 40.38 16.57
N ARG F 15 42.39 39.06 16.35
CA ARG F 15 41.51 38.52 15.27
C ARG F 15 40.08 38.27 15.78
N TYR F 16 39.90 37.94 17.06
CA TYR F 16 38.54 37.57 17.53
C TYR F 16 37.95 38.62 18.47
N GLU F 17 38.53 39.82 18.52
CA GLU F 17 37.90 40.90 19.31
C GLU F 17 36.74 41.47 18.46
N SER F 18 35.67 41.95 19.11
CA SER F 18 34.48 42.44 18.36
C SER F 18 34.84 43.62 17.45
N GLY F 19 34.11 43.81 16.35
CA GLY F 19 34.36 44.93 15.43
C GLY F 19 34.39 44.50 13.97
N VAL F 20 34.57 45.46 13.06
CA VAL F 20 34.60 45.17 11.59
C VAL F 20 36.03 45.32 11.05
N ILE F 21 36.50 44.35 10.28
CA ILE F 21 37.86 44.42 9.64
C ILE F 21 37.71 44.02 8.17
N PRO F 22 38.64 44.38 7.24
CA PRO F 22 38.53 43.94 5.83
C PRO F 22 38.51 42.41 5.65
N TYR F 23 37.79 41.93 4.63
CA TYR F 23 37.71 40.46 4.35
C TYR F 23 39.10 39.90 4.04
N ALA F 24 39.97 40.72 3.45
CA ALA F 24 41.32 40.25 3.06
C ALA F 24 42.22 40.09 4.30
N LYS F 25 41.83 40.67 5.44
CA LYS F 25 42.61 40.48 6.70
C LYS F 25 41.90 39.43 7.57
N MET F 26 40.77 38.90 7.11
CA MET F 26 40.02 37.85 7.86
C MET F 26 40.52 36.46 7.44
N GLY F 27 41.39 36.38 6.43
CA GLY F 27 41.95 35.09 5.98
C GLY F 27 41.30 34.57 4.69
N TYR F 28 40.72 35.45 3.88
CA TYR F 28 40.00 35.01 2.65
C TYR F 28 40.83 35.34 1.41
N TRP F 29 42.04 35.90 1.59
CA TRP F 29 42.95 36.16 0.45
C TRP F 29 44.30 35.48 0.72
N ASP F 30 44.78 34.64 -0.20
CA ASP F 30 46.06 33.90 0.01
C ASP F 30 46.75 33.69 -1.34
N ALA F 31 47.60 34.63 -1.75
CA ALA F 31 48.31 34.52 -3.05
C ALA F 31 49.23 33.28 -3.07
N ALA F 32 49.72 32.85 -1.92
CA ALA F 32 50.63 31.67 -1.87
C ALA F 32 49.83 30.40 -1.51
N TYR F 33 48.61 30.26 -2.03
CA TYR F 33 47.79 29.06 -1.74
C TYR F 33 48.13 27.92 -2.71
N ALA F 34 48.20 26.69 -2.22
CA ALA F 34 48.47 25.52 -3.08
C ALA F 34 47.16 24.76 -3.30
N VAL F 35 46.73 24.59 -4.56
CA VAL F 35 45.42 23.96 -4.85
C VAL F 35 45.50 22.43 -4.68
N LYS F 36 44.44 21.81 -4.18
CA LYS F 36 44.40 20.32 -4.02
C LYS F 36 43.56 19.70 -5.13
N ASN F 37 43.71 18.39 -5.38
CA ASN F 37 42.98 17.71 -6.49
C ASN F 37 41.53 17.42 -6.06
N THR F 38 41.19 17.65 -4.79
CA THR F 38 39.80 17.44 -4.29
C THR F 38 39.05 18.78 -4.22
N ASP F 39 39.74 19.89 -4.46
CA ASP F 39 39.10 21.23 -4.30
C ASP F 39 38.15 21.59 -5.44
N VAL F 40 37.08 22.32 -5.15
CA VAL F 40 36.21 22.85 -6.23
C VAL F 40 36.75 24.26 -6.55
N LEU F 41 36.85 24.62 -7.83
CA LEU F 41 37.42 25.94 -8.21
C LEU F 41 36.40 26.75 -9.04
N ALA F 42 36.47 28.07 -8.99
CA ALA F 42 35.53 28.94 -9.75
C ALA F 42 36.26 30.13 -10.38
N LEU F 43 35.83 30.56 -11.57
CA LEU F 43 36.42 31.76 -12.21
C LEU F 43 35.32 32.83 -12.34
N PHE F 44 35.52 34.01 -11.77
CA PHE F 44 34.50 35.09 -11.80
C PHE F 44 35.03 36.33 -12.55
N ARG F 45 34.21 36.96 -13.37
CA ARG F 45 34.60 38.25 -14.02
C ARG F 45 33.98 39.35 -13.15
N ILE F 46 34.78 40.13 -12.42
CA ILE F 46 34.23 41.12 -11.45
C ILE F 46 34.41 42.55 -11.95
N THR F 47 33.47 43.44 -11.63
CA THR F 47 33.60 44.88 -11.98
C THR F 47 33.48 45.71 -10.70
N GLN F 49 33.17 48.66 -7.75
CA GLN F 49 32.58 50.03 -7.72
C GLN F 49 33.72 51.05 -7.66
N PRO F 50 33.59 52.27 -8.24
CA PRO F 50 34.64 53.29 -8.12
C PRO F 50 35.19 53.41 -6.69
N GLY F 51 36.50 53.20 -6.52
CA GLY F 51 37.14 53.34 -5.20
C GLY F 51 37.47 52.01 -4.55
N VAL F 52 36.71 50.96 -4.86
CA VAL F 52 36.93 49.63 -4.20
C VAL F 52 38.20 48.98 -4.77
N ASP F 53 39.06 48.46 -3.88
CA ASP F 53 40.33 47.78 -4.32
C ASP F 53 40.00 46.42 -4.97
N PRO F 54 40.55 46.10 -6.16
CA PRO F 54 40.29 44.80 -6.82
C PRO F 54 40.48 43.59 -5.90
N VAL F 55 41.51 43.61 -5.05
CA VAL F 55 41.79 42.43 -4.18
C VAL F 55 40.73 42.32 -3.07
N GLU F 56 40.28 43.45 -2.52
CA GLU F 56 39.22 43.43 -1.47
C GLU F 56 37.93 42.80 -2.06
N ALA F 57 37.56 43.19 -3.28
CA ALA F 57 36.35 42.65 -3.94
C ALA F 57 36.44 41.11 -4.04
N ALA F 58 37.55 40.60 -4.56
CA ALA F 58 37.76 39.13 -4.66
C ALA F 58 37.60 38.48 -3.28
N ALA F 59 38.23 39.05 -2.25
CA ALA F 59 38.16 38.50 -0.88
C ALA F 59 36.71 38.52 -0.37
N ALA F 60 35.96 39.58 -0.68
CA ALA F 60 34.53 39.67 -0.27
C ALA F 60 33.72 38.53 -0.90
N VAL F 61 33.86 38.32 -2.22
CA VAL F 61 33.14 37.21 -2.93
C VAL F 61 33.48 35.88 -2.26
N ALA F 62 34.75 35.63 -1.95
CA ALA F 62 35.17 34.34 -1.35
C ALA F 62 34.55 34.15 0.05
N GLY F 63 34.58 35.19 0.88
CA GLY F 63 34.06 35.11 2.25
C GLY F 63 32.54 34.93 2.28
N GLU F 64 31.81 35.73 1.50
CA GLU F 64 30.33 35.70 1.55
C GLU F 64 29.79 34.43 0.88
N SER F 65 30.63 33.70 0.13
CA SER F 65 30.18 32.43 -0.52
C SER F 65 30.65 31.23 0.30
N SER F 66 31.24 31.44 1.48
CA SER F 66 31.79 30.33 2.31
C SER F 66 31.27 30.41 3.75
N THR F 67 31.95 31.15 4.64
CA THR F 67 31.56 31.15 6.07
C THR F 67 31.62 32.54 6.72
N ALA F 68 31.78 33.62 5.94
CA ALA F 68 31.98 34.95 6.58
C ALA F 68 30.72 35.80 6.69
N THR F 69 30.77 36.87 7.51
CA THR F 69 29.67 37.86 7.62
C THR F 69 30.30 39.25 7.68
N TRP F 70 29.52 40.32 7.89
CA TRP F 70 30.07 41.72 7.83
C TRP F 70 30.87 42.10 9.08
N THR F 71 30.83 41.32 10.16
CA THR F 71 31.51 41.71 11.43
C THR F 71 32.11 40.45 12.08
N VAL F 72 33.02 40.61 13.05
CA VAL F 72 33.74 39.44 13.66
C VAL F 72 32.80 38.65 14.58
N VAL F 73 32.85 37.31 14.50
CA VAL F 73 32.05 36.43 15.41
C VAL F 73 32.98 35.46 16.15
N TRP F 74 32.84 35.35 17.48
CA TRP F 74 33.73 34.46 18.29
C TRP F 74 33.33 32.99 18.07
N THR F 75 32.11 32.73 17.63
CA THR F 75 31.63 31.33 17.46
C THR F 75 32.56 30.57 16.50
N ASP F 76 33.32 31.29 15.68
CA ASP F 76 34.30 30.64 14.75
C ASP F 76 35.26 29.73 15.53
N LEU F 77 35.52 30.04 16.80
CA LEU F 77 36.51 29.26 17.61
C LEU F 77 35.94 27.90 18.05
N LEU F 78 34.68 27.60 17.70
CA LEU F 78 34.09 26.28 18.03
C LEU F 78 34.24 25.36 16.83
N THR F 79 35.03 25.75 15.83
CA THR F 79 35.15 24.97 14.58
C THR F 79 36.59 25.00 14.07
N ALA F 80 36.94 24.11 13.13
CA ALA F 80 38.27 24.20 12.48
C ALA F 80 38.16 25.29 11.40
N CYS F 81 38.10 26.55 11.80
CA CYS F 81 37.84 27.68 10.85
C CYS F 81 38.73 27.65 9.60
N ASP F 82 40.04 27.53 9.75
CA ASP F 82 40.97 27.62 8.58
C ASP F 82 40.55 26.63 7.48
N ARG F 83 40.13 25.43 7.84
CA ARG F 83 39.81 24.39 6.82
C ARG F 83 38.55 24.79 6.02
N TYR F 84 37.58 25.45 6.66
CA TYR F 84 36.29 25.73 5.99
C TYR F 84 36.25 27.04 5.18
N ARG F 85 37.22 27.95 5.35
CA ARG F 85 37.21 29.24 4.63
C ARG F 85 37.60 29.06 3.17
N ALA F 86 36.85 29.66 2.23
CA ALA F 86 37.27 29.62 0.80
C ALA F 86 38.44 30.61 0.63
N LYS F 87 39.26 30.44 -0.42
CA LYS F 87 40.46 31.31 -0.52
C LYS F 87 40.63 31.92 -1.93
N ALA F 88 40.63 33.26 -2.03
CA ALA F 88 40.96 33.91 -3.32
C ALA F 88 42.47 33.79 -3.49
N TYR F 89 42.97 33.45 -4.68
CA TYR F 89 44.43 33.21 -4.81
C TYR F 89 45.03 33.79 -6.11
N ARG F 90 44.21 34.33 -7.01
CA ARG F 90 44.78 35.07 -8.16
C ARG F 90 43.78 36.02 -8.78
N VAL F 91 44.27 37.23 -9.13
CA VAL F 91 43.42 38.33 -9.67
C VAL F 91 44.17 38.96 -10.84
N ASP F 92 43.53 39.08 -12.00
CA ASP F 92 44.21 39.61 -13.22
C ASP F 92 43.28 40.53 -14.02
N PRO F 93 43.75 41.64 -14.63
CA PRO F 93 42.89 42.50 -15.44
C PRO F 93 42.39 41.79 -16.70
N VAL F 94 41.16 42.08 -17.12
CA VAL F 94 40.61 41.49 -18.39
C VAL F 94 41.27 42.22 -19.57
N PRO F 95 41.82 41.52 -20.59
CA PRO F 95 42.52 42.17 -21.70
C PRO F 95 41.65 43.20 -22.46
N ASN F 96 42.26 44.29 -22.92
CA ASN F 96 41.53 45.31 -23.72
C ASN F 96 40.38 45.94 -22.92
N THR F 97 40.44 45.88 -21.59
CA THR F 97 39.34 46.42 -20.75
C THR F 97 39.89 47.17 -19.53
N THR F 98 39.19 48.22 -19.10
CA THR F 98 39.57 48.89 -17.83
C THR F 98 38.37 48.74 -16.89
N ASP F 99 38.59 48.33 -15.64
CA ASP F 99 37.51 48.14 -14.63
C ASP F 99 36.99 46.69 -14.63
N GLN F 100 37.55 45.80 -15.45
CA GLN F 100 37.15 44.35 -15.38
C GLN F 100 38.35 43.51 -14.93
N TYR F 101 38.14 42.56 -14.03
CA TYR F 101 39.23 41.67 -13.55
C TYR F 101 38.77 40.21 -13.43
N PHE F 102 39.66 39.26 -13.69
CA PHE F 102 39.36 37.81 -13.52
C PHE F 102 39.85 37.37 -12.12
N ALA F 103 39.06 36.57 -11.41
CA ALA F 103 39.43 36.12 -10.04
C ALA F 103 39.25 34.60 -9.90
N PHE F 104 40.26 33.90 -9.37
CA PHE F 104 40.20 32.43 -9.15
C PHE F 104 39.96 32.15 -7.66
N ILE F 105 39.05 31.21 -7.35
CA ILE F 105 38.72 30.90 -5.92
C ILE F 105 38.62 29.38 -5.68
N ALA F 106 39.16 28.89 -4.56
CA ALA F 106 39.16 27.43 -4.25
C ALA F 106 38.25 27.12 -3.05
N TYR F 107 37.50 26.02 -3.10
CA TYR F 107 36.57 25.62 -2.00
C TYR F 107 36.87 24.20 -1.52
N GLU F 108 36.79 23.95 -0.21
CA GLU F 108 37.06 22.61 0.38
C GLU F 108 35.94 21.62 0.01
N ASP F 110 34.55 19.18 1.77
CA ASP F 110 33.58 18.95 2.88
C ASP F 110 32.49 20.03 2.99
N LEU F 111 32.58 21.11 2.21
CA LEU F 111 31.55 22.19 2.26
C LEU F 111 30.26 21.77 1.53
N PHE F 112 30.28 20.72 0.70
CA PHE F 112 29.09 20.40 -0.14
C PHE F 112 28.40 19.08 0.23
N GLU F 113 27.10 18.97 -0.06
CA GLU F 113 26.35 17.71 0.19
C GLU F 113 26.51 16.80 -1.03
N GLU F 114 26.82 15.52 -0.81
CA GLU F 114 27.07 14.57 -1.94
C GLU F 114 25.85 14.44 -2.86
N GLY F 115 26.04 14.52 -4.18
CA GLY F 115 24.94 14.29 -5.14
C GLY F 115 23.86 15.35 -5.18
N SER F 116 24.11 16.57 -4.71
CA SER F 116 23.02 17.59 -4.65
C SER F 116 23.41 18.89 -5.36
N LEU F 117 22.75 19.22 -6.49
CA LEU F 117 23.03 20.47 -7.25
C LEU F 117 22.47 21.70 -6.51
N ALA F 118 21.27 21.61 -5.92
CA ALA F 118 20.71 22.73 -5.12
C ALA F 118 21.76 23.22 -4.10
N ASN F 119 22.43 22.30 -3.40
CA ASN F 119 23.42 22.70 -2.36
C ASN F 119 24.64 23.39 -2.98
N LEU F 120 25.21 22.82 -4.04
CA LEU F 120 26.40 23.44 -4.71
C LEU F 120 26.06 24.88 -5.11
N THR F 121 24.92 25.09 -5.77
CA THR F 121 24.51 26.44 -6.25
C THR F 121 24.20 27.38 -5.08
N ALA F 122 23.54 26.88 -4.02
CA ALA F 122 23.25 27.71 -2.82
C ALA F 122 24.53 28.44 -2.35
N SER F 123 25.68 27.79 -2.44
CA SER F 123 26.96 28.42 -2.01
C SER F 123 27.54 29.32 -3.12
N ILE F 124 27.71 28.81 -4.34
CA ILE F 124 28.40 29.59 -5.42
C ILE F 124 27.58 30.80 -5.89
N ILE F 125 26.25 30.70 -6.02
CA ILE F 125 25.46 31.84 -6.60
C ILE F 125 24.40 32.36 -5.63
N GLY F 126 24.43 31.94 -4.36
CA GLY F 126 23.39 32.34 -3.39
C GLY F 126 23.09 33.82 -3.32
N ASN F 127 24.01 34.64 -2.79
CA ASN F 127 23.73 36.09 -2.58
C ASN F 127 24.82 37.01 -3.16
N VAL F 128 25.97 36.48 -3.59
CA VAL F 128 27.12 37.35 -4.04
C VAL F 128 26.73 38.32 -5.17
N PHE F 129 25.82 37.95 -6.06
CA PHE F 129 25.49 38.82 -7.24
C PHE F 129 24.78 40.11 -6.81
N GLY F 130 24.26 40.19 -5.58
CA GLY F 130 23.51 41.38 -5.11
C GLY F 130 24.32 42.30 -4.21
N PHE F 131 25.61 42.01 -4.00
CA PHE F 131 26.48 42.82 -3.10
C PHE F 131 26.62 44.26 -3.62
N LYS F 132 26.40 45.25 -2.75
CA LYS F 132 26.49 46.69 -3.16
C LYS F 132 27.91 47.06 -3.60
N ALA F 133 28.96 46.46 -3.03
CA ALA F 133 30.34 46.89 -3.33
C ALA F 133 30.77 46.53 -4.77
N VAL F 134 30.03 45.65 -5.45
CA VAL F 134 30.35 45.35 -6.87
C VAL F 134 29.24 45.92 -7.76
N SER F 135 29.58 46.32 -8.99
CA SER F 135 28.57 46.89 -9.92
C SER F 135 28.10 45.82 -10.92
N ALA F 136 28.88 44.76 -11.11
CA ALA F 136 28.52 43.66 -12.03
C ALA F 136 29.36 42.41 -11.74
N LEU F 137 28.88 41.22 -12.11
CA LEU F 137 29.59 39.96 -11.77
C LEU F 137 29.11 38.83 -12.68
N ARG F 138 30.02 37.93 -13.08
CA ARG F 138 29.63 36.82 -14.01
C ARG F 138 30.45 35.56 -13.70
N LEU F 139 29.79 34.42 -13.50
CA LEU F 139 30.49 33.11 -13.30
C LEU F 139 30.85 32.57 -14.69
N GLU F 140 32.13 32.52 -15.03
CA GLU F 140 32.56 32.10 -16.40
C GLU F 140 32.87 30.60 -16.49
N ASP F 141 33.49 30.00 -15.47
CA ASP F 141 33.90 28.57 -15.56
C ASP F 141 34.04 27.94 -14.17
N MET F 142 34.19 26.61 -14.10
CA MET F 142 34.37 25.88 -12.81
C MET F 142 35.15 24.59 -13.06
N ARG F 143 35.93 24.14 -12.07
CA ARG F 143 36.65 22.84 -12.17
C ARG F 143 36.04 21.90 -11.13
N ILE F 144 35.23 20.93 -11.56
CA ILE F 144 34.57 19.96 -10.62
C ILE F 144 35.47 18.73 -10.49
N PRO F 145 35.99 18.40 -9.27
CA PRO F 145 36.95 17.30 -9.12
C PRO F 145 36.39 15.88 -9.31
N HIS F 146 37.28 14.92 -9.58
CA HIS F 146 36.87 13.50 -9.80
C HIS F 146 36.07 12.98 -8.60
N SER F 147 36.58 13.18 -7.38
CA SER F 147 35.90 12.70 -6.14
C SER F 147 34.43 13.14 -6.09
N TYR F 148 34.14 14.41 -6.36
CA TYR F 148 32.74 14.92 -6.28
C TYR F 148 31.90 14.35 -7.45
N LEU F 149 32.48 14.23 -8.65
CA LEU F 149 31.75 13.72 -9.85
C LEU F 149 31.18 12.33 -9.54
N THR F 151 29.72 11.13 -7.07
CA THR F 151 28.50 11.10 -6.21
C THR F 151 27.26 11.42 -7.05
N PHE F 152 27.42 11.62 -8.36
CA PHE F 152 26.27 11.96 -9.25
C PHE F 152 26.06 10.83 -10.27
N GLN F 153 24.84 10.66 -10.77
CA GLN F 153 24.50 9.55 -11.71
C GLN F 153 25.12 9.78 -13.10
N GLY F 154 25.03 10.99 -13.66
CA GLY F 154 25.46 11.19 -15.05
C GLY F 154 24.33 10.77 -16.01
N ALA F 156 21.29 9.29 -18.09
CA ALA F 156 20.56 8.01 -17.85
C ALA F 156 20.88 7.00 -18.96
N THR F 157 20.82 7.45 -20.22
CA THR F 157 21.09 6.54 -21.38
C THR F 157 22.51 6.81 -21.90
N GLY F 158 22.78 8.05 -22.36
CA GLY F 158 24.10 8.38 -22.93
C GLY F 158 24.10 8.21 -24.45
N VAL F 159 24.97 8.93 -25.15
CA VAL F 159 24.95 8.89 -26.65
C VAL F 159 25.14 7.46 -27.16
N ILE F 160 26.13 6.72 -26.66
CA ILE F 160 26.45 5.34 -27.19
C ILE F 160 25.23 4.42 -27.08
N VAL F 161 24.66 4.25 -25.88
CA VAL F 161 23.51 3.32 -25.69
C VAL F 161 22.34 3.80 -26.54
N GLU F 162 22.18 5.12 -26.71
CA GLU F 162 21.00 5.65 -27.44
C GLU F 162 21.05 5.25 -28.94
N ARG F 163 22.20 5.43 -29.59
CA ARG F 163 22.36 5.04 -31.03
C ARG F 163 22.05 3.55 -31.18
N GLU F 164 22.42 2.74 -30.18
CA GLU F 164 22.13 1.28 -30.23
C GLU F 164 20.62 1.04 -30.15
N ARG F 165 19.92 1.79 -29.30
CA ARG F 165 18.45 1.63 -29.14
C ARG F 165 17.74 1.97 -30.46
N LEU F 166 18.34 2.82 -31.29
CA LEU F 166 17.70 3.24 -32.56
C LEU F 166 18.30 2.49 -33.75
N ASN F 167 19.40 1.75 -33.55
CA ASN F 167 20.08 1.09 -34.69
C ASN F 167 20.42 2.15 -35.75
N LYS F 168 21.05 3.25 -35.33
CA LYS F 168 21.44 4.33 -36.29
C LYS F 168 22.88 4.76 -36.00
N TYR F 169 23.78 4.59 -36.98
CA TYR F 169 25.22 4.88 -36.69
C TYR F 169 25.90 5.64 -37.83
N GLY F 170 26.75 6.61 -37.51
CA GLY F 170 27.57 7.27 -38.53
C GLY F 170 26.99 8.48 -39.25
N ILE F 171 25.96 9.10 -38.69
CA ILE F 171 25.40 10.35 -39.30
C ILE F 171 24.57 11.08 -38.25
N PRO F 172 24.44 12.43 -38.31
CA PRO F 172 23.58 13.16 -37.38
C PRO F 172 22.12 12.65 -37.46
N LEU F 173 21.40 12.72 -36.34
CA LEU F 173 19.96 12.33 -36.30
C LEU F 173 19.13 13.51 -36.84
N GLY F 175 15.14 15.65 -37.03
CA GLY F 175 13.87 15.89 -36.30
C GLY F 175 13.14 17.17 -36.71
N ALA F 176 11.98 17.43 -36.09
CA ALA F 176 11.19 18.65 -36.41
C ALA F 176 10.20 18.95 -35.27
N THR F 177 9.80 20.22 -35.13
CA THR F 177 8.79 20.61 -34.10
C THR F 177 7.43 20.84 -34.78
N VAL F 178 6.33 20.45 -34.13
CA VAL F 178 4.95 20.63 -34.70
C VAL F 178 4.57 22.11 -34.66
N LYS F 179 3.99 22.63 -35.75
CA LYS F 179 3.59 24.06 -35.85
C LYS F 179 2.14 24.17 -36.36
N PRO F 180 1.34 25.19 -35.98
CA PRO F 180 1.80 26.31 -35.13
C PRO F 180 2.02 25.92 -33.66
N LYS F 181 2.67 26.79 -32.89
CA LYS F 181 3.02 26.46 -31.48
C LYS F 181 1.78 26.00 -30.71
N LEU F 182 0.66 26.72 -30.80
CA LEU F 182 -0.55 26.38 -29.99
C LEU F 182 -1.82 26.41 -30.85
N GLY F 183 -2.88 25.69 -30.44
CA GLY F 183 -4.17 25.74 -31.15
C GLY F 183 -4.65 24.41 -31.73
N LEU F 184 -3.75 23.45 -31.97
CA LEU F 184 -4.15 22.18 -32.64
C LEU F 184 -4.82 21.18 -31.68
N SER F 185 -5.67 20.30 -32.20
CA SER F 185 -6.31 19.23 -31.37
C SER F 185 -5.41 17.99 -31.37
N GLY F 186 -5.69 17.03 -30.47
CA GLY F 186 -4.89 15.79 -30.39
C GLY F 186 -4.89 15.02 -31.71
N LYS F 187 -6.03 14.96 -32.41
CA LYS F 187 -6.12 14.16 -33.66
C LYS F 187 -5.29 14.83 -34.77
N ASN F 188 -5.37 16.15 -34.89
CA ASN F 188 -4.56 16.89 -35.89
C ASN F 188 -3.07 16.79 -35.55
N TYR F 189 -2.72 16.74 -34.26
CA TYR F 189 -1.31 16.59 -33.84
C TYR F 189 -0.75 15.25 -34.35
N GLY F 190 -1.50 14.16 -34.16
CA GLY F 190 -1.08 12.82 -34.63
C GLY F 190 -0.89 12.78 -36.14
N ARG F 191 -1.75 13.48 -36.88
CA ARG F 191 -1.66 13.51 -38.36
C ARG F 191 -0.28 14.05 -38.78
N VAL F 192 0.13 15.19 -38.22
CA VAL F 192 1.44 15.82 -38.57
C VAL F 192 2.58 14.84 -38.26
N VAL F 193 2.56 14.23 -37.07
CA VAL F 193 3.61 13.25 -36.66
C VAL F 193 3.67 12.12 -37.69
N TYR F 194 2.55 11.48 -37.98
CA TYR F 194 2.50 10.41 -39.02
C TYR F 194 3.16 10.90 -40.32
N GLU F 195 2.73 12.04 -40.85
CA GLU F 195 3.26 12.58 -42.14
C GLU F 195 4.79 12.79 -42.06
N GLY F 196 5.27 13.59 -41.11
CA GLY F 196 6.71 13.89 -41.00
C GLY F 196 7.57 12.63 -40.93
N LEU F 197 7.24 11.72 -40.01
CA LEU F 197 8.01 10.45 -39.84
C LEU F 197 8.01 9.68 -41.16
N GLY F 199 7.83 10.66 -44.17
CA GLY F 199 8.71 11.30 -45.18
C GLY F 199 10.18 11.04 -44.91
N GLY F 200 10.55 10.70 -43.66
CA GLY F 200 11.94 10.31 -43.39
C GLY F 200 12.60 10.94 -42.18
N LEU F 201 11.81 11.57 -41.29
CA LEU F 201 12.41 12.11 -40.03
C LEU F 201 12.58 10.99 -39.02
N ASP F 202 13.61 11.08 -38.17
CA ASP F 202 13.79 10.10 -37.07
C ASP F 202 12.83 10.43 -35.93
N PHE F 203 12.64 11.74 -35.65
CA PHE F 203 11.78 12.12 -34.48
C PHE F 203 11.03 13.42 -34.72
N LEU F 204 9.90 13.62 -34.02
CA LEU F 204 9.21 14.94 -34.01
C LEU F 204 9.06 15.32 -32.53
N ASP F 206 6.87 17.94 -29.31
CA ASP F 206 5.86 18.97 -28.93
C ASP F 206 6.61 20.28 -28.67
N ASP F 207 5.95 21.43 -28.87
CA ASP F 207 6.60 22.72 -28.53
C ASP F 207 6.79 22.81 -27.00
N GLU F 208 7.75 23.60 -26.53
CA GLU F 208 8.02 23.74 -25.07
C GLU F 208 6.76 24.19 -24.33
N ASN F 209 5.86 24.95 -25.00
CA ASN F 209 4.68 25.51 -24.29
C ASN F 209 3.44 24.61 -24.45
N ILE F 210 3.58 23.42 -25.03
CA ILE F 210 2.44 22.46 -25.14
C ILE F 210 2.45 21.55 -23.90
N ASN F 211 1.40 21.62 -23.08
CA ASN F 211 1.28 20.74 -21.88
C ASN F 211 -0.15 20.17 -21.84
N SER F 212 -1.06 20.79 -21.11
CA SER F 212 -2.49 20.38 -21.08
C SER F 212 -3.35 21.64 -21.05
N GLN F 213 -4.02 22.00 -22.15
CA GLN F 213 -4.77 23.28 -22.22
C GLN F 213 -6.20 23.04 -22.71
N PRO F 214 -7.12 24.04 -22.66
CA PRO F 214 -8.52 23.83 -23.07
C PRO F 214 -8.66 23.29 -24.50
N PHE F 215 -7.78 23.71 -25.41
CA PHE F 215 -7.90 23.28 -26.84
C PHE F 215 -7.40 21.83 -27.02
N MET F 216 -6.70 21.26 -26.04
CA MET F 216 -6.15 19.88 -26.16
C MET F 216 -5.66 19.36 -24.80
N ARG F 217 -6.28 18.28 -24.29
CA ARG F 217 -5.83 17.69 -22.99
C ARG F 217 -4.74 16.65 -23.27
N TRP F 218 -3.78 16.47 -22.36
CA TRP F 218 -2.58 15.62 -22.63
C TRP F 218 -2.91 14.16 -22.99
N ARG F 219 -3.81 13.50 -22.26
CA ARG F 219 -4.07 12.05 -22.51
C ARG F 219 -4.48 11.82 -23.97
N GLU F 220 -5.25 12.74 -24.55
CA GLU F 220 -5.69 12.62 -25.98
C GLU F 220 -4.46 12.66 -26.89
N ARG F 221 -3.55 13.61 -26.65
CA ARG F 221 -2.35 13.76 -27.52
C ARG F 221 -1.50 12.49 -27.47
N PHE F 222 -1.24 11.97 -26.27
CA PHE F 222 -0.34 10.79 -26.13
C PHE F 222 -0.89 9.59 -26.90
N LEU F 223 -2.21 9.36 -26.83
CA LEU F 223 -2.83 8.20 -27.53
C LEU F 223 -2.68 8.33 -29.05
N TYR F 224 -3.08 9.47 -29.63
CA TYR F 224 -3.02 9.63 -31.12
C TYR F 224 -1.57 9.52 -31.60
N CYS F 225 -0.61 10.05 -30.82
CA CYS F 225 0.81 10.07 -31.28
C CYS F 225 1.35 8.64 -31.43
N MET F 226 0.98 7.72 -30.52
CA MET F 226 1.49 6.32 -30.59
C MET F 226 0.90 5.62 -31.82
N GLU F 227 -0.33 5.97 -32.22
CA GLU F 227 -0.90 5.40 -33.48
C GLU F 227 -0.09 5.90 -34.69
N GLY F 228 0.27 7.18 -34.72
CA GLY F 228 1.07 7.75 -35.83
C GLY F 228 2.47 7.16 -35.91
N ILE F 229 3.11 6.92 -34.75
CA ILE F 229 4.49 6.35 -34.72
C ILE F 229 4.48 4.92 -35.25
N ASN F 230 3.56 4.07 -34.77
CA ASN F 230 3.50 2.65 -35.20
C ASN F 230 3.19 2.57 -36.70
N ARG F 231 2.23 3.37 -37.17
CA ARG F 231 1.91 3.40 -38.64
C ARG F 231 3.18 3.72 -39.43
N ALA F 232 3.92 4.77 -39.06
CA ALA F 232 5.12 5.17 -39.84
C ALA F 232 6.20 4.08 -39.77
N SER F 233 6.42 3.49 -38.58
CA SER F 233 7.49 2.48 -38.44
C SER F 233 7.17 1.25 -39.30
N ALA F 234 5.90 0.85 -39.35
CA ALA F 234 5.50 -0.34 -40.13
C ALA F 234 5.63 -0.06 -41.62
N ALA F 235 5.55 1.21 -42.03
CA ALA F 235 5.57 1.55 -43.48
C ALA F 235 7.00 1.76 -43.99
N THR F 236 7.99 1.83 -43.08
CA THR F 236 9.38 2.16 -43.51
C THR F 236 10.37 1.06 -43.09
N GLY F 237 10.08 0.36 -41.99
CA GLY F 237 10.98 -0.69 -41.47
C GLY F 237 12.02 -0.13 -40.51
N GLU F 238 11.77 1.07 -39.97
CA GLU F 238 12.75 1.74 -39.08
C GLU F 238 12.14 2.00 -37.69
N THR F 239 12.99 2.18 -36.68
CA THR F 239 12.48 2.57 -35.33
C THR F 239 12.23 4.08 -35.34
N LYS F 240 11.07 4.55 -34.88
CA LYS F 240 10.71 6.00 -34.90
C LYS F 240 10.27 6.46 -33.50
N GLY F 241 10.05 7.77 -33.30
CA GLY F 241 9.53 8.24 -32.01
C GLY F 241 9.18 9.72 -31.97
N SER F 242 8.48 10.15 -30.91
CA SER F 242 8.16 11.60 -30.72
C SER F 242 8.37 11.98 -29.26
N TYR F 243 8.93 13.17 -29.00
CA TYR F 243 9.18 13.63 -27.61
C TYR F 243 7.86 14.04 -26.95
N LEU F 244 7.32 13.23 -26.03
CA LEU F 244 6.09 13.63 -25.29
C LEU F 244 6.48 14.57 -24.13
N ASN F 245 5.78 15.72 -24.00
CA ASN F 245 6.12 16.72 -22.95
C ASN F 245 5.43 16.38 -21.63
N ILE F 246 6.20 16.16 -20.57
CA ILE F 246 5.63 15.76 -19.24
C ILE F 246 5.75 16.93 -18.25
N THR F 247 6.20 18.11 -18.71
CA THR F 247 6.29 19.31 -17.84
C THR F 247 4.94 19.56 -17.17
N ALA F 248 4.92 19.82 -15.86
CA ALA F 248 3.65 20.13 -15.16
C ALA F 248 3.88 21.05 -13.96
N GLY F 249 2.81 21.42 -13.24
CA GLY F 249 2.91 22.38 -12.11
C GLY F 249 3.37 21.76 -10.81
N THR F 250 3.14 20.45 -10.60
CA THR F 250 3.53 19.76 -9.34
C THR F 250 4.24 18.43 -9.66
N MET F 251 5.11 17.98 -8.76
CA MET F 251 5.88 16.72 -8.98
C MET F 251 4.91 15.55 -9.19
N GLU F 252 3.82 15.48 -8.43
CA GLU F 252 2.86 14.34 -8.54
C GLU F 252 2.34 14.25 -9.98
N GLU F 253 1.96 15.39 -10.56
CA GLU F 253 1.41 15.41 -11.95
C GLU F 253 2.50 15.04 -12.95
N VAL F 254 3.75 15.45 -12.71
CA VAL F 254 4.87 15.04 -13.60
C VAL F 254 4.94 13.52 -13.65
N TYR F 255 5.03 12.87 -12.48
CA TYR F 255 5.14 11.39 -12.40
C TYR F 255 3.96 10.72 -13.11
N LYS F 256 2.74 11.25 -12.91
CA LYS F 256 1.53 10.64 -13.54
C LYS F 256 1.69 10.62 -15.06
N ARG F 257 2.25 11.68 -15.64
CA ARG F 257 2.41 11.78 -17.13
C ARG F 257 3.58 10.89 -17.59
N ALA F 258 4.64 10.75 -16.79
CA ALA F 258 5.78 9.85 -17.14
C ALA F 258 5.32 8.40 -17.15
N GLU F 259 4.53 7.97 -16.15
CA GLU F 259 4.07 6.55 -16.05
C GLU F 259 3.12 6.20 -17.20
N TYR F 260 2.31 7.16 -17.65
CA TYR F 260 1.39 6.94 -18.80
C TYR F 260 2.19 6.70 -20.08
N ALA F 261 3.13 7.59 -20.40
CA ALA F 261 3.95 7.46 -21.63
C ALA F 261 4.67 6.10 -21.67
N LYS F 262 5.21 5.65 -20.53
CA LYS F 262 5.90 4.34 -20.46
C LYS F 262 4.87 3.24 -20.77
N THR F 263 3.68 3.32 -20.18
CA THR F 263 2.63 2.28 -20.37
C THR F 263 2.31 2.10 -21.86
N VAL F 264 2.20 3.20 -22.62
CA VAL F 264 1.83 3.11 -24.08
C VAL F 264 3.07 2.77 -24.93
N GLY F 265 4.26 2.69 -24.34
CA GLY F 265 5.44 2.23 -25.08
C GLY F 265 6.27 3.33 -25.75
N SER F 266 6.28 4.54 -25.20
CA SER F 266 7.12 5.63 -25.76
C SER F 266 8.61 5.33 -25.51
N ILE F 267 9.47 5.61 -26.50
CA ILE F 267 10.94 5.40 -26.32
C ILE F 267 11.57 6.67 -25.72
N VAL F 268 10.83 7.78 -25.64
CA VAL F 268 11.45 9.07 -25.19
C VAL F 268 10.41 10.04 -24.61
N VAL F 269 10.86 10.99 -23.77
CA VAL F 269 9.97 12.05 -23.21
C VAL F 269 10.80 13.34 -23.09
N MET F 270 10.15 14.49 -22.84
CA MET F 270 10.91 15.77 -22.79
C MET F 270 10.49 16.60 -21.57
N ILE F 271 11.40 17.45 -21.07
CA ILE F 271 11.11 18.35 -19.91
C ILE F 271 11.65 19.75 -20.22
N ASP F 272 11.17 20.76 -19.49
CA ASP F 272 11.61 22.18 -19.70
C ASP F 272 12.50 22.64 -18.53
N LEU F 273 13.42 23.57 -18.79
CA LEU F 273 14.34 24.07 -17.73
C LEU F 273 13.58 24.88 -16.66
N VAL F 274 12.43 25.48 -16.99
CA VAL F 274 11.66 26.33 -16.03
C VAL F 274 11.17 25.49 -14.83
N MET F 275 11.21 24.16 -14.94
CA MET F 275 10.73 23.27 -13.85
C MET F 275 11.61 23.43 -12.60
N GLY F 276 12.94 23.44 -12.76
CA GLY F 276 13.86 23.65 -11.62
C GLY F 276 14.81 22.49 -11.39
N TYR F 277 15.96 22.75 -10.73
CA TYR F 277 17.01 21.73 -10.51
C TYR F 277 16.48 20.47 -9.80
N THR F 278 15.76 20.63 -8.69
CA THR F 278 15.31 19.45 -7.91
C THR F 278 14.37 18.56 -8.71
N ALA F 279 13.41 19.18 -9.43
CA ALA F 279 12.49 18.37 -10.29
C ALA F 279 13.30 17.67 -11.39
N ILE F 280 14.29 18.36 -11.98
CA ILE F 280 15.12 17.76 -13.07
C ILE F 280 15.88 16.53 -12.53
N GLN F 281 16.54 16.66 -11.38
CA GLN F 281 17.29 15.52 -10.80
C GLN F 281 16.36 14.31 -10.61
N SER F 282 15.18 14.53 -10.02
CA SER F 282 14.20 13.43 -9.80
C SER F 282 13.84 12.75 -11.13
N ALA F 283 13.61 13.53 -12.18
CA ALA F 283 13.21 12.96 -13.51
C ALA F 283 14.35 12.11 -14.09
N ALA F 284 15.61 12.54 -13.94
CA ALA F 284 16.76 11.79 -14.51
C ALA F 284 16.94 10.45 -13.78
N ILE F 285 16.63 10.41 -12.48
CA ILE F 285 16.72 9.12 -11.72
C ILE F 285 15.60 8.19 -12.21
N TRP F 286 14.39 8.72 -12.40
CA TRP F 286 13.23 7.91 -12.91
C TRP F 286 13.55 7.31 -14.30
N ALA F 287 14.10 8.10 -15.23
CA ALA F 287 14.35 7.60 -16.62
C ALA F 287 15.31 6.40 -16.59
N ARG F 288 16.38 6.48 -15.79
CA ARG F 288 17.35 5.35 -15.66
C ARG F 288 16.64 4.11 -15.12
N ASP F 289 15.74 4.27 -14.14
CA ASP F 289 15.08 3.10 -13.52
C ASP F 289 13.95 2.55 -14.42
N ASN F 290 13.59 3.26 -15.49
CA ASN F 290 12.43 2.84 -16.33
C ASN F 290 12.79 2.71 -17.82
N ASP F 291 14.08 2.75 -18.17
CA ASP F 291 14.54 2.58 -19.59
C ASP F 291 13.86 3.59 -20.54
N LEU F 292 13.86 4.89 -20.22
CA LEU F 292 13.33 5.92 -21.16
C LEU F 292 14.45 6.92 -21.52
N ILE F 293 14.39 7.56 -22.70
CA ILE F 293 15.38 8.62 -23.05
C ILE F 293 14.83 9.97 -22.56
N LEU F 294 15.70 10.86 -22.04
CA LEU F 294 15.22 12.14 -21.44
C LEU F 294 15.77 13.36 -22.20
N HIS F 295 14.88 14.16 -22.81
CA HIS F 295 15.29 15.36 -23.58
C HIS F 295 15.06 16.63 -22.75
N LEU F 296 16.02 17.55 -22.76
CA LEU F 296 15.89 18.79 -21.93
C LEU F 296 15.78 20.04 -22.82
N HIS F 297 14.66 20.77 -22.73
CA HIS F 297 14.53 22.07 -23.44
C HIS F 297 15.05 23.16 -22.48
N ARG F 298 15.82 24.13 -22.98
CA ARG F 298 16.45 25.13 -22.06
C ARG F 298 15.65 26.44 -21.93
N ALA F 299 14.32 26.35 -21.78
CA ALA F 299 13.46 27.55 -21.62
C ALA F 299 13.92 28.44 -20.45
N GLY F 300 14.19 29.72 -20.71
CA GLY F 300 14.56 30.68 -19.63
C GLY F 300 16.05 30.95 -19.52
N ASN F 301 16.91 30.11 -20.12
CA ASN F 301 18.39 30.25 -19.97
C ASN F 301 18.90 31.64 -20.38
N SER F 302 18.35 32.23 -21.43
CA SER F 302 18.89 33.52 -21.95
C SER F 302 18.55 34.72 -21.05
N THR F 303 17.76 34.53 -19.99
CA THR F 303 17.50 35.65 -19.03
C THR F 303 18.80 36.01 -18.29
N TYR F 304 19.73 35.06 -18.16
CA TYR F 304 20.98 35.31 -17.39
C TYR F 304 22.24 34.91 -18.18
N ALA F 305 22.11 34.27 -19.34
CA ALA F 305 23.32 33.77 -20.06
C ALA F 305 23.63 34.58 -21.33
N ARG F 306 22.97 35.71 -21.57
CA ARG F 306 23.14 36.45 -22.84
C ARG F 306 24.23 37.53 -22.76
N GLN F 307 24.31 38.28 -21.65
CA GLN F 307 25.26 39.44 -21.58
C GLN F 307 26.63 39.03 -21.05
N LYS F 308 27.69 39.68 -21.53
CA LYS F 308 29.09 39.33 -21.12
C LYS F 308 29.45 39.95 -19.75
N ASN F 309 28.75 40.99 -19.31
CA ASN F 309 29.14 41.71 -18.06
C ASN F 309 28.51 41.10 -16.80
N HIS F 310 27.39 40.39 -16.90
CA HIS F 310 26.69 39.90 -15.67
C HIS F 310 25.93 38.59 -15.94
N GLY F 311 25.90 37.67 -14.96
CA GLY F 311 25.11 36.43 -15.10
C GLY F 311 25.94 35.15 -15.04
N ILE F 312 25.49 34.09 -15.71
CA ILE F 312 26.24 32.80 -15.76
C ILE F 312 26.45 32.38 -17.22
N ASN F 313 27.68 32.02 -17.60
CA ASN F 313 27.98 31.54 -18.98
C ASN F 313 27.34 30.17 -19.21
N PHE F 314 26.83 29.90 -20.42
CA PHE F 314 26.12 28.63 -20.71
C PHE F 314 27.03 27.40 -20.47
N ARG F 315 28.34 27.54 -20.67
CA ARG F 315 29.25 26.36 -20.54
C ARG F 315 29.16 25.79 -19.12
N VAL F 316 28.90 26.64 -18.13
CA VAL F 316 28.70 26.16 -16.72
C VAL F 316 27.40 25.36 -16.65
N ILE F 317 26.31 25.91 -17.19
CA ILE F 317 25.01 25.17 -17.21
C ILE F 317 25.23 23.81 -17.87
N CYS F 318 26.00 23.76 -18.96
CA CYS F 318 26.29 22.48 -19.66
C CYS F 318 26.85 21.45 -18.65
N LYS F 319 27.86 21.83 -17.86
CA LYS F 319 28.48 20.90 -16.88
C LYS F 319 27.44 20.44 -15.85
N TRP F 320 26.68 21.36 -15.25
CA TRP F 320 25.68 21.00 -14.21
C TRP F 320 24.67 20.00 -14.76
N MET F 321 24.17 20.22 -15.98
CA MET F 321 23.12 19.34 -16.57
C MET F 321 23.72 17.97 -16.94
N ARG F 322 24.96 17.92 -17.41
CA ARG F 322 25.61 16.60 -17.68
C ARG F 322 25.74 15.84 -16.35
N MET F 323 25.99 16.56 -15.25
CA MET F 323 26.08 15.92 -13.91
C MET F 323 24.71 15.37 -13.47
N CYS F 324 23.64 16.14 -13.68
CA CYS F 324 22.27 15.70 -13.27
C CYS F 324 21.90 14.42 -14.02
N GLY F 325 22.23 14.34 -15.31
CA GLY F 325 21.98 13.09 -16.06
C GLY F 325 20.94 13.22 -17.16
N VAL F 326 20.84 14.37 -17.82
CA VAL F 326 19.91 14.46 -19.00
C VAL F 326 20.58 13.81 -20.21
N ASP F 327 19.80 13.34 -21.20
CA ASP F 327 20.36 12.62 -22.39
C ASP F 327 20.58 13.58 -23.57
N HIS F 328 19.71 14.58 -23.77
CA HIS F 328 19.89 15.60 -24.83
C HIS F 328 19.81 17.01 -24.24
N ILE F 329 20.39 18.01 -24.93
CA ILE F 329 20.25 19.43 -24.48
C ILE F 329 20.46 20.38 -25.67
N HIS F 330 19.61 21.40 -25.82
CA HIS F 330 19.80 22.42 -26.90
C HIS F 330 21.12 23.17 -26.68
N ALA F 331 21.93 23.36 -27.74
CA ALA F 331 23.27 23.98 -27.57
C ALA F 331 23.61 25.04 -28.64
N GLY F 332 22.78 25.24 -29.67
CA GLY F 332 23.06 26.34 -30.63
C GLY F 332 23.25 25.90 -32.08
N THR F 333 23.11 26.84 -33.03
CA THR F 333 23.19 26.50 -34.48
C THR F 333 24.23 27.35 -35.22
N VAL F 334 24.65 28.49 -34.67
CA VAL F 334 25.60 29.43 -35.35
C VAL F 334 24.90 30.22 -36.46
N VAL F 335 24.27 29.54 -37.44
CA VAL F 335 23.70 30.27 -38.62
C VAL F 335 22.18 30.48 -38.52
N GLY F 336 21.56 30.06 -37.41
CA GLY F 336 20.09 30.18 -37.27
C GLY F 336 19.62 31.56 -36.82
N LYS F 337 18.45 31.63 -36.18
CA LYS F 337 17.87 32.94 -35.77
C LYS F 337 18.15 33.26 -34.29
N LEU F 338 18.71 32.33 -33.52
CA LEU F 338 19.06 32.59 -32.08
C LEU F 338 20.56 32.88 -31.93
N GLU F 339 20.98 33.49 -30.81
CA GLU F 339 22.40 33.92 -30.60
C GLU F 339 23.37 32.72 -30.59
N GLY F 340 24.59 32.93 -31.09
CA GLY F 340 25.61 31.85 -31.07
C GLY F 340 26.90 32.21 -31.78
N ASP F 341 27.98 32.46 -31.03
CA ASP F 341 29.32 32.73 -31.64
C ASP F 341 29.99 31.38 -31.95
N PRO F 342 30.58 31.15 -33.15
CA PRO F 342 31.14 29.83 -33.49
C PRO F 342 32.20 29.31 -32.51
N LEU F 343 33.06 30.18 -31.99
CA LEU F 343 34.14 29.74 -31.06
C LEU F 343 33.52 29.29 -29.74
N MET F 344 32.62 30.09 -29.17
CA MET F 344 31.93 29.73 -27.90
C MET F 344 31.14 28.43 -28.08
N ILE F 345 30.42 28.30 -29.20
CA ILE F 345 29.57 27.09 -29.45
C ILE F 345 30.45 25.84 -29.48
N GLY F 347 33.15 25.35 -27.94
CA GLY F 347 33.43 25.06 -26.52
C GLY F 347 32.31 24.27 -25.88
N PHE F 348 31.05 24.71 -26.05
CA PHE F 348 29.88 23.99 -25.48
C PHE F 348 29.86 22.52 -25.92
N TYR F 349 29.98 22.26 -27.23
CA TYR F 349 29.90 20.87 -27.75
C TYR F 349 30.99 20.00 -27.09
N ASP F 350 32.21 20.53 -26.95
CA ASP F 350 33.32 19.77 -26.33
C ASP F 350 32.98 19.42 -24.87
N THR F 351 32.50 20.39 -24.09
CA THR F 351 32.12 20.12 -22.68
C THR F 351 31.11 18.97 -22.60
N LEU F 352 30.24 18.82 -23.59
CA LEU F 352 29.17 17.79 -23.51
C LEU F 352 29.60 16.42 -24.08
N LEU F 353 30.62 16.36 -24.96
CA LEU F 353 30.94 15.07 -25.64
C LEU F 353 32.31 14.46 -25.29
N LEU F 354 33.25 15.23 -24.74
CA LEU F 354 34.62 14.69 -24.54
C LEU F 354 34.77 13.89 -23.24
N THR F 355 35.84 13.07 -23.14
CA THR F 355 36.13 12.29 -21.90
C THR F 355 37.05 13.14 -21.01
N HIS F 356 37.65 14.19 -21.57
CA HIS F 356 38.57 15.06 -20.78
C HIS F 356 38.70 16.43 -21.47
N LEU F 357 38.91 17.50 -20.68
CA LEU F 357 39.03 18.87 -21.25
C LEU F 357 40.43 19.44 -20.97
N ASN F 358 41.05 20.07 -21.96
CA ASN F 358 42.38 20.73 -21.77
C ASN F 358 42.20 22.24 -21.94
N VAL F 359 43.06 23.06 -21.33
CA VAL F 359 42.89 24.55 -21.38
C VAL F 359 42.87 25.03 -22.84
N ASN F 360 41.92 25.91 -23.19
CA ASN F 360 41.80 26.46 -24.57
C ASN F 360 41.15 27.85 -24.48
N LEU F 361 41.96 28.88 -24.22
CA LEU F 361 41.40 30.25 -23.98
C LEU F 361 40.53 30.72 -25.16
N PRO F 362 40.96 30.73 -26.44
CA PRO F 362 40.11 31.23 -27.52
C PRO F 362 38.71 30.57 -27.56
N TYR F 363 38.57 29.38 -26.97
CA TYR F 363 37.27 28.66 -26.95
C TYR F 363 36.56 28.88 -25.62
N GLY F 364 37.18 29.59 -24.68
CA GLY F 364 36.58 29.85 -23.35
C GLY F 364 36.82 28.70 -22.36
N ILE F 365 37.78 27.81 -22.65
CA ILE F 365 38.11 26.70 -21.71
C ILE F 365 39.22 27.17 -20.77
N PHE F 366 38.89 27.40 -19.49
CA PHE F 366 39.90 27.96 -18.53
C PHE F 366 40.50 26.87 -17.63
N PHE F 367 39.81 25.74 -17.43
CA PHE F 367 40.31 24.71 -16.50
C PHE F 367 40.45 23.34 -17.18
N GLU F 368 41.55 22.63 -16.90
CA GLU F 368 41.65 21.24 -17.41
C GLU F 368 40.76 20.39 -16.50
N MET F 369 40.10 19.36 -17.03
CA MET F 369 39.13 18.59 -16.19
C MET F 369 38.79 17.23 -16.82
N THR F 370 38.81 16.16 -16.04
CA THR F 370 38.40 14.82 -16.55
C THR F 370 36.94 14.55 -16.17
N TRP F 371 36.24 13.70 -16.92
CA TRP F 371 34.81 13.42 -16.65
C TRP F 371 34.62 12.12 -15.85
N ALA F 372 35.71 11.53 -15.34
CA ALA F 372 35.60 10.33 -14.46
C ALA F 372 34.63 9.30 -15.05
N SER F 373 34.67 9.03 -16.36
CA SER F 373 33.83 7.99 -17.02
C SER F 373 32.32 8.30 -16.95
N LEU F 374 31.94 9.57 -16.83
CA LEU F 374 30.49 9.91 -16.91
C LEU F 374 30.07 9.81 -18.39
N ARG F 375 28.86 9.30 -18.66
CA ARG F 375 28.38 9.12 -20.06
C ARG F 375 28.30 10.47 -20.80
N LYS F 376 28.24 10.44 -22.13
CA LYS F 376 28.20 11.69 -22.95
C LYS F 376 26.75 12.20 -23.14
N CYS F 377 26.58 13.52 -23.22
CA CYS F 377 25.24 14.13 -23.46
C CYS F 377 25.15 14.59 -24.93
N MET F 378 24.03 14.31 -25.60
CA MET F 378 23.88 14.64 -27.05
C MET F 378 23.43 16.09 -27.27
N PRO F 379 24.17 16.94 -28.02
CA PRO F 379 23.73 18.31 -28.31
C PRO F 379 22.58 18.36 -29.34
N VAL F 380 21.74 19.40 -29.26
CA VAL F 380 20.60 19.55 -30.21
C VAL F 380 20.68 20.93 -30.87
N ALA F 381 20.58 20.99 -32.20
CA ALA F 381 20.68 22.27 -32.95
C ALA F 381 19.30 22.63 -33.52
N SER F 382 18.74 23.80 -33.16
CA SER F 382 17.36 24.17 -33.59
C SER F 382 17.20 25.70 -33.64
N GLY F 383 16.38 26.21 -34.58
CA GLY F 383 16.10 27.67 -34.63
C GLY F 383 16.34 28.30 -36.00
N GLY F 384 15.33 28.37 -36.86
CA GLY F 384 15.44 29.05 -38.17
C GLY F 384 16.59 28.55 -39.03
N ILE F 385 16.63 27.25 -39.34
CA ILE F 385 17.68 26.68 -40.24
C ILE F 385 17.00 25.95 -41.41
N HIS F 386 17.67 25.84 -42.57
CA HIS F 386 17.03 25.21 -43.76
C HIS F 386 18.02 24.36 -44.57
N CYS F 387 17.52 23.41 -45.36
CA CYS F 387 18.39 22.47 -46.14
C CYS F 387 19.39 23.20 -47.04
N GLY F 388 19.10 24.45 -47.41
CA GLY F 388 20.06 25.24 -48.21
C GLY F 388 21.35 25.53 -47.45
N GLN F 389 21.39 25.28 -46.14
CA GLN F 389 22.61 25.58 -45.31
C GLN F 389 23.29 24.27 -44.88
N MET F 390 22.96 23.13 -45.50
CA MET F 390 23.52 21.82 -45.06
C MET F 390 25.05 21.86 -44.96
N HIS F 391 25.75 22.41 -45.96
CA HIS F 391 27.24 22.40 -45.96
C HIS F 391 27.79 23.05 -44.68
N GLN F 392 27.20 24.16 -44.22
CA GLN F 392 27.67 24.87 -43.01
C GLN F 392 27.38 24.04 -41.74
N LEU F 393 26.17 23.46 -41.64
CA LEU F 393 25.79 22.66 -40.45
C LEU F 393 26.78 21.50 -40.23
N VAL F 394 27.11 20.74 -41.29
CA VAL F 394 28.06 19.60 -41.18
C VAL F 394 29.43 20.11 -40.69
N HIS F 395 29.87 21.26 -41.18
CA HIS F 395 31.23 21.77 -40.85
C HIS F 395 31.33 22.30 -39.41
N TYR F 396 30.29 22.98 -38.91
CA TYR F 396 30.39 23.61 -37.56
C TYR F 396 29.90 22.69 -36.44
N LEU F 397 28.87 21.86 -36.68
CA LEU F 397 28.25 21.10 -35.55
C LEU F 397 28.80 19.68 -35.38
N GLY F 398 29.33 19.04 -36.43
CA GLY F 398 29.94 17.71 -36.24
C GLY F 398 29.02 16.56 -36.59
N ASP F 399 29.21 15.38 -35.98
CA ASP F 399 28.41 14.18 -36.36
C ASP F 399 27.52 13.68 -35.22
N ASP F 400 27.88 13.95 -33.96
CA ASP F 400 27.00 13.58 -32.82
C ASP F 400 26.10 14.78 -32.50
N VAL F 401 24.95 14.87 -33.17
CA VAL F 401 24.04 16.04 -32.96
C VAL F 401 22.65 15.73 -33.54
N VAL F 402 21.61 16.35 -32.99
CA VAL F 402 20.25 16.22 -33.59
C VAL F 402 19.93 17.53 -34.31
N LEU F 403 19.79 17.49 -35.64
CA LEU F 403 19.40 18.69 -36.42
C LEU F 403 17.87 18.76 -36.52
N GLN F 404 17.25 19.84 -36.04
CA GLN F 404 15.76 19.91 -36.00
C GLN F 404 15.23 20.99 -36.95
N PHE F 405 14.23 20.66 -37.79
CA PHE F 405 13.67 21.63 -38.78
C PHE F 405 12.14 21.76 -38.64
N GLY F 406 11.67 22.82 -37.97
CA GLY F 406 10.21 23.05 -37.78
C GLY F 406 9.59 23.74 -38.98
N GLY F 407 9.74 25.06 -39.10
CA GLY F 407 9.25 25.78 -40.29
C GLY F 407 9.93 25.27 -41.56
N GLY F 408 11.17 24.79 -41.43
CA GLY F 408 11.93 24.28 -42.58
C GLY F 408 11.36 22.98 -43.14
N THR F 409 10.35 22.40 -42.48
CA THR F 409 9.72 21.14 -42.95
C THR F 409 8.23 21.38 -43.25
N ILE F 410 7.49 21.86 -42.26
CA ILE F 410 6.01 22.07 -42.40
C ILE F 410 5.74 23.18 -43.43
N GLY F 411 6.68 24.11 -43.60
CA GLY F 411 6.47 25.26 -44.52
C GLY F 411 6.71 24.93 -45.99
N HIS F 412 6.91 23.65 -46.33
CA HIS F 412 7.12 23.24 -47.74
C HIS F 412 5.81 23.38 -48.53
N PRO F 413 5.82 23.94 -49.77
CA PRO F 413 4.58 24.14 -50.55
C PRO F 413 3.91 22.84 -51.01
N ASP F 414 4.65 21.73 -51.10
CA ASP F 414 4.07 20.46 -51.63
C ASP F 414 3.67 19.50 -50.50
N GLY F 415 3.60 19.95 -49.24
CA GLY F 415 3.14 19.08 -48.15
C GLY F 415 4.23 18.72 -47.15
N ILE F 416 3.83 18.13 -46.01
CA ILE F 416 4.81 17.81 -44.93
C ILE F 416 5.72 16.65 -45.36
N GLN F 417 5.16 15.61 -45.97
CA GLN F 417 5.97 14.44 -46.42
C GLN F 417 7.06 14.93 -47.38
N ALA F 418 6.72 15.80 -48.32
CA ALA F 418 7.71 16.35 -49.28
C ALA F 418 8.82 17.08 -48.51
N GLY F 419 8.45 17.97 -47.59
CA GLY F 419 9.44 18.69 -46.76
C GLY F 419 10.43 17.74 -46.09
N ALA F 420 9.93 16.67 -45.45
CA ALA F 420 10.81 15.72 -44.73
C ALA F 420 11.81 15.08 -45.71
N THR F 421 11.34 14.66 -46.89
CA THR F 421 12.21 14.02 -47.90
C THR F 421 13.36 14.96 -48.30
N ALA F 422 13.04 16.23 -48.60
CA ALA F 422 14.08 17.18 -49.05
C ALA F 422 15.20 17.27 -48.02
N ASN F 423 14.86 17.29 -46.73
CA ASN F 423 15.87 17.43 -45.65
C ASN F 423 16.78 16.19 -45.59
N ARG F 424 16.22 14.98 -45.63
CA ARG F 424 17.03 13.74 -45.52
C ARG F 424 17.97 13.60 -46.71
N VAL F 425 17.46 13.72 -47.93
CA VAL F 425 18.31 13.63 -49.16
C VAL F 425 19.49 14.60 -49.04
N ALA F 426 19.22 15.88 -48.75
CA ALA F 426 20.29 16.90 -48.65
C ALA F 426 21.41 16.38 -47.74
N LEU F 427 21.04 15.92 -46.54
CA LEU F 427 22.05 15.41 -45.56
C LEU F 427 22.84 14.24 -46.17
N GLU F 428 22.16 13.18 -46.62
CA GLU F 428 22.86 11.96 -47.15
C GLU F 428 23.90 12.34 -48.21
N ALA F 429 23.53 13.19 -49.17
CA ALA F 429 24.46 13.58 -50.26
C ALA F 429 25.69 14.30 -49.68
N MET F 430 25.49 15.20 -48.71
CA MET F 430 26.62 15.99 -48.13
C MET F 430 27.62 15.08 -47.43
N ILE F 431 27.14 14.15 -46.59
CA ILE F 431 28.03 13.22 -45.84
C ILE F 431 28.81 12.34 -46.82
N LEU F 432 28.12 11.71 -47.77
CA LEU F 432 28.81 10.91 -48.81
C LEU F 432 29.96 11.72 -49.41
N ALA F 433 29.67 12.93 -49.91
CA ALA F 433 30.69 13.79 -50.54
C ALA F 433 31.83 14.04 -49.55
N ARG F 434 31.51 14.39 -48.31
CA ARG F 434 32.56 14.62 -47.28
C ARG F 434 33.47 13.39 -47.19
N ASN F 435 32.88 12.21 -47.01
CA ASN F 435 33.69 10.97 -46.82
C ASN F 435 34.59 10.68 -48.03
N GLU F 436 34.26 11.25 -49.19
CA GLU F 436 35.07 11.03 -50.42
C GLU F 436 36.20 12.06 -50.51
N GLY F 437 36.29 12.99 -49.55
CA GLY F 437 37.38 13.98 -49.51
C GLY F 437 37.14 15.18 -50.42
N ALA F 438 36.00 15.87 -50.26
CA ALA F 438 35.74 17.09 -51.04
C ALA F 438 35.76 18.31 -50.11
N ASP F 439 35.93 19.51 -50.66
CA ASP F 439 35.94 20.77 -49.86
C ASP F 439 34.51 21.32 -49.78
N TYR F 440 33.59 20.56 -49.15
CA TYR F 440 32.16 20.94 -49.10
C TYR F 440 31.91 22.29 -48.42
N PHE F 441 32.87 22.80 -47.65
CA PHE F 441 32.61 24.06 -46.90
C PHE F 441 32.83 25.27 -47.81
N ASN F 442 33.63 25.10 -48.87
CA ASN F 442 33.87 26.23 -49.83
C ASN F 442 32.53 26.83 -50.27
N SER F 443 32.48 28.16 -50.43
CA SER F 443 31.21 28.84 -50.76
C SER F 443 30.67 28.40 -52.12
N ASP F 444 31.46 27.66 -52.90
CA ASP F 444 31.02 27.27 -54.27
C ASP F 444 30.77 25.75 -54.32
N ILE F 445 31.69 24.95 -53.78
CA ILE F 445 31.55 23.46 -53.80
C ILE F 445 30.28 23.06 -53.05
N GLY F 446 30.14 23.48 -51.79
CA GLY F 446 28.96 23.12 -50.98
C GLY F 446 27.66 23.27 -51.75
N PRO F 447 27.24 24.48 -52.20
CA PRO F 447 25.94 24.64 -52.86
C PRO F 447 25.80 23.77 -54.12
N GLN F 448 26.87 23.68 -54.93
CA GLN F 448 26.84 22.85 -56.16
C GLN F 448 26.48 21.40 -55.80
N ILE F 449 27.11 20.85 -54.75
CA ILE F 449 26.79 19.47 -54.30
C ILE F 449 25.27 19.34 -54.12
N LEU F 450 24.64 20.28 -53.41
CA LEU F 450 23.18 20.23 -53.16
C LEU F 450 22.44 20.35 -54.50
N ARG F 451 22.87 21.29 -55.35
CA ARG F 451 22.25 21.48 -56.67
C ARG F 451 22.30 20.16 -57.45
N ASN F 452 23.46 19.52 -57.47
CA ASN F 452 23.62 18.22 -58.21
C ASN F 452 22.57 17.23 -57.70
N ALA F 453 22.53 17.00 -56.38
CA ALA F 453 21.54 16.08 -55.78
C ALA F 453 20.11 16.48 -56.17
N ALA F 454 19.82 17.79 -56.20
CA ALA F 454 18.45 18.29 -56.51
C ALA F 454 17.98 17.83 -57.89
N LYS F 455 18.89 17.57 -58.82
CA LYS F 455 18.47 17.21 -60.21
C LYS F 455 17.96 15.77 -60.24
N THR F 456 17.77 15.15 -59.07
CA THR F 456 17.18 13.78 -59.02
C THR F 456 16.08 13.76 -57.94
N CYS F 457 15.71 14.93 -57.40
CA CYS F 457 14.68 15.00 -56.33
C CYS F 457 13.93 16.33 -56.42
N GLY F 458 12.70 16.30 -56.96
CA GLY F 458 11.90 17.53 -57.13
C GLY F 458 11.69 18.31 -55.83
N PRO F 459 11.20 17.68 -54.73
CA PRO F 459 11.05 18.38 -53.44
C PRO F 459 12.28 19.24 -53.09
N LEU F 460 13.48 18.67 -53.17
CA LEU F 460 14.72 19.41 -52.81
C LEU F 460 14.87 20.65 -53.72
N GLN F 461 14.70 20.48 -55.03
CA GLN F 461 14.77 21.62 -55.98
C GLN F 461 13.83 22.73 -55.51
N THR F 462 12.57 22.39 -55.18
CA THR F 462 11.57 23.39 -54.75
C THR F 462 12.08 24.14 -53.50
N ALA F 463 12.55 23.40 -52.50
CA ALA F 463 13.00 24.02 -51.22
C ALA F 463 14.16 24.98 -51.47
N LEU F 464 15.18 24.55 -52.23
CA LEU F 464 16.37 25.41 -52.49
C LEU F 464 15.90 26.74 -53.08
N ASP F 465 15.07 26.68 -54.13
CA ASP F 465 14.57 27.91 -54.80
C ASP F 465 13.79 28.79 -53.81
N LEU F 466 13.05 28.18 -52.87
CA LEU F 466 12.17 28.96 -51.95
C LEU F 466 13.00 29.73 -50.91
N TRP F 467 13.94 29.09 -50.22
CA TRP F 467 14.68 29.76 -49.11
C TRP F 467 16.13 30.06 -49.53
N LYS F 468 16.34 30.42 -50.81
CA LYS F 468 17.71 30.65 -51.33
C LYS F 468 18.39 31.83 -50.65
N ASP F 469 17.73 32.99 -50.59
CA ASP F 469 18.38 34.21 -50.04
C ASP F 469 18.05 34.42 -48.56
N ILE F 470 17.93 33.35 -47.77
CA ILE F 470 17.50 33.51 -46.33
C ILE F 470 18.73 33.43 -45.42
N SER F 471 18.99 34.49 -44.65
CA SER F 471 20.12 34.49 -43.67
C SER F 471 19.82 35.40 -42.48
N PHE F 472 20.55 35.23 -41.36
CA PHE F 472 20.35 36.07 -40.15
C PHE F 472 21.70 36.61 -39.67
N ASN F 473 22.17 37.71 -40.25
CA ASN F 473 23.50 38.28 -39.88
C ASN F 473 23.32 39.43 -38.90
N TYR F 474 23.82 39.27 -37.67
CA TYR F 474 23.76 40.35 -36.64
C TYR F 474 24.96 40.21 -35.70
N THR F 475 25.48 41.31 -35.18
CA THR F 475 26.62 41.26 -34.21
C THR F 475 26.24 40.45 -32.97
N SER F 476 27.16 39.60 -32.49
CA SER F 476 26.87 38.73 -31.31
C SER F 476 27.04 39.51 -29.99
N THR F 477 26.39 39.03 -28.92
CA THR F 477 26.49 39.68 -27.58
C THR F 477 27.58 39.00 -26.75
N ASP F 478 27.60 37.67 -26.74
CA ASP F 478 28.60 36.92 -25.91
C ASP F 478 29.79 36.52 -26.80
N THR F 479 30.96 37.11 -26.56
CA THR F 479 32.13 36.84 -27.43
C THR F 479 33.37 36.45 -26.62
N SER F 480 34.47 36.12 -27.30
CA SER F 480 35.72 35.67 -26.61
C SER F 480 36.56 36.86 -26.15
N ASP F 481 37.59 36.60 -25.34
CA ASP F 481 38.51 37.68 -24.86
C ASP F 481 39.94 37.33 -25.28
N PHE F 482 40.14 36.23 -26.00
CA PHE F 482 41.49 35.80 -26.45
C PHE F 482 41.44 35.42 -27.94
N SER F 483 42.58 35.27 -28.61
CA SER F 483 42.59 35.00 -30.07
C SER F 483 43.48 33.81 -30.43
N VAL F 484 43.62 33.52 -31.74
CA VAL F 484 44.44 32.36 -32.22
C VAL F 484 43.76 31.07 -31.76
N SER G 4 36.93 -22.07 -46.96
CA SER G 4 35.86 -21.65 -46.02
C SER G 4 36.11 -20.21 -45.55
N VAL G 5 35.04 -19.48 -45.22
CA VAL G 5 35.19 -18.08 -44.75
C VAL G 5 35.88 -18.09 -43.37
N SER G 6 35.44 -18.96 -42.47
CA SER G 6 36.02 -19.03 -41.10
C SER G 6 37.55 -19.24 -41.18
N GLU G 7 37.99 -20.19 -42.01
CA GLU G 7 39.44 -20.51 -42.07
C GLU G 7 40.22 -19.28 -42.55
N ARG G 8 39.70 -18.56 -43.55
CA ARG G 8 40.39 -17.36 -44.10
C ARG G 8 40.39 -16.22 -43.08
N THR G 9 39.42 -16.17 -42.16
CA THR G 9 39.33 -15.01 -41.23
C THR G 9 39.98 -15.33 -39.88
N ARG G 10 40.96 -16.24 -39.87
CA ARG G 10 41.63 -16.62 -38.59
C ARG G 10 42.59 -15.50 -38.16
N ILE G 11 42.67 -15.23 -36.85
CA ILE G 11 43.59 -14.18 -36.32
C ILE G 11 45.03 -14.72 -36.34
N LYS G 12 45.96 -13.99 -36.95
CA LYS G 12 47.36 -14.46 -37.06
C LYS G 12 48.27 -13.58 -36.17
N SER G 13 47.69 -12.59 -35.49
CA SER G 13 48.49 -11.68 -34.63
C SER G 13 49.18 -12.50 -33.53
N ASP G 14 50.43 -12.15 -33.19
CA ASP G 14 51.19 -12.92 -32.17
C ASP G 14 50.42 -12.92 -30.84
N ARG G 15 49.75 -11.82 -30.50
CA ARG G 15 49.08 -11.74 -29.17
C ARG G 15 47.66 -12.32 -29.22
N TYR G 16 46.96 -12.24 -30.36
CA TYR G 16 45.54 -12.69 -30.38
C TYR G 16 45.35 -13.96 -31.20
N GLU G 17 46.44 -14.67 -31.51
CA GLU G 17 46.29 -15.99 -32.17
C GLU G 17 45.91 -17.01 -31.08
N SER G 18 45.12 -18.02 -31.43
CA SER G 18 44.63 -19.01 -30.42
C SER G 18 45.80 -19.74 -29.76
N GLY G 19 45.64 -20.18 -28.51
CA GLY G 19 46.69 -20.94 -27.79
C GLY G 19 46.92 -20.43 -26.38
N VAL G 20 47.83 -21.07 -25.64
CA VAL G 20 48.12 -20.69 -24.23
C VAL G 20 49.50 -20.02 -24.14
N ILE G 21 49.59 -18.87 -23.45
CA ILE G 21 50.89 -18.17 -23.25
C ILE G 21 51.00 -17.78 -21.77
N PRO G 22 52.20 -17.52 -21.17
CA PRO G 22 52.28 -17.08 -19.77
C PRO G 22 51.51 -15.79 -19.46
N TYR G 23 50.98 -15.67 -18.23
CA TYR G 23 50.22 -14.45 -17.82
C TYR G 23 51.13 -13.21 -17.88
N ALA G 24 52.42 -13.40 -17.64
CA ALA G 24 53.37 -12.26 -17.62
C ALA G 24 53.64 -11.76 -19.05
N LYS G 25 53.31 -12.54 -20.08
CA LYS G 25 53.46 -12.08 -21.48
C LYS G 25 52.10 -11.64 -22.02
N MET G 26 51.05 -11.75 -21.21
CA MET G 26 49.67 -11.31 -21.62
C MET G 26 49.46 -9.85 -21.25
N GLY G 27 50.41 -9.23 -20.53
CA GLY G 27 50.31 -7.81 -20.15
C GLY G 27 49.89 -7.60 -18.69
N TYR G 28 50.13 -8.59 -17.82
CA TYR G 28 49.67 -8.48 -16.40
C TYR G 28 50.87 -8.22 -15.49
N TRP G 29 52.08 -8.08 -16.06
CA TRP G 29 53.27 -7.71 -15.24
C TRP G 29 53.91 -6.46 -15.85
N ASP G 30 54.12 -5.41 -15.03
CA ASP G 30 54.70 -4.14 -15.54
C ASP G 30 55.52 -3.47 -14.44
N ALA G 31 56.82 -3.79 -14.37
CA ALA G 31 57.70 -3.21 -13.33
C ALA G 31 57.79 -1.68 -13.47
N ALA G 32 57.62 -1.15 -14.68
CA ALA G 32 57.72 0.32 -14.88
C ALA G 32 56.31 0.94 -14.89
N TYR G 33 55.41 0.46 -14.04
CA TYR G 33 54.03 1.02 -13.97
C TYR G 33 53.99 2.23 -13.04
N ALA G 34 53.25 3.28 -13.43
CA ALA G 34 53.10 4.49 -12.58
C ALA G 34 51.72 4.45 -11.93
N VAL G 35 51.66 4.47 -10.59
CA VAL G 35 50.35 4.34 -9.88
C VAL G 35 49.57 5.67 -9.93
N LYS G 36 48.23 5.60 -10.07
CA LYS G 36 47.39 6.82 -10.08
C LYS G 36 46.70 7.00 -8.72
N ASN G 37 46.21 8.20 -8.41
CA ASN G 37 45.58 8.49 -7.10
C ASN G 37 44.15 7.92 -7.06
N THR G 38 43.63 7.45 -8.18
CA THR G 38 42.27 6.85 -8.24
C THR G 38 42.35 5.32 -8.21
N ASP G 39 43.56 4.76 -8.26
CA ASP G 39 43.71 3.28 -8.35
C ASP G 39 43.47 2.57 -7.01
N VAL G 40 42.91 1.36 -7.05
CA VAL G 40 42.81 0.54 -5.80
C VAL G 40 44.07 -0.33 -5.78
N LEU G 41 44.71 -0.48 -4.62
CA LEU G 41 45.98 -1.26 -4.53
C LEU G 41 45.82 -2.41 -3.51
N ALA G 42 46.57 -3.50 -3.69
CA ALA G 42 46.48 -4.65 -2.77
C ALA G 42 47.88 -5.23 -2.49
N LEU G 43 48.11 -5.72 -1.26
CA LEU G 43 49.40 -6.37 -0.92
C LEU G 43 49.12 -7.84 -0.57
N PHE G 44 49.74 -8.78 -1.28
CA PHE G 44 49.50 -10.23 -1.04
C PHE G 44 50.79 -10.93 -0.59
N ARG G 45 50.71 -11.83 0.38
CA ARG G 45 51.89 -12.66 0.77
C ARG G 45 51.72 -13.99 0.04
N ILE G 46 52.56 -14.29 -0.95
CA ILE G 46 52.36 -15.50 -1.81
C ILE G 46 53.41 -16.58 -1.51
N THR G 47 53.02 -17.85 -1.62
CA THR G 47 53.99 -18.97 -1.44
C THR G 47 53.96 -19.84 -2.70
N GLN G 49 54.42 -22.75 -5.66
CA GLN G 49 54.65 -24.22 -5.64
C GLN G 49 56.08 -24.49 -6.12
N PRO G 50 56.79 -25.54 -5.63
CA PRO G 50 58.12 -25.87 -6.13
C PRO G 50 58.22 -25.79 -7.66
N GLY G 51 59.11 -24.94 -8.19
CA GLY G 51 59.31 -24.84 -9.64
C GLY G 51 58.69 -23.59 -10.24
N VAL G 52 57.62 -23.07 -9.64
CA VAL G 52 56.90 -21.89 -10.22
C VAL G 52 57.74 -20.62 -10.00
N ASP G 53 57.90 -19.80 -11.04
CA ASP G 53 58.68 -18.53 -10.94
C ASP G 53 57.89 -17.49 -10.11
N PRO G 54 58.50 -16.83 -9.10
CA PRO G 54 57.81 -15.81 -8.29
C PRO G 54 57.05 -14.77 -9.12
N VAL G 55 57.63 -14.31 -10.23
CA VAL G 55 56.99 -13.24 -11.04
C VAL G 55 55.76 -13.81 -11.78
N GLU G 56 55.83 -15.04 -12.27
CA GLU G 56 54.67 -15.66 -12.96
C GLU G 56 53.49 -15.77 -11.97
N ALA G 57 53.75 -16.19 -10.74
CA ALA G 57 52.68 -16.32 -9.71
C ALA G 57 51.98 -14.96 -9.52
N ALA G 58 52.75 -13.89 -9.29
CA ALA G 58 52.16 -12.53 -9.14
C ALA G 58 51.30 -12.18 -10.35
N ALA G 59 51.81 -12.42 -11.56
CA ALA G 59 51.06 -12.11 -12.80
C ALA G 59 49.76 -12.93 -12.87
N ALA G 60 49.81 -14.21 -12.44
CA ALA G 60 48.60 -15.06 -12.43
C ALA G 60 47.54 -14.47 -11.50
N VAL G 61 47.92 -14.11 -10.27
CA VAL G 61 46.96 -13.50 -9.29
C VAL G 61 46.34 -12.24 -9.91
N ALA G 62 47.13 -11.39 -10.55
CA ALA G 62 46.62 -10.12 -11.14
C ALA G 62 45.62 -10.41 -12.28
N GLY G 63 45.95 -11.35 -13.16
CA GLY G 63 45.09 -11.67 -14.31
C GLY G 63 43.78 -12.32 -13.89
N GLU G 64 43.84 -13.32 -13.00
CA GLU G 64 42.62 -14.07 -12.61
C GLU G 64 41.72 -13.23 -11.71
N SER G 65 42.22 -12.10 -11.17
CA SER G 65 41.40 -11.22 -10.32
C SER G 65 40.89 -10.01 -11.14
N SER G 66 41.14 -9.99 -12.44
CA SER G 66 40.74 -8.82 -13.29
C SER G 66 39.95 -9.29 -14.52
N THR G 67 40.63 -9.65 -15.61
CA THR G 67 39.89 -9.98 -16.87
C THR G 67 40.49 -11.17 -17.63
N ALA G 68 41.42 -11.93 -17.04
CA ALA G 68 42.10 -13.00 -17.82
C ALA G 68 41.51 -14.39 -17.65
N THR G 69 41.87 -15.33 -18.53
CA THR G 69 41.48 -16.76 -18.39
C THR G 69 42.70 -17.61 -18.75
N TRP G 70 42.57 -18.94 -18.82
CA TRP G 70 43.77 -19.83 -19.03
C TRP G 70 44.26 -19.85 -20.49
N THR G 71 43.50 -19.29 -21.44
CA THR G 71 43.88 -19.37 -22.88
C THR G 71 43.51 -18.04 -23.58
N VAL G 72 44.05 -17.78 -24.78
CA VAL G 72 43.82 -16.47 -25.47
C VAL G 72 42.38 -16.37 -26.00
N VAL G 73 41.74 -15.20 -25.83
CA VAL G 73 40.37 -14.97 -26.39
C VAL G 73 40.39 -13.71 -27.29
N TRP G 74 39.84 -13.80 -28.50
CA TRP G 74 39.85 -12.66 -29.45
C TRP G 74 38.82 -11.60 -29.01
N THR G 75 37.84 -11.98 -28.21
CA THR G 75 36.76 -11.04 -27.78
C THR G 75 37.38 -9.83 -27.08
N ASP G 76 38.61 -9.96 -26.57
CA ASP G 76 39.32 -8.82 -25.92
C ASP G 76 39.38 -7.61 -26.86
N LEU G 77 39.39 -7.84 -28.18
CA LEU G 77 39.53 -6.73 -29.17
C LEU G 77 38.22 -5.92 -29.31
N LEU G 78 37.16 -6.30 -28.59
CA LEU G 78 35.90 -5.53 -28.62
C LEU G 78 35.87 -4.57 -27.43
N THR G 79 37.01 -4.39 -26.75
CA THR G 79 37.05 -3.56 -25.53
C THR G 79 38.37 -2.79 -25.45
N ALA G 80 38.46 -1.78 -24.58
CA ALA G 80 39.76 -1.09 -24.36
C ALA G 80 40.55 -1.97 -23.39
N CYS G 81 41.05 -3.12 -23.85
CA CYS G 81 41.71 -4.12 -22.96
C CYS G 81 42.77 -3.53 -22.04
N ASP G 82 43.72 -2.75 -22.56
CA ASP G 82 44.85 -2.24 -21.73
C ASP G 82 44.33 -1.51 -20.48
N ARG G 83 43.21 -0.80 -20.58
CA ARG G 83 42.72 0.00 -19.44
C ARG G 83 42.13 -0.90 -18.34
N TYR G 84 41.58 -2.06 -18.71
CA TYR G 84 40.86 -2.90 -17.70
C TYR G 84 41.77 -3.94 -17.02
N ARG G 85 42.96 -4.22 -17.56
CA ARG G 85 43.85 -5.27 -16.98
C ARG G 85 44.49 -4.78 -15.69
N ALA G 86 44.47 -5.58 -14.62
CA ALA G 86 45.20 -5.22 -13.38
C ALA G 86 46.69 -5.41 -13.63
N LYS G 87 47.57 -4.75 -12.87
CA LYS G 87 49.02 -4.85 -13.19
C LYS G 87 49.88 -5.15 -11.95
N ALA G 88 50.60 -6.27 -11.97
CA ALA G 88 51.57 -6.53 -10.88
C ALA G 88 52.78 -5.62 -11.14
N TYR G 89 53.29 -4.94 -10.12
CA TYR G 89 54.37 -3.94 -10.39
C TYR G 89 55.57 -4.09 -9.44
N ARG G 90 55.45 -4.88 -8.35
CA ARG G 90 56.65 -5.13 -7.48
C ARG G 90 56.54 -6.47 -6.73
N VAL G 91 57.68 -7.18 -6.62
CA VAL G 91 57.71 -8.48 -5.89
C VAL G 91 58.97 -8.49 -5.02
N ASP G 92 58.85 -8.84 -3.74
CA ASP G 92 60.00 -8.81 -2.80
C ASP G 92 59.99 -10.05 -1.90
N PRO G 93 61.15 -10.66 -1.57
CA PRO G 93 61.17 -11.79 -0.63
C PRO G 93 60.76 -11.34 0.78
N VAL G 94 60.04 -12.21 1.51
CA VAL G 94 59.67 -11.88 2.92
C VAL G 94 60.92 -12.05 3.80
N PRO G 95 61.27 -11.07 4.67
CA PRO G 95 62.51 -11.16 5.48
C PRO G 95 62.57 -12.42 6.36
N ASN G 96 63.77 -12.98 6.54
CA ASN G 96 63.95 -14.16 7.43
C ASN G 96 63.13 -15.37 6.94
N THR G 97 62.76 -15.39 5.66
CA THR G 97 61.93 -16.50 5.13
C THR G 97 62.40 -16.95 3.75
N THR G 98 62.28 -18.24 3.45
CA THR G 98 62.57 -18.72 2.08
C THR G 98 61.26 -19.30 1.54
N ASP G 99 60.85 -18.94 0.32
CA ASP G 99 59.60 -19.44 -0.31
C ASP G 99 58.42 -18.49 -0.05
N GLN G 100 58.63 -17.37 0.65
CA GLN G 100 57.54 -16.37 0.83
C GLN G 100 57.93 -15.06 0.12
N TYR G 101 56.98 -14.44 -0.59
CA TYR G 101 57.24 -13.15 -1.30
C TYR G 101 56.07 -12.17 -1.15
N PHE G 102 56.37 -10.87 -1.08
CA PHE G 102 55.31 -9.83 -1.04
C PHE G 102 55.07 -9.33 -2.47
N ALA G 103 53.80 -9.11 -2.85
CA ALA G 103 53.47 -8.65 -4.23
C ALA G 103 52.49 -7.47 -4.19
N PHE G 104 52.77 -6.40 -4.93
CA PHE G 104 51.89 -5.20 -4.99
C PHE G 104 51.11 -5.20 -6.32
N ILE G 105 49.81 -4.93 -6.28
CA ILE G 105 48.96 -4.96 -7.52
C ILE G 105 48.02 -3.75 -7.58
N ALA G 106 47.86 -3.14 -8.77
CA ALA G 106 47.01 -1.94 -8.94
C ALA G 106 45.77 -2.25 -9.80
N TYR G 107 44.60 -1.71 -9.44
CA TYR G 107 43.34 -1.97 -10.18
C TYR G 107 42.68 -0.64 -10.61
N GLU G 108 42.11 -0.58 -11.82
CA GLU G 108 41.44 0.65 -12.34
C GLU G 108 40.14 0.92 -11.58
N ASP G 110 37.24 2.10 -12.65
CA ASP G 110 36.01 1.69 -13.40
C ASP G 110 35.68 0.19 -13.28
N LEU G 111 36.55 -0.61 -12.67
CA LEU G 111 36.28 -2.07 -12.50
C LEU G 111 35.23 -2.33 -11.40
N PHE G 112 34.94 -1.36 -10.53
CA PHE G 112 34.07 -1.65 -9.35
C PHE G 112 32.71 -0.93 -9.39
N GLU G 113 31.70 -1.50 -8.73
CA GLU G 113 30.36 -0.84 -8.64
C GLU G 113 30.37 0.12 -7.45
N GLU G 114 29.87 1.34 -7.64
CA GLU G 114 29.90 2.37 -6.56
C GLU G 114 29.12 1.92 -5.31
N GLY G 115 29.70 2.07 -4.12
CA GLY G 115 28.99 1.77 -2.86
C GLY G 115 28.68 0.30 -2.60
N SER G 116 29.39 -0.64 -3.23
CA SER G 116 29.04 -2.08 -3.06
C SER G 116 30.24 -2.92 -2.60
N LEU G 117 30.21 -3.45 -1.36
CA LEU G 117 31.31 -4.29 -0.82
C LEU G 117 31.30 -5.70 -1.47
N ALA G 118 30.12 -6.29 -1.68
CA ALA G 118 30.04 -7.60 -2.37
C ALA G 118 30.84 -7.56 -3.69
N ASN G 119 30.69 -6.48 -4.47
CA ASN G 119 31.39 -6.38 -5.79
C ASN G 119 32.90 -6.28 -5.61
N LEU G 120 33.37 -5.41 -4.71
CA LEU G 120 34.84 -5.24 -4.47
C LEU G 120 35.44 -6.61 -4.11
N THR G 121 34.83 -7.34 -3.17
CA THR G 121 35.36 -8.64 -2.71
C THR G 121 35.26 -9.71 -3.82
N ALA G 122 34.17 -9.71 -4.59
CA ALA G 122 34.03 -10.68 -5.73
C ALA G 122 35.29 -10.66 -6.61
N SER G 123 35.90 -9.49 -6.80
CA SER G 123 37.13 -9.39 -7.62
C SER G 123 38.39 -9.76 -6.81
N ILE G 124 38.60 -9.13 -5.66
CA ILE G 124 39.88 -9.33 -4.89
C ILE G 124 40.00 -10.75 -4.31
N ILE G 125 38.92 -11.35 -3.80
CA ILE G 125 39.06 -12.68 -3.10
C ILE G 125 38.20 -13.76 -3.77
N GLY G 126 37.64 -13.50 -4.95
CA GLY G 126 36.73 -14.46 -5.61
C GLY G 126 37.26 -15.89 -5.72
N ASN G 127 38.27 -16.14 -6.56
CA ASN G 127 38.75 -17.53 -6.80
C ASN G 127 40.27 -17.68 -6.64
N VAL G 128 41.04 -16.59 -6.52
CA VAL G 128 42.54 -16.68 -6.50
C VAL G 128 43.07 -17.62 -5.40
N PHE G 129 42.41 -17.71 -4.24
CA PHE G 129 42.94 -18.51 -3.10
C PHE G 129 42.93 -20.02 -3.41
N GLY G 130 42.20 -20.47 -4.44
CA GLY G 130 42.10 -21.90 -4.77
C GLY G 130 42.97 -22.33 -5.95
N PHE G 131 43.79 -21.43 -6.49
CA PHE G 131 44.64 -21.73 -7.67
C PHE G 131 45.66 -22.83 -7.33
N LYS G 132 45.76 -23.86 -8.19
CA LYS G 132 46.70 -24.99 -7.95
C LYS G 132 48.17 -24.52 -7.96
N ALA G 133 48.52 -23.51 -8.76
CA ALA G 133 49.94 -23.12 -8.91
C ALA G 133 50.51 -22.47 -7.64
N VAL G 134 49.65 -22.06 -6.70
CA VAL G 134 50.16 -21.51 -5.41
C VAL G 134 49.83 -22.50 -4.29
N SER G 135 50.66 -22.57 -3.25
CA SER G 135 50.43 -23.50 -2.11
C SER G 135 49.78 -22.76 -0.94
N ALA G 136 49.91 -21.42 -0.89
CA ALA G 136 49.30 -20.61 0.19
C ALA G 136 49.24 -19.13 -0.23
N LEU G 137 48.33 -18.35 0.36
CA LEU G 137 48.13 -16.93 -0.07
C LEU G 137 47.42 -16.16 1.04
N ARG G 138 47.78 -14.88 1.24
CA ARG G 138 47.16 -14.07 2.32
C ARG G 138 47.06 -12.60 1.90
N LEU G 139 45.87 -12.00 2.00
CA LEU G 139 45.69 -10.54 1.72
C LEU G 139 46.08 -9.78 2.98
N GLU G 140 47.19 -9.03 2.94
CA GLU G 140 47.71 -8.33 4.16
C GLU G 140 47.19 -6.89 4.28
N ASP G 141 47.08 -6.15 3.18
CA ASP G 141 46.67 -4.72 3.27
C ASP G 141 46.05 -4.22 1.95
N MET G 142 45.45 -3.03 1.96
CA MET G 142 44.84 -2.43 0.74
C MET G 142 44.85 -0.90 0.86
N ARG G 143 44.95 -0.19 -0.27
CA ARG G 143 44.87 1.30 -0.27
C ARG G 143 43.58 1.69 -1.02
N ILE G 144 42.55 2.11 -0.28
CA ILE G 144 41.24 2.51 -0.90
C ILE G 144 41.27 4.01 -1.19
N PRO G 145 41.17 4.45 -2.47
CA PRO G 145 41.31 5.88 -2.80
C PRO G 145 40.17 6.80 -2.33
N HIS G 146 40.44 8.10 -2.24
CA HIS G 146 39.44 9.11 -1.80
C HIS G 146 38.17 9.03 -2.67
N SER G 147 38.34 9.02 -4.01
CA SER G 147 37.18 8.96 -4.94
C SER G 147 36.22 7.82 -4.60
N TYR G 148 36.74 6.61 -4.38
CA TYR G 148 35.87 5.43 -4.09
C TYR G 148 35.24 5.58 -2.68
N LEU G 149 35.99 6.09 -1.70
CA LEU G 149 35.47 6.23 -0.31
C LEU G 149 34.20 7.07 -0.31
N THR G 151 31.69 7.12 -2.14
CA THR G 151 30.45 6.42 -2.61
C THR G 151 29.87 5.57 -1.47
N PHE G 152 30.48 5.60 -0.29
CA PHE G 152 30.00 4.79 0.87
C PHE G 152 29.53 5.72 2.01
N GLN G 153 28.61 5.25 2.84
CA GLN G 153 28.03 6.09 3.93
C GLN G 153 29.05 6.35 5.06
N GLY G 154 29.77 5.32 5.51
CA GLY G 154 30.62 5.50 6.70
C GLY G 154 29.78 5.34 7.97
N ALA G 156 27.17 5.16 10.96
CA ALA G 156 25.85 5.84 11.05
C ALA G 156 25.89 6.95 12.11
N THR G 157 26.44 6.66 13.29
CA THR G 157 26.51 7.66 14.39
C THR G 157 27.94 8.23 14.47
N GLY G 158 28.94 7.36 14.71
CA GLY G 158 30.33 7.82 14.85
C GLY G 158 30.69 8.10 16.30
N VAL G 159 31.97 8.01 16.67
CA VAL G 159 32.37 8.15 18.10
C VAL G 159 31.91 9.51 18.66
N ILE G 160 32.17 10.62 17.95
CA ILE G 160 31.85 11.99 18.48
C ILE G 160 30.36 12.13 18.81
N VAL G 161 29.46 11.87 17.84
CA VAL G 161 28.00 12.02 18.07
C VAL G 161 27.56 11.07 19.19
N GLU G 162 28.18 9.89 19.28
CA GLU G 162 27.73 8.88 20.29
C GLU G 162 27.99 9.38 21.72
N ARG G 163 29.21 9.87 21.99
CA ARG G 163 29.53 10.41 23.35
C ARG G 163 28.54 11.53 23.71
N GLU G 164 28.12 12.31 22.72
CA GLU G 164 27.15 13.42 22.98
C GLU G 164 25.78 12.82 23.35
N ARG G 165 25.37 11.74 22.69
CA ARG G 165 24.07 11.08 22.97
C ARG G 165 24.06 10.53 24.40
N LEU G 166 25.22 10.20 24.95
CA LEU G 166 25.30 9.61 26.32
C LEU G 166 25.73 10.67 27.35
N ASN G 167 26.15 11.85 26.90
CA ASN G 167 26.69 12.87 27.84
C ASN G 167 27.83 12.24 28.66
N LYS G 168 28.79 11.60 27.98
CA LYS G 168 29.94 10.97 28.70
C LYS G 168 31.23 11.35 27.97
N TYR G 169 32.15 12.05 28.64
CA TYR G 169 33.37 12.52 27.93
C TYR G 169 34.65 12.34 28.74
N GLY G 170 35.75 11.94 28.09
CA GLY G 170 37.06 11.91 28.78
C GLY G 170 37.42 10.64 29.54
N ILE G 171 36.76 9.52 29.25
CA ILE G 171 37.14 8.23 29.91
C ILE G 171 36.56 7.08 29.09
N PRO G 172 37.20 5.88 29.07
CA PRO G 172 36.62 4.73 28.37
C PRO G 172 35.21 4.40 28.90
N LEU G 173 34.35 3.86 28.05
CA LEU G 173 32.98 3.44 28.46
C LEU G 173 33.09 2.05 29.11
N GLY G 175 31.08 -1.85 30.27
CA GLY G 175 29.99 -2.79 29.92
C GLY G 175 30.20 -4.22 30.41
N ALA G 176 29.23 -5.10 30.13
CA ALA G 176 29.32 -6.52 30.56
C ALA G 176 28.37 -7.39 29.73
N THR G 177 28.68 -8.69 29.61
CA THR G 177 27.78 -9.64 28.89
C THR G 177 27.02 -10.49 29.91
N VAL G 178 25.74 -10.79 29.65
CA VAL G 178 24.89 -11.62 30.56
C VAL G 178 25.36 -13.09 30.52
N LYS G 179 25.48 -13.72 31.69
CA LYS G 179 25.95 -15.15 31.77
C LYS G 179 24.99 -15.94 32.67
N PRO G 180 24.76 -17.26 32.45
CA PRO G 180 25.47 -18.04 31.42
C PRO G 180 25.03 -17.72 29.98
N LYS G 181 25.79 -18.19 28.99
CA LYS G 181 25.48 -17.84 27.57
C LYS G 181 24.03 -18.18 27.22
N LEU G 182 23.54 -19.37 27.58
CA LEU G 182 22.16 -19.79 27.18
C LEU G 182 21.41 -20.41 28.37
N GLY G 183 20.06 -20.40 28.34
CA GLY G 183 19.26 -21.06 29.39
C GLY G 183 18.35 -20.13 30.18
N LEU G 184 18.63 -18.83 30.24
CA LEU G 184 17.84 -17.90 31.11
C LEU G 184 16.50 -17.49 30.46
N SER G 185 15.51 -17.16 31.28
CA SER G 185 14.19 -16.66 30.77
C SER G 185 14.26 -15.14 30.61
N GLY G 186 13.27 -14.55 29.93
CA GLY G 186 13.23 -13.08 29.72
C GLY G 186 13.21 -12.32 31.04
N LYS G 187 12.47 -12.82 32.04
CA LYS G 187 12.33 -12.08 33.33
C LYS G 187 13.67 -12.11 34.09
N ASN G 188 14.33 -13.26 34.11
CA ASN G 188 15.67 -13.38 34.78
C ASN G 188 16.70 -12.53 34.03
N TYR G 189 16.58 -12.42 32.70
CA TYR G 189 17.52 -11.58 31.91
C TYR G 189 17.40 -10.12 32.35
N GLY G 190 16.17 -9.60 32.47
CA GLY G 190 15.94 -8.21 32.91
C GLY G 190 16.51 -7.94 34.29
N ARG G 191 16.40 -8.93 35.19
CA ARG G 191 16.92 -8.77 36.57
C ARG G 191 18.43 -8.48 36.53
N VAL G 192 19.19 -9.27 35.78
CA VAL G 192 20.67 -9.08 35.68
C VAL G 192 20.97 -7.68 35.14
N VAL G 193 20.29 -7.28 34.06
CA VAL G 193 20.49 -5.93 33.44
C VAL G 193 20.26 -4.85 34.51
N TYR G 194 19.10 -4.87 35.16
CA TYR G 194 18.80 -3.91 36.26
C TYR G 194 19.96 -3.87 37.27
N GLU G 195 20.37 -5.02 37.80
CA GLU G 195 21.45 -5.08 38.83
C GLU G 195 22.76 -4.46 38.30
N GLY G 196 23.29 -4.97 37.19
CA GLY G 196 24.57 -4.47 36.64
C GLY G 196 24.58 -2.96 36.43
N LEU G 197 23.56 -2.44 35.72
CA LEU G 197 23.47 -0.97 35.45
C LEU G 197 23.43 -0.21 36.77
N GLY G 199 24.68 -0.88 39.61
CA GLY G 199 26.01 -0.87 40.26
C GLY G 199 26.97 0.11 39.60
N GLY G 200 26.73 0.48 38.33
CA GLY G 200 27.57 1.53 37.71
C GLY G 200 28.06 1.23 36.31
N LEU G 201 27.50 0.22 35.63
CA LEU G 201 27.91 -0.04 34.22
C LEU G 201 27.16 0.92 33.29
N ASP G 202 27.77 1.31 32.16
CA ASP G 202 27.09 2.15 31.15
C ASP G 202 26.17 1.25 30.30
N PHE G 203 26.62 0.03 29.99
CA PHE G 203 25.82 -0.85 29.08
C PHE G 203 25.95 -2.33 29.44
N LEU G 204 24.96 -3.15 29.07
CA LEU G 204 25.09 -4.63 29.16
C LEU G 204 24.74 -5.16 27.77
N ASP G 206 23.45 -8.80 25.10
CA ASP G 206 23.08 -10.23 24.95
C ASP G 206 24.28 -10.97 24.37
N ASP G 207 24.43 -12.27 24.65
CA ASP G 207 25.53 -13.05 24.03
C ASP G 207 25.28 -13.15 22.51
N GLU G 208 26.33 -13.36 21.72
CA GLU G 208 26.19 -13.46 20.24
C GLU G 208 25.22 -14.58 19.86
N ASN G 209 25.09 -15.62 20.69
CA ASN G 209 24.24 -16.78 20.30
C ASN G 209 22.82 -16.66 20.89
N ILE G 210 22.47 -15.52 21.50
CA ILE G 210 21.09 -15.31 22.02
C ILE G 210 20.25 -14.64 20.92
N ASN G 211 19.21 -15.32 20.44
CA ASN G 211 18.31 -14.74 19.40
C ASN G 211 16.85 -15.00 19.83
N SER G 212 16.24 -16.08 19.33
CA SER G 212 14.87 -16.49 19.77
C SER G 212 14.84 -18.02 19.87
N GLN G 213 14.82 -18.57 21.09
CA GLN G 213 14.91 -20.05 21.25
C GLN G 213 13.78 -20.56 22.16
N PRO G 214 13.56 -21.89 22.30
CA PRO G 214 12.44 -22.41 23.11
C PRO G 214 12.46 -21.91 24.55
N PHE G 215 13.65 -21.73 25.14
CA PHE G 215 13.75 -21.30 26.57
C PHE G 215 13.44 -19.81 26.72
N MET G 216 13.40 -19.03 25.62
CA MET G 216 13.15 -17.56 25.70
C MET G 216 12.88 -16.99 24.31
N ARG G 217 11.67 -16.44 24.09
CA ARG G 217 11.34 -15.81 22.77
C ARG G 217 11.75 -14.34 22.81
N TRP G 218 12.15 -13.76 21.68
CA TRP G 218 12.74 -12.38 21.66
C TRP G 218 11.81 -11.29 22.22
N ARG G 219 10.53 -11.26 21.84
CA ARG G 219 9.64 -10.15 22.29
C ARG G 219 9.61 -10.05 23.82
N GLU G 220 9.64 -11.19 24.51
CA GLU G 220 9.64 -11.20 26.01
C GLU G 220 10.92 -10.51 26.52
N ARG G 221 12.07 -10.85 25.95
CA ARG G 221 13.36 -10.27 26.42
C ARG G 221 13.36 -8.75 26.23
N PHE G 222 12.94 -8.28 25.06
CA PHE G 222 13.00 -6.82 24.76
C PHE G 222 12.15 -6.03 25.76
N LEU G 223 10.96 -6.53 26.09
CA LEU G 223 10.05 -5.83 27.04
C LEU G 223 10.68 -5.73 28.43
N TYR G 224 11.13 -6.85 29.01
CA TYR G 224 11.68 -6.83 30.39
C TYR G 224 12.94 -5.93 30.44
N CYS G 225 13.75 -5.94 29.38
CA CYS G 225 15.03 -5.16 29.40
C CYS G 225 14.75 -3.66 29.51
N MET G 226 13.71 -3.16 28.83
CA MET G 226 13.40 -1.71 28.87
C MET G 226 12.92 -1.31 30.27
N GLU G 227 12.23 -2.21 30.98
CA GLU G 227 11.84 -1.93 32.39
C GLU G 227 13.10 -1.83 33.27
N GLY G 228 14.08 -2.72 33.08
CA GLY G 228 15.33 -2.68 33.86
C GLY G 228 16.16 -1.44 33.58
N ILE G 229 16.21 -1.00 32.32
CA ILE G 229 17.01 0.21 31.93
C ILE G 229 16.40 1.45 32.56
N ASN G 230 15.08 1.65 32.44
CA ASN G 230 14.40 2.86 32.99
C ASN G 230 14.55 2.89 34.51
N ARG G 231 14.34 1.75 35.19
CA ARG G 231 14.53 1.67 36.66
C ARG G 231 15.93 2.14 37.03
N ALA G 232 16.97 1.62 36.37
CA ALA G 232 18.37 1.97 36.73
C ALA G 232 18.64 3.46 36.44
N SER G 233 18.16 3.97 35.30
CA SER G 233 18.45 5.38 34.93
C SER G 233 17.79 6.32 35.96
N ALA G 234 16.57 6.00 36.40
CA ALA G 234 15.85 6.86 37.36
C ALA G 234 16.54 6.82 38.73
N ALA G 235 17.26 5.73 39.03
CA ALA G 235 17.88 5.58 40.37
C ALA G 235 19.28 6.20 40.43
N THR G 236 19.84 6.59 39.27
CA THR G 236 21.25 7.07 39.25
C THR G 236 21.34 8.49 38.66
N GLY G 237 20.42 8.83 37.75
CA GLY G 237 20.44 10.16 37.08
C GLY G 237 21.28 10.15 35.82
N GLU G 238 21.57 8.95 35.28
CA GLU G 238 22.44 8.83 34.09
C GLU G 238 21.70 8.18 32.93
N THR G 239 22.17 8.38 31.69
CA THR G 239 21.58 7.67 30.52
C THR G 239 22.17 6.25 30.47
N LYS G 240 21.36 5.21 30.33
CA LYS G 240 21.85 3.80 30.33
C LYS G 240 21.32 3.07 29.09
N GLY G 241 21.79 1.82 28.85
CA GLY G 241 21.25 1.03 27.72
C GLY G 241 21.72 -0.40 27.67
N SER G 242 21.10 -1.22 26.82
CA SER G 242 21.54 -2.63 26.61
C SER G 242 21.49 -2.97 25.12
N TYR G 243 22.49 -3.70 24.62
CA TYR G 243 22.53 -4.07 23.17
C TYR G 243 21.50 -5.18 22.90
N LEU G 244 20.38 -4.85 22.24
CA LEU G 244 19.39 -5.90 21.85
C LEU G 244 19.86 -6.59 20.57
N ASN G 245 19.87 -7.94 20.54
CA ASN G 245 20.37 -8.70 19.36
C ASN G 245 19.26 -8.89 18.33
N ILE G 246 19.45 -8.39 17.11
CA ILE G 246 18.40 -8.46 16.04
C ILE G 246 18.82 -9.47 14.97
N THR G 247 19.93 -10.19 15.18
CA THR G 247 20.39 -11.23 14.21
C THR G 247 19.25 -12.22 13.95
N ALA G 248 18.99 -12.55 12.68
CA ALA G 248 17.93 -13.55 12.36
C ALA G 248 18.25 -14.31 11.06
N GLY G 249 17.39 -15.24 10.66
CA GLY G 249 17.64 -16.10 9.48
C GLY G 249 17.31 -15.43 8.14
N THR G 250 16.37 -14.47 8.14
CA THR G 250 15.97 -13.79 6.88
C THR G 250 15.93 -12.26 7.08
N MET G 251 16.12 -11.50 6.01
CA MET G 251 16.13 -10.01 6.10
C MET G 251 14.80 -9.51 6.69
N GLU G 252 13.67 -10.09 6.28
CA GLU G 252 12.34 -9.62 6.77
C GLU G 252 12.30 -9.71 8.30
N GLU G 253 12.76 -10.83 8.87
CA GLU G 253 12.74 -11.03 10.34
C GLU G 253 13.70 -10.04 11.02
N VAL G 254 14.84 -9.76 10.38
CA VAL G 254 15.78 -8.74 10.95
C VAL G 254 15.04 -7.40 11.09
N TYR G 255 14.44 -6.90 10.01
CA TYR G 255 13.73 -5.61 10.04
C TYR G 255 12.63 -5.60 11.11
N LYS G 256 11.88 -6.70 11.22
CA LYS G 256 10.77 -6.78 12.23
C LYS G 256 11.33 -6.54 13.64
N ARG G 257 12.51 -7.11 13.94
CA ARG G 257 13.11 -6.97 15.30
C ARG G 257 13.71 -5.56 15.47
N ALA G 258 14.26 -4.95 14.42
CA ALA G 258 14.80 -3.57 14.50
C ALA G 258 13.66 -2.57 14.76
N GLU G 259 12.52 -2.71 14.08
CA GLU G 259 11.38 -1.76 14.23
C GLU G 259 10.76 -1.87 15.63
N TYR G 260 10.75 -3.07 16.21
CA TYR G 260 10.23 -3.28 17.60
C TYR G 260 11.12 -2.54 18.61
N ALA G 261 12.43 -2.76 18.56
CA ALA G 261 13.37 -2.12 19.50
C ALA G 261 13.24 -0.59 19.45
N LYS G 262 13.11 -0.03 18.25
CA LYS G 262 12.95 1.44 18.10
C LYS G 262 11.64 1.86 18.78
N THR G 263 10.57 1.11 18.56
CA THR G 263 9.23 1.45 19.13
C THR G 263 9.31 1.57 20.66
N VAL G 264 10.01 0.64 21.33
CA VAL G 264 10.09 0.64 22.83
C VAL G 264 11.15 1.66 23.31
N GLY G 265 11.89 2.31 22.41
CA GLY G 265 12.81 3.38 22.82
C GLY G 265 14.24 2.94 23.12
N SER G 266 14.73 1.88 22.49
CA SER G 266 16.14 1.44 22.69
C SER G 266 17.10 2.46 22.05
N ILE G 267 18.22 2.76 22.71
CA ILE G 267 19.23 3.70 22.13
C ILE G 267 20.23 2.91 21.27
N VAL G 268 20.20 1.57 21.33
CA VAL G 268 21.24 0.77 20.61
C VAL G 268 20.77 -0.64 20.26
N VAL G 269 21.37 -1.28 19.25
CA VAL G 269 21.06 -2.70 18.89
C VAL G 269 22.37 -3.37 18.42
N MET G 270 22.39 -4.70 18.28
CA MET G 270 23.65 -5.39 17.90
C MET G 270 23.40 -6.42 16.79
N ILE G 271 24.43 -6.70 15.97
CA ILE G 271 24.34 -7.71 14.88
C ILE G 271 25.59 -8.58 14.89
N ASP G 272 25.53 -9.75 14.25
CA ASP G 272 26.69 -10.70 14.21
C ASP G 272 27.30 -10.72 12.80
N LEU G 273 28.61 -11.00 12.69
CA LEU G 273 29.30 -11.03 11.38
C LEU G 273 28.81 -12.20 10.51
N VAL G 274 28.30 -13.29 11.11
CA VAL G 274 27.85 -14.49 10.34
C VAL G 274 26.67 -14.14 9.41
N MET G 275 26.03 -12.98 9.62
CA MET G 275 24.86 -12.57 8.79
C MET G 275 25.29 -12.36 7.34
N GLY G 276 26.41 -11.66 7.10
CA GLY G 276 26.91 -11.44 5.73
C GLY G 276 27.02 -9.98 5.32
N TYR G 277 27.88 -9.68 4.35
CA TYR G 277 28.13 -8.27 3.92
C TYR G 277 26.85 -7.52 3.52
N THR G 278 26.01 -8.11 2.67
CA THR G 278 24.83 -7.37 2.17
C THR G 278 23.82 -7.09 3.29
N ALA G 279 23.56 -8.07 4.16
CA ALA G 279 22.66 -7.81 5.31
C ALA G 279 23.25 -6.71 6.19
N ILE G 280 24.58 -6.72 6.40
CA ILE G 280 25.25 -5.68 7.24
C ILE G 280 25.05 -4.28 6.62
N GLN G 281 25.32 -4.15 5.32
CA GLN G 281 25.15 -2.84 4.64
C GLN G 281 23.71 -2.32 4.83
N SER G 282 22.70 -3.18 4.60
CA SER G 282 21.28 -2.77 4.76
C SER G 282 21.02 -2.28 6.19
N ALA G 283 21.55 -2.97 7.20
CA ALA G 283 21.32 -2.59 8.62
C ALA G 283 21.95 -1.21 8.92
N ALA G 284 23.14 -0.93 8.37
CA ALA G 284 23.83 0.36 8.65
C ALA G 284 23.06 1.53 8.01
N ILE G 285 22.41 1.30 6.87
CA ILE G 285 21.59 2.36 6.23
C ILE G 285 20.34 2.60 7.10
N TRP G 286 19.71 1.53 7.59
CA TRP G 286 18.51 1.65 8.47
C TRP G 286 18.84 2.45 9.75
N ALA G 287 19.96 2.14 10.42
CA ALA G 287 20.31 2.81 11.71
C ALA G 287 20.44 4.33 11.51
N ARG G 288 21.10 4.76 10.43
CA ARG G 288 21.24 6.21 10.12
C ARG G 288 19.86 6.85 9.92
N ASP G 289 18.95 6.15 9.24
CA ASP G 289 17.62 6.75 8.93
C ASP G 289 16.69 6.68 10.15
N ASN G 290 17.09 5.98 11.23
CA ASN G 290 16.18 5.81 12.40
C ASN G 290 16.83 6.22 13.72
N ASP G 291 17.99 6.90 13.68
CA ASP G 291 18.67 7.41 14.92
C ASP G 291 18.94 6.28 15.93
N LEU G 292 19.53 5.16 15.52
CA LEU G 292 19.93 4.08 16.48
C LEU G 292 21.45 3.86 16.42
N ILE G 293 22.08 3.38 17.51
CA ILE G 293 23.53 3.04 17.46
C ILE G 293 23.66 1.56 17.03
N LEU G 294 24.67 1.22 16.21
CA LEU G 294 24.79 -0.16 15.67
C LEU G 294 26.09 -0.84 16.14
N HIS G 295 25.97 -1.94 16.91
CA HIS G 295 27.16 -2.67 17.42
C HIS G 295 27.40 -3.93 16.59
N LEU G 296 28.66 -4.21 16.23
CA LEU G 296 28.98 -5.39 15.38
C LEU G 296 29.80 -6.43 16.16
N HIS G 297 29.26 -7.64 16.33
CA HIS G 297 30.05 -8.75 16.94
C HIS G 297 30.76 -9.48 15.78
N ARG G 298 32.03 -9.86 15.95
CA ARG G 298 32.80 -10.44 14.81
C ARG G 298 32.80 -11.98 14.80
N ALA G 299 31.65 -12.62 15.05
CA ALA G 299 31.55 -14.10 15.05
C ALA G 299 32.05 -14.70 13.72
N GLY G 300 33.02 -15.64 13.78
CA GLY G 300 33.50 -16.34 12.57
C GLY G 300 34.81 -15.80 12.02
N ASN G 301 35.23 -14.58 12.41
CA ASN G 301 36.44 -13.93 11.82
C ASN G 301 37.69 -14.80 11.94
N SER G 302 37.88 -15.50 13.06
CA SER G 302 39.13 -16.27 13.29
C SER G 302 39.23 -17.54 12.42
N THR G 303 38.19 -17.89 11.66
CA THR G 303 38.30 -19.05 10.72
C THR G 303 39.31 -18.73 9.61
N TYR G 304 39.52 -17.44 9.30
CA TYR G 304 40.43 -17.06 8.19
C TYR G 304 41.45 -16.00 8.60
N ALA G 305 41.35 -15.42 9.80
CA ALA G 305 42.25 -14.30 10.18
C ALA G 305 43.30 -14.71 11.24
N ARG G 306 43.43 -16.00 11.56
CA ARG G 306 44.34 -16.43 12.66
C ARG G 306 45.75 -16.78 12.17
N GLN G 307 45.89 -17.47 11.03
CA GLN G 307 47.24 -17.95 10.59
C GLN G 307 47.97 -16.93 9.72
N LYS G 308 49.29 -16.87 9.82
CA LYS G 308 50.10 -15.88 9.05
C LYS G 308 50.33 -16.33 7.60
N ASN G 309 50.19 -17.61 7.28
CA ASN G 309 50.52 -18.12 5.92
C ASN G 309 49.33 -18.04 4.95
N HIS G 310 48.08 -18.03 5.43
CA HIS G 310 46.92 -18.08 4.50
C HIS G 310 45.69 -17.36 5.08
N GLY G 311 44.90 -16.67 4.24
CA GLY G 311 43.66 -16.03 4.70
C GLY G 311 43.63 -14.52 4.52
N ILE G 312 42.90 -13.80 5.38
CA ILE G 312 42.83 -12.31 5.32
C ILE G 312 43.21 -11.72 6.69
N ASN G 313 44.11 -10.73 6.72
CA ASN G 313 44.49 -10.05 8.00
C ASN G 313 43.33 -9.21 8.51
N PHE G 314 43.13 -9.15 9.83
CA PHE G 314 41.97 -8.43 10.42
C PHE G 314 41.99 -6.93 10.04
N ARG G 315 43.17 -6.34 9.84
CA ARG G 315 43.24 -4.87 9.56
C ARG G 315 42.45 -4.55 8.27
N VAL G 316 42.40 -5.50 7.33
CA VAL G 316 41.59 -5.31 6.09
C VAL G 316 40.10 -5.33 6.46
N ILE G 317 39.68 -6.33 7.24
CA ILE G 317 38.26 -6.38 7.70
C ILE G 317 37.91 -5.05 8.38
N CYS G 318 38.81 -4.52 9.21
CA CYS G 318 38.57 -3.22 9.89
C CYS G 318 38.19 -2.15 8.86
N LYS G 319 38.96 -2.00 7.79
CA LYS G 319 38.68 -0.97 6.75
C LYS G 319 37.31 -1.22 6.10
N TRP G 320 37.01 -2.44 5.68
CA TRP G 320 35.73 -2.75 5.00
C TRP G 320 34.55 -2.39 5.92
N MET G 321 34.62 -2.74 7.19
CA MET G 321 33.49 -2.50 8.13
C MET G 321 33.35 -0.99 8.43
N ARG G 322 34.46 -0.26 8.53
CA ARG G 322 34.36 1.21 8.71
C ARG G 322 33.68 1.82 7.46
N MET G 323 33.94 1.26 6.28
CA MET G 323 33.28 1.73 5.03
C MET G 323 31.77 1.43 5.05
N CYS G 324 31.38 0.23 5.49
CA CYS G 324 29.94 -0.14 5.55
C CYS G 324 29.18 0.80 6.48
N GLY G 325 29.78 1.15 7.62
CA GLY G 325 29.14 2.14 8.50
C GLY G 325 28.69 1.58 9.84
N VAL G 326 29.41 0.60 10.41
CA VAL G 326 29.06 0.14 11.80
C VAL G 326 29.60 1.16 12.82
N ASP G 327 29.01 1.22 14.01
CA ASP G 327 29.42 2.23 15.04
C ASP G 327 30.45 1.63 16.03
N HIS G 328 30.34 0.34 16.39
CA HIS G 328 31.32 -0.33 17.28
C HIS G 328 31.83 -1.62 16.61
N ILE G 329 33.02 -2.10 17.01
CA ILE G 329 33.53 -3.42 16.50
C ILE G 329 34.54 -4.01 17.49
N HIS G 330 34.44 -5.30 17.80
CA HIS G 330 35.45 -5.98 18.68
C HIS G 330 36.84 -5.94 18.03
N ALA G 331 37.89 -5.58 18.79
CA ALA G 331 39.24 -5.42 18.18
C ALA G 331 40.38 -6.04 19.02
N GLY G 332 40.11 -6.56 20.22
CA GLY G 332 41.20 -7.26 20.97
C GLY G 332 41.54 -6.67 22.33
N THR G 333 42.20 -7.45 23.19
CA THR G 333 42.50 -7.00 24.59
C THR G 333 43.99 -7.11 24.92
N VAL G 334 44.77 -7.90 24.17
CA VAL G 334 46.22 -8.14 24.46
C VAL G 334 46.40 -9.08 25.67
N VAL G 335 45.83 -8.76 26.83
CA VAL G 335 46.09 -9.57 28.06
C VAL G 335 44.96 -10.56 28.39
N GLY G 336 43.92 -10.63 27.55
CA GLY G 336 42.77 -11.51 27.83
C GLY G 336 42.99 -12.97 27.42
N LYS G 337 41.91 -13.70 27.14
CA LYS G 337 42.01 -15.15 26.81
C LYS G 337 41.99 -15.40 25.29
N LEU G 338 41.71 -14.37 24.47
CA LEU G 338 41.71 -14.54 22.98
C LEU G 338 43.03 -14.00 22.38
N GLU G 339 43.35 -14.38 21.13
CA GLU G 339 44.65 -14.01 20.48
C GLU G 339 44.79 -12.49 20.29
N GLY G 340 46.02 -11.98 20.40
CA GLY G 340 46.26 -10.54 20.18
C GLY G 340 47.69 -10.10 20.45
N ASP G 341 48.47 -9.81 19.40
CA ASP G 341 49.85 -9.28 19.58
C ASP G 341 49.77 -7.76 19.79
N PRO G 342 50.47 -7.16 20.78
CA PRO G 342 50.32 -5.72 21.06
C PRO G 342 50.61 -4.80 19.86
N LEU G 343 51.61 -5.13 19.04
CA LEU G 343 51.97 -4.26 17.88
C LEU G 343 50.85 -4.32 16.84
N MET G 344 50.40 -5.53 16.49
CA MET G 344 49.28 -5.68 15.50
C MET G 344 48.01 -4.99 16.02
N ILE G 345 47.70 -5.16 17.30
CA ILE G 345 46.45 -4.57 17.89
C ILE G 345 46.50 -3.04 17.78
N GLY G 347 47.96 -1.34 15.57
CA GLY G 347 47.62 -1.07 14.15
C GLY G 347 46.12 -1.04 13.93
N PHE G 348 45.39 -2.06 14.42
CA PHE G 348 43.91 -2.12 14.28
C PHE G 348 43.25 -0.84 14.83
N TYR G 349 43.59 -0.45 16.06
CA TYR G 349 42.95 0.73 16.71
C TYR G 349 43.17 1.98 15.83
N ASP G 350 44.38 2.16 15.30
CA ASP G 350 44.69 3.33 14.45
C ASP G 350 43.81 3.33 13.19
N THR G 351 43.71 2.19 12.50
CA THR G 351 42.86 2.09 11.29
C THR G 351 41.42 2.53 11.60
N LEU G 352 40.94 2.29 12.81
CA LEU G 352 39.51 2.59 13.14
C LEU G 352 39.31 4.02 13.67
N LEU G 353 40.34 4.68 14.21
CA LEU G 353 40.10 5.99 14.88
C LEU G 353 40.79 7.21 14.20
N LEU G 354 41.78 7.00 13.34
CA LEU G 354 42.54 8.17 12.80
C LEU G 354 41.86 8.81 11.58
N THR G 355 42.25 10.06 11.25
CA THR G 355 41.71 10.76 10.05
C THR G 355 42.63 10.46 8.86
N HIS G 356 43.83 9.93 9.13
CA HIS G 356 44.81 9.62 8.05
C HIS G 356 45.82 8.58 8.54
N LEU G 357 46.33 7.72 7.64
CA LEU G 357 47.31 6.67 8.03
C LEU G 357 48.64 6.91 7.31
N ASN G 358 49.76 6.78 8.02
CA ASN G 358 51.11 6.91 7.41
C ASN G 358 51.82 5.54 7.50
N VAL G 359 52.76 5.27 6.59
CA VAL G 359 53.43 3.92 6.55
C VAL G 359 54.08 3.61 7.92
N ASN G 360 53.89 2.41 8.45
CA ASN G 360 54.49 2.00 9.76
C ASN G 360 54.67 0.48 9.74
N LEU G 361 55.78 0.00 9.17
CA LEU G 361 56.00 -1.46 8.99
C LEU G 361 55.88 -2.23 10.32
N PRO G 362 56.60 -1.90 11.41
CA PRO G 362 56.50 -2.68 12.65
C PRO G 362 55.04 -2.85 13.15
N TYR G 363 54.14 -1.97 12.73
CA TYR G 363 52.71 -2.04 13.14
C TYR G 363 51.87 -2.73 12.06
N GLY G 364 52.47 -3.08 10.93
CA GLY G 364 51.75 -3.72 9.82
C GLY G 364 51.05 -2.71 8.90
N ILE G 365 51.42 -1.42 8.98
CA ILE G 365 50.84 -0.38 8.08
C ILE G 365 51.69 -0.28 6.81
N PHE G 366 51.18 -0.76 5.68
CA PHE G 366 51.99 -0.79 4.42
C PHE G 366 51.65 0.37 3.48
N PHE G 367 50.45 0.95 3.59
CA PHE G 367 50.03 2.01 2.64
C PHE G 367 49.62 3.30 3.36
N GLU G 368 50.05 4.45 2.85
CA GLU G 368 49.54 5.73 3.41
C GLU G 368 48.12 5.90 2.87
N MET G 369 47.20 6.47 3.65
CA MET G 369 45.78 6.53 3.20
C MET G 369 44.97 7.56 4.02
N THR G 370 44.19 8.41 3.36
CA THR G 370 43.31 9.37 4.08
C THR G 370 41.89 8.79 4.16
N TRP G 371 41.11 9.21 5.15
CA TRP G 371 39.73 8.67 5.33
C TRP G 371 38.67 9.60 4.73
N ALA G 372 39.08 10.63 3.98
CA ALA G 372 38.11 11.51 3.28
C ALA G 372 36.95 11.92 4.21
N SER G 373 37.23 12.29 5.46
CA SER G 373 36.20 12.77 6.43
C SER G 373 35.14 11.72 6.77
N LEU G 374 35.47 10.43 6.66
CA LEU G 374 34.51 9.39 7.12
C LEU G 374 34.55 9.38 8.66
N ARG G 375 33.39 9.19 9.32
CA ARG G 375 33.32 9.20 10.81
C ARG G 375 34.18 8.08 11.42
N LYS G 376 34.50 8.19 12.71
CA LYS G 376 35.36 7.18 13.39
C LYS G 376 34.53 6.01 13.95
N CYS G 377 35.12 4.81 13.97
CA CYS G 377 34.43 3.61 14.53
C CYS G 377 35.03 3.29 15.92
N MET G 378 34.18 3.00 16.91
CA MET G 378 34.65 2.77 18.30
C MET G 378 35.12 1.32 18.51
N PRO G 379 36.37 1.05 18.95
CA PRO G 379 36.83 -0.31 19.24
C PRO G 379 36.24 -0.88 20.55
N VAL G 380 36.08 -2.19 20.62
CA VAL G 380 35.54 -2.85 21.85
C VAL G 380 36.52 -3.92 22.34
N ALA G 381 36.85 -3.91 23.63
CA ALA G 381 37.82 -4.88 24.22
C ALA G 381 37.07 -5.86 25.13
N SER G 382 37.14 -7.17 24.85
CA SER G 382 36.35 -8.17 25.62
C SER G 382 37.04 -9.55 25.59
N GLY G 383 36.93 -10.34 26.67
CA GLY G 383 37.49 -11.71 26.68
C GLY G 383 38.42 -12.01 27.86
N GLY G 384 37.88 -12.53 28.97
CA GLY G 384 38.71 -12.93 30.13
C GLY G 384 39.62 -11.83 30.66
N ILE G 385 39.06 -10.68 31.06
CA ILE G 385 39.86 -9.57 31.66
C ILE G 385 39.27 -9.20 33.03
N HIS G 386 40.08 -8.66 33.95
CA HIS G 386 39.58 -8.37 35.32
C HIS G 386 40.16 -7.06 35.88
N CYS G 387 39.49 -6.45 36.87
CA CYS G 387 39.91 -5.13 37.43
C CYS G 387 41.36 -5.15 37.94
N GLY G 388 41.89 -6.32 38.27
CA GLY G 388 43.31 -6.42 38.69
C GLY G 388 44.27 -6.05 37.56
N GLN G 389 43.79 -5.93 36.32
CA GLN G 389 44.68 -5.61 35.16
C GLN G 389 44.42 -4.18 34.66
N MET G 390 43.73 -3.34 35.44
CA MET G 390 43.36 -1.97 34.97
C MET G 390 44.58 -1.21 34.44
N HIS G 391 45.71 -1.22 35.14
CA HIS G 391 46.90 -0.42 34.70
C HIS G 391 47.31 -0.80 33.27
N GLN G 392 47.29 -2.08 32.91
CA GLN G 392 47.69 -2.54 31.56
C GLN G 392 46.65 -2.10 30.51
N LEU G 393 45.35 -2.26 30.81
CA LEU G 393 44.28 -1.88 29.85
C LEU G 393 44.40 -0.39 29.45
N VAL G 394 44.57 0.51 30.43
CA VAL G 394 44.69 1.97 30.15
C VAL G 394 45.91 2.21 29.24
N HIS G 395 47.02 1.52 29.48
CA HIS G 395 48.28 1.78 28.73
C HIS G 395 48.22 1.25 27.28
N TYR G 396 47.60 0.09 27.05
CA TYR G 396 47.62 -0.50 25.68
C TYR G 396 46.42 -0.08 24.84
N LEU G 397 45.23 0.10 25.43
CA LEU G 397 44.01 0.32 24.60
C LEU G 397 43.65 1.80 24.40
N GLY G 398 44.04 2.70 25.30
CA GLY G 398 43.77 4.13 25.05
C GLY G 398 42.53 4.66 25.75
N ASP G 399 41.88 5.70 25.21
CA ASP G 399 40.72 6.33 25.91
C ASP G 399 39.41 6.19 25.12
N ASP G 400 39.49 6.04 23.79
CA ASP G 400 38.26 5.79 22.99
C ASP G 400 38.07 4.27 22.85
N VAL G 401 37.40 3.64 23.81
CA VAL G 401 37.22 2.16 23.78
C VAL G 401 36.12 1.75 24.75
N VAL G 402 35.46 0.62 24.48
CA VAL G 402 34.47 0.07 25.46
C VAL G 402 35.11 -1.15 26.13
N LEU G 403 35.37 -1.07 27.44
CA LEU G 403 35.92 -2.23 28.19
C LEU G 403 34.76 -3.08 28.72
N GLN G 404 34.69 -4.36 28.35
CA GLN G 404 33.53 -5.21 28.74
C GLN G 404 33.95 -6.33 29.71
N PHE G 405 33.22 -6.50 30.83
CA PHE G 405 33.57 -7.53 31.85
C PHE G 405 32.37 -8.47 32.15
N GLY G 406 32.36 -9.67 31.56
CA GLY G 406 31.26 -10.64 31.78
C GLY G 406 31.46 -11.46 33.04
N GLY G 407 32.33 -12.48 33.00
CA GLY G 407 32.65 -13.24 34.23
C GLY G 407 33.30 -12.35 35.27
N GLY G 408 34.00 -11.30 34.82
CA GLY G 408 34.67 -10.37 35.76
C GLY G 408 33.70 -9.52 36.57
N THR G 409 32.39 -9.62 36.28
CA THR G 409 31.36 -8.84 37.02
C THR G 409 30.38 -9.81 37.70
N ILE G 410 29.76 -10.69 36.93
CA ILE G 410 28.73 -11.63 37.49
C ILE G 410 29.40 -12.63 38.45
N GLY G 411 30.68 -12.91 38.26
CA GLY G 411 31.38 -13.91 39.10
C GLY G 411 31.83 -13.38 40.46
N HIS G 412 31.42 -12.17 40.84
CA HIS G 412 31.78 -11.58 42.16
C HIS G 412 31.03 -12.32 43.28
N PRO G 413 31.68 -12.70 44.41
CA PRO G 413 31.02 -13.44 45.49
C PRO G 413 29.92 -12.66 46.23
N ASP G 414 29.97 -11.32 46.21
CA ASP G 414 28.98 -10.51 46.97
C ASP G 414 27.83 -10.02 46.08
N GLY G 415 27.67 -10.53 44.86
CA GLY G 415 26.52 -10.15 44.04
C GLY G 415 26.90 -9.36 42.80
N ILE G 416 25.96 -9.14 41.88
CA ILE G 416 26.25 -8.45 40.60
C ILE G 416 26.50 -6.95 40.85
N GLN G 417 25.68 -6.32 41.68
CA GLN G 417 25.84 -4.87 41.98
C GLN G 417 27.24 -4.62 42.53
N ALA G 418 27.70 -5.46 43.45
CA ALA G 418 29.06 -5.31 44.03
C ALA G 418 30.11 -5.42 42.92
N GLY G 419 30.01 -6.45 42.07
CA GLY G 419 30.95 -6.60 40.93
C GLY G 419 31.05 -5.33 40.10
N ALA G 420 29.90 -4.74 39.72
CA ALA G 420 29.89 -3.54 38.85
C ALA G 420 30.64 -2.39 39.55
N THR G 421 30.38 -2.18 40.85
CA THR G 421 31.03 -1.09 41.61
C THR G 421 32.56 -1.25 41.58
N ALA G 422 33.06 -2.46 41.85
CA ALA G 422 34.53 -2.68 41.91
C ALA G 422 35.17 -2.26 40.58
N ASN G 423 34.53 -2.56 39.45
CA ASN G 423 35.11 -2.24 38.12
C ASN G 423 35.16 -0.72 37.90
N ARG G 424 34.08 0.00 38.21
CA ARG G 424 34.04 1.48 37.97
C ARG G 424 35.07 2.20 38.85
N VAL G 425 35.08 1.92 40.15
CA VAL G 425 36.07 2.56 41.09
C VAL G 425 37.48 2.35 40.54
N ALA G 426 37.85 1.10 40.24
CA ALA G 426 39.22 0.79 39.75
C ALA G 426 39.58 1.74 38.59
N LEU G 427 38.70 1.84 37.60
CA LEU G 427 38.95 2.72 36.42
C LEU G 427 39.14 4.18 36.87
N GLU G 428 38.17 4.75 37.59
CA GLU G 428 38.24 6.19 37.99
C GLU G 428 39.58 6.51 38.67
N ALA G 429 40.01 5.68 39.62
CA ALA G 429 41.27 5.93 40.35
C ALA G 429 42.47 5.92 39.39
N MET G 430 42.50 4.97 38.45
CA MET G 430 43.66 4.84 37.50
C MET G 430 43.77 6.09 36.62
N ILE G 431 42.66 6.55 36.03
CA ILE G 431 42.65 7.74 35.14
C ILE G 431 43.10 8.98 35.92
N LEU G 432 42.49 9.23 37.08
CA LEU G 432 42.92 10.36 37.94
C LEU G 432 44.45 10.33 38.11
N ALA G 433 44.99 9.18 38.57
CA ALA G 433 46.45 9.06 38.80
C ALA G 433 47.20 9.37 37.51
N ARG G 434 46.77 8.79 36.39
CA ARG G 434 47.43 9.06 35.08
C ARG G 434 47.48 10.57 34.83
N ASN G 435 46.34 11.25 34.94
CA ASN G 435 46.28 12.71 34.62
C ASN G 435 47.20 13.53 35.55
N GLU G 436 47.57 12.98 36.70
CA GLU G 436 48.46 13.70 37.66
C GLU G 436 49.93 13.42 37.32
N GLY G 437 50.20 12.60 36.31
CA GLY G 437 51.59 12.34 35.87
C GLY G 437 52.29 11.27 36.70
N ALA G 438 51.70 10.08 36.82
CA ALA G 438 52.36 8.97 37.54
C ALA G 438 52.76 7.87 36.54
N ASP G 439 53.69 6.98 36.92
CA ASP G 439 54.12 5.86 36.04
C ASP G 439 53.24 4.64 36.33
N TYR G 440 51.93 4.74 36.06
CA TYR G 440 50.97 3.66 36.41
C TYR G 440 51.28 2.33 35.70
N PHE G 441 52.10 2.34 34.65
CA PHE G 441 52.32 1.07 33.91
C PHE G 441 53.41 0.24 34.61
N ASN G 442 54.27 0.89 35.41
CA ASN G 442 55.33 0.16 36.15
C ASN G 442 54.71 -1.02 36.90
N SER G 443 55.42 -2.15 36.96
CA SER G 443 54.85 -3.39 37.59
C SER G 443 54.59 -3.17 39.08
N ASP G 444 55.05 -2.07 39.66
CA ASP G 444 54.88 -1.85 41.12
C ASP G 444 53.90 -0.70 41.37
N ILE G 445 54.06 0.43 40.66
CA ILE G 445 53.17 1.61 40.85
C ILE G 445 51.72 1.23 40.52
N GLY G 446 51.47 0.68 39.33
CA GLY G 446 50.10 0.29 38.93
C GLY G 446 49.37 -0.45 40.03
N PRO G 447 49.80 -1.65 40.48
CA PRO G 447 49.04 -2.42 41.47
C PRO G 447 48.83 -1.65 42.79
N GLN G 448 49.87 -0.94 43.26
CA GLN G 448 49.77 -0.15 44.51
C GLN G 448 48.61 0.85 44.39
N ILE G 449 48.53 1.56 43.25
CA ILE G 449 47.41 2.52 43.03
C ILE G 449 46.07 1.81 43.31
N LEU G 450 45.86 0.63 42.74
CA LEU G 450 44.59 -0.12 42.93
C LEU G 450 44.45 -0.50 44.41
N ARG G 451 45.54 -1.00 45.01
CA ARG G 451 45.52 -1.38 46.44
C ARG G 451 45.09 -0.17 47.28
N ASN G 452 45.69 1.00 47.02
CA ASN G 452 45.35 2.23 47.78
C ASN G 452 43.83 2.48 47.68
N ALA G 453 43.30 2.54 46.46
CA ALA G 453 41.85 2.75 46.25
C ALA G 453 41.03 1.68 47.00
N ALA G 454 41.50 0.43 47.01
CA ALA G 454 40.76 -0.69 47.65
C ALA G 454 40.53 -0.43 49.14
N LYS G 455 41.40 0.35 49.79
CA LYS G 455 41.28 0.54 51.27
C LYS G 455 40.11 1.51 51.57
N THR G 456 39.30 1.82 50.56
CA THR G 456 38.09 2.66 50.79
C THR G 456 36.89 2.02 50.09
N CYS G 457 37.06 0.78 49.59
CA CYS G 457 35.96 0.09 48.86
C CYS G 457 36.08 -1.42 49.04
N GLY G 458 35.24 -2.00 49.92
CA GLY G 458 35.30 -3.45 50.21
C GLY G 458 35.17 -4.32 48.96
N PRO G 459 34.13 -4.14 48.11
CA PRO G 459 34.01 -4.92 46.86
C PRO G 459 35.34 -5.03 46.10
N LEU G 460 36.02 -3.91 45.88
CA LEU G 460 37.30 -3.92 45.12
C LEU G 460 38.33 -4.81 45.83
N GLN G 461 38.48 -4.64 47.14
CA GLN G 461 39.42 -5.49 47.93
C GLN G 461 39.12 -6.96 47.66
N THR G 462 37.84 -7.36 47.74
CA THR G 462 37.45 -8.78 47.54
C THR G 462 37.88 -9.25 46.14
N ALA G 463 37.58 -8.46 45.10
CA ALA G 463 37.89 -8.86 43.70
C ALA G 463 39.41 -9.03 43.52
N LEU G 464 40.20 -8.07 43.98
CA LEU G 464 41.69 -8.15 43.82
C LEU G 464 42.18 -9.47 44.41
N ASP G 465 41.79 -9.77 45.66
CA ASP G 465 42.23 -11.02 46.32
C ASP G 465 41.78 -12.25 45.54
N LEU G 466 40.60 -12.21 44.91
CA LEU G 466 40.04 -13.40 44.22
C LEU G 466 40.81 -13.71 42.92
N TRP G 467 41.02 -12.73 42.05
CA TRP G 467 41.66 -12.99 40.72
C TRP G 467 43.09 -12.47 40.68
N LYS G 468 43.82 -12.55 41.80
CA LYS G 468 45.19 -11.97 41.89
C LYS G 468 46.16 -12.67 40.94
N ASP G 469 46.21 -14.01 40.97
CA ASP G 469 47.22 -14.75 40.16
C ASP G 469 46.62 -15.23 38.82
N ILE G 470 45.73 -14.45 38.20
CA ILE G 470 45.07 -14.92 36.95
C ILE G 470 45.75 -14.29 35.72
N SER G 471 46.29 -15.11 34.81
CA SER G 471 46.91 -14.59 33.56
C SER G 471 46.81 -15.63 32.43
N PHE G 472 46.98 -15.19 31.17
CA PHE G 472 46.91 -16.11 30.01
C PHE G 472 48.13 -15.88 29.11
N ASN G 473 49.25 -16.54 29.43
CA ASN G 473 50.51 -16.35 28.65
C ASN G 473 50.68 -17.50 27.67
N TYR G 474 50.66 -17.19 26.36
CA TYR G 474 50.87 -18.23 25.31
C TYR G 474 51.49 -17.55 24.08
N THR G 475 52.33 -18.27 23.33
CA THR G 475 52.95 -17.71 22.09
C THR G 475 51.85 -17.33 21.08
N SER G 476 51.99 -16.18 20.43
CA SER G 476 50.97 -15.69 19.45
C SER G 476 51.12 -16.36 18.09
N THR G 477 50.05 -16.39 17.29
CA THR G 477 50.08 -17.00 15.93
C THR G 477 50.36 -15.92 14.88
N ASP G 478 49.67 -14.78 14.98
CA ASP G 478 49.83 -13.69 13.96
C ASP G 478 50.82 -12.65 14.50
N THR G 479 52.00 -12.55 13.88
CA THR G 479 53.06 -11.64 14.42
C THR G 479 53.60 -10.72 13.30
N SER G 480 54.50 -9.80 13.66
CA SER G 480 55.06 -8.82 12.68
C SER G 480 56.23 -9.43 11.91
N ASP G 481 56.68 -8.73 10.86
CA ASP G 481 57.84 -9.20 10.04
C ASP G 481 58.94 -8.12 10.05
N PHE G 482 58.72 -7.02 10.78
CA PHE G 482 59.70 -5.91 10.85
C PHE G 482 59.89 -5.50 12.32
N SER G 483 60.92 -4.71 12.63
CA SER G 483 61.22 -4.35 14.05
C SER G 483 61.39 -2.84 14.25
N VAL G 484 61.73 -2.41 15.46
CA VAL G 484 61.91 -0.96 15.78
C VAL G 484 60.56 -0.26 15.65
N SER H 4 27.14 -8.31 57.62
CA SER H 4 26.41 -7.88 56.39
C SER H 4 25.58 -9.04 55.84
N VAL H 5 24.46 -8.74 55.19
CA VAL H 5 23.60 -9.80 54.60
C VAL H 5 24.37 -10.47 53.44
N SER H 6 25.01 -9.68 52.58
CA SER H 6 25.75 -10.25 51.42
C SER H 6 26.80 -11.26 51.90
N GLU H 7 27.57 -10.91 52.93
CA GLU H 7 28.67 -11.81 53.38
C GLU H 7 28.07 -13.12 53.89
N ARG H 8 26.97 -13.06 54.64
CA ARG H 8 26.33 -14.28 55.20
C ARG H 8 25.71 -15.13 54.09
N THR H 9 25.33 -14.54 52.96
CA THR H 9 24.61 -15.31 51.90
C THR H 9 25.57 -15.76 50.80
N ARG H 10 26.85 -15.93 51.12
CA ARG H 10 27.84 -16.32 50.07
C ARG H 10 27.74 -17.83 49.79
N ILE H 11 27.86 -18.24 48.53
CA ILE H 11 27.76 -19.68 48.14
C ILE H 11 29.01 -20.42 48.60
N LYS H 12 28.84 -21.54 49.32
CA LYS H 12 30.00 -22.32 49.84
C LYS H 12 30.10 -23.64 49.08
N SER H 13 29.16 -23.92 48.18
CA SER H 13 29.17 -25.20 47.43
C SER H 13 30.47 -25.34 46.65
N ASP H 14 31.04 -26.55 46.61
CA ASP H 14 32.34 -26.77 45.92
C ASP H 14 32.22 -26.34 44.44
N ARG H 15 31.06 -26.57 43.82
CA ARG H 15 30.92 -26.28 42.37
C ARG H 15 30.52 -24.82 42.12
N TYR H 16 29.77 -24.19 43.04
CA TYR H 16 29.25 -22.83 42.74
C TYR H 16 29.90 -21.77 43.65
N GLU H 17 31.02 -22.11 44.30
CA GLU H 17 31.76 -21.06 45.05
C GLU H 17 32.58 -20.26 44.03
N SER H 18 32.80 -18.97 44.28
CA SER H 18 33.52 -18.10 43.30
C SER H 18 34.95 -18.61 43.05
N GLY H 19 35.50 -18.36 41.86
CA GLY H 19 36.87 -18.79 41.53
C GLY H 19 36.98 -19.44 40.16
N VAL H 20 38.20 -19.82 39.76
CA VAL H 20 38.43 -20.45 38.43
C VAL H 20 38.76 -21.94 38.61
N ILE H 21 38.11 -22.82 37.84
CA ILE H 21 38.40 -24.28 37.88
C ILE H 21 38.54 -24.79 36.43
N PRO H 22 39.20 -25.94 36.13
CA PRO H 22 39.27 -26.45 34.75
C PRO H 22 37.90 -26.72 34.11
N TYR H 23 37.80 -26.53 32.79
CA TYR H 23 36.52 -26.78 32.05
C TYR H 23 36.09 -28.25 32.19
N ALA H 24 37.07 -29.15 32.30
CA ALA H 24 36.77 -30.59 32.38
C ALA H 24 36.19 -30.95 33.76
N LYS H 25 36.33 -30.07 34.76
CA LYS H 25 35.73 -30.32 36.10
C LYS H 25 34.44 -29.49 36.22
N MET H 26 34.10 -28.71 35.19
CA MET H 26 32.85 -27.90 35.19
C MET H 26 31.70 -28.71 34.60
N GLY H 27 31.97 -29.91 34.08
CA GLY H 27 30.91 -30.78 33.52
C GLY H 27 30.87 -30.77 31.99
N TYR H 28 31.99 -30.43 31.33
CA TYR H 28 31.99 -30.32 29.84
C TYR H 28 32.73 -31.51 29.23
N TRP H 29 33.20 -32.45 30.06
CA TRP H 29 33.83 -33.69 29.53
C TRP H 29 33.10 -34.91 30.12
N ASP H 30 32.63 -35.82 29.27
CA ASP H 30 31.87 -37.02 29.74
C ASP H 30 32.14 -38.20 28.81
N ALA H 31 33.17 -38.99 29.11
CA ALA H 31 33.51 -40.16 28.26
C ALA H 31 32.36 -41.17 28.23
N ALA H 32 31.56 -41.24 29.29
CA ALA H 32 30.44 -42.22 29.34
C ALA H 32 29.12 -41.56 28.91
N TYR H 33 29.17 -40.65 27.92
CA TYR H 33 27.94 -39.96 27.45
C TYR H 33 27.21 -40.82 26.41
N ALA H 34 25.88 -40.87 26.47
CA ALA H 34 25.08 -41.62 25.48
C ALA H 34 24.44 -40.63 24.51
N VAL H 35 24.72 -40.75 23.21
CA VAL H 35 24.23 -39.76 22.20
C VAL H 35 22.74 -39.99 21.90
N LYS H 36 21.97 -38.92 21.71
CA LYS H 36 20.53 -39.04 21.36
C LYS H 36 20.33 -38.79 19.86
N ASN H 37 19.18 -39.21 19.30
CA ASN H 37 18.92 -39.07 17.85
C ASN H 37 18.50 -37.62 17.52
N THR H 38 18.28 -36.79 18.53
CA THR H 38 17.91 -35.37 18.31
C THR H 38 19.14 -34.46 18.49
N ASP H 39 20.27 -35.03 18.91
CA ASP H 39 21.46 -34.19 19.21
C ASP H 39 22.19 -33.71 17.95
N VAL H 40 22.78 -32.52 17.98
CA VAL H 40 23.65 -32.07 16.86
C VAL H 40 25.08 -32.48 17.26
N LEU H 41 25.86 -33.02 16.32
CA LEU H 41 27.24 -33.50 16.65
C LEU H 41 28.27 -32.76 15.76
N ALA H 42 29.50 -32.62 16.26
CA ALA H 42 30.58 -31.93 15.49
C ALA H 42 31.91 -32.67 15.63
N LEU H 43 32.73 -32.69 14.57
CA LEU H 43 34.08 -33.30 14.64
C LEU H 43 35.12 -32.20 14.41
N PHE H 44 36.03 -31.98 15.35
CA PHE H 44 37.06 -30.91 15.24
C PHE H 44 38.46 -31.51 15.21
N ARG H 45 39.35 -30.98 14.37
CA ARG H 45 40.79 -31.41 14.39
C ARG H 45 41.52 -30.35 15.21
N ILE H 46 42.00 -30.68 16.41
CA ILE H 46 42.59 -29.65 17.32
C ILE H 46 44.11 -29.81 17.42
N THR H 47 44.83 -28.70 17.59
CA THR H 47 46.30 -28.75 17.79
C THR H 47 46.64 -28.03 19.10
N GLN H 49 48.39 -26.17 22.41
CA GLN H 49 49.66 -25.42 22.62
C GLN H 49 50.60 -26.29 23.47
N PRO H 50 51.94 -26.21 23.30
CA PRO H 50 52.86 -26.97 24.16
C PRO H 50 52.48 -26.91 25.64
N GLY H 51 52.23 -28.06 26.27
CA GLY H 51 51.91 -28.11 27.71
C GLY H 51 50.43 -28.36 27.98
N VAL H 52 49.55 -27.93 27.07
CA VAL H 52 48.08 -28.07 27.30
C VAL H 52 47.66 -29.54 27.15
N ASP H 53 46.87 -30.06 28.09
CA ASP H 53 46.39 -31.47 28.04
C ASP H 53 45.33 -31.62 26.92
N PRO H 54 45.44 -32.63 26.02
CA PRO H 54 44.46 -32.84 24.94
C PRO H 54 43.00 -32.82 25.43
N VAL H 55 42.72 -33.44 26.58
CA VAL H 55 41.31 -33.53 27.08
C VAL H 55 40.83 -32.14 27.55
N GLU H 56 41.70 -31.35 28.19
CA GLU H 56 41.31 -29.98 28.63
C GLU H 56 40.93 -29.14 27.40
N ALA H 57 41.72 -29.21 26.33
CA ALA H 57 41.43 -28.44 25.10
C ALA H 57 40.03 -28.79 24.57
N ALA H 58 39.72 -30.08 24.42
CA ALA H 58 38.37 -30.51 23.96
C ALA H 58 37.30 -29.93 24.87
N ALA H 59 37.47 -30.02 26.19
CA ALA H 59 36.48 -29.49 27.16
C ALA H 59 36.32 -27.98 27.00
N ALA H 60 37.43 -27.26 26.75
CA ALA H 60 37.37 -25.80 26.54
C ALA H 60 36.51 -25.47 25.31
N VAL H 61 36.77 -26.14 24.18
CA VAL H 61 35.98 -25.91 22.92
C VAL H 61 34.49 -26.16 23.21
N ALA H 62 34.15 -27.23 23.93
CA ALA H 62 32.74 -27.57 24.21
C ALA H 62 32.08 -26.49 25.09
N GLY H 63 32.77 -26.04 26.14
CA GLY H 63 32.21 -25.04 27.07
C GLY H 63 32.04 -23.68 26.41
N GLU H 64 33.06 -23.20 25.69
CA GLU H 64 33.00 -21.84 25.10
C GLU H 64 32.05 -21.79 23.90
N SER H 65 31.62 -22.95 23.39
CA SER H 65 30.66 -22.99 22.26
C SER H 65 29.24 -23.27 22.77
N SER H 66 29.04 -23.31 24.09
CA SER H 66 27.71 -23.65 24.67
C SER H 66 27.29 -22.60 25.71
N THR H 67 27.68 -22.77 26.99
CA THR H 67 27.18 -21.85 28.05
C THR H 67 28.26 -21.46 29.06
N ALA H 68 29.54 -21.75 28.81
CA ALA H 68 30.57 -21.50 29.85
C ALA H 68 31.33 -20.18 29.69
N THR H 69 32.05 -19.75 30.75
CA THR H 69 32.94 -18.57 30.69
C THR H 69 34.22 -18.92 31.45
N TRP H 70 35.15 -17.97 31.64
CA TRP H 70 36.48 -18.29 32.26
C TRP H 70 36.41 -18.48 33.78
N THR H 71 35.31 -18.13 34.42
CA THR H 71 35.23 -18.21 35.92
C THR H 71 33.82 -18.69 36.33
N VAL H 72 33.65 -19.11 37.59
CA VAL H 72 32.34 -19.69 38.04
C VAL H 72 31.27 -18.60 38.19
N VAL H 73 30.03 -18.87 37.72
CA VAL H 73 28.90 -17.91 37.89
C VAL H 73 27.74 -18.61 38.60
N TRP H 74 27.17 -17.99 39.65
CA TRP H 74 26.07 -18.60 40.42
C TRP H 74 24.76 -18.54 39.62
N THR H 75 24.67 -17.64 38.64
CA THR H 75 23.41 -17.47 37.87
C THR H 75 23.03 -18.80 37.20
N ASP H 76 23.99 -19.71 37.03
CA ASP H 76 23.71 -21.05 36.44
C ASP H 76 22.58 -21.75 37.22
N LEU H 77 22.43 -21.46 38.51
CA LEU H 77 21.42 -22.15 39.36
C LEU H 77 20.00 -21.66 39.08
N LEU H 78 19.83 -20.69 38.17
CA LEU H 78 18.48 -20.21 37.79
C LEU H 78 18.02 -20.95 36.53
N THR H 79 18.74 -22.00 36.13
CA THR H 79 18.44 -22.71 34.87
C THR H 79 18.65 -24.22 35.03
N ALA H 80 18.14 -25.03 34.10
CA ALA H 80 18.45 -26.48 34.12
C ALA H 80 19.84 -26.65 33.50
N CYS H 81 20.90 -26.24 34.21
CA CYS H 81 22.28 -26.22 33.63
C CYS H 81 22.70 -27.52 32.94
N ASP H 82 22.53 -28.67 33.58
CA ASP H 82 23.02 -29.96 33.01
C ASP H 82 22.48 -30.17 31.59
N ARG H 83 21.23 -29.76 31.32
CA ARG H 83 20.61 -30.03 30.00
C ARG H 83 21.23 -29.14 28.91
N TYR H 84 21.69 -27.94 29.27
CA TYR H 84 22.16 -26.98 28.21
C TYR H 84 23.66 -27.09 27.92
N ARG H 85 24.45 -27.75 28.77
CA ARG H 85 25.92 -27.84 28.56
C ARG H 85 26.25 -28.79 27.41
N ALA H 86 27.12 -28.40 26.48
CA ALA H 86 27.59 -29.33 25.43
C ALA H 86 28.56 -30.32 26.06
N LYS H 87 28.77 -31.50 25.47
CA LYS H 87 29.62 -32.51 26.15
C LYS H 87 30.68 -33.12 25.22
N ALA H 88 31.97 -32.96 25.55
CA ALA H 88 33.02 -33.67 24.78
C ALA H 88 32.96 -35.14 25.22
N TYR H 89 32.96 -36.08 24.28
CA TYR H 89 32.78 -37.50 24.69
C TYR H 89 33.86 -38.43 24.11
N ARG H 90 34.66 -37.98 23.12
CA ARG H 90 35.80 -38.82 22.63
C ARG H 90 36.95 -37.98 22.06
N VAL H 91 38.19 -38.43 22.28
CA VAL H 91 39.39 -37.71 21.75
C VAL H 91 40.38 -38.77 21.23
N ASP H 92 40.86 -38.61 20.00
CA ASP H 92 41.77 -39.62 19.37
C ASP H 92 42.94 -38.93 18.68
N PRO H 93 44.18 -39.48 18.70
CA PRO H 93 45.29 -38.88 17.96
C PRO H 93 45.07 -39.02 16.45
N VAL H 94 45.47 -38.02 15.67
CA VAL H 94 45.36 -38.11 14.18
C VAL H 94 46.45 -39.05 13.65
N PRO H 95 46.13 -40.05 12.80
CA PRO H 95 47.13 -41.02 12.34
C PRO H 95 48.35 -40.38 11.65
N ASN H 96 49.55 -40.96 11.85
CA ASN H 96 50.78 -40.46 11.18
C ASN H 96 51.08 -39.01 11.59
N THR H 97 50.57 -38.56 12.73
CA THR H 97 50.78 -37.16 13.16
C THR H 97 51.06 -37.07 14.67
N THR H 98 51.91 -36.12 15.07
CA THR H 98 52.10 -35.88 16.52
C THR H 98 51.62 -34.43 16.78
N ASP H 99 50.81 -34.21 17.82
CA ASP H 99 50.28 -32.87 18.17
C ASP H 99 48.92 -32.60 17.50
N GLN H 100 48.37 -33.56 16.75
CA GLN H 100 47.00 -33.37 16.19
C GLN H 100 46.05 -34.42 16.81
N TYR H 101 44.83 -34.00 17.18
CA TYR H 101 43.83 -34.94 17.77
C TYR H 101 42.43 -34.68 17.23
N PHE H 102 41.63 -35.74 17.08
CA PHE H 102 40.21 -35.60 16.64
C PHE H 102 39.32 -35.57 17.90
N ALA H 103 38.31 -34.69 17.92
CA ALA H 103 37.42 -34.56 19.11
C ALA H 103 35.94 -34.57 18.68
N PHE H 104 35.11 -35.39 19.34
CA PHE H 104 33.65 -35.45 19.03
C PHE H 104 32.86 -34.71 20.11
N ILE H 105 31.88 -33.89 19.71
CA ILE H 105 31.09 -33.07 20.70
C ILE H 105 29.59 -33.11 20.39
N ALA H 106 28.74 -33.23 21.41
CA ALA H 106 27.27 -33.33 21.22
C ALA H 106 26.56 -32.08 21.77
N TYR H 107 25.54 -31.57 21.07
CA TYR H 107 24.79 -30.36 21.50
C TYR H 107 23.28 -30.64 21.58
N GLU H 108 22.60 -30.10 22.60
CA GLU H 108 21.13 -30.31 22.79
C GLU H 108 20.33 -29.58 21.70
N ASP H 110 17.44 -27.98 21.86
CA ASP H 110 16.84 -26.70 22.33
C ASP H 110 17.81 -25.51 22.31
N LEU H 111 19.09 -25.74 22.03
CA LEU H 111 20.09 -24.62 21.98
C LEU H 111 19.94 -23.79 20.69
N PHE H 112 19.25 -24.29 19.66
CA PHE H 112 19.24 -23.58 18.34
C PHE H 112 17.87 -23.00 17.96
N GLU H 113 17.86 -21.94 17.14
CA GLU H 113 16.59 -21.34 16.64
C GLU H 113 16.16 -22.10 15.38
N GLU H 114 14.88 -22.48 15.30
CA GLU H 114 14.39 -23.28 14.14
C GLU H 114 14.58 -22.54 12.80
N GLY H 115 15.11 -23.22 11.79
CA GLY H 115 15.22 -22.63 10.43
C GLY H 115 16.23 -21.50 10.29
N SER H 116 17.21 -21.38 11.18
CA SER H 116 18.14 -20.22 11.10
C SER H 116 19.62 -20.66 11.06
N LEU H 117 20.31 -20.44 9.92
CA LEU H 117 21.74 -20.81 9.78
C LEU H 117 22.65 -19.84 10.57
N ALA H 118 22.35 -18.54 10.55
CA ALA H 118 23.13 -17.56 11.35
C ALA H 118 23.24 -18.04 12.81
N ASN H 119 22.14 -18.51 13.40
CA ASN H 119 22.15 -18.95 14.82
C ASN H 119 23.02 -20.20 15.02
N LEU H 120 22.85 -21.22 14.17
CA LEU H 120 23.66 -22.47 14.28
C LEU H 120 25.15 -22.11 14.25
N THR H 121 25.58 -21.29 13.28
CA THR H 121 27.00 -20.91 13.12
C THR H 121 27.48 -20.04 14.29
N ALA H 122 26.65 -19.10 14.76
CA ALA H 122 27.01 -18.25 15.94
C ALA H 122 27.54 -19.12 17.10
N SER H 123 26.96 -20.30 17.29
CA SER H 123 27.41 -21.21 18.38
C SER H 123 28.63 -22.04 17.96
N ILE H 124 28.57 -22.73 16.83
CA ILE H 124 29.68 -23.67 16.44
C ILE H 124 30.98 -22.93 16.08
N ILE H 125 30.92 -21.79 15.38
CA ILE H 125 32.19 -21.14 14.91
C ILE H 125 32.34 -19.72 15.47
N GLY H 126 31.51 -19.32 16.43
CA GLY H 126 31.54 -17.93 16.95
C GLY H 126 32.92 -17.42 17.36
N ASN H 127 33.50 -17.93 18.45
CA ASN H 127 34.80 -17.39 18.97
C ASN H 127 35.86 -18.47 19.21
N VAL H 128 35.51 -19.77 19.16
CA VAL H 128 36.48 -20.85 19.52
C VAL H 128 37.78 -20.79 18.70
N PHE H 129 37.74 -20.36 17.44
CA PHE H 129 38.96 -20.40 16.57
C PHE H 129 40.03 -19.40 17.05
N GLY H 130 39.68 -18.43 17.91
CA GLY H 130 40.63 -17.40 18.37
C GLY H 130 41.18 -17.66 19.77
N PHE H 131 40.84 -18.79 20.39
CA PHE H 131 41.29 -19.12 21.77
C PHE H 131 42.82 -19.24 21.84
N LYS H 132 43.45 -18.55 22.81
CA LYS H 132 44.94 -18.58 22.95
C LYS H 132 45.44 -20.00 23.27
N ALA H 133 44.68 -20.81 24.00
CA ALA H 133 45.20 -22.13 24.46
C ALA H 133 45.35 -23.13 23.29
N VAL H 134 44.77 -22.85 22.13
CA VAL H 134 44.98 -23.74 20.95
C VAL H 134 45.81 -22.99 19.92
N SER H 135 46.62 -23.71 19.13
CA SER H 135 47.47 -23.08 18.09
C SER H 135 46.81 -23.19 16.71
N ALA H 136 45.88 -24.14 16.53
CA ALA H 136 45.17 -24.32 15.25
C ALA H 136 43.90 -25.16 15.46
N LEU H 137 42.91 -25.03 14.58
CA LEU H 137 41.60 -25.73 14.77
C LEU H 137 40.86 -25.81 13.43
N ARG H 138 40.16 -26.92 13.18
CA ARG H 138 39.44 -27.10 11.89
C ARG H 138 38.15 -27.90 12.09
N LEU H 139 37.00 -27.38 11.63
CA LEU H 139 35.71 -28.13 11.67
C LEU H 139 35.68 -29.07 10.47
N GLU H 140 35.76 -30.38 10.69
CA GLU H 140 35.84 -31.37 9.57
C GLU H 140 34.46 -31.90 9.15
N ASP H 141 33.55 -32.16 10.09
CA ASP H 141 32.24 -32.77 9.74
C ASP H 141 31.16 -32.45 10.79
N MET H 142 29.89 -32.75 10.49
CA MET H 142 28.77 -32.51 11.43
C MET H 142 27.64 -33.51 11.14
N ARG H 143 26.87 -33.90 12.16
CA ARG H 143 25.69 -34.78 11.97
C ARG H 143 24.45 -33.95 12.32
N ILE H 144 23.69 -33.53 11.31
CA ILE H 144 22.45 -32.70 11.53
C ILE H 144 21.24 -33.65 11.63
N PRO H 145 20.52 -33.69 12.78
CA PRO H 145 19.44 -34.67 12.96
C PRO H 145 18.17 -34.44 12.12
N HIS H 146 17.36 -35.49 11.95
CA HIS H 146 16.10 -35.41 11.15
C HIS H 146 15.20 -34.29 11.68
N SER H 147 14.97 -34.25 13.00
CA SER H 147 14.09 -33.22 13.62
C SER H 147 14.48 -31.80 13.20
N TYR H 148 15.77 -31.45 13.25
CA TYR H 148 16.21 -30.07 12.89
C TYR H 148 16.08 -29.85 11.37
N LEU H 149 16.39 -30.86 10.55
CA LEU H 149 16.32 -30.73 9.06
C LEU H 149 14.91 -30.29 8.65
N THR H 151 12.92 -28.18 9.78
CA THR H 151 12.60 -26.74 10.00
C THR H 151 13.19 -25.89 8.87
N PHE H 152 13.83 -26.52 7.88
CA PHE H 152 14.45 -25.77 6.75
C PHE H 152 13.75 -26.14 5.43
N GLN H 153 13.76 -25.25 4.45
CA GLN H 153 13.05 -25.47 3.15
C GLN H 153 13.74 -26.54 2.30
N GLY H 154 15.06 -26.49 2.16
CA GLY H 154 15.74 -27.40 1.21
C GLY H 154 15.67 -26.81 -0.20
N ALA H 156 15.00 -25.06 -3.71
CA ALA H 156 13.72 -24.49 -4.20
C ALA H 156 13.16 -25.34 -5.34
N THR H 157 14.01 -25.73 -6.30
CA THR H 157 13.56 -26.56 -7.46
C THR H 157 14.00 -28.01 -7.24
N GLY H 158 15.31 -28.25 -7.12
CA GLY H 158 15.82 -29.63 -6.97
C GLY H 158 16.19 -30.25 -8.31
N VAL H 159 17.11 -31.21 -8.33
CA VAL H 159 17.59 -31.78 -9.63
C VAL H 159 16.42 -32.36 -10.44
N ILE H 160 15.56 -33.17 -9.83
CA ILE H 160 14.45 -33.87 -10.58
C ILE H 160 13.54 -32.85 -11.28
N VAL H 161 12.97 -31.89 -10.54
CA VAL H 161 12.03 -30.90 -11.15
C VAL H 161 12.77 -30.09 -12.22
N GLU H 162 14.07 -29.82 -12.01
CA GLU H 162 14.82 -28.96 -12.96
C GLU H 162 14.96 -29.65 -14.33
N ARG H 163 15.36 -30.93 -14.36
CA ARG H 163 15.49 -31.67 -15.65
C ARG H 163 14.13 -31.66 -16.37
N GLU H 164 13.04 -31.72 -15.62
CA GLU H 164 11.68 -31.72 -16.24
C GLU H 164 11.42 -30.34 -16.88
N ARG H 165 11.83 -29.26 -16.21
CA ARG H 165 11.63 -27.88 -16.73
C ARG H 165 12.40 -27.69 -18.03
N LEU H 166 13.48 -28.44 -18.24
CA LEU H 166 14.32 -28.29 -19.46
C LEU H 166 14.03 -29.41 -20.46
N ASN H 167 13.26 -30.43 -20.07
CA ASN H 167 13.04 -31.60 -20.97
C ASN H 167 14.40 -32.17 -21.39
N LYS H 168 15.30 -32.42 -20.43
CA LYS H 168 16.64 -32.98 -20.75
C LYS H 168 16.94 -34.12 -19.77
N TYR H 169 17.12 -35.34 -20.27
CA TYR H 169 17.30 -36.50 -19.35
C TYR H 169 18.41 -37.45 -19.79
N GLY H 170 19.21 -37.96 -18.85
CA GLY H 170 20.18 -39.02 -19.17
C GLY H 170 21.56 -38.58 -19.65
N ILE H 171 21.95 -37.34 -19.42
CA ILE H 171 23.33 -36.88 -19.79
C ILE H 171 23.65 -35.62 -19.01
N PRO H 172 24.94 -35.34 -18.69
CA PRO H 172 25.30 -34.08 -18.03
C PRO H 172 24.85 -32.86 -18.85
N LEU H 173 24.53 -31.75 -18.17
CA LEU H 173 24.14 -30.49 -18.86
C LEU H 173 25.44 -29.77 -19.30
N GLY H 175 27.50 -25.90 -20.44
CA GLY H 175 27.48 -24.44 -20.26
C GLY H 175 28.82 -23.74 -20.52
N ALA H 176 28.85 -22.41 -20.39
CA ALA H 176 30.10 -21.63 -20.60
C ALA H 176 29.99 -20.25 -19.94
N THR H 177 31.13 -19.65 -19.59
CA THR H 177 31.14 -18.27 -19.01
C THR H 177 31.59 -17.27 -20.08
N VAL H 178 30.99 -16.07 -20.10
CA VAL H 178 31.36 -15.01 -21.11
C VAL H 178 32.74 -14.43 -20.77
N LYS H 179 33.59 -14.24 -21.78
CA LYS H 179 34.97 -13.73 -21.57
C LYS H 179 35.25 -12.59 -22.58
N PRO H 180 36.07 -11.56 -22.27
CA PRO H 180 36.83 -11.49 -21.00
C PRO H 180 35.96 -11.18 -19.77
N LYS H 181 36.51 -11.34 -18.57
CA LYS H 181 35.72 -11.16 -17.33
C LYS H 181 35.01 -9.80 -17.33
N LEU H 182 35.72 -8.71 -17.65
CA LEU H 182 35.12 -7.34 -17.57
C LEU H 182 35.45 -6.51 -18.82
N GLY H 183 34.62 -5.50 -19.13
CA GLY H 183 34.91 -4.59 -20.27
C GLY H 183 33.87 -4.57 -21.37
N LEU H 184 33.05 -5.62 -21.50
CA LEU H 184 32.08 -5.70 -22.64
C LEU H 184 30.82 -4.86 -22.40
N SER H 185 30.17 -4.42 -23.48
CA SER H 185 28.88 -3.67 -23.38
C SER H 185 27.72 -4.67 -23.38
N GLY H 186 26.51 -4.20 -23.04
CA GLY H 186 25.31 -5.08 -23.03
C GLY H 186 25.04 -5.71 -24.40
N LYS H 187 25.24 -4.95 -25.49
CA LYS H 187 24.92 -5.46 -26.84
C LYS H 187 25.92 -6.55 -27.23
N ASN H 188 27.21 -6.33 -26.95
CA ASN H 188 28.25 -7.36 -27.25
C ASN H 188 28.04 -8.59 -26.37
N TYR H 189 27.54 -8.42 -25.14
CA TYR H 189 27.26 -9.57 -24.24
C TYR H 189 26.18 -10.46 -24.87
N GLY H 190 25.10 -9.86 -25.35
CA GLY H 190 24.00 -10.62 -26.00
C GLY H 190 24.48 -11.39 -27.22
N ARG H 191 25.40 -10.79 -27.99
CA ARG H 191 25.93 -11.45 -29.21
C ARG H 191 26.58 -12.79 -28.83
N VAL H 192 27.46 -12.78 -27.82
CA VAL H 192 28.18 -14.01 -27.38
C VAL H 192 27.15 -15.07 -26.95
N VAL H 193 26.17 -14.67 -26.13
CA VAL H 193 25.11 -15.61 -25.66
C VAL H 193 24.41 -16.24 -26.87
N TYR H 194 23.90 -15.42 -27.78
CA TYR H 194 23.26 -15.93 -29.02
C TYR H 194 24.17 -16.97 -29.70
N GLU H 195 25.42 -16.61 -29.98
CA GLU H 195 26.37 -17.52 -30.69
C GLU H 195 26.55 -18.85 -29.92
N GLY H 196 26.97 -18.80 -28.66
CA GLY H 196 27.22 -20.04 -27.87
C GLY H 196 26.01 -20.97 -27.85
N LEU H 197 24.83 -20.44 -27.49
CA LEU H 197 23.59 -21.27 -27.43
C LEU H 197 23.32 -21.88 -28.80
N GLY H 199 25.28 -22.75 -31.14
CA GLY H 199 26.23 -23.85 -31.43
C GLY H 199 25.89 -25.12 -30.67
N GLY H 200 25.15 -25.02 -29.56
CA GLY H 200 24.69 -26.25 -28.87
C GLY H 200 24.86 -26.27 -27.37
N LEU H 201 25.14 -25.12 -26.74
CA LEU H 201 25.22 -25.10 -25.25
C LEU H 201 23.82 -25.03 -24.66
N ASP H 202 23.61 -25.62 -23.47
CA ASP H 202 22.31 -25.50 -22.78
C ASP H 202 22.23 -24.13 -22.09
N PHE H 203 23.35 -23.65 -21.52
CA PHE H 203 23.31 -22.37 -20.76
C PHE H 203 24.61 -21.59 -20.87
N LEU H 204 24.55 -20.26 -20.67
CA LEU H 204 25.78 -19.44 -20.54
C LEU H 204 25.64 -18.67 -19.22
N ASP H 206 26.98 -15.05 -16.55
CA ASP H 206 27.81 -13.84 -16.33
C ASP H 206 28.95 -14.22 -15.38
N ASP H 207 30.09 -13.54 -15.46
CA ASP H 207 31.19 -13.81 -14.50
C ASP H 207 30.74 -13.37 -13.09
N GLU H 208 31.34 -13.96 -12.04
CA GLU H 208 30.95 -13.61 -10.64
C GLU H 208 31.13 -12.11 -10.39
N ASN H 209 32.06 -11.45 -11.09
CA ASN H 209 32.34 -10.01 -10.79
C ASN H 209 31.55 -9.08 -11.73
N ILE H 210 30.63 -9.60 -12.54
CA ILE H 210 29.77 -8.75 -13.40
C ILE H 210 28.48 -8.40 -12.64
N ASN H 211 28.27 -7.12 -12.35
CA ASN H 211 27.03 -6.67 -11.65
C ASN H 211 26.47 -5.44 -12.38
N SER H 212 26.81 -4.23 -11.94
CA SER H 212 26.41 -2.98 -12.64
C SER H 212 27.58 -2.00 -12.57
N GLN H 213 28.30 -1.78 -13.68
CA GLN H 213 29.52 -0.93 -13.64
C GLN H 213 29.46 0.15 -14.73
N PRO H 214 30.39 1.15 -14.76
CA PRO H 214 30.32 2.23 -15.74
C PRO H 214 30.31 1.73 -17.20
N PHE H 215 31.03 0.63 -17.49
CA PHE H 215 31.11 0.12 -18.89
C PHE H 215 29.82 -0.62 -19.29
N MET H 216 28.94 -0.95 -18.34
CA MET H 216 27.68 -1.70 -18.65
C MET H 216 26.73 -1.69 -17.45
N ARG H 217 25.54 -1.09 -17.61
CA ARG H 217 24.54 -1.07 -16.50
C ARG H 217 23.66 -2.33 -16.61
N TRP H 218 23.18 -2.87 -15.49
CA TRP H 218 22.48 -4.19 -15.49
C TRP H 218 21.23 -4.24 -16.40
N ARG H 219 20.35 -3.23 -16.35
CA ARG H 219 19.08 -3.30 -17.13
C ARG H 219 19.37 -3.53 -18.62
N GLU H 220 20.43 -2.92 -19.15
CA GLU H 220 20.81 -3.09 -20.58
C GLU H 220 21.17 -4.56 -20.84
N ARG H 221 21.98 -5.16 -19.96
CA ARG H 221 22.42 -6.57 -20.16
C ARG H 221 21.21 -7.51 -20.16
N PHE H 222 20.31 -7.35 -19.19
CA PHE H 222 19.16 -8.28 -19.06
C PHE H 222 18.29 -8.26 -20.34
N LEU H 223 18.06 -7.07 -20.89
CA LEU H 223 17.21 -6.94 -22.11
C LEU H 223 17.86 -7.64 -23.31
N TYR H 224 19.12 -7.35 -23.61
CA TYR H 224 19.78 -7.95 -24.81
C TYR H 224 19.86 -9.48 -24.65
N CYS H 225 20.08 -9.97 -23.43
CA CYS H 225 20.26 -11.43 -23.22
C CYS H 225 18.97 -12.19 -23.57
N MET H 226 17.80 -11.64 -23.23
CA MET H 226 16.51 -12.33 -23.53
C MET H 226 16.28 -12.38 -25.04
N GLU H 227 16.73 -11.36 -25.78
CA GLU H 227 16.64 -11.41 -27.27
C GLU H 227 17.52 -12.54 -27.82
N GLY H 228 18.74 -12.71 -27.29
CA GLY H 228 19.66 -13.78 -27.73
C GLY H 228 19.13 -15.17 -27.40
N ILE H 229 18.51 -15.33 -26.22
CA ILE H 229 17.97 -16.66 -25.79
C ILE H 229 16.81 -17.06 -26.71
N ASN H 230 15.85 -16.16 -26.94
CA ASN H 230 14.65 -16.48 -27.78
C ASN H 230 15.10 -16.80 -29.21
N ARG H 231 16.01 -15.99 -29.77
CA ARG H 231 16.55 -16.26 -31.14
C ARG H 231 17.12 -17.68 -31.20
N ALA H 232 17.98 -18.06 -30.24
CA ALA H 232 18.63 -19.40 -30.28
C ALA H 232 17.58 -20.51 -30.11
N SER H 233 16.62 -20.33 -29.20
CA SER H 233 15.62 -21.40 -28.94
C SER H 233 14.77 -21.62 -30.21
N ALA H 234 14.40 -20.53 -30.90
CA ALA H 234 13.56 -20.65 -32.10
C ALA H 234 14.34 -21.31 -33.24
N ALA H 235 15.67 -21.21 -33.22
CA ALA H 235 16.49 -21.74 -34.33
C ALA H 235 16.86 -23.21 -34.10
N THR H 236 16.61 -23.75 -32.91
CA THR H 236 17.07 -25.13 -32.60
C THR H 236 15.90 -26.03 -32.17
N GLY H 237 14.87 -25.44 -31.57
CA GLY H 237 13.69 -26.21 -31.09
C GLY H 237 13.90 -26.70 -29.66
N GLU H 238 14.84 -26.09 -28.92
CA GLU H 238 15.16 -26.54 -27.55
C GLU H 238 14.92 -25.41 -26.53
N THR H 239 14.74 -25.76 -25.26
CA THR H 239 14.64 -24.72 -24.20
C THR H 239 16.07 -24.28 -23.83
N LYS H 240 16.33 -22.97 -23.77
CA LYS H 240 17.70 -22.44 -23.48
C LYS H 240 17.65 -21.43 -22.33
N GLY H 241 18.81 -20.97 -21.84
CA GLY H 241 18.81 -19.92 -20.80
C GLY H 241 20.18 -19.37 -20.45
N SER H 242 20.22 -18.27 -19.69
CA SER H 242 21.51 -17.69 -19.22
C SER H 242 21.37 -17.26 -17.76
N TYR H 243 22.39 -17.49 -16.93
CA TYR H 243 22.34 -17.11 -15.50
C TYR H 243 22.50 -15.60 -15.36
N LEU H 244 21.42 -14.87 -15.04
CA LEU H 244 21.54 -13.40 -14.79
C LEU H 244 22.02 -13.17 -13.36
N ASN H 245 23.05 -12.32 -13.17
CA ASN H 245 23.63 -12.08 -11.82
C ASN H 245 22.86 -10.98 -11.08
N ILE H 246 22.28 -11.30 -9.92
CA ILE H 246 21.45 -10.32 -9.15
C ILE H 246 22.21 -9.88 -7.88
N THR H 247 23.47 -10.29 -7.73
CA THR H 247 24.29 -9.87 -6.56
C THR H 247 24.30 -8.34 -6.48
N ALA H 248 24.09 -7.78 -5.28
CA ALA H 248 24.13 -6.30 -5.12
C ALA H 248 24.58 -5.91 -3.70
N GLY H 249 24.68 -4.61 -3.42
CA GLY H 249 25.19 -4.12 -2.12
C GLY H 249 24.16 -4.13 -1.00
N THR H 250 22.86 -4.02 -1.33
CA THR H 250 21.77 -3.99 -0.31
C THR H 250 20.64 -4.95 -0.71
N MET H 251 19.91 -5.46 0.28
CA MET H 251 18.81 -6.42 0.02
C MET H 251 17.77 -5.80 -0.93
N GLU H 252 17.44 -4.52 -0.75
CA GLU H 252 16.41 -3.85 -1.60
C GLU H 252 16.82 -3.95 -3.08
N GLU H 253 18.09 -3.66 -3.38
CA GLU H 253 18.60 -3.70 -4.78
C GLU H 253 18.59 -5.13 -5.31
N VAL H 254 18.89 -6.11 -4.45
CA VAL H 254 18.82 -7.54 -4.88
C VAL H 254 17.40 -7.84 -5.37
N TYR H 255 16.39 -7.56 -4.53
CA TYR H 255 14.98 -7.84 -4.89
C TYR H 255 14.60 -7.13 -6.20
N LYS H 256 15.02 -5.87 -6.35
CA LYS H 256 14.68 -5.10 -7.59
C LYS H 256 15.18 -5.86 -8.83
N ARG H 257 16.38 -6.43 -8.76
CA ARG H 257 16.98 -7.15 -9.93
C ARG H 257 16.30 -8.52 -10.12
N ALA H 258 15.90 -9.20 -9.03
CA ALA H 258 15.18 -10.49 -9.14
C ALA H 258 13.81 -10.29 -9.81
N GLU H 259 13.06 -9.25 -9.42
CA GLU H 259 11.70 -9.00 -9.96
C GLU H 259 11.76 -8.62 -11.45
N TYR H 260 12.82 -7.92 -11.87
CA TYR H 260 13.01 -7.56 -13.30
C TYR H 260 13.24 -8.83 -14.14
N ALA H 261 14.18 -9.69 -13.74
CA ALA H 261 14.48 -10.93 -14.50
C ALA H 261 13.22 -11.80 -14.65
N LYS H 262 12.41 -11.90 -13.60
CA LYS H 262 11.15 -12.69 -13.67
C LYS H 262 10.22 -12.04 -14.70
N THR H 263 10.10 -10.71 -14.67
CA THR H 263 9.19 -9.98 -15.59
C THR H 263 9.53 -10.30 -17.06
N VAL H 264 10.82 -10.33 -17.41
CA VAL H 264 11.24 -10.57 -18.83
C VAL H 264 11.22 -12.08 -19.15
N GLY H 265 10.94 -12.95 -18.18
CA GLY H 265 10.77 -14.38 -18.47
C GLY H 265 12.03 -15.23 -18.35
N SER H 266 12.98 -14.85 -17.50
CA SER H 266 14.20 -15.68 -17.28
C SER H 266 13.84 -16.98 -16.55
N ILE H 267 14.44 -18.10 -16.94
CA ILE H 267 14.18 -19.40 -16.25
C ILE H 267 15.16 -19.56 -15.08
N VAL H 268 16.18 -18.69 -14.97
CA VAL H 268 17.23 -18.90 -13.92
C VAL H 268 17.94 -17.59 -13.54
N VAL H 269 18.54 -17.53 -12.34
CA VAL H 269 19.34 -16.35 -11.91
C VAL H 269 20.52 -16.87 -11.05
N MET H 270 21.51 -16.03 -10.76
CA MET H 270 22.69 -16.50 -9.99
C MET H 270 23.05 -15.53 -8.86
N ILE H 271 23.68 -16.04 -7.79
CA ILE H 271 24.12 -15.19 -6.64
C ILE H 271 25.54 -15.61 -6.24
N ASP H 272 26.24 -14.73 -5.50
CA ASP H 272 27.64 -15.02 -5.05
C ASP H 272 27.66 -15.30 -3.54
N LEU H 273 28.63 -16.11 -3.08
CA LEU H 273 28.73 -16.46 -1.64
C LEU H 273 29.12 -15.24 -0.79
N VAL H 274 29.80 -14.23 -1.36
CA VAL H 274 30.26 -13.04 -0.59
C VAL H 274 29.06 -12.25 -0.03
N MET H 275 27.85 -12.51 -0.52
CA MET H 275 26.63 -11.78 -0.07
C MET H 275 26.36 -12.07 1.41
N GLY H 276 26.43 -13.35 1.82
CA GLY H 276 26.22 -13.71 3.25
C GLY H 276 25.06 -14.66 3.48
N TYR H 277 25.08 -15.40 4.60
CA TYR H 277 24.05 -16.42 4.89
C TYR H 277 22.62 -15.85 4.89
N THR H 278 22.39 -14.73 5.59
CA THR H 278 21.00 -14.20 5.70
C THR H 278 20.45 -13.77 4.34
N ALA H 279 21.27 -13.09 3.53
CA ALA H 279 20.81 -12.71 2.16
C ALA H 279 20.53 -13.98 1.34
N ILE H 280 21.39 -15.01 1.45
CA ILE H 280 21.21 -16.27 0.68
C ILE H 280 19.87 -16.93 1.07
N GLN H 281 19.59 -17.07 2.36
CA GLN H 281 18.32 -17.69 2.81
C GLN H 281 17.12 -16.94 2.22
N SER H 282 17.12 -15.61 2.30
CA SER H 282 16.01 -14.79 1.73
C SER H 282 15.83 -15.07 0.23
N ALA H 283 16.92 -15.16 -0.52
CA ALA H 283 16.85 -15.40 -1.99
C ALA H 283 16.25 -16.78 -2.28
N ALA H 284 16.60 -17.81 -1.50
CA ALA H 284 16.10 -19.18 -1.74
C ALA H 284 14.59 -19.26 -1.47
N ILE H 285 14.10 -18.48 -0.50
CA ILE H 285 12.63 -18.45 -0.21
C ILE H 285 11.92 -17.76 -1.39
N TRP H 286 12.49 -16.65 -1.89
CA TRP H 286 11.91 -15.92 -3.06
C TRP H 286 11.81 -16.83 -4.30
N ALA H 287 12.88 -17.58 -4.62
CA ALA H 287 12.90 -18.42 -5.85
C ALA H 287 11.76 -19.46 -5.82
N ARG H 288 11.56 -20.10 -4.66
CA ARG H 288 10.46 -21.10 -4.50
C ARG H 288 9.10 -20.43 -4.73
N ASP H 289 8.92 -19.20 -4.22
CA ASP H 289 7.60 -18.54 -4.33
C ASP H 289 7.40 -17.93 -5.73
N ASN H 290 8.44 -17.92 -6.57
CA ASN H 290 8.32 -17.25 -7.90
C ASN H 290 8.72 -18.17 -9.07
N ASP H 291 8.88 -19.48 -8.82
CA ASP H 291 9.21 -20.47 -9.90
C ASP H 291 10.49 -20.08 -10.67
N LEU H 292 11.59 -19.77 -9.99
CA LEU H 292 12.89 -19.50 -10.69
C LEU H 292 13.95 -20.52 -10.22
N ILE H 293 14.96 -20.83 -11.05
CA ILE H 293 16.08 -21.71 -10.60
C ILE H 293 17.18 -20.82 -9.98
N LEU H 294 17.83 -21.28 -8.90
CA LEU H 294 18.82 -20.42 -8.19
C LEU H 294 20.23 -21.04 -8.23
N HIS H 295 21.19 -20.35 -8.87
CA HIS H 295 22.59 -20.85 -8.98
C HIS H 295 23.49 -20.14 -7.97
N LEU H 296 24.36 -20.88 -7.27
CA LEU H 296 25.24 -20.27 -6.24
C LEU H 296 26.72 -20.33 -6.66
N HIS H 297 27.37 -19.17 -6.81
CA HIS H 297 28.84 -19.15 -7.07
C HIS H 297 29.52 -19.08 -5.69
N ARG H 298 30.61 -19.84 -5.49
CA ARG H 298 31.23 -19.91 -4.13
C ARG H 298 32.41 -18.94 -3.94
N ALA H 299 32.27 -17.69 -4.40
CA ALA H 299 33.34 -16.67 -4.24
C ALA H 299 33.77 -16.51 -2.77
N GLY H 300 35.07 -16.66 -2.47
CA GLY H 300 35.59 -16.44 -1.10
C GLY H 300 35.81 -17.73 -0.30
N ASN H 301 35.23 -18.86 -0.72
CA ASN H 301 35.31 -20.13 0.07
C ASN H 301 36.76 -20.55 0.36
N SER H 302 37.68 -20.37 -0.58
CA SER H 302 39.08 -20.87 -0.40
C SER H 302 39.89 -20.04 0.62
N THR H 303 39.34 -18.93 1.13
CA THR H 303 40.05 -18.17 2.20
C THR H 303 40.14 -19.01 3.48
N TYR H 304 39.20 -19.95 3.68
CA TYR H 304 39.17 -20.75 4.93
C TYR H 304 39.07 -22.26 4.65
N ALA H 305 38.87 -22.69 3.41
CA ALA H 305 38.66 -24.14 3.14
C ALA H 305 39.85 -24.80 2.43
N ARG H 306 40.99 -24.12 2.31
CA ARG H 306 42.14 -24.67 1.53
C ARG H 306 43.12 -25.47 2.39
N GLN H 307 43.44 -25.00 3.60
CA GLN H 307 44.51 -25.67 4.42
C GLN H 307 43.94 -26.77 5.32
N LYS H 308 44.71 -27.84 5.55
CA LYS H 308 44.24 -28.99 6.37
C LYS H 308 44.36 -28.70 7.88
N ASN H 309 45.19 -27.74 8.30
CA ASN H 309 45.42 -27.51 9.75
C ASN H 309 44.41 -26.54 10.38
N HIS H 310 43.78 -25.65 9.60
CA HIS H 310 42.89 -24.62 10.21
C HIS H 310 41.76 -24.21 9.25
N GLY H 311 40.55 -23.94 9.79
CA GLY H 311 39.44 -23.46 8.95
C GLY H 311 38.22 -24.37 8.94
N ILE H 312 37.46 -24.38 7.85
CA ILE H 312 36.26 -25.26 7.71
C ILE H 312 36.38 -26.09 6.42
N ASN H 313 36.16 -27.40 6.50
CA ASN H 313 36.20 -28.28 5.29
C ASN H 313 34.99 -27.98 4.40
N PHE H 314 35.16 -28.03 3.08
CA PHE H 314 34.06 -27.68 2.13
C PHE H 314 32.83 -28.59 2.33
N ARG H 315 33.03 -29.84 2.74
CA ARG H 315 31.88 -30.79 2.86
C ARG H 315 30.85 -30.24 3.86
N VAL H 316 31.30 -29.49 4.86
CA VAL H 316 30.36 -28.84 5.83
C VAL H 316 29.59 -27.74 5.11
N ILE H 317 30.29 -26.88 4.36
CA ILE H 317 29.60 -25.81 3.58
C ILE H 317 28.55 -26.47 2.68
N CYS H 318 28.88 -27.59 2.04
CA CYS H 318 27.92 -28.32 1.17
C CYS H 318 26.61 -28.57 1.93
N LYS H 319 26.70 -29.14 3.15
CA LYS H 319 25.49 -29.45 3.95
C LYS H 319 24.70 -28.18 4.26
N TRP H 320 25.35 -27.12 4.74
CA TRP H 320 24.65 -25.85 5.10
C TRP H 320 23.90 -25.29 3.90
N MET H 321 24.53 -25.29 2.72
CA MET H 321 23.91 -24.69 1.50
C MET H 321 22.75 -25.57 1.01
N ARG H 322 22.87 -26.90 1.10
CA ARG H 322 21.74 -27.78 0.73
C ARG H 322 20.55 -27.49 1.68
N MET H 323 20.85 -27.19 2.95
CA MET H 323 19.78 -26.84 3.93
C MET H 323 19.11 -25.50 3.57
N CYS H 324 19.90 -24.49 3.19
CA CYS H 324 19.35 -23.16 2.83
C CYS H 324 18.41 -23.29 1.63
N GLY H 325 18.78 -24.11 0.64
CA GLY H 325 17.87 -24.35 -0.49
C GLY H 325 18.36 -23.81 -1.82
N VAL H 326 19.68 -23.82 -2.07
CA VAL H 326 20.17 -23.41 -3.43
C VAL H 326 19.97 -24.59 -4.39
N ASP H 327 19.87 -24.33 -5.71
CA ASP H 327 19.60 -25.41 -6.72
C ASP H 327 20.92 -25.93 -7.33
N HIS H 328 21.92 -25.07 -7.55
CA HIS H 328 23.25 -25.49 -8.07
C HIS H 328 24.37 -24.99 -7.15
N ILE H 329 25.54 -25.64 -7.18
CA ILE H 329 26.72 -25.14 -6.41
C ILE H 329 28.02 -25.65 -7.04
N HIS H 330 29.03 -24.79 -7.21
CA HIS H 330 30.36 -25.23 -7.73
C HIS H 330 31.00 -26.24 -6.76
N ALA H 331 31.54 -27.36 -7.27
CA ALA H 331 32.07 -28.43 -6.37
C ALA H 331 33.43 -29.00 -6.81
N GLY H 332 33.97 -28.61 -7.97
CA GLY H 332 35.34 -29.08 -8.33
C GLY H 332 35.43 -29.88 -9.62
N THR H 333 36.63 -29.99 -10.20
CA THR H 333 36.82 -30.67 -11.52
C THR H 333 37.87 -31.79 -11.45
N VAL H 334 38.75 -31.79 -10.45
CA VAL H 334 39.87 -32.78 -10.33
C VAL H 334 41.00 -32.46 -11.33
N VAL H 335 40.70 -32.36 -12.64
CA VAL H 335 41.78 -32.21 -13.65
C VAL H 335 41.94 -30.74 -14.13
N GLY H 336 41.17 -29.81 -13.58
CA GLY H 336 41.23 -28.40 -14.03
C GLY H 336 42.37 -27.60 -13.41
N LYS H 337 42.21 -26.28 -13.32
CA LYS H 337 43.30 -25.40 -12.80
C LYS H 337 43.09 -25.04 -11.32
N LEU H 338 41.95 -25.38 -10.72
CA LEU H 338 41.70 -25.10 -9.27
C LEU H 338 41.92 -26.36 -8.42
N GLU H 339 42.10 -26.23 -7.10
CA GLU H 339 42.42 -27.38 -6.20
C GLU H 339 41.30 -28.43 -6.16
N GLY H 340 41.68 -29.70 -6.02
CA GLY H 340 40.66 -30.77 -5.92
C GLY H 340 41.25 -32.18 -5.87
N ASP H 341 41.22 -32.83 -4.71
CA ASP H 341 41.69 -34.25 -4.60
C ASP H 341 40.53 -35.17 -5.01
N PRO H 342 40.73 -36.21 -5.85
CA PRO H 342 39.61 -37.04 -6.33
C PRO H 342 38.78 -37.70 -5.21
N LEU H 343 39.43 -38.16 -4.14
CA LEU H 343 38.69 -38.85 -3.04
C LEU H 343 37.81 -37.83 -2.31
N MET H 344 38.37 -36.68 -1.94
CA MET H 344 37.59 -35.62 -1.25
C MET H 344 36.43 -35.14 -2.15
N ILE H 345 36.69 -34.94 -3.44
CA ILE H 345 35.64 -34.44 -4.38
C ILE H 345 34.48 -35.42 -4.45
N GLY H 347 33.49 -37.36 -2.16
CA GLY H 347 32.73 -37.10 -0.92
C GLY H 347 31.76 -35.94 -1.09
N PHE H 348 32.23 -34.80 -1.62
CA PHE H 348 31.35 -33.62 -1.84
C PHE H 348 30.14 -34.00 -2.69
N TYR H 349 30.34 -34.65 -3.84
CA TYR H 349 29.22 -34.98 -4.76
C TYR H 349 28.17 -35.83 -4.02
N ASP H 350 28.63 -36.81 -3.22
CA ASP H 350 27.70 -37.70 -2.46
C ASP H 350 26.86 -36.88 -1.47
N THR H 351 27.51 -35.99 -0.70
CA THR H 351 26.77 -35.13 0.26
C THR H 351 25.65 -34.35 -0.45
N LEU H 352 25.86 -33.97 -1.70
CA LEU H 352 24.86 -33.11 -2.41
C LEU H 352 23.78 -33.93 -3.14
N LEU H 353 24.02 -35.20 -3.48
CA LEU H 353 23.05 -35.94 -4.34
C LEU H 353 22.36 -37.13 -3.67
N LEU H 354 22.89 -37.67 -2.56
CA LEU H 354 22.31 -38.92 -1.99
C LEU H 354 21.11 -38.67 -1.07
N THR H 355 20.31 -39.72 -0.80
CA THR H 355 19.16 -39.61 0.13
C THR H 355 19.64 -39.98 1.54
N HIS H 356 20.83 -40.59 1.64
CA HIS H 356 21.37 -41.00 2.97
C HIS H 356 22.89 -41.18 2.87
N LEU H 357 23.62 -40.91 3.96
CA LEU H 357 25.11 -41.05 3.95
C LEU H 357 25.54 -42.13 4.95
N ASN H 358 26.49 -42.99 4.57
CA ASN H 358 27.04 -44.03 5.48
C ASN H 358 28.53 -43.71 5.73
N VAL H 359 29.07 -44.14 6.87
CA VAL H 359 30.49 -43.79 7.23
C VAL H 359 31.44 -44.27 6.13
N ASN H 360 32.39 -43.41 5.70
CA ASN H 360 33.38 -43.76 4.65
C ASN H 360 34.65 -42.94 4.90
N LEU H 361 35.53 -43.42 5.78
CA LEU H 361 36.73 -42.63 6.18
C LEU H 361 37.58 -42.22 4.96
N PRO H 362 38.03 -43.11 4.04
CA PRO H 362 38.87 -42.68 2.92
C PRO H 362 38.26 -41.52 2.11
N TYR H 363 36.95 -41.34 2.18
CA TYR H 363 36.26 -40.25 1.43
C TYR H 363 36.01 -39.05 2.34
N GLY H 364 36.35 -39.15 3.63
CA GLY H 364 36.13 -38.05 4.59
C GLY H 364 34.73 -38.05 5.18
N ILE H 365 33.97 -39.15 5.05
CA ILE H 365 32.61 -39.25 5.64
C ILE H 365 32.72 -39.83 7.05
N PHE H 366 32.50 -39.01 8.08
CA PHE H 366 32.69 -39.47 9.49
C PHE H 366 31.37 -39.83 10.17
N PHE H 367 30.24 -39.29 9.70
CA PHE H 367 28.94 -39.52 10.38
C PHE H 367 27.90 -40.11 9.43
N GLU H 368 27.13 -41.11 9.89
CA GLU H 368 26.01 -41.60 9.07
C GLU H 368 24.89 -40.56 9.21
N MET H 369 24.10 -40.31 8.16
CA MET H 369 23.10 -39.22 8.24
C MET H 369 22.04 -39.34 7.12
N THR H 370 20.76 -39.21 7.46
CA THR H 370 19.68 -39.23 6.43
C THR H 370 19.30 -37.79 6.07
N TRP H 371 18.76 -37.58 4.87
CA TRP H 371 18.40 -36.21 4.42
C TRP H 371 16.90 -35.91 4.62
N ALA H 372 16.17 -36.79 5.32
CA ALA H 372 14.75 -36.52 5.65
C ALA H 372 13.98 -36.01 4.42
N SER H 373 14.18 -36.60 3.24
CA SER H 373 13.43 -36.24 1.99
C SER H 373 13.70 -34.80 1.53
N LEU H 374 14.84 -34.21 1.87
CA LEU H 374 15.18 -32.88 1.31
C LEU H 374 15.60 -33.08 -0.16
N ARG H 375 15.22 -32.17 -1.05
CA ARG H 375 15.54 -32.30 -2.50
C ARG H 375 17.06 -32.32 -2.74
N LYS H 376 17.49 -32.79 -3.92
CA LYS H 376 18.94 -32.89 -4.24
C LYS H 376 19.48 -31.57 -4.84
N CYS H 377 20.75 -31.26 -4.57
CA CYS H 377 21.40 -30.04 -5.14
C CYS H 377 22.34 -30.47 -6.28
N MET H 378 22.31 -29.75 -7.41
CA MET H 378 23.12 -30.13 -8.60
C MET H 378 24.55 -29.59 -8.53
N PRO H 379 25.61 -30.43 -8.59
CA PRO H 379 27.00 -29.95 -8.60
C PRO H 379 27.40 -29.29 -9.93
N VAL H 380 28.35 -28.35 -9.88
CA VAL H 380 28.82 -27.66 -11.12
C VAL H 380 30.34 -27.79 -11.22
N ALA H 381 30.86 -28.21 -12.38
CA ALA H 381 32.31 -28.40 -12.58
C ALA H 381 32.85 -27.32 -13.53
N SER H 382 33.82 -26.50 -13.08
CA SER H 382 34.31 -25.37 -13.90
C SER H 382 35.76 -25.01 -13.54
N GLY H 383 36.57 -24.56 -14.51
CA GLY H 383 37.95 -24.12 -14.22
C GLY H 383 39.02 -24.77 -15.09
N GLY H 384 39.39 -24.17 -16.22
CA GLY H 384 40.48 -24.68 -17.08
C GLY H 384 40.31 -26.14 -17.50
N ILE H 385 39.20 -26.48 -18.15
CA ILE H 385 38.97 -27.88 -18.67
C ILE H 385 38.68 -27.82 -20.17
N HIS H 386 38.98 -28.89 -20.92
CA HIS H 386 38.81 -28.86 -22.40
C HIS H 386 38.29 -30.20 -22.95
N CYS H 387 37.68 -30.19 -24.13
CA CYS H 387 37.05 -31.42 -24.73
C CYS H 387 38.06 -32.57 -24.85
N GLY H 388 39.35 -32.28 -24.90
CA GLY H 388 40.38 -33.34 -24.93
C GLY H 388 40.39 -34.19 -23.66
N GLN H 389 39.70 -33.75 -22.60
CA GLN H 389 39.70 -34.49 -21.30
C GLN H 389 38.32 -35.13 -21.05
N MET H 390 37.47 -35.23 -22.08
CA MET H 390 36.08 -35.76 -21.88
C MET H 390 36.09 -37.11 -21.16
N HIS H 391 36.95 -38.06 -21.55
CA HIS H 391 36.94 -39.42 -20.92
C HIS H 391 37.12 -39.33 -19.40
N GLN H 392 37.99 -38.44 -18.91
CA GLN H 392 38.24 -38.30 -17.45
C GLN H 392 37.02 -37.66 -16.76
N LEU H 393 36.45 -36.61 -17.35
CA LEU H 393 35.28 -35.91 -16.75
C LEU H 393 34.12 -36.90 -16.51
N VAL H 394 33.78 -37.71 -17.51
CA VAL H 394 32.67 -38.71 -17.39
C VAL H 394 32.98 -39.68 -16.24
N HIS H 395 34.24 -40.11 -16.11
CA HIS H 395 34.60 -41.15 -15.11
C HIS H 395 34.59 -40.60 -13.67
N TYR H 396 35.06 -39.37 -13.46
CA TYR H 396 35.18 -38.84 -12.07
C TYR H 396 33.93 -38.09 -11.61
N LEU H 397 33.23 -37.37 -12.50
CA LEU H 397 32.13 -36.47 -12.03
C LEU H 397 30.74 -37.12 -12.10
N GLY H 398 30.50 -38.09 -12.97
CA GLY H 398 29.19 -38.77 -12.98
C GLY H 398 28.23 -38.23 -14.03
N ASP H 399 26.91 -38.34 -13.79
CA ASP H 399 25.91 -37.93 -14.82
C ASP H 399 25.04 -36.75 -14.38
N ASP H 400 24.87 -36.55 -13.07
CA ASP H 400 24.13 -35.36 -12.57
C ASP H 400 25.14 -34.25 -12.29
N VAL H 401 25.46 -33.44 -13.32
CA VAL H 401 26.48 -32.37 -13.15
C VAL H 401 26.38 -31.38 -14.31
N VAL H 402 26.78 -30.12 -14.09
CA VAL H 402 26.86 -29.13 -15.20
C VAL H 402 28.34 -28.93 -15.54
N LEU H 403 28.75 -29.33 -16.75
CA LEU H 403 30.16 -29.11 -17.20
C LEU H 403 30.25 -27.74 -17.89
N GLN H 404 31.09 -26.84 -17.40
CA GLN H 404 31.15 -25.46 -17.96
C GLN H 404 32.49 -25.19 -18.66
N PHE H 405 32.47 -24.65 -19.89
CA PHE H 405 33.72 -24.38 -20.67
C PHE H 405 33.79 -22.92 -21.13
N GLY H 406 34.55 -22.07 -20.43
CA GLY H 406 34.70 -20.64 -20.80
C GLY H 406 35.76 -20.43 -21.87
N GLY H 407 37.05 -20.43 -21.49
CA GLY H 407 38.12 -20.34 -22.49
C GLY H 407 38.09 -21.53 -23.45
N GLY H 408 37.59 -22.69 -22.97
CA GLY H 408 37.52 -23.89 -23.80
C GLY H 408 36.49 -23.78 -24.92
N THR H 409 35.71 -22.71 -24.96
CA THR H 409 34.70 -22.49 -26.02
C THR H 409 35.03 -21.21 -26.81
N ILE H 410 35.12 -20.08 -26.12
CA ILE H 410 35.38 -18.76 -26.79
C ILE H 410 36.77 -18.76 -27.43
N GLY H 411 37.71 -19.54 -26.90
CA GLY H 411 39.10 -19.54 -27.41
C GLY H 411 39.30 -20.38 -28.68
N HIS H 412 38.22 -20.88 -29.28
CA HIS H 412 38.32 -21.68 -30.53
C HIS H 412 38.72 -20.77 -31.70
N PRO H 413 39.68 -21.18 -32.58
CA PRO H 413 40.13 -20.33 -33.70
C PRO H 413 39.06 -20.07 -34.78
N ASP H 414 38.06 -20.95 -34.89
CA ASP H 414 37.05 -20.81 -35.98
C ASP H 414 35.76 -20.15 -35.49
N GLY H 415 35.75 -19.54 -34.30
CA GLY H 415 34.55 -18.81 -33.84
C GLY H 415 33.87 -19.46 -32.64
N ILE H 416 32.92 -18.75 -32.02
CA ILE H 416 32.25 -19.26 -30.79
C ILE H 416 31.31 -20.44 -31.14
N GLN H 417 30.55 -20.30 -32.23
CA GLN H 417 29.61 -21.38 -32.64
C GLN H 417 30.39 -22.68 -32.85
N ALA H 418 31.54 -22.61 -33.53
CA ALA H 418 32.38 -23.81 -33.76
C ALA H 418 32.81 -24.41 -32.41
N GLY H 419 33.32 -23.58 -31.50
CA GLY H 419 33.71 -24.07 -30.16
C GLY H 419 32.59 -24.84 -29.47
N ALA H 420 31.37 -24.29 -29.47
CA ALA H 420 30.23 -24.95 -28.79
C ALA H 420 29.97 -26.33 -29.41
N THR H 421 29.98 -26.42 -30.75
CA THR H 421 29.73 -27.71 -31.44
C THR H 421 30.75 -28.76 -31.02
N ALA H 422 32.04 -28.41 -31.01
CA ALA H 422 33.09 -29.40 -30.67
C ALA H 422 32.83 -30.00 -29.28
N ASN H 423 32.39 -29.18 -28.33
CA ASN H 423 32.16 -29.67 -26.94
C ASN H 423 30.98 -30.65 -26.90
N ARG H 424 29.85 -30.33 -27.54
CA ARG H 424 28.65 -31.20 -27.51
C ARG H 424 28.93 -32.55 -28.18
N VAL H 425 29.47 -32.53 -29.39
CA VAL H 425 29.81 -33.80 -30.12
C VAL H 425 30.68 -34.68 -29.22
N ALA H 426 31.77 -34.14 -28.69
CA ALA H 426 32.70 -34.93 -27.83
C ALA H 426 31.90 -35.67 -26.75
N LEU H 427 31.05 -34.94 -26.02
CA LEU H 427 30.24 -35.54 -24.94
C LEU H 427 29.35 -36.67 -25.49
N GLU H 428 28.51 -36.38 -26.50
CA GLU H 428 27.55 -37.39 -27.04
C GLU H 428 28.28 -38.70 -27.39
N ALA H 429 29.40 -38.62 -28.10
CA ALA H 429 30.15 -39.83 -28.52
C ALA H 429 30.63 -40.62 -27.29
N MET H 430 31.14 -39.93 -26.27
CA MET H 430 31.68 -40.62 -25.05
C MET H 430 30.58 -41.39 -24.32
N ILE H 431 29.42 -40.76 -24.09
CA ILE H 431 28.28 -41.40 -23.38
C ILE H 431 27.80 -42.62 -24.17
N LEU H 432 27.54 -42.46 -25.47
CA LEU H 432 27.15 -43.61 -26.32
C LEU H 432 28.12 -44.77 -26.10
N ALA H 433 29.42 -44.52 -26.27
CA ALA H 433 30.45 -45.58 -26.11
C ALA H 433 30.34 -46.20 -24.72
N ARG H 434 30.25 -45.37 -23.68
CA ARG H 434 30.10 -45.89 -22.29
C ARG H 434 28.92 -46.86 -22.22
N ASN H 435 27.75 -46.43 -22.69
CA ASN H 435 26.52 -47.27 -22.58
C ASN H 435 26.67 -48.60 -23.32
N GLU H 436 27.60 -48.67 -24.28
CA GLU H 436 27.82 -49.92 -25.07
C GLU H 436 28.83 -50.84 -24.34
N GLY H 437 29.36 -50.40 -23.20
CA GLY H 437 30.28 -51.24 -22.40
C GLY H 437 31.72 -51.20 -22.90
N ALA H 438 32.31 -50.00 -23.02
CA ALA H 438 33.73 -49.89 -23.41
C ALA H 438 34.55 -49.37 -22.22
N ASP H 439 35.87 -49.57 -22.24
CA ASP H 439 36.78 -49.08 -21.16
C ASP H 439 37.26 -47.66 -21.52
N TYR H 440 36.33 -46.70 -21.59
CA TYR H 440 36.67 -45.32 -22.03
C TYR H 440 37.70 -44.63 -21.12
N PHE H 441 37.91 -45.14 -19.91
CA PHE H 441 38.83 -44.42 -18.99
C PHE H 441 40.29 -44.80 -19.29
N ASN H 442 40.49 -45.97 -19.92
CA ASN H 442 41.88 -46.40 -20.29
C ASN H 442 42.60 -45.26 -21.01
N SER H 443 43.90 -45.09 -20.77
CA SER H 443 44.65 -43.96 -21.36
C SER H 443 44.72 -44.06 -22.89
N ASP H 444 44.28 -45.19 -23.46
CA ASP H 444 44.39 -45.38 -24.93
C ASP H 444 42.98 -45.39 -25.55
N ILE H 445 42.04 -46.14 -24.97
CA ILE H 445 40.65 -46.23 -25.50
C ILE H 445 40.01 -44.83 -25.52
N GLY H 446 39.98 -44.16 -24.36
CA GLY H 446 39.36 -42.82 -24.27
C GLY H 446 39.76 -41.92 -25.43
N PRO H 447 41.05 -41.54 -25.60
CA PRO H 447 41.43 -40.59 -26.66
C PRO H 447 41.04 -41.08 -28.07
N GLN H 448 41.24 -42.38 -28.34
CA GLN H 448 40.89 -42.95 -29.66
C GLN H 448 39.41 -42.69 -29.96
N ILE H 449 38.53 -42.94 -28.97
CA ILE H 449 37.07 -42.67 -29.16
C ILE H 449 36.88 -41.23 -29.68
N LEU H 450 37.52 -40.25 -29.03
CA LEU H 450 37.39 -38.83 -29.44
C LEU H 450 37.97 -38.66 -30.85
N ARG H 451 39.14 -39.24 -31.09
CA ARG H 451 39.78 -39.16 -32.44
C ARG H 451 38.82 -39.70 -33.50
N ASN H 452 38.21 -40.87 -33.23
CA ASN H 452 37.26 -41.47 -34.20
C ASN H 452 36.14 -40.48 -34.51
N ALA H 453 35.48 -39.95 -33.47
CA ALA H 453 34.40 -38.95 -33.66
C ALA H 453 34.91 -37.74 -34.46
N ALA H 454 36.15 -37.30 -34.19
CA ALA H 454 36.73 -36.11 -34.87
C ALA H 454 36.78 -36.29 -36.39
N LYS H 455 36.81 -37.53 -36.88
CA LYS H 455 36.97 -37.74 -38.34
C LYS H 455 35.62 -37.51 -39.04
N THR H 456 34.65 -36.92 -38.34
CA THR H 456 33.34 -36.57 -38.97
C THR H 456 32.96 -35.16 -38.52
N CYS H 457 33.86 -34.45 -37.84
CA CYS H 457 33.56 -33.09 -37.33
C CYS H 457 34.83 -32.25 -37.29
N GLY H 458 35.00 -31.34 -38.27
CA GLY H 458 36.21 -30.50 -38.36
C GLY H 458 36.49 -29.70 -37.10
N PRO H 459 35.52 -28.91 -36.55
CA PRO H 459 35.73 -28.17 -35.29
C PRO H 459 36.42 -29.03 -34.21
N LEU H 460 35.92 -30.24 -33.96
CA LEU H 460 36.49 -31.12 -32.91
C LEU H 460 37.96 -31.42 -33.23
N GLN H 461 38.25 -31.80 -34.48
CA GLN H 461 39.66 -32.07 -34.90
C GLN H 461 40.54 -30.87 -34.54
N THR H 462 40.10 -29.65 -34.89
CA THR H 462 40.90 -28.42 -34.62
C THR H 462 41.16 -28.30 -33.11
N ALA H 463 40.12 -28.44 -32.29
CA ALA H 463 40.26 -28.26 -30.82
C ALA H 463 41.25 -29.28 -30.25
N LEU H 464 41.11 -30.56 -30.61
CA LEU H 464 42.01 -31.62 -30.07
C LEU H 464 43.46 -31.23 -30.35
N ASP H 465 43.77 -30.89 -31.61
CA ASP H 465 45.15 -30.52 -32.00
C ASP H 465 45.63 -29.30 -31.20
N LEU H 466 44.74 -28.35 -30.90
CA LEU H 466 45.15 -27.08 -30.23
C LEU H 466 45.52 -27.32 -28.76
N TRP H 467 44.67 -28.00 -27.98
CA TRP H 467 44.92 -28.15 -26.52
C TRP H 467 45.35 -29.57 -26.19
N LYS H 468 46.14 -30.21 -27.07
CA LYS H 468 46.53 -31.64 -26.88
C LYS H 468 47.40 -31.82 -25.63
N ASP H 469 48.47 -31.03 -25.50
CA ASP H 469 49.42 -31.23 -24.37
C ASP H 469 49.11 -30.32 -23.19
N ILE H 470 47.83 -30.06 -22.90
CA ILE H 470 47.48 -29.10 -21.80
C ILE H 470 47.10 -29.87 -20.53
N SER H 471 47.82 -29.65 -19.43
CA SER H 471 47.48 -30.30 -18.13
C SER H 471 47.93 -29.43 -16.95
N PHE H 472 47.38 -29.68 -15.75
CA PHE H 472 47.75 -28.91 -14.54
C PHE H 472 48.09 -29.88 -13.40
N ASN H 473 49.33 -30.36 -13.35
CA ASN H 473 49.74 -31.35 -12.30
C ASN H 473 50.48 -30.64 -11.18
N TYR H 474 49.90 -30.64 -9.97
CA TYR H 474 50.56 -30.03 -8.78
C TYR H 474 50.09 -30.79 -7.53
N THR H 475 50.95 -30.89 -6.50
CA THR H 475 50.58 -31.56 -5.24
C THR H 475 49.39 -30.84 -4.58
N SER H 476 48.43 -31.61 -4.05
CA SER H 476 47.20 -31.02 -3.43
C SER H 476 47.48 -30.55 -2.00
N THR H 477 46.65 -29.61 -1.50
CA THR H 477 46.80 -29.09 -0.11
C THR H 477 45.87 -29.86 0.84
N ASP H 478 44.62 -30.08 0.44
CA ASP H 478 43.64 -30.76 1.32
C ASP H 478 43.57 -32.24 0.93
N THR H 479 44.05 -33.13 1.80
CA THR H 479 44.10 -34.58 1.45
C THR H 479 43.46 -35.44 2.54
N SER H 480 43.38 -36.76 2.32
CA SER H 480 42.72 -37.69 3.28
C SER H 480 43.68 -38.11 4.39
N ASP H 481 43.16 -38.76 5.43
CA ASP H 481 44.00 -39.25 6.55
C ASP H 481 43.83 -40.78 6.69
N PHE H 482 43.04 -41.40 5.81
CA PHE H 482 42.79 -42.87 5.85
C PHE H 482 42.95 -43.44 4.43
N SER H 483 43.07 -44.76 4.30
CA SER H 483 43.31 -45.39 2.97
C SER H 483 42.30 -46.51 2.66
N VAL H 484 42.46 -47.18 1.51
CA VAL H 484 41.53 -48.26 1.09
C VAL H 484 40.16 -47.65 0.77
N MET I 1 -6.41 1.59 52.32
CA MET I 1 -6.65 0.42 51.44
C MET I 1 -5.64 -0.69 51.74
N ARG I 2 -6.01 -1.95 51.51
CA ARG I 2 -5.08 -3.09 51.70
C ARG I 2 -4.60 -3.55 50.33
N LEU I 3 -3.29 -3.64 50.13
CA LEU I 3 -2.74 -4.11 48.82
C LEU I 3 -3.04 -5.62 48.69
N THR I 4 -3.63 -6.05 47.57
CA THR I 4 -4.07 -7.47 47.46
C THR I 4 -3.10 -8.31 46.60
N GLN I 5 -1.84 -7.91 46.49
CA GLN I 5 -0.85 -8.74 45.76
C GLN I 5 -0.45 -9.92 46.67
N GLY I 6 -0.13 -11.07 46.10
CA GLY I 6 0.26 -12.26 46.90
C GLY I 6 -0.84 -13.30 46.95
N CYS I 7 -0.54 -14.50 47.48
CA CYS I 7 -1.54 -15.60 47.46
C CYS I 7 -2.42 -15.64 48.73
N PHE I 8 -2.06 -14.94 49.82
CA PHE I 8 -2.86 -15.06 51.06
C PHE I 8 -3.35 -13.70 51.57
N SER I 9 -3.51 -12.71 50.68
CA SER I 9 -3.85 -11.33 51.13
C SER I 9 -5.33 -11.20 51.55
N PHE I 10 -6.18 -12.18 51.22
CA PHE I 10 -7.59 -12.15 51.70
C PHE I 10 -7.69 -12.80 53.09
N LEU I 11 -6.55 -13.21 53.65
CA LEU I 11 -6.55 -13.76 55.04
C LEU I 11 -5.90 -12.75 55.97
N PRO I 12 -6.12 -12.77 57.31
CA PRO I 12 -5.42 -11.85 58.22
C PRO I 12 -3.89 -12.00 58.12
N ASP I 13 -3.15 -10.99 58.59
CA ASP I 13 -1.66 -11.10 58.61
C ASP I 13 -1.28 -12.42 59.29
N LEU I 14 -0.33 -13.16 58.73
CA LEU I 14 0.01 -14.51 59.28
C LEU I 14 0.99 -14.38 60.45
N THR I 15 0.88 -15.29 61.43
CA THR I 15 1.82 -15.31 62.57
C THR I 15 3.15 -15.94 62.16
N ASP I 16 4.17 -15.83 63.03
CA ASP I 16 5.51 -16.39 62.72
C ASP I 16 5.41 -17.92 62.56
N GLN I 17 4.62 -18.57 63.42
CA GLN I 17 4.42 -20.04 63.31
C GLN I 17 3.79 -20.36 61.95
N GLN I 18 2.78 -19.59 61.56
CA GLN I 18 2.14 -19.80 60.23
C GLN I 18 3.19 -19.69 59.13
N ILE I 19 4.00 -18.63 59.13
CA ILE I 19 5.03 -18.42 58.08
C ILE I 19 5.96 -19.63 58.05
N GLU I 20 6.46 -20.07 59.21
CA GLU I 20 7.42 -21.21 59.28
C GLU I 20 6.84 -22.44 58.57
N LYS I 21 5.55 -22.73 58.77
CA LYS I 21 4.93 -23.94 58.16
C LYS I 21 5.01 -23.85 56.63
N GLN I 22 4.64 -22.70 56.07
CA GLN I 22 4.65 -22.54 54.59
C GLN I 22 6.08 -22.75 54.07
N ILE I 23 7.07 -22.20 54.78
CA ILE I 23 8.49 -22.39 54.39
C ILE I 23 8.79 -23.90 54.41
N ALA I 24 8.41 -24.59 55.50
CA ALA I 24 8.64 -26.05 55.62
C ALA I 24 8.03 -26.80 54.45
N TYR I 25 6.93 -26.31 53.88
CA TYR I 25 6.26 -26.98 52.75
C TYR I 25 7.09 -26.81 51.47
N CYS I 26 7.68 -25.63 51.27
CA CYS I 26 8.48 -25.36 50.03
C CYS I 26 9.80 -26.14 50.04
N ILE I 27 10.42 -26.31 51.21
CA ILE I 27 11.73 -27.02 51.29
C ILE I 27 11.51 -28.52 51.11
N THR I 28 10.38 -29.05 51.58
CA THR I 28 10.06 -30.48 51.35
C THR I 28 9.98 -30.77 49.85
N LYS I 29 9.70 -29.74 49.03
CA LYS I 29 9.65 -29.92 47.56
C LYS I 29 11.06 -29.76 46.96
N GLY I 30 11.99 -29.15 47.70
CA GLY I 30 13.34 -28.89 47.17
C GLY I 30 13.48 -27.52 46.50
N TRP I 31 12.64 -26.55 46.87
CA TRP I 31 12.67 -25.21 46.19
C TRP I 31 13.69 -24.27 46.83
N ALA I 32 14.16 -23.26 46.10
CA ALA I 32 15.11 -22.25 46.63
C ALA I 32 14.33 -21.03 47.13
N MET I 33 14.70 -20.47 48.29
CA MET I 33 13.90 -19.35 48.89
C MET I 33 14.68 -18.03 48.87
N ASN I 34 13.97 -16.89 48.78
CA ASN I 34 14.65 -15.56 48.85
C ASN I 34 13.70 -14.52 49.47
N VAL I 35 14.24 -13.36 49.88
CA VAL I 35 13.43 -12.28 50.54
C VAL I 35 13.65 -10.96 49.78
N GLU I 36 12.59 -10.18 49.57
CA GLU I 36 12.70 -8.91 48.79
C GLU I 36 12.01 -7.75 49.52
N TRP I 37 12.30 -6.50 49.13
CA TRP I 37 11.71 -5.29 49.79
C TRP I 37 11.43 -4.18 48.76
N THR I 38 10.41 -3.35 49.00
CA THR I 38 10.15 -2.20 48.10
C THR I 38 9.27 -1.15 48.78
N ASP I 39 9.28 0.09 48.27
CA ASP I 39 8.34 1.13 48.79
C ASP I 39 7.54 1.68 47.60
N ASP I 40 7.60 0.99 46.45
CA ASP I 40 6.79 1.39 45.27
C ASP I 40 5.90 0.20 44.91
N PRO I 41 4.60 0.17 45.31
CA PRO I 41 3.75 -1.00 45.08
C PRO I 41 2.93 -1.03 43.77
N HIS I 42 3.37 -0.27 42.76
CA HIS I 42 2.68 -0.30 41.43
C HIS I 42 2.58 -1.76 40.96
N PRO I 43 1.45 -2.21 40.37
CA PRO I 43 1.30 -3.62 39.95
C PRO I 43 2.25 -4.03 38.81
N ARG I 44 2.81 -3.07 38.07
CA ARG I 44 3.80 -3.40 37.00
C ARG I 44 5.24 -3.17 37.50
N ASN I 45 5.44 -2.99 38.81
CA ASN I 45 6.82 -2.85 39.37
C ASN I 45 7.39 -4.26 39.56
N SER I 46 7.99 -4.85 38.52
CA SER I 46 8.44 -6.26 38.58
C SER I 46 9.64 -6.54 39.50
N TYR I 47 10.62 -5.63 39.54
CA TYR I 47 11.87 -5.97 40.30
C TYR I 47 11.92 -5.32 41.69
N TRP I 48 11.57 -6.07 42.73
CA TRP I 48 11.75 -5.54 44.12
C TRP I 48 13.26 -5.62 44.46
N GLU I 49 13.70 -4.99 45.55
CA GLU I 49 15.14 -4.98 45.92
C GLU I 49 15.51 -6.31 46.59
N LEU I 50 16.68 -6.89 46.25
CA LEU I 50 17.07 -8.23 46.78
C LEU I 50 17.72 -8.10 48.17
N TRP I 51 17.40 -9.01 49.09
CA TRP I 51 18.04 -9.02 50.43
C TRP I 51 19.03 -10.19 50.44
N GLY I 52 20.28 -9.95 50.04
CA GLY I 52 21.28 -11.04 49.94
C GLY I 52 21.00 -11.96 48.76
N LEU I 53 21.75 -13.06 48.64
CA LEU I 53 21.54 -14.06 47.55
C LEU I 53 20.43 -15.03 47.95
N PRO I 54 19.82 -15.80 47.00
CA PRO I 54 18.83 -16.82 47.36
C PRO I 54 19.47 -17.95 48.18
N LEU I 55 18.73 -18.54 49.12
CA LEU I 55 19.23 -19.67 49.94
C LEU I 55 18.99 -20.97 49.17
N PHE I 56 20.01 -21.48 48.46
CA PHE I 56 19.79 -22.65 47.58
C PHE I 56 19.70 -23.99 48.32
N ASP I 57 20.71 -24.35 49.12
CA ASP I 57 20.71 -25.71 49.73
C ASP I 57 20.37 -25.68 51.22
N VAL I 58 19.86 -24.57 51.74
CA VAL I 58 19.44 -24.54 53.17
C VAL I 58 18.27 -25.52 53.35
N LYS I 59 18.36 -26.41 54.35
CA LYS I 59 17.32 -27.44 54.59
C LYS I 59 16.72 -27.25 55.99
N ASP I 60 16.56 -26.01 56.45
CA ASP I 60 15.97 -25.75 57.79
C ASP I 60 15.29 -24.37 57.79
N PRO I 61 13.97 -24.26 58.04
CA PRO I 61 13.28 -22.96 57.95
C PRO I 61 13.91 -21.92 58.88
N ALA I 62 14.54 -22.37 59.98
CA ALA I 62 15.13 -21.44 60.96
C ALA I 62 16.10 -20.48 60.26
N SER I 63 16.88 -20.97 59.29
CA SER I 63 17.79 -20.08 58.53
C SER I 63 17.01 -18.98 57.80
N VAL I 64 15.89 -19.33 57.17
CA VAL I 64 15.05 -18.33 56.44
C VAL I 64 14.42 -17.37 57.46
N MET I 65 13.87 -17.90 58.55
CA MET I 65 13.25 -17.04 59.60
C MET I 65 14.27 -16.00 60.09
N PHE I 66 15.50 -16.43 60.37
CA PHE I 66 16.55 -15.49 60.85
C PHE I 66 16.71 -14.32 59.88
N GLU I 67 16.90 -14.63 58.59
CA GLU I 67 17.14 -13.55 57.58
C GLU I 67 15.97 -12.56 57.59
N LEU I 68 14.73 -13.06 57.59
CA LEU I 68 13.54 -12.17 57.61
C LEU I 68 13.58 -11.28 58.85
N ARG I 69 13.93 -11.85 60.00
CA ARG I 69 14.03 -11.06 61.26
C ARG I 69 14.99 -9.88 61.05
N GLU I 70 16.15 -10.12 60.45
CA GLU I 70 17.17 -9.06 60.23
C GLU I 70 16.57 -7.95 59.35
N ALA I 71 16.08 -8.29 58.16
CA ALA I 71 15.48 -7.29 57.25
C ALA I 71 14.46 -6.44 58.02
N ARG I 72 13.60 -7.09 58.80
CA ARG I 72 12.53 -6.35 59.53
C ARG I 72 13.13 -5.21 60.35
N LYS I 73 14.24 -5.46 61.05
CA LYS I 73 14.82 -4.42 61.95
C LYS I 73 15.82 -3.56 61.19
N SER I 74 16.16 -3.93 59.94
CA SER I 74 17.20 -3.18 59.18
C SER I 74 16.57 -2.29 58.11
N CYS I 75 15.55 -2.76 57.40
CA CYS I 75 14.99 -1.99 56.25
C CYS I 75 14.04 -0.88 56.72
N ALA I 76 13.76 0.10 55.85
CA ALA I 76 12.83 1.21 56.18
C ALA I 76 11.39 0.75 56.06
N ALA I 77 10.44 1.58 56.50
CA ALA I 77 9.00 1.23 56.39
C ALA I 77 8.66 0.93 54.93
N GLY I 78 7.82 -0.08 54.69
CA GLY I 78 7.45 -0.49 53.33
C GLY I 78 6.89 -1.89 53.30
N TYR I 79 7.22 -2.69 52.28
CA TYR I 79 6.66 -4.05 52.15
C TYR I 79 7.78 -5.10 52.06
N ILE I 80 7.55 -6.30 52.61
CA ILE I 80 8.55 -7.42 52.47
C ILE I 80 7.81 -8.68 51.97
N ARG I 81 8.44 -9.47 51.10
CA ARG I 81 7.78 -10.67 50.50
C ARG I 81 8.77 -11.84 50.45
N ILE I 82 8.26 -13.08 50.55
CA ILE I 82 9.12 -14.30 50.45
C ILE I 82 8.73 -15.05 49.17
N ASN I 83 9.72 -15.45 48.37
CA ASN I 83 9.44 -16.14 47.08
C ASN I 83 10.11 -17.52 47.06
N ALA I 84 9.58 -18.46 46.27
CA ALA I 84 10.19 -19.81 46.11
C ALA I 84 10.41 -20.09 44.62
N PHE I 85 11.60 -20.57 44.24
CA PHE I 85 11.93 -20.80 42.80
C PHE I 85 12.13 -22.29 42.51
N ASN I 86 11.68 -22.75 41.33
CA ASN I 86 11.85 -24.17 40.92
C ASN I 86 12.66 -24.22 39.61
N ALA I 87 13.90 -24.73 39.64
CA ALA I 87 14.78 -24.71 38.44
C ALA I 87 14.64 -25.99 37.60
N ALA I 88 13.56 -26.76 37.78
CA ALA I 88 13.35 -28.02 37.02
C ALA I 88 13.03 -27.73 35.54
N TYR I 89 13.60 -28.51 34.61
CA TYR I 89 13.28 -28.38 33.16
C TYR I 89 11.77 -28.40 32.99
N GLY I 90 11.21 -27.44 32.27
CA GLY I 90 9.74 -27.34 32.10
C GLY I 90 9.17 -26.24 32.96
N THR I 91 9.95 -25.73 33.92
CA THR I 91 9.47 -24.66 34.83
C THR I 91 10.49 -23.53 34.85
N GLU I 92 11.56 -23.68 35.62
CA GLU I 92 12.63 -22.65 35.67
C GLU I 92 11.98 -21.29 35.94
N SER I 93 11.17 -21.20 37.00
CA SER I 93 10.46 -19.93 37.34
C SER I 93 10.05 -19.93 38.81
N CYS I 94 9.42 -18.85 39.28
CA CYS I 94 8.91 -18.80 40.67
C CYS I 94 7.63 -19.63 40.79
N VAL I 95 7.38 -20.26 41.93
CA VAL I 95 6.19 -21.14 42.09
C VAL I 95 5.40 -20.76 43.34
N MET I 96 5.84 -19.75 44.10
CA MET I 96 5.09 -19.26 45.28
C MET I 96 5.57 -17.86 45.66
N SER I 97 4.68 -17.02 46.21
CA SER I 97 5.05 -15.64 46.63
C SER I 97 3.97 -15.10 47.58
N PHE I 98 4.35 -14.60 48.76
CA PHE I 98 3.36 -14.02 49.71
C PHE I 98 3.97 -12.86 50.52
N ILE I 99 3.16 -11.86 50.89
CA ILE I 99 3.64 -10.69 51.67
C ILE I 99 3.79 -11.09 53.14
N VAL I 100 4.81 -10.55 53.83
CA VAL I 100 5.07 -10.92 55.25
C VAL I 100 5.37 -9.68 56.11
N ASN I 101 5.08 -8.47 55.62
CA ASN I 101 5.27 -7.21 56.40
C ASN I 101 4.65 -6.03 55.63
N ARG I 102 3.87 -5.19 56.30
CA ARG I 102 3.16 -4.08 55.61
C ARG I 102 3.41 -2.74 56.31
N PRO I 103 3.20 -1.56 55.67
CA PRO I 103 3.33 -0.27 56.36
C PRO I 103 2.12 0.00 57.27
N SER I 104 2.26 0.93 58.23
CA SER I 104 1.14 1.28 59.14
C SER I 104 -0.08 1.79 58.36
N ASN I 105 0.15 2.42 57.20
CA ASN I 105 -0.98 3.02 56.44
C ASN I 105 -0.65 3.03 54.94
N GLU I 106 -1.62 2.64 54.09
CA GLU I 106 -1.40 2.72 52.63
C GLU I 106 -2.54 3.51 51.99
N PRO I 107 -2.29 4.73 51.46
CA PRO I 107 -3.37 5.56 50.88
C PRO I 107 -3.93 4.97 49.58
N GLY I 108 -3.08 4.34 48.75
CA GLY I 108 -3.59 3.68 47.53
C GLY I 108 -3.22 4.39 46.23
N PHE I 109 -4.15 4.38 45.25
CA PHE I 109 -3.83 4.96 43.92
C PHE I 109 -5.03 5.70 43.33
N TYR I 110 -4.81 6.43 42.23
CA TYR I 110 -5.90 7.13 41.50
C TYR I 110 -5.61 7.05 40.00
N LEU I 111 -6.60 7.33 39.14
CA LEU I 111 -6.38 7.17 37.68
C LEU I 111 -6.32 8.53 36.96
N GLU I 112 -5.44 8.66 35.96
CA GLU I 112 -5.40 9.88 35.12
C GLU I 112 -5.88 9.49 33.72
N ARG I 113 -6.72 10.31 33.06
CA ARG I 113 -7.30 9.91 31.75
C ARG I 113 -6.94 10.88 30.62
N GLN I 114 -6.01 10.50 29.75
CA GLN I 114 -5.66 11.35 28.57
C GLN I 114 -6.58 10.99 27.40
N GLU I 115 -7.25 11.97 26.80
CA GLU I 115 -8.20 11.72 25.68
C GLU I 115 -7.44 11.75 24.35
N LEU I 116 -7.51 10.65 23.58
CA LEU I 116 -6.83 10.58 22.25
C LEU I 116 -7.86 10.57 21.11
N GLU I 117 -7.68 9.73 20.09
CA GLU I 117 -8.58 9.78 18.90
C GLU I 117 -9.98 9.22 19.21
N GLY I 118 -11.02 9.80 18.60
CA GLY I 118 -12.40 9.32 18.78
C GLY I 118 -12.81 9.33 20.25
N ARG I 119 -13.13 8.16 20.81
CA ARG I 119 -13.52 8.04 22.24
C ARG I 119 -12.43 7.31 23.04
N ARG I 120 -11.25 7.09 22.46
CA ARG I 120 -10.21 6.29 23.16
C ARG I 120 -9.59 7.07 24.32
N ILE I 121 -9.26 6.39 25.42
CA ILE I 121 -8.56 7.04 26.58
C ILE I 121 -7.25 6.30 26.85
N ALA I 122 -6.17 7.02 27.18
CA ALA I 122 -4.91 6.36 27.58
C ALA I 122 -4.82 6.51 29.11
N TYR I 123 -4.87 5.41 29.85
CA TYR I 123 -4.92 5.47 31.33
C TYR I 123 -3.54 5.41 31.98
N THR I 124 -3.36 6.07 33.13
CA THR I 124 -2.10 5.97 33.92
C THR I 124 -2.48 5.78 35.40
N THR I 125 -1.96 4.75 36.05
CA THR I 125 -2.24 4.51 37.50
C THR I 125 -1.17 5.23 38.35
N LYS I 126 -1.58 6.02 39.35
CA LYS I 126 -0.61 6.84 40.14
C LYS I 126 -0.66 6.52 41.64
N SER I 127 0.48 6.42 42.31
CA SER I 127 0.56 6.12 43.77
C SER I 127 0.66 7.42 44.58
N TYR I 128 -0.14 7.55 45.65
CA TYR I 128 -0.07 8.76 46.53
C TYR I 128 1.29 8.83 47.25
N SER I 129 1.75 7.72 47.84
CA SER I 129 3.03 7.68 48.61
C SER I 129 4.22 8.05 47.72
N VAL I 130 4.32 7.43 46.53
CA VAL I 130 5.47 7.68 45.61
C VAL I 130 5.50 9.16 45.23
N GLN I 131 4.40 9.69 44.70
CA GLN I 131 4.37 11.09 44.20
C GLN I 131 4.75 12.07 45.31
N ALA I 132 4.63 11.68 46.59
CA ALA I 132 4.85 12.66 47.69
C ALA I 132 6.28 12.66 48.23
N ASN I 133 6.96 11.52 48.28
CA ASN I 133 8.30 11.50 48.94
C ASN I 133 9.27 10.60 48.19
N PRO I 134 10.60 10.83 48.31
CA PRO I 134 11.61 9.96 47.68
C PRO I 134 11.76 8.60 48.37
N GLU I 135 12.40 7.64 47.69
CA GLU I 135 12.57 6.26 48.24
C GLU I 135 13.26 6.33 49.60
N GLY I 136 12.82 5.52 50.57
CA GLY I 136 13.39 5.57 51.92
C GLY I 136 12.50 6.33 52.90
N GLY I 137 11.72 7.30 52.41
CA GLY I 137 10.87 8.11 53.29
C GLY I 137 9.42 8.20 52.81
N ARG I 138 8.89 7.13 52.21
CA ARG I 138 7.52 7.17 51.66
C ARG I 138 6.49 6.71 52.71
N TYR I 139 6.92 5.95 53.72
CA TYR I 139 5.95 5.40 54.73
C TYR I 139 6.49 5.64 56.15
N MET J 1 -11.64 -34.40 -37.32
CA MET J 1 -12.08 -34.47 -35.90
C MET J 1 -13.59 -34.28 -35.81
N ARG J 2 -14.22 -34.86 -34.78
CA ARG J 2 -15.68 -34.68 -34.56
C ARG J 2 -15.87 -33.69 -33.41
N LEU J 3 -16.65 -32.64 -33.62
CA LEU J 3 -16.91 -31.63 -32.54
C LEU J 3 -17.80 -32.30 -31.48
N THR J 4 -17.40 -32.23 -30.20
CA THR J 4 -18.15 -32.97 -29.15
C THR J 4 -19.07 -32.05 -28.32
N GLN J 5 -19.50 -30.92 -28.88
CA GLN J 5 -20.47 -30.05 -28.17
C GLN J 5 -21.87 -30.70 -28.29
N GLY J 6 -22.72 -30.53 -27.29
CA GLY J 6 -24.08 -31.12 -27.33
C GLY J 6 -24.21 -32.32 -26.40
N CYS J 7 -25.43 -32.82 -26.19
CA CYS J 7 -25.64 -33.93 -25.22
C CYS J 7 -25.55 -35.32 -25.86
N PHE J 8 -25.60 -35.45 -27.20
CA PHE J 8 -25.60 -36.82 -27.80
C PHE J 8 -24.48 -37.00 -28.83
N SER J 9 -23.38 -36.26 -28.68
CA SER J 9 -22.30 -36.29 -29.71
C SER J 9 -21.46 -37.58 -29.63
N PHE J 10 -21.55 -38.35 -28.54
CA PHE J 10 -20.83 -39.65 -28.47
C PHE J 10 -21.69 -40.76 -29.09
N LEU J 11 -22.86 -40.40 -29.64
CA LEU J 11 -23.72 -41.39 -30.35
C LEU J 11 -23.65 -41.10 -31.85
N PRO J 12 -23.96 -42.05 -32.77
CA PRO J 12 -24.00 -41.76 -34.21
C PRO J 12 -24.98 -40.63 -34.53
N ASP J 13 -24.83 -40.01 -35.70
CA ASP J 13 -25.81 -38.96 -36.14
C ASP J 13 -27.23 -39.54 -35.99
N LEU J 14 -28.16 -38.76 -35.43
CA LEU J 14 -29.53 -39.30 -35.18
C LEU J 14 -30.40 -39.22 -36.44
N THR J 15 -31.32 -40.18 -36.60
CA THR J 15 -32.25 -40.17 -37.75
C THR J 15 -33.38 -39.17 -37.50
N ASP J 16 -34.19 -38.89 -38.53
CA ASP J 16 -35.31 -37.91 -38.40
C ASP J 16 -36.32 -38.42 -37.36
N GLN J 17 -36.60 -39.74 -37.39
CA GLN J 17 -37.52 -40.32 -36.37
C GLN J 17 -36.95 -40.10 -34.97
N GLN J 18 -35.65 -40.34 -34.80
CA GLN J 18 -35.00 -40.12 -33.48
C GLN J 18 -35.20 -38.66 -33.06
N ILE J 19 -34.90 -37.71 -33.94
CA ILE J 19 -35.03 -36.26 -33.61
C ILE J 19 -36.47 -35.98 -33.17
N GLU J 20 -37.45 -36.42 -33.95
CA GLU J 20 -38.89 -36.15 -33.65
C GLU J 20 -39.23 -36.60 -32.22
N LYS J 21 -38.72 -37.76 -31.78
CA LYS J 21 -39.04 -38.29 -30.43
C LYS J 21 -38.54 -37.31 -29.36
N GLN J 22 -37.30 -36.85 -29.48
CA GLN J 22 -36.71 -35.93 -28.46
C GLN J 22 -37.57 -34.65 -28.41
N ILE J 23 -37.97 -34.15 -29.58
CA ILE J 23 -38.84 -32.93 -29.63
C ILE J 23 -40.14 -33.25 -28.87
N ALA J 24 -40.76 -34.40 -29.15
CA ALA J 24 -42.02 -34.81 -28.48
C ALA J 24 -41.83 -34.83 -26.95
N TYR J 25 -40.63 -35.14 -26.47
CA TYR J 25 -40.36 -35.20 -25.02
C TYR J 25 -40.33 -33.79 -24.42
N CYS J 26 -39.75 -32.83 -25.16
CA CYS J 26 -39.63 -31.43 -24.64
C CYS J 26 -41.00 -30.74 -24.61
N ILE J 27 -41.87 -31.02 -25.59
CA ILE J 27 -43.20 -30.34 -25.66
C ILE J 27 -44.11 -30.92 -24.56
N THR J 28 -43.98 -32.21 -24.24
CA THR J 28 -44.76 -32.81 -23.14
C THR J 28 -44.45 -32.09 -21.83
N LYS J 29 -43.26 -31.47 -21.73
CA LYS J 29 -42.90 -30.70 -20.50
C LYS J 29 -43.43 -29.27 -20.61
N GLY J 30 -43.77 -28.80 -21.81
CA GLY J 30 -44.22 -27.40 -21.99
C GLY J 30 -43.09 -26.44 -22.33
N TRP J 31 -41.99 -26.94 -22.91
CA TRP J 31 -40.80 -26.06 -23.19
C TRP J 31 -40.93 -25.36 -24.55
N ALA J 32 -40.24 -24.23 -24.73
CA ALA J 32 -40.23 -23.50 -26.02
C ALA J 32 -39.02 -23.94 -26.86
N MET J 33 -39.20 -24.15 -28.17
CA MET J 33 -38.10 -24.71 -29.02
C MET J 33 -37.58 -23.66 -30.02
N ASN J 34 -36.29 -23.74 -30.39
CA ASN J 34 -35.74 -22.82 -31.44
C ASN J 34 -34.60 -23.51 -32.20
N VAL J 35 -34.20 -22.96 -33.36
CA VAL J 35 -33.14 -23.57 -34.22
C VAL J 35 -32.06 -22.51 -34.49
N GLU J 36 -30.78 -22.89 -34.45
CA GLU J 36 -29.67 -21.92 -34.65
C GLU J 36 -28.64 -22.46 -35.65
N TRP J 37 -27.77 -21.58 -36.19
CA TRP J 37 -26.73 -21.98 -37.19
C TRP J 37 -25.42 -21.20 -36.98
N THR J 38 -24.28 -21.80 -37.32
CA THR J 38 -22.99 -21.07 -37.24
C THR J 38 -21.90 -21.75 -38.07
N ASP J 39 -20.83 -21.02 -38.42
CA ASP J 39 -19.67 -21.66 -39.11
C ASP J 39 -18.42 -21.36 -38.29
N ASP J 40 -18.59 -20.88 -37.05
CA ASP J 40 -17.43 -20.65 -36.14
C ASP J 40 -17.66 -21.51 -34.89
N PRO J 41 -17.03 -22.70 -34.76
CA PRO J 41 -17.32 -23.60 -33.63
C PRO J 41 -16.43 -23.45 -32.38
N HIS J 42 -15.81 -22.28 -32.20
CA HIS J 42 -15.00 -22.02 -30.98
C HIS J 42 -15.86 -22.32 -29.74
N PRO J 43 -15.32 -22.97 -28.67
CA PRO J 43 -16.14 -23.32 -27.49
C PRO J 43 -16.65 -22.09 -26.71
N ARG J 44 -16.04 -20.92 -26.89
CA ARG J 44 -16.54 -19.68 -26.22
C ARG J 44 -17.39 -18.84 -27.18
N ASN J 45 -17.79 -19.39 -28.32
CA ASN J 45 -18.70 -18.66 -29.27
C ASN J 45 -20.13 -18.84 -28.77
N SER J 46 -20.59 -17.99 -27.85
CA SER J 46 -21.92 -18.18 -27.20
C SER J 46 -23.13 -17.93 -28.11
N TYR J 47 -23.08 -16.92 -28.98
CA TYR J 47 -24.30 -16.56 -29.75
C TYR J 47 -24.30 -17.11 -31.19
N TRP J 48 -24.97 -18.24 -31.42
CA TRP J 48 -25.13 -18.73 -32.82
C TRP J 48 -26.20 -17.85 -33.51
N GLU J 49 -26.35 -17.94 -34.83
CA GLU J 49 -27.32 -17.09 -35.57
C GLU J 49 -28.73 -17.67 -35.42
N LEU J 50 -29.75 -16.82 -35.20
CA LEU J 50 -31.14 -17.30 -34.94
C LEU J 50 -31.88 -17.59 -36.26
N TRP J 51 -32.64 -18.67 -36.31
CA TRP J 51 -33.47 -18.99 -37.51
C TRP J 51 -34.92 -18.67 -37.16
N GLY J 52 -35.37 -17.42 -37.39
CA GLY J 52 -36.73 -17.02 -37.00
C GLY J 52 -36.86 -16.85 -35.49
N LEU J 53 -38.09 -16.61 -35.00
CA LEU J 53 -38.34 -16.48 -33.53
C LEU J 53 -38.53 -17.87 -32.91
N PRO J 54 -38.42 -18.04 -31.56
CA PRO J 54 -38.69 -19.33 -30.92
C PRO J 54 -40.17 -19.71 -31.07
N LEU J 55 -40.47 -21.01 -31.19
CA LEU J 55 -41.87 -21.50 -31.30
C LEU J 55 -42.42 -21.67 -29.88
N PHE J 56 -43.18 -20.69 -29.38
CA PHE J 56 -43.63 -20.73 -27.96
C PHE J 56 -44.80 -21.69 -27.71
N ASP J 57 -45.92 -21.54 -28.43
CA ASP J 57 -47.12 -22.37 -28.10
C ASP J 57 -47.36 -23.48 -29.12
N VAL J 58 -46.39 -23.77 -30.00
CA VAL J 58 -46.56 -24.91 -30.95
C VAL J 58 -46.67 -26.20 -30.13
N LYS J 59 -47.68 -27.04 -30.42
CA LYS J 59 -47.89 -28.30 -29.67
C LYS J 59 -47.84 -29.50 -30.61
N ASP J 60 -46.97 -29.45 -31.63
CA ASP J 60 -46.88 -30.58 -32.60
C ASP J 60 -45.45 -30.61 -33.19
N PRO J 61 -44.66 -31.68 -33.01
CA PRO J 61 -43.27 -31.69 -33.49
C PRO J 61 -43.17 -31.42 -35.00
N ALA J 62 -44.22 -31.75 -35.75
CA ALA J 62 -44.21 -31.56 -37.23
C ALA J 62 -43.85 -30.12 -37.56
N SER J 63 -44.37 -29.15 -36.80
CA SER J 63 -44.03 -27.71 -37.03
C SER J 63 -42.52 -27.50 -36.88
N VAL J 64 -41.91 -28.07 -35.84
CA VAL J 64 -40.44 -27.93 -35.61
C VAL J 64 -39.67 -28.64 -36.75
N MET J 65 -40.08 -29.87 -37.08
CA MET J 65 -39.41 -30.63 -38.17
C MET J 65 -39.42 -29.81 -39.47
N PHE J 66 -40.56 -29.21 -39.81
CA PHE J 66 -40.65 -28.40 -41.06
C PHE J 66 -39.58 -27.31 -41.06
N GLU J 67 -39.50 -26.52 -39.99
CA GLU J 67 -38.54 -25.39 -39.94
C GLU J 67 -37.11 -25.92 -40.15
N LEU J 68 -36.73 -26.99 -39.45
CA LEU J 68 -35.37 -27.57 -39.60
C LEU J 68 -35.14 -27.96 -41.07
N ARG J 69 -36.13 -28.57 -41.72
CA ARG J 69 -36.00 -28.95 -43.14
C ARG J 69 -35.65 -27.72 -43.98
N GLU J 70 -36.34 -26.60 -43.76
CA GLU J 70 -36.09 -25.35 -44.53
C GLU J 70 -34.64 -24.91 -44.34
N ALA J 71 -34.22 -24.68 -43.09
CA ALA J 71 -32.83 -24.25 -42.80
C ALA J 71 -31.85 -25.15 -43.54
N ARG J 72 -32.05 -26.48 -43.48
CA ARG J 72 -31.11 -27.43 -44.12
C ARG J 72 -30.89 -27.07 -45.59
N LYS J 73 -31.96 -26.74 -46.31
CA LYS J 73 -31.83 -26.48 -47.78
C LYS J 73 -31.55 -25.01 -48.03
N SER J 74 -31.63 -24.16 -47.00
CA SER J 74 -31.46 -22.69 -47.19
C SER J 74 -30.08 -22.22 -46.70
N CYS J 75 -29.60 -22.72 -45.58
CA CYS J 75 -28.33 -22.20 -44.99
C CYS J 75 -27.09 -22.78 -45.68
N ALA J 76 -25.93 -22.14 -45.52
CA ALA J 76 -24.66 -22.62 -46.12
C ALA J 76 -24.10 -23.78 -45.30
N ALA J 77 -23.06 -24.46 -45.81
CA ALA J 77 -22.42 -25.56 -45.06
C ALA J 77 -21.97 -25.08 -43.69
N GLY J 78 -22.13 -25.90 -42.65
CA GLY J 78 -21.79 -25.50 -41.28
C GLY J 78 -22.47 -26.40 -40.26
N TYR J 79 -22.93 -25.83 -39.14
CA TYR J 79 -23.55 -26.64 -38.07
C TYR J 79 -24.97 -26.13 -37.75
N ILE J 80 -25.89 -27.03 -37.39
CA ILE J 80 -27.26 -26.61 -36.94
C ILE J 80 -27.58 -27.29 -35.60
N ARG J 81 -28.26 -26.59 -34.69
CA ARG J 81 -28.57 -27.15 -33.33
C ARG J 81 -30.00 -26.79 -32.92
N ILE J 82 -30.64 -27.65 -32.12
CA ILE J 82 -32.01 -27.38 -31.60
C ILE J 82 -31.93 -27.18 -30.09
N ASN J 83 -32.56 -26.12 -29.57
CA ASN J 83 -32.49 -25.82 -28.12
C ASN J 83 -33.90 -25.79 -27.51
N ALA J 84 -34.02 -26.04 -26.20
CA ALA J 84 -35.33 -25.97 -25.49
C ALA J 84 -35.19 -25.03 -24.28
N PHE J 85 -36.13 -24.11 -24.10
CA PHE J 85 -36.04 -23.10 -23.00
C PHE J 85 -37.16 -23.30 -21.97
N ASN J 86 -36.86 -23.10 -20.68
CA ASN J 86 -37.87 -23.22 -19.60
C ASN J 86 -37.97 -21.89 -18.85
N ALA J 87 -39.10 -21.17 -18.97
CA ALA J 87 -39.23 -19.82 -18.37
C ALA J 87 -39.82 -19.87 -16.95
N ALA J 88 -39.79 -21.03 -16.29
CA ALA J 88 -40.34 -21.17 -14.92
C ALA J 88 -39.48 -20.45 -13.88
N TYR J 89 -40.10 -19.76 -12.91
CA TYR J 89 -39.35 -19.11 -11.81
C TYR J 89 -38.40 -20.13 -11.17
N GLY J 90 -37.13 -19.78 -11.02
CA GLY J 90 -36.13 -20.73 -10.49
C GLY J 90 -35.25 -21.28 -11.60
N THR J 91 -35.65 -21.08 -12.85
CA THR J 91 -34.86 -21.60 -14.00
C THR J 91 -34.65 -20.47 -15.01
N GLU J 92 -35.64 -20.18 -15.83
CA GLU J 92 -35.55 -19.08 -16.81
C GLU J 92 -34.25 -19.23 -17.60
N SER J 93 -34.03 -20.42 -18.19
CA SER J 93 -32.78 -20.70 -18.95
C SER J 93 -33.01 -21.86 -19.92
N CYS J 94 -31.98 -22.22 -20.70
CA CYS J 94 -32.08 -23.39 -21.61
C CYS J 94 -31.96 -24.68 -20.79
N VAL J 95 -32.65 -25.75 -21.21
CA VAL J 95 -32.63 -27.02 -20.43
C VAL J 95 -32.27 -28.21 -21.34
N MET J 96 -32.04 -27.97 -22.64
CA MET J 96 -31.61 -29.05 -23.57
C MET J 96 -30.99 -28.43 -24.82
N SER J 97 -30.01 -29.12 -25.43
CA SER J 97 -29.35 -28.61 -26.67
C SER J 97 -28.61 -29.77 -27.35
N PHE J 98 -28.85 -30.01 -28.65
CA PHE J 98 -28.13 -31.09 -29.38
C PHE J 98 -27.92 -30.70 -30.86
N ILE J 99 -26.80 -31.17 -31.45
CA ILE J 99 -26.49 -30.86 -32.88
C ILE J 99 -27.33 -31.75 -33.79
N VAL J 100 -27.76 -31.23 -34.94
CA VAL J 100 -28.65 -32.00 -35.87
C VAL J 100 -28.19 -31.86 -37.33
N ASN J 101 -26.96 -31.35 -37.58
CA ASN J 101 -26.39 -31.24 -38.95
C ASN J 101 -24.92 -30.84 -38.88
N ARG J 102 -24.04 -31.51 -39.63
CA ARG J 102 -22.58 -31.25 -39.53
C ARG J 102 -21.97 -31.01 -40.92
N PRO J 103 -20.77 -30.38 -41.05
CA PRO J 103 -20.13 -30.24 -42.37
C PRO J 103 -19.49 -31.57 -42.83
N SER J 104 -19.21 -31.69 -44.13
CA SER J 104 -18.59 -32.92 -44.69
C SER J 104 -17.32 -33.30 -43.92
N ASN J 105 -16.55 -32.31 -43.48
CA ASN J 105 -15.28 -32.60 -42.76
C ASN J 105 -14.86 -31.38 -41.92
N GLU J 106 -14.31 -31.63 -40.73
CA GLU J 106 -13.90 -30.51 -39.83
C GLU J 106 -12.42 -30.70 -39.45
N PRO J 107 -11.50 -29.77 -39.84
CA PRO J 107 -10.07 -29.95 -39.53
C PRO J 107 -9.77 -29.80 -38.03
N GLY J 108 -10.46 -28.91 -37.32
CA GLY J 108 -10.27 -28.80 -35.86
C GLY J 108 -9.55 -27.54 -35.41
N PHE J 109 -8.70 -27.64 -34.39
CA PHE J 109 -8.03 -26.44 -33.82
C PHE J 109 -6.58 -26.73 -33.44
N TYR J 110 -5.82 -25.67 -33.11
CA TYR J 110 -4.43 -25.80 -32.62
C TYR J 110 -4.18 -24.74 -31.55
N LEU J 111 -3.11 -24.86 -30.77
CA LEU J 111 -2.89 -23.91 -29.64
C LEU J 111 -1.70 -22.97 -29.91
N GLU J 112 -1.81 -21.70 -29.52
CA GLU J 112 -0.67 -20.76 -29.62
C GLU J 112 -0.22 -20.42 -28.19
N ARG J 113 1.09 -20.38 -27.91
CA ARG J 113 1.56 -20.19 -26.52
C ARG J 113 2.42 -18.93 -26.36
N GLN J 114 1.87 -17.86 -25.78
CA GLN J 114 2.67 -16.63 -25.50
C GLN J 114 3.31 -16.74 -24.12
N GLU J 115 4.63 -16.54 -24.04
CA GLU J 115 5.37 -16.68 -22.75
C GLU J 115 5.35 -15.34 -22.00
N LEU J 116 4.83 -15.32 -20.77
CA LEU J 116 4.79 -14.07 -19.96
C LEU J 116 5.77 -14.17 -18.77
N GLU J 117 5.37 -13.73 -17.57
CA GLU J 117 6.32 -13.68 -16.42
C GLU J 117 6.66 -15.09 -15.89
N GLY J 118 7.90 -15.29 -15.43
CA GLY J 118 8.32 -16.58 -14.86
C GLY J 118 8.10 -17.73 -15.82
N ARG J 119 7.25 -18.69 -15.46
CA ARG J 119 6.94 -19.86 -16.34
C ARG J 119 5.50 -19.78 -16.86
N ARG J 120 4.81 -18.65 -16.67
CA ARG J 120 3.38 -18.56 -17.05
C ARG J 120 3.21 -18.52 -18.58
N ILE J 121 2.17 -19.16 -19.11
CA ILE J 121 1.86 -19.09 -20.58
C ILE J 121 0.44 -18.53 -20.76
N ALA J 122 0.22 -17.68 -21.77
CA ALA J 122 -1.14 -17.23 -22.10
C ALA J 122 -1.58 -17.99 -23.35
N TYR J 123 -2.60 -18.84 -23.24
CA TYR J 123 -2.99 -19.73 -24.37
C TYR J 123 -4.07 -19.11 -25.26
N THR J 124 -4.06 -19.42 -26.56
CA THR J 124 -5.13 -18.99 -27.49
C THR J 124 -5.51 -20.20 -28.37
N THR J 125 -6.80 -20.55 -28.42
CA THR J 125 -7.27 -21.68 -29.28
C THR J 125 -7.65 -21.15 -30.67
N LYS J 126 -7.14 -21.76 -31.75
CA LYS J 126 -7.38 -21.22 -33.12
C LYS J 126 -8.05 -22.24 -34.05
N SER J 127 -9.02 -21.82 -34.85
CA SER J 127 -9.75 -22.73 -35.79
C SER J 127 -9.12 -22.67 -37.19
N TYR J 128 -8.88 -23.84 -37.81
CA TYR J 128 -8.31 -23.88 -39.19
C TYR J 128 -9.31 -23.28 -40.20
N SER J 129 -10.58 -23.68 -40.15
CA SER J 129 -11.62 -23.19 -41.11
C SER J 129 -11.79 -21.67 -41.04
N VAL J 130 -11.93 -21.13 -39.82
CA VAL J 130 -12.14 -19.66 -39.64
C VAL J 130 -10.94 -18.90 -40.23
N GLN J 131 -9.72 -19.22 -39.79
CA GLN J 131 -8.52 -18.45 -40.22
C GLN J 131 -8.38 -18.48 -41.75
N ALA J 132 -9.00 -19.44 -42.44
CA ALA J 132 -8.76 -19.59 -43.89
C ALA J 132 -9.79 -18.86 -44.77
N ASN J 133 -11.05 -18.78 -44.36
CA ASN J 133 -12.07 -18.20 -45.27
C ASN J 133 -13.08 -17.36 -44.51
N PRO J 134 -13.72 -16.33 -45.12
CA PRO J 134 -14.77 -15.55 -44.45
C PRO J 134 -16.08 -16.32 -44.22
N GLU J 135 -16.96 -15.78 -43.37
CA GLU J 135 -18.24 -16.46 -43.04
C GLU J 135 -19.05 -16.71 -44.32
N GLY J 136 -19.70 -17.88 -44.43
CA GLY J 136 -20.43 -18.23 -45.66
C GLY J 136 -19.64 -19.19 -46.55
N GLY J 137 -18.31 -19.15 -46.50
CA GLY J 137 -17.48 -20.01 -47.36
C GLY J 137 -16.41 -20.76 -46.60
N ARG J 138 -16.69 -21.18 -45.36
CA ARG J 138 -15.66 -21.85 -44.53
C ARG J 138 -15.71 -23.37 -44.72
N TYR J 139 -16.86 -23.91 -45.16
CA TYR J 139 -17.00 -25.39 -45.29
C TYR J 139 -17.60 -25.75 -46.65
N MET K 1 -16.60 26.40 42.53
CA MET K 1 -17.39 26.10 41.31
C MET K 1 -18.53 25.14 41.64
N ARG K 2 -19.64 25.21 40.89
CA ARG K 2 -20.78 24.28 41.08
C ARG K 2 -20.74 23.23 39.96
N LEU K 3 -20.75 21.95 40.31
CA LEU K 3 -20.74 20.87 39.27
C LEU K 3 -22.10 20.88 38.56
N THR K 4 -22.12 20.92 37.23
CA THR K 4 -23.42 21.06 36.50
C THR K 4 -23.91 19.73 35.90
N GLN K 5 -23.49 18.59 36.46
CA GLN K 5 -24.02 17.29 35.99
C GLN K 5 -25.44 17.12 36.56
N GLY K 6 -26.32 16.43 35.84
CA GLY K 6 -27.71 16.22 36.32
C GLY K 6 -28.71 17.09 35.58
N CYS K 7 -30.01 16.85 35.78
CA CYS K 7 -31.04 17.59 35.01
C CYS K 7 -31.52 18.88 35.71
N PHE K 8 -31.24 19.08 37.01
CA PHE K 8 -31.79 20.27 37.70
C PHE K 8 -30.68 21.12 38.37
N SER K 9 -29.45 21.05 37.84
CA SER K 9 -28.31 21.74 38.51
C SER K 9 -28.34 23.27 38.31
N PHE K 10 -29.14 23.77 37.36
CA PHE K 10 -29.28 25.25 37.20
C PHE K 10 -30.37 25.78 38.13
N LEU K 11 -30.95 24.91 38.96
CA LEU K 11 -31.94 25.36 39.97
C LEU K 11 -31.31 25.27 41.36
N PRO K 12 -31.80 25.99 42.40
CA PRO K 12 -31.25 25.84 43.76
C PRO K 12 -31.35 24.40 44.26
N ASP K 13 -30.57 24.05 45.28
CA ASP K 13 -30.67 22.69 45.89
C ASP K 13 -32.16 22.42 46.21
N LEU K 14 -32.65 21.22 45.89
CA LEU K 14 -34.10 20.92 46.08
C LEU K 14 -34.39 20.52 47.53
N THR K 15 -35.58 20.86 48.03
CA THR K 15 -35.99 20.44 49.41
C THR K 15 -36.42 18.98 49.41
N ASP K 16 -36.61 18.40 50.60
CA ASP K 16 -37.03 16.97 50.70
C ASP K 16 -38.41 16.80 50.06
N GLN K 17 -39.30 17.77 50.26
CA GLN K 17 -40.66 17.70 49.65
C GLN K 17 -40.51 17.70 48.13
N GLN K 18 -39.64 18.57 47.60
CA GLN K 18 -39.40 18.60 46.13
C GLN K 18 -38.91 17.22 45.66
N ILE K 19 -37.91 16.65 46.33
CA ILE K 19 -37.35 15.33 45.92
C ILE K 19 -38.47 14.30 45.89
N GLU K 20 -39.27 14.22 46.96
CA GLU K 20 -40.36 13.21 47.06
C GLU K 20 -41.28 13.28 45.84
N LYS K 21 -41.61 14.50 45.37
CA LYS K 21 -42.54 14.66 44.21
C LYS K 21 -41.94 14.02 42.96
N GLN K 22 -40.67 14.28 42.68
CA GLN K 22 -40.01 13.73 41.47
C GLN K 22 -40.03 12.19 41.56
N ILE K 23 -39.75 11.65 42.74
CA ILE K 23 -39.80 10.17 42.94
C ILE K 23 -41.22 9.70 42.62
N ALA K 24 -42.24 10.36 43.17
CA ALA K 24 -43.66 9.99 42.92
C ALA K 24 -43.96 9.98 41.42
N TYR K 25 -43.30 10.83 40.64
CA TYR K 25 -43.54 10.90 39.18
C TYR K 25 -42.94 9.67 38.48
N CYS K 26 -41.76 9.23 38.93
CA CYS K 26 -41.07 8.06 38.29
C CYS K 26 -41.81 6.75 38.60
N ILE K 27 -42.37 6.62 39.80
CA ILE K 27 -43.05 5.35 40.20
C ILE K 27 -44.41 5.27 39.47
N THR K 28 -45.07 6.39 39.25
CA THR K 28 -46.34 6.39 38.48
C THR K 28 -46.08 5.84 37.06
N LYS K 29 -44.85 5.93 36.57
CA LYS K 29 -44.50 5.38 35.24
C LYS K 29 -44.14 3.89 35.36
N GLY K 30 -43.81 3.42 36.57
CA GLY K 30 -43.39 2.01 36.75
C GLY K 30 -41.88 1.83 36.67
N TRP K 31 -41.09 2.87 36.94
CA TRP K 31 -39.60 2.78 36.79
C TRP K 31 -38.94 2.24 38.06
N ALA K 32 -37.74 1.67 37.94
CA ALA K 32 -36.97 1.16 39.10
C ALA K 32 -36.00 2.24 39.59
N MET K 33 -35.87 2.44 40.91
CA MET K 33 -35.04 3.56 41.45
C MET K 33 -33.79 3.03 42.17
N ASN K 34 -32.69 3.80 42.15
CA ASN K 34 -31.46 3.41 42.91
C ASN K 34 -30.70 4.66 43.37
N VAL K 35 -29.75 4.49 44.31
CA VAL K 35 -28.97 5.64 44.88
C VAL K 35 -27.47 5.34 44.74
N GLU K 36 -26.66 6.34 44.36
CA GLU K 36 -25.20 6.12 44.14
C GLU K 36 -24.38 7.20 44.84
N TRP K 37 -23.06 6.96 45.03
CA TRP K 37 -22.15 7.93 45.72
C TRP K 37 -20.76 7.94 45.07
N THR K 38 -20.06 9.08 45.12
CA THR K 38 -18.67 9.14 44.60
C THR K 38 -17.92 10.36 45.14
N ASP K 39 -16.58 10.33 45.10
CA ASP K 39 -15.79 11.53 45.48
C ASP K 39 -14.87 11.88 44.31
N ASP K 40 -15.11 11.28 43.14
CA ASP K 40 -14.33 11.62 41.92
C ASP K 40 -15.32 12.11 40.86
N PRO K 41 -15.49 13.45 40.66
CA PRO K 41 -16.52 13.96 39.74
C PRO K 41 -16.09 14.19 38.28
N HIS K 42 -15.03 13.51 37.83
CA HIS K 42 -14.60 13.62 36.41
C HIS K 42 -15.81 13.31 35.50
N PRO K 43 -16.02 14.05 34.38
CA PRO K 43 -17.20 13.82 33.52
C PRO K 43 -17.19 12.45 32.82
N ARG K 44 -16.03 11.79 32.72
CA ARG K 44 -15.97 10.43 32.12
C ARG K 44 -15.93 9.35 33.21
N ASN K 45 -16.21 9.70 34.47
CA ASN K 45 -16.28 8.68 35.56
C ASN K 45 -17.66 8.03 35.52
N SER K 46 -17.85 7.00 34.70
CA SER K 46 -19.20 6.41 34.48
C SER K 46 -19.77 5.64 35.68
N TYR K 47 -18.94 4.89 36.41
CA TYR K 47 -19.51 4.00 37.47
C TYR K 47 -19.38 4.58 38.88
N TRP K 48 -20.45 5.21 39.40
CA TRP K 48 -20.43 5.65 40.82
C TRP K 48 -20.62 4.40 41.71
N GLU K 49 -20.41 4.52 43.01
CA GLU K 49 -20.52 3.35 43.93
C GLU K 49 -22.00 3.08 44.24
N LEU K 50 -22.43 1.80 44.26
CA LEU K 50 -23.86 1.46 44.45
C LEU K 50 -24.23 1.42 45.95
N TRP K 51 -25.39 1.94 46.31
CA TRP K 51 -25.87 1.88 47.72
C TRP K 51 -26.97 0.81 47.78
N GLY K 52 -26.60 -0.45 48.02
CA GLY K 52 -27.59 -1.55 48.01
C GLY K 52 -28.04 -1.89 46.60
N LEU K 53 -29.04 -2.78 46.46
CA LEU K 53 -29.60 -3.15 45.13
C LEU K 53 -30.65 -2.13 44.70
N PRO K 54 -31.04 -2.05 43.40
CA PRO K 54 -32.13 -1.16 42.98
C PRO K 54 -33.47 -1.58 43.58
N LEU K 55 -34.35 -0.63 43.90
CA LEU K 55 -35.69 -0.93 44.46
C LEU K 55 -36.64 -1.20 43.29
N PHE K 56 -36.87 -2.47 42.95
CA PHE K 56 -37.67 -2.79 41.73
C PHE K 56 -39.18 -2.61 41.92
N ASP K 57 -39.80 -3.29 42.89
CA ASP K 57 -41.29 -3.25 42.98
C ASP K 57 -41.78 -2.35 44.13
N VAL K 58 -40.90 -1.51 44.70
CA VAL K 58 -41.37 -0.56 45.75
C VAL K 58 -42.37 0.42 45.12
N LYS K 59 -43.53 0.60 45.74
CA LYS K 59 -44.59 1.49 45.19
C LYS K 59 -44.90 2.61 46.20
N ASP K 60 -43.89 3.11 46.91
CA ASP K 60 -44.11 4.20 47.90
C ASP K 60 -42.83 5.01 48.05
N PRO K 61 -42.80 6.34 47.75
CA PRO K 61 -41.55 7.11 47.80
C PRO K 61 -40.91 7.06 49.18
N ALA K 62 -41.70 6.85 50.23
CA ALA K 62 -41.16 6.82 51.61
C ALA K 62 -40.02 5.81 51.71
N SER K 63 -40.14 4.66 51.06
CA SER K 63 -39.05 3.65 51.06
C SER K 63 -37.77 4.25 50.46
N VAL K 64 -37.87 4.97 49.35
CA VAL K 64 -36.69 5.60 48.69
C VAL K 64 -36.14 6.70 49.60
N MET K 65 -37.01 7.55 50.14
CA MET K 65 -36.57 8.65 51.05
C MET K 65 -35.77 8.06 52.22
N PHE K 66 -36.26 6.98 52.83
CA PHE K 66 -35.54 6.35 53.97
C PHE K 66 -34.11 5.99 53.58
N GLU K 67 -33.95 5.28 52.46
CA GLU K 67 -32.59 4.83 52.03
C GLU K 67 -31.67 6.04 51.87
N LEU K 68 -32.14 7.09 51.20
CA LEU K 68 -31.31 8.31 50.99
C LEU K 68 -30.90 8.88 52.35
N ARG K 69 -31.84 8.93 53.31
CA ARG K 69 -31.52 9.45 54.67
C ARG K 69 -30.34 8.66 55.26
N GLU K 70 -30.37 7.33 55.16
CA GLU K 70 -29.29 6.48 55.71
C GLU K 70 -27.94 6.85 55.07
N ALA K 71 -27.85 6.76 53.74
CA ALA K 71 -26.60 7.10 53.03
C ALA K 71 -26.09 8.45 53.53
N ARG K 72 -26.95 9.45 53.64
CA ARG K 72 -26.53 10.81 54.05
C ARG K 72 -25.73 10.74 55.36
N LYS K 73 -26.21 9.98 56.34
CA LYS K 73 -25.54 9.95 57.67
C LYS K 73 -24.46 8.87 57.70
N SER K 74 -24.38 8.02 56.66
CA SER K 74 -23.41 6.89 56.68
C SER K 74 -22.20 7.16 55.78
N CYS K 75 -22.41 7.75 54.61
CA CYS K 75 -21.29 7.94 53.63
C CYS K 75 -20.40 9.14 53.99
N ALA K 76 -19.19 9.19 53.43
CA ALA K 76 -18.26 10.32 53.69
C ALA K 76 -18.65 11.53 52.84
N ALA K 77 -18.04 12.69 53.08
CA ALA K 77 -18.32 13.90 52.29
C ALA K 77 -18.10 13.60 50.79
N GLY K 78 -18.96 14.13 49.93
CA GLY K 78 -18.88 13.86 48.49
C GLY K 78 -20.19 14.17 47.79
N TYR K 79 -20.58 13.36 46.81
CA TYR K 79 -21.82 13.63 46.03
C TYR K 79 -22.77 12.42 46.09
N ILE K 80 -24.09 12.66 46.09
CA ILE K 80 -25.09 11.54 46.03
C ILE K 80 -26.09 11.83 44.90
N ARG K 81 -26.53 10.81 44.17
CA ARG K 81 -27.46 11.01 43.01
C ARG K 81 -28.53 9.92 43.00
N ILE K 82 -29.73 10.24 42.50
CA ILE K 82 -30.84 9.24 42.38
C ILE K 82 -31.10 8.99 40.89
N ASN K 83 -31.20 7.72 40.49
CA ASN K 83 -31.41 7.37 39.06
C ASN K 83 -32.70 6.56 38.88
N ALA K 84 -33.30 6.60 37.69
CA ALA K 84 -34.51 5.79 37.39
C ALA K 84 -34.27 4.97 36.12
N PHE K 85 -34.58 3.67 36.14
CA PHE K 85 -34.29 2.77 34.98
C PHE K 85 -35.59 2.26 34.34
N ASN K 86 -35.61 2.13 33.01
CA ASN K 86 -36.81 1.61 32.28
C ASN K 86 -36.39 0.37 31.48
N ALA K 87 -36.88 -0.82 31.86
CA ALA K 87 -36.44 -2.07 31.20
C ALA K 87 -37.36 -2.47 30.02
N ALA K 88 -38.14 -1.53 29.49
CA ALA K 88 -39.06 -1.82 28.36
C ALA K 88 -38.28 -2.07 27.05
N TYR K 89 -38.69 -3.05 26.25
CA TYR K 89 -38.07 -3.30 24.92
C TYR K 89 -38.04 -1.99 24.13
N GLY K 90 -36.88 -1.62 23.59
CA GLY K 90 -36.74 -0.34 22.87
C GLY K 90 -36.00 0.68 23.72
N THR K 91 -35.85 0.41 25.02
CA THR K 91 -35.17 1.36 25.93
C THR K 91 -34.11 0.60 26.73
N GLU K 92 -34.52 -0.11 27.78
CA GLU K 92 -33.57 -0.91 28.59
C GLU K 92 -32.38 -0.01 28.98
N SER K 93 -32.66 1.16 29.58
CA SER K 93 -31.59 2.11 29.97
C SER K 93 -32.10 3.05 31.06
N CYS K 94 -31.25 3.97 31.54
CA CYS K 94 -31.68 4.98 32.53
C CYS K 94 -32.51 6.07 31.83
N VAL K 95 -33.49 6.65 32.52
CA VAL K 95 -34.38 7.67 31.87
C VAL K 95 -34.45 8.94 32.74
N MET K 96 -33.77 8.97 33.89
CA MET K 96 -33.72 10.18 34.74
C MET K 96 -32.53 10.09 35.70
N SER K 97 -31.94 11.24 36.06
CA SER K 97 -30.79 11.27 37.01
C SER K 97 -30.61 12.70 37.54
N PHE K 98 -30.55 12.88 38.86
CA PHE K 98 -30.33 14.23 39.44
C PHE K 98 -29.54 14.16 40.76
N ILE K 99 -28.71 15.17 41.04
CA ILE K 99 -27.89 15.21 42.30
C ILE K 99 -28.78 15.61 43.48
N VAL K 100 -28.51 15.03 44.66
CA VAL K 100 -29.36 15.28 45.85
C VAL K 100 -28.49 15.54 47.11
N ASN K 101 -27.17 15.75 46.93
CA ASN K 101 -26.26 16.08 48.07
C ASN K 101 -24.89 16.52 47.53
N ARG K 102 -24.32 17.61 48.07
CA ARG K 102 -23.04 18.15 47.52
C ARG K 102 -22.03 18.39 48.65
N PRO K 103 -20.70 18.49 48.38
CA PRO K 103 -19.73 18.83 49.44
C PRO K 103 -19.79 20.32 49.80
N SER K 104 -19.25 20.70 50.96
CA SER K 104 -19.23 22.12 51.40
C SER K 104 -18.49 23.00 50.37
N ASN K 105 -17.50 22.44 49.68
CA ASN K 105 -16.67 23.25 48.75
C ASN K 105 -16.15 22.38 47.60
N GLU K 106 -16.22 22.88 46.36
CA GLU K 106 -15.64 22.12 45.22
C GLU K 106 -14.68 23.02 44.46
N PRO K 107 -13.35 22.77 44.48
CA PRO K 107 -12.37 23.64 43.81
C PRO K 107 -12.48 23.56 42.27
N GLY K 108 -12.77 22.38 41.72
CA GLY K 108 -12.98 22.27 40.26
C GLY K 108 -11.86 21.53 39.52
N PHE K 109 -11.54 21.98 38.31
CA PHE K 109 -10.53 21.27 37.48
C PHE K 109 -9.63 22.24 36.72
N TYR K 110 -8.57 21.72 36.09
CA TYR K 110 -7.66 22.53 35.24
C TYR K 110 -7.21 21.67 34.05
N LEU K 111 -6.65 22.28 33.00
CA LEU K 111 -6.30 21.49 31.79
C LEU K 111 -4.78 21.35 31.62
N GLU K 112 -4.31 20.18 31.17
CA GLU K 112 -2.87 19.99 30.86
C GLU K 112 -2.75 19.82 29.34
N ARG K 113 -1.76 20.45 28.69
CA ARG K 113 -1.69 20.42 27.20
C ARG K 113 -0.38 19.79 26.70
N GLN K 114 -0.43 18.55 26.21
CA GLN K 114 0.77 17.90 25.62
C GLN K 114 0.83 18.22 24.12
N GLU K 115 1.97 18.73 23.65
CA GLU K 115 2.11 19.13 22.21
C GLU K 115 2.59 17.92 21.39
N LEU K 116 1.82 17.54 20.37
CA LEU K 116 2.22 16.38 19.50
C LEU K 116 2.61 16.88 18.10
N GLU K 117 2.17 16.20 17.03
CA GLU K 117 2.62 16.57 15.65
C GLU K 117 2.00 17.89 15.17
N GLY K 118 2.75 18.67 14.39
CA GLY K 118 2.24 19.93 13.83
C GLY K 118 1.74 20.87 14.91
N ARG K 119 0.44 21.21 14.89
CA ARG K 119 -0.15 22.11 15.92
C ARG K 119 -1.12 21.33 16.82
N ARG K 120 -1.13 19.99 16.74
CA ARG K 120 -2.12 19.20 17.52
C ARG K 120 -1.78 19.20 19.02
N ILE K 121 -2.80 19.23 19.88
CA ILE K 121 -2.59 19.15 21.36
C ILE K 121 -3.37 17.94 21.91
N ALA K 122 -2.81 17.19 22.86
CA ALA K 122 -3.57 16.11 23.53
C ALA K 122 -3.95 16.64 24.91
N TYR K 123 -5.25 16.81 25.17
CA TYR K 123 -5.71 17.44 26.43
C TYR K 123 -5.99 16.43 27.55
N THR K 124 -5.76 16.81 28.81
CA THR K 124 -6.12 15.96 29.97
C THR K 124 -6.81 16.85 31.01
N THR K 125 -8.01 16.48 31.47
CA THR K 125 -8.73 17.26 32.52
C THR K 125 -8.35 16.73 33.91
N LYS K 126 -7.95 17.60 34.85
CA LYS K 126 -7.46 17.14 36.17
C LYS K 126 -8.27 17.73 37.34
N SER K 127 -8.59 16.93 38.35
CA SER K 127 -9.38 17.39 39.54
C SER K 127 -8.44 17.79 40.68
N TYR K 128 -8.69 18.96 41.31
CA TYR K 128 -7.86 19.41 42.46
C TYR K 128 -8.04 18.46 43.66
N SER K 129 -9.29 18.11 44.01
CA SER K 129 -9.58 17.25 45.19
C SER K 129 -8.94 15.87 45.04
N VAL K 130 -9.11 15.23 43.87
CA VAL K 130 -8.55 13.86 43.64
C VAL K 130 -7.03 13.89 43.78
N GLN K 131 -6.35 14.77 43.04
CA GLN K 131 -4.87 14.80 43.05
C GLN K 131 -4.32 15.03 44.46
N ALA K 132 -5.13 15.58 45.38
CA ALA K 132 -4.60 15.95 46.72
C ALA K 132 -4.77 14.85 47.77
N ASN K 133 -5.86 14.09 47.74
CA ASN K 133 -6.11 13.13 48.85
C ASN K 133 -6.69 11.82 48.34
N PRO K 134 -6.50 10.67 49.02
CA PRO K 134 -7.12 9.40 48.62
C PRO K 134 -8.64 9.34 48.85
N GLU K 135 -9.31 8.35 48.25
CA GLU K 135 -10.78 8.22 48.37
C GLU K 135 -11.18 8.12 49.85
N GLY K 136 -12.29 8.78 50.24
CA GLY K 136 -12.70 8.80 51.65
C GLY K 136 -12.32 10.09 52.36
N GLY K 137 -11.25 10.76 51.92
CA GLY K 137 -10.78 12.00 52.57
C GLY K 137 -10.54 13.13 51.59
N ARG K 138 -11.34 13.23 50.52
CA ARG K 138 -11.12 14.27 49.49
C ARG K 138 -11.91 15.55 49.82
N TYR K 139 -12.98 15.45 50.62
CA TYR K 139 -13.84 16.63 50.91
C TYR K 139 -14.11 16.73 52.42
N MET L 1 -19.40 -8.88 -47.50
CA MET L 1 -19.95 -7.94 -46.49
C MET L 1 -19.81 -6.50 -46.98
N ARG L 2 -20.71 -5.61 -46.54
CA ARG L 2 -20.62 -4.17 -46.90
C ARG L 2 -20.09 -3.41 -45.69
N LEU L 3 -19.03 -2.63 -45.87
CA LEU L 3 -18.46 -1.83 -44.74
C LEU L 3 -19.45 -0.70 -44.41
N THR L 4 -19.83 -0.56 -43.13
CA THR L 4 -20.89 0.43 -42.78
C THR L 4 -20.31 1.72 -42.16
N GLN L 5 -19.06 2.06 -42.46
CA GLN L 5 -18.49 3.34 -41.98
C GLN L 5 -19.06 4.47 -42.87
N GLY L 6 -19.25 5.66 -42.31
CA GLY L 6 -19.79 6.79 -43.09
C GLY L 6 -21.23 7.10 -42.74
N CYS L 7 -21.78 8.23 -43.22
CA CYS L 7 -23.15 8.64 -42.83
C CYS L 7 -24.24 8.10 -43.77
N PHE L 8 -23.90 7.60 -44.98
CA PHE L 8 -24.97 7.18 -45.92
C PHE L 8 -24.79 5.72 -46.39
N SER L 9 -24.14 4.88 -45.57
CA SER L 9 -23.82 3.50 -46.01
C SER L 9 -25.05 2.57 -46.00
N PHE L 10 -26.15 2.98 -45.36
CA PHE L 10 -27.40 2.17 -45.40
C PHE L 10 -28.23 2.55 -46.64
N LEU L 11 -27.70 3.45 -47.48
CA LEU L 11 -28.39 3.80 -48.75
C LEU L 11 -27.60 3.21 -49.91
N PRO L 12 -28.18 2.99 -51.12
CA PRO L 12 -27.39 2.51 -52.28
C PRO L 12 -26.22 3.44 -52.61
N ASP L 13 -25.24 2.94 -53.35
CA ASP L 13 -24.11 3.81 -53.80
C ASP L 13 -24.70 5.08 -54.45
N LEU L 14 -24.17 6.26 -54.11
CA LEU L 14 -24.76 7.53 -54.63
C LEU L 14 -24.25 7.84 -56.04
N THR L 15 -25.10 8.47 -56.86
CA THR L 15 -24.69 8.88 -58.23
C THR L 15 -23.84 10.15 -58.17
N ASP L 16 -23.22 10.52 -59.30
CA ASP L 16 -22.35 11.73 -59.34
C ASP L 16 -23.19 12.98 -59.03
N GLN L 17 -24.42 13.04 -59.58
CA GLN L 17 -25.32 14.19 -59.28
C GLN L 17 -25.60 14.24 -57.78
N GLN L 18 -25.88 13.09 -57.17
CA GLN L 18 -26.11 13.03 -55.70
C GLN L 18 -24.89 13.60 -54.97
N ILE L 19 -23.70 13.12 -55.30
CA ILE L 19 -22.45 13.58 -54.62
C ILE L 19 -22.35 15.11 -54.75
N GLU L 20 -22.50 15.63 -55.97
CA GLU L 20 -22.34 17.09 -56.21
C GLU L 20 -23.26 17.89 -55.28
N LYS L 21 -24.50 17.43 -55.06
CA LYS L 21 -25.46 18.19 -54.20
C LYS L 21 -24.92 18.28 -52.77
N GLN L 22 -24.44 17.18 -52.22
CA GLN L 22 -23.93 17.15 -50.82
C GLN L 22 -22.75 18.13 -50.73
N ILE L 23 -21.87 18.13 -51.73
CA ILE L 23 -20.72 19.08 -51.75
C ILE L 23 -21.28 20.50 -51.73
N ALA L 24 -22.26 20.80 -52.60
CA ALA L 24 -22.88 22.14 -52.68
C ALA L 24 -23.43 22.56 -51.30
N TYR L 25 -23.88 21.60 -50.49
CA TYR L 25 -24.44 21.92 -49.16
C TYR L 25 -23.32 22.33 -48.19
N CYS L 26 -22.17 21.65 -48.27
CA CYS L 26 -21.03 21.95 -47.35
C CYS L 26 -20.39 23.30 -47.67
N ILE L 27 -20.32 23.67 -48.95
CA ILE L 27 -19.66 24.96 -49.36
C ILE L 27 -20.59 26.13 -48.98
N THR L 28 -21.90 25.93 -49.06
CA THR L 28 -22.85 27.00 -48.63
C THR L 28 -22.63 27.33 -47.15
N LYS L 29 -22.08 26.38 -46.38
CA LYS L 29 -21.78 26.64 -44.94
C LYS L 29 -20.40 27.29 -44.80
N GLY L 30 -19.55 27.20 -45.82
CA GLY L 30 -18.18 27.73 -45.72
C GLY L 30 -17.15 26.71 -45.25
N TRP L 31 -17.41 25.41 -45.44
CA TRP L 31 -16.49 24.35 -44.91
C TRP L 31 -15.37 24.04 -45.90
N ALA L 32 -14.24 23.49 -45.41
CA ALA L 32 -13.11 23.09 -46.29
C ALA L 32 -13.24 21.61 -46.64
N MET L 33 -12.98 21.23 -47.90
CA MET L 33 -13.21 19.82 -48.34
C MET L 33 -11.88 19.12 -48.65
N ASN L 34 -11.82 17.79 -48.46
CA ASN L 34 -10.60 17.01 -48.83
C ASN L 34 -10.98 15.58 -49.24
N VAL L 35 -10.06 14.85 -49.88
CA VAL L 35 -10.33 13.46 -50.37
C VAL L 35 -9.24 12.52 -49.82
N GLU L 36 -9.62 11.32 -49.38
CA GLU L 36 -8.63 10.36 -48.78
C GLU L 36 -8.79 8.96 -49.37
N TRP L 37 -7.78 8.08 -49.19
CA TRP L 37 -7.81 6.69 -49.75
C TRP L 37 -7.15 5.70 -48.78
N THR L 38 -7.60 4.44 -48.78
CA THR L 38 -6.93 3.40 -47.95
C THR L 38 -7.29 1.99 -48.43
N ASP L 39 -6.48 0.99 -48.05
CA ASP L 39 -6.82 -0.42 -48.37
C ASP L 39 -6.83 -1.21 -47.04
N ASP L 40 -6.81 -0.50 -45.91
CA ASP L 40 -6.91 -1.16 -44.58
C ASP L 40 -8.15 -0.60 -43.88
N PRO L 41 -9.31 -1.29 -43.88
CA PRO L 41 -10.55 -0.72 -43.32
C PRO L 41 -10.84 -1.02 -41.83
N HIS L 42 -9.80 -1.35 -41.06
CA HIS L 42 -9.98 -1.57 -39.59
C HIS L 42 -10.69 -0.35 -38.99
N PRO L 43 -11.66 -0.52 -38.06
CA PRO L 43 -12.40 0.62 -37.49
C PRO L 43 -11.52 1.58 -36.65
N ARG L 44 -10.35 1.12 -36.19
CA ARG L 44 -9.43 2.01 -35.43
C ARG L 44 -8.31 2.54 -36.34
N ASN L 45 -8.43 2.38 -37.66
CA ASN L 45 -7.42 2.94 -38.61
C ASN L 45 -7.76 4.42 -38.84
N SER L 46 -7.28 5.32 -37.97
CA SER L 46 -7.69 6.75 -38.03
C SER L 46 -7.14 7.53 -39.23
N TYR L 47 -5.89 7.30 -39.63
CA TYR L 47 -5.29 8.16 -40.69
C TYR L 47 -5.31 7.52 -42.08
N TRP L 48 -6.29 7.88 -42.92
CA TRP L 48 -6.25 7.41 -44.34
C TRP L 48 -5.20 8.24 -45.09
N GLU L 49 -4.83 7.85 -46.31
CA GLU L 49 -3.79 8.57 -47.08
C GLU L 49 -4.38 9.83 -47.71
N LEU L 50 -3.66 10.97 -47.68
CA LEU L 50 -4.20 12.26 -48.19
C LEU L 50 -4.02 12.38 -49.71
N TRP L 51 -5.02 12.90 -50.41
CA TRP L 51 -4.90 13.14 -51.88
C TRP L 51 -4.72 14.64 -52.08
N GLY L 52 -3.47 15.13 -52.07
CA GLY L 52 -3.23 16.59 -52.17
C GLY L 52 -3.60 17.32 -50.89
N LEU L 53 -3.55 18.66 -50.90
CA LEU L 53 -3.92 19.48 -49.71
C LEU L 53 -5.45 19.69 -49.69
N PRO L 54 -6.07 20.09 -48.55
CA PRO L 54 -7.50 20.40 -48.52
C PRO L 54 -7.81 21.63 -49.39
N LEU L 55 -8.99 21.67 -50.01
CA LEU L 55 -9.41 22.84 -50.83
C LEU L 55 -10.07 23.86 -49.91
N PHE L 56 -9.32 24.89 -49.50
CA PHE L 56 -9.85 25.84 -48.48
C PHE L 56 -10.84 26.86 -49.06
N ASP L 57 -10.46 27.62 -50.10
CA ASP L 57 -11.34 28.72 -50.57
C ASP L 57 -12.04 28.38 -51.89
N VAL L 58 -12.00 27.12 -52.33
CA VAL L 58 -12.75 26.75 -53.57
C VAL L 58 -14.24 26.97 -53.33
N LYS L 59 -14.92 27.66 -54.24
CA LYS L 59 -16.37 27.97 -54.08
C LYS L 59 -17.17 27.39 -55.25
N ASP L 60 -16.78 26.21 -55.74
CA ASP L 60 -17.49 25.57 -56.88
C ASP L 60 -17.31 24.04 -56.80
N PRO L 61 -18.38 23.23 -56.66
CA PRO L 61 -18.22 21.78 -56.49
C PRO L 61 -17.45 21.15 -57.66
N ALA L 62 -17.50 21.76 -58.84
CA ALA L 62 -16.81 21.20 -60.04
C ALA L 62 -15.34 20.95 -59.72
N SER L 63 -14.70 21.87 -58.99
CA SER L 63 -13.27 21.67 -58.59
C SER L 63 -13.12 20.39 -57.76
N VAL L 64 -14.01 20.15 -56.81
CA VAL L 64 -13.96 18.92 -55.96
C VAL L 64 -14.24 17.69 -56.83
N MET L 65 -15.27 17.75 -57.67
CA MET L 65 -15.61 16.61 -58.56
C MET L 65 -14.39 16.23 -59.42
N PHE L 66 -13.70 17.21 -59.99
CA PHE L 66 -12.52 16.93 -60.84
C PHE L 66 -11.48 16.12 -60.05
N GLU L 67 -11.12 16.58 -58.86
CA GLU L 67 -10.08 15.89 -58.06
C GLU L 67 -10.48 14.42 -57.82
N LEU L 68 -11.74 14.20 -57.42
CA LEU L 68 -12.23 12.82 -57.15
C LEU L 68 -12.07 11.98 -58.43
N ARG L 69 -12.43 12.55 -59.59
CA ARG L 69 -12.31 11.81 -60.87
C ARG L 69 -10.86 11.34 -61.05
N GLU L 70 -9.89 12.22 -60.80
CA GLU L 70 -8.45 11.87 -60.96
C GLU L 70 -8.09 10.68 -60.05
N ALA L 71 -8.32 10.83 -58.74
CA ALA L 71 -8.01 9.75 -57.78
C ALA L 71 -8.59 8.43 -58.29
N ARG L 72 -9.85 8.45 -58.74
CA ARG L 72 -10.53 7.20 -59.18
C ARG L 72 -9.68 6.48 -60.24
N LYS L 73 -9.13 7.22 -61.21
CA LYS L 73 -8.38 6.57 -62.32
C LYS L 73 -6.91 6.43 -61.95
N SER L 74 -6.47 7.02 -60.84
CA SER L 74 -5.03 7.01 -60.47
C SER L 74 -4.75 6.02 -59.34
N CYS L 75 -5.61 5.94 -58.33
CA CYS L 75 -5.32 5.09 -57.14
C CYS L 75 -5.63 3.60 -57.40
N ALA L 76 -5.08 2.71 -56.58
CA ALA L 76 -5.32 1.25 -56.72
C ALA L 76 -6.70 0.89 -56.15
N ALA L 77 -7.15 -0.35 -56.37
CA ALA L 77 -8.44 -0.80 -55.81
C ALA L 77 -8.46 -0.61 -54.30
N GLY L 78 -9.59 -0.18 -53.74
CA GLY L 78 -9.69 0.10 -52.30
C GLY L 78 -10.88 0.99 -51.99
N TYR L 79 -10.74 1.92 -51.05
CA TYR L 79 -11.87 2.79 -50.65
C TYR L 79 -11.51 4.27 -50.80
N ILE L 80 -12.48 5.13 -51.15
CA ILE L 80 -12.24 6.61 -51.21
C ILE L 80 -13.34 7.32 -50.41
N ARG L 81 -13.00 8.40 -49.70
CA ARG L 81 -13.99 9.12 -48.84
C ARG L 81 -13.80 10.63 -48.98
N ILE L 82 -14.89 11.40 -48.82
CA ILE L 82 -14.82 12.90 -48.86
C ILE L 82 -15.15 13.43 -47.47
N ASN L 83 -14.34 14.37 -46.96
CA ASN L 83 -14.55 14.91 -45.59
C ASN L 83 -14.75 16.43 -45.65
N ALA L 84 -15.43 17.01 -44.66
CA ALA L 84 -15.61 18.49 -44.58
C ALA L 84 -15.15 18.97 -43.19
N PHE L 85 -14.34 20.03 -43.13
CA PHE L 85 -13.78 20.52 -41.84
C PHE L 85 -14.32 21.91 -41.49
N ASN L 86 -14.58 22.17 -40.20
CA ASN L 86 -15.07 23.50 -39.73
C ASN L 86 -14.07 24.07 -38.72
N ALA L 87 -13.36 25.15 -39.06
CA ALA L 87 -12.30 25.70 -38.17
C ALA L 87 -12.85 26.78 -37.22
N ALA L 88 -14.16 26.84 -37.01
CA ALA L 88 -14.77 27.86 -36.12
C ALA L 88 -14.45 27.58 -34.64
N TYR L 89 -14.14 28.61 -33.86
CA TYR L 89 -13.90 28.46 -32.41
C TYR L 89 -15.08 27.70 -31.79
N GLY L 90 -14.80 26.65 -31.02
CA GLY L 90 -15.88 25.81 -30.45
C GLY L 90 -16.01 24.51 -31.19
N THR L 91 -15.39 24.40 -32.38
CA THR L 91 -15.48 23.16 -33.19
C THR L 91 -14.06 22.73 -33.61
N GLU L 92 -13.52 23.37 -34.64
CA GLU L 92 -12.14 23.06 -35.08
C GLU L 92 -12.01 21.55 -35.27
N SER L 93 -12.92 20.95 -36.05
CA SER L 93 -12.92 19.48 -36.27
C SER L 93 -13.67 19.14 -37.56
N CYS L 94 -13.74 17.85 -37.92
CA CYS L 94 -14.52 17.42 -39.11
C CYS L 94 -16.02 17.44 -38.77
N VAL L 95 -16.88 17.75 -39.74
CA VAL L 95 -18.34 17.85 -39.46
C VAL L 95 -19.14 17.00 -40.47
N MET L 96 -18.47 16.32 -41.41
CA MET L 96 -19.16 15.41 -42.35
C MET L 96 -18.14 14.45 -42.97
N SER L 97 -18.57 13.22 -43.31
CA SER L 97 -17.67 12.21 -43.93
C SER L 97 -18.53 11.10 -44.57
N PHE L 98 -18.30 10.78 -45.84
CA PHE L 98 -19.05 9.68 -46.51
C PHE L 98 -18.20 8.96 -47.56
N ILE L 99 -18.43 7.65 -47.75
CA ILE L 99 -17.65 6.85 -48.75
C ILE L 99 -18.17 7.15 -50.16
N VAL L 100 -17.27 7.16 -51.16
CA VAL L 100 -17.68 7.50 -52.56
C VAL L 100 -17.04 6.54 -53.57
N ASN L 101 -16.47 5.40 -53.12
CA ASN L 101 -15.89 4.37 -54.02
C ASN L 101 -15.53 3.11 -53.22
N ARG L 102 -15.91 1.92 -53.71
CA ARG L 102 -15.69 0.68 -52.94
C ARG L 102 -14.99 -0.39 -53.79
N PRO L 103 -14.38 -1.44 -53.21
CA PRO L 103 -13.78 -2.53 -54.00
C PRO L 103 -14.85 -3.49 -54.56
N SER L 104 -14.51 -4.24 -55.60
CA SER L 104 -15.46 -5.21 -56.21
C SER L 104 -16.09 -6.13 -55.15
N ASN L 105 -15.30 -6.52 -54.14
CA ASN L 105 -15.83 -7.45 -53.09
C ASN L 105 -14.98 -7.31 -51.82
N GLU L 106 -15.62 -7.38 -50.65
CA GLU L 106 -14.88 -7.25 -49.37
C GLU L 106 -15.19 -8.46 -48.48
N PRO L 107 -14.19 -9.32 -48.14
CA PRO L 107 -14.45 -10.52 -47.34
C PRO L 107 -14.83 -10.21 -45.89
N GLY L 108 -14.25 -9.16 -45.29
CA GLY L 108 -14.64 -8.75 -43.93
C GLY L 108 -13.61 -9.05 -42.85
N PHE L 109 -14.07 -9.44 -41.65
CA PHE L 109 -13.13 -9.66 -40.52
C PHE L 109 -13.53 -10.87 -39.68
N TYR L 110 -12.65 -11.28 -38.75
CA TYR L 110 -12.95 -12.38 -37.81
C TYR L 110 -12.31 -12.03 -36.45
N LEU L 111 -12.70 -12.72 -35.37
CA LEU L 111 -12.20 -12.35 -34.02
C LEU L 111 -11.22 -13.40 -33.47
N GLU L 112 -10.16 -12.96 -32.78
CA GLU L 112 -9.24 -13.90 -32.10
C GLU L 112 -9.42 -13.71 -30.58
N ARG L 113 -9.48 -14.78 -29.79
CA ARG L 113 -9.79 -14.65 -28.34
C ARG L 113 -8.65 -15.18 -27.45
N GLN L 114 -7.85 -14.30 -26.85
CA GLN L 114 -6.79 -14.74 -25.90
C GLN L 114 -7.38 -14.81 -24.48
N GLU L 115 -7.21 -15.95 -23.80
CA GLU L 115 -7.78 -16.14 -22.44
C GLU L 115 -6.78 -15.64 -21.38
N LEU L 116 -7.19 -14.68 -20.55
CA LEU L 116 -6.30 -14.15 -19.48
C LEU L 116 -6.80 -14.59 -18.09
N GLU L 117 -6.80 -13.70 -17.10
CA GLU L 117 -7.15 -14.11 -15.70
C GLU L 117 -8.65 -14.41 -15.55
N GLY L 118 -8.99 -15.39 -14.71
CA GLY L 118 -10.41 -15.74 -14.45
C GLY L 118 -11.16 -16.08 -15.72
N ARG L 119 -12.18 -15.30 -16.07
CA ARG L 119 -12.97 -15.53 -17.31
C ARG L 119 -12.73 -14.41 -18.33
N ARG L 120 -11.73 -13.54 -18.10
CA ARG L 120 -11.52 -12.38 -18.99
C ARG L 120 -10.95 -12.82 -20.35
N ILE L 121 -11.37 -12.17 -21.44
CA ILE L 121 -10.80 -12.44 -22.80
C ILE L 121 -10.21 -11.15 -23.36
N ALA L 122 -9.07 -11.22 -24.06
CA ALA L 122 -8.53 -10.03 -24.76
C ALA L 122 -8.81 -10.24 -26.25
N TYR L 123 -9.65 -9.39 -26.85
CA TYR L 123 -10.09 -9.60 -28.25
C TYR L 123 -9.20 -8.88 -29.26
N THR L 124 -9.05 -9.44 -30.47
CA THR L 124 -8.32 -8.76 -31.58
C THR L 124 -9.15 -8.93 -32.86
N THR L 125 -9.47 -7.83 -33.55
CA THR L 125 -10.24 -7.90 -34.83
C THR L 125 -9.25 -8.01 -36.01
N LYS L 126 -9.45 -8.99 -36.91
CA LYS L 126 -8.47 -9.22 -38.01
C LYS L 126 -9.12 -9.12 -39.40
N SER L 127 -8.44 -8.49 -40.36
CA SER L 127 -8.97 -8.32 -41.75
C SER L 127 -8.44 -9.44 -42.66
N TYR L 128 -9.31 -10.06 -43.46
CA TYR L 128 -8.88 -11.12 -44.42
C TYR L 128 -7.96 -10.52 -45.52
N SER L 129 -8.35 -9.39 -46.11
CA SER L 129 -7.57 -8.75 -47.21
C SER L 129 -6.17 -8.35 -46.74
N VAL L 130 -6.07 -7.68 -45.59
CA VAL L 130 -4.76 -7.20 -45.06
C VAL L 130 -3.84 -8.41 -44.83
N GLN L 131 -4.29 -9.39 -44.05
CA GLN L 131 -3.43 -10.55 -43.69
C GLN L 131 -2.93 -11.27 -44.95
N ALA L 132 -3.61 -11.12 -46.09
CA ALA L 132 -3.24 -11.92 -47.29
C ALA L 132 -2.23 -11.22 -48.22
N ASN L 133 -2.32 -9.91 -48.38
CA ASN L 133 -1.45 -9.25 -49.39
C ASN L 133 -0.92 -7.90 -48.89
N PRO L 134 0.25 -7.41 -49.36
CA PRO L 134 0.75 -6.08 -48.96
C PRO L 134 -0.05 -4.90 -49.55
N GLU L 135 0.18 -3.70 -49.03
CA GLU L 135 -0.56 -2.49 -49.50
C GLU L 135 -0.36 -2.31 -51.01
N GLY L 136 -1.42 -1.92 -51.74
CA GLY L 136 -1.33 -1.79 -53.21
C GLY L 136 -1.93 -2.98 -53.93
N GLY L 137 -1.91 -4.17 -53.32
CA GLY L 137 -2.43 -5.38 -53.99
C GLY L 137 -3.40 -6.18 -53.12
N ARG L 138 -4.22 -5.50 -52.31
CA ARG L 138 -5.14 -6.21 -51.38
C ARG L 138 -6.50 -6.46 -52.05
N TYR L 139 -6.85 -5.67 -53.07
CA TYR L 139 -8.20 -5.80 -53.70
C TYR L 139 -8.06 -5.84 -55.23
N MET M 1 10.05 35.45 37.73
CA MET M 1 10.20 35.65 36.26
C MET M 1 9.17 36.68 35.78
N ARG M 2 9.50 37.40 34.70
CA ARG M 2 8.54 38.38 34.10
C ARG M 2 7.96 37.76 32.83
N LEU M 3 6.64 37.71 32.72
CA LEU M 3 5.99 37.14 31.49
C LEU M 3 6.23 38.12 30.33
N THR M 4 6.73 37.62 29.19
CA THR M 4 7.12 38.54 28.08
C THR M 4 6.08 38.56 26.95
N GLN M 5 4.81 38.24 27.24
CA GLN M 5 3.75 38.34 26.21
C GLN M 5 3.39 39.83 26.06
N GLY M 6 3.00 40.26 24.86
CA GLY M 6 2.63 41.67 24.63
C GLY M 6 3.70 42.42 23.85
N CYS M 7 3.40 43.65 23.41
CA CYS M 7 4.37 44.40 22.55
C CYS M 7 5.33 45.28 23.36
N PHE M 8 5.07 45.57 24.65
CA PHE M 8 5.95 46.51 25.38
C PHE M 8 6.51 45.88 26.67
N SER M 9 6.64 44.55 26.72
CA SER M 9 7.05 43.87 27.98
C SER M 9 8.55 44.04 28.27
N PHE M 10 9.35 44.48 27.29
CA PHE M 10 10.79 44.74 27.56
C PHE M 10 10.97 46.18 28.07
N LEU M 11 9.86 46.90 28.26
CA LEU M 11 9.94 48.27 28.86
C LEU M 11 9.38 48.22 30.27
N PRO M 12 9.69 49.17 31.19
CA PRO M 12 9.08 49.18 32.53
C PRO M 12 7.55 49.25 32.47
N ASP M 13 6.88 48.89 33.55
CA ASP M 13 5.39 49.02 33.60
C ASP M 13 5.03 50.46 33.18
N LEU M 14 4.01 50.61 32.32
CA LEU M 14 3.66 51.96 31.79
C LEU M 14 2.78 52.73 32.78
N THR M 15 2.92 54.06 32.82
CA THR M 15 2.06 54.90 33.70
C THR M 15 0.69 55.08 33.05
N ASP M 16 -0.28 55.63 33.81
CA ASP M 16 -1.65 55.85 33.28
C ASP M 16 -1.59 56.83 32.11
N GLN M 17 -0.76 57.87 32.21
CA GLN M 17 -0.61 58.85 31.11
C GLN M 17 -0.08 58.13 29.87
N GLN M 18 0.92 57.25 30.05
CA GLN M 18 1.45 56.47 28.90
C GLN M 18 0.34 55.65 28.27
N ILE M 19 -0.44 54.91 29.08
CA ILE M 19 -1.52 54.05 28.54
C ILE M 19 -2.50 54.91 27.73
N GLU M 20 -2.92 56.05 28.29
CA GLU M 20 -3.91 56.93 27.60
C GLU M 20 -3.42 57.30 26.19
N LYS M 21 -2.13 57.62 26.03
CA LYS M 21 -1.60 58.03 24.70
C LYS M 21 -1.77 56.89 23.68
N GLN M 22 -1.40 55.67 24.06
CA GLN M 22 -1.51 54.51 23.14
C GLN M 22 -2.98 54.34 22.73
N ILE M 23 -3.90 54.47 23.68
CA ILE M 23 -5.35 54.37 23.37
C ILE M 23 -5.69 55.47 22.36
N ALA M 24 -5.26 56.71 22.61
CA ALA M 24 -5.53 57.85 21.70
C ALA M 24 -5.01 57.54 20.28
N TYR M 25 -3.94 56.75 20.16
CA TYR M 25 -3.37 56.42 18.84
C TYR M 25 -4.28 55.43 18.10
N CYS M 26 -4.85 54.46 18.84
CA CYS M 26 -5.72 53.42 18.21
C CYS M 26 -7.06 54.03 17.75
N ILE M 27 -7.61 54.98 18.51
CA ILE M 27 -8.93 55.58 18.16
C ILE M 27 -8.76 56.51 16.95
N THR M 28 -7.61 57.20 16.84
CA THR M 28 -7.34 58.06 15.65
C THR M 28 -7.38 57.19 14.38
N LYS M 29 -7.13 55.87 14.51
CA LYS M 29 -7.19 54.96 13.32
C LYS M 29 -8.63 54.47 13.12
N GLY M 30 -9.49 54.58 14.14
CA GLY M 30 -10.87 54.06 14.03
C GLY M 30 -11.02 52.63 14.53
N TRP M 31 -10.13 52.16 15.42
CA TRP M 31 -10.16 50.74 15.88
C TRP M 31 -11.11 50.55 17.06
N ALA M 32 -11.60 49.33 17.28
CA ALA M 32 -12.48 49.01 18.43
C ALA M 32 -11.63 48.47 19.59
N MET M 33 -11.90 48.90 20.84
CA MET M 33 -11.04 48.51 21.99
C MET M 33 -11.78 47.57 22.96
N ASN M 34 -11.05 46.68 23.64
CA ASN M 34 -11.68 45.80 24.68
C ASN M 34 -10.66 45.46 25.78
N VAL M 35 -11.14 44.94 26.92
CA VAL M 35 -10.26 44.62 28.09
C VAL M 35 -10.49 43.16 28.50
N GLU M 36 -9.42 42.42 28.82
CA GLU M 36 -9.55 40.97 29.17
C GLU M 36 -8.78 40.65 30.45
N TRP M 37 -9.06 39.48 31.09
CA TRP M 37 -8.39 39.07 32.35
C TRP M 37 -8.15 37.56 32.38
N THR M 38 -7.10 37.10 33.07
CA THR M 38 -6.86 35.64 33.23
C THR M 38 -5.91 35.35 34.38
N ASP M 39 -5.92 34.11 34.89
CA ASP M 39 -4.92 33.71 35.92
C ASP M 39 -4.19 32.46 35.41
N ASP M 40 -4.35 32.14 34.12
CA ASP M 40 -3.61 31.01 33.51
C ASP M 40 -2.78 31.57 32.35
N PRO M 41 -1.46 31.84 32.53
CA PRO M 41 -0.66 32.49 31.48
C PRO M 41 0.07 31.57 30.48
N HIS M 42 -0.41 30.33 30.32
CA HIS M 42 0.18 29.40 29.32
C HIS M 42 0.20 30.10 27.95
N PRO M 43 1.28 29.97 27.13
CA PRO M 43 1.36 30.67 25.84
C PRO M 43 0.32 30.19 24.81
N ARG M 44 -0.27 29.00 25.00
CA ARG M 44 -1.34 28.52 24.08
C ARG M 44 -2.73 28.75 24.69
N ASN M 45 -2.83 29.55 25.77
CA ASN M 45 -4.16 29.89 26.35
C ASN M 45 -4.76 31.04 25.53
N SER M 46 -5.45 30.74 24.43
CA SER M 46 -5.93 31.80 23.51
C SER M 46 -7.07 32.67 24.05
N TYR M 47 -8.03 32.10 24.78
CA TYR M 47 -9.22 32.89 25.17
C TYR M 47 -9.16 33.41 26.61
N TRP M 48 -8.76 34.67 26.81
CA TRP M 48 -8.83 35.27 28.17
C TRP M 48 -10.31 35.61 28.45
N GLU M 49 -10.65 35.94 29.71
CA GLU M 49 -12.07 36.24 30.06
C GLU M 49 -12.43 37.66 29.63
N LEU M 50 -13.63 37.87 29.07
CA LEU M 50 -14.03 39.20 28.53
C LEU M 50 -14.58 40.11 29.65
N TRP M 51 -14.22 41.39 29.63
CA TRP M 51 -14.77 42.36 30.62
C TRP M 51 -15.79 43.22 29.88
N GLY M 52 -17.05 42.81 29.85
CA GLY M 52 -18.09 43.54 29.08
C GLY M 52 -17.92 43.35 27.58
N LEU M 53 -18.70 44.08 26.77
CA LEU M 53 -18.59 44.02 25.29
C LEU M 53 -17.49 44.95 24.80
N PRO M 54 -16.97 44.81 23.55
CA PRO M 54 -15.98 45.77 23.02
C PRO M 54 -16.60 47.16 22.85
N LEU M 55 -15.81 48.22 23.06
CA LEU M 55 -16.29 49.62 22.88
C LEU M 55 -16.14 49.99 21.40
N PHE M 56 -17.22 49.89 20.62
CA PHE M 56 -17.09 50.09 19.15
C PHE M 56 -16.99 51.57 18.74
N ASP M 57 -17.97 52.41 19.08
CA ASP M 57 -17.96 53.81 18.57
C ASP M 57 -17.51 54.83 19.63
N VAL M 58 -16.93 54.37 20.75
CA VAL M 58 -16.41 55.35 21.75
C VAL M 58 -15.27 56.15 21.11
N LYS M 59 -15.32 57.48 21.21
CA LYS M 59 -14.28 58.34 20.58
C LYS M 59 -13.58 59.19 21.66
N ASP M 60 -13.35 58.61 22.84
CA ASP M 60 -12.67 59.36 23.95
C ASP M 60 -11.96 58.36 24.87
N PRO M 61 -10.62 58.41 25.03
CA PRO M 61 -9.91 57.41 25.84
C PRO M 61 -10.44 57.35 27.28
N ALA M 62 -11.02 58.45 27.77
CA ALA M 62 -11.52 58.49 29.17
C ALA M 62 -12.50 57.34 29.41
N SER M 63 -13.36 57.02 28.44
CA SER M 63 -14.30 55.88 28.58
C SER M 63 -13.51 54.56 28.78
N VAL M 64 -12.45 54.35 28.01
CA VAL M 64 -11.63 53.11 28.14
C VAL M 64 -10.91 53.12 29.49
N MET M 65 -10.29 54.25 29.85
CA MET M 65 -9.58 54.37 31.15
C MET M 65 -10.53 54.01 32.30
N PHE M 66 -11.75 54.53 32.29
CA PHE M 66 -12.74 54.24 33.37
C PHE M 66 -12.94 52.73 33.50
N GLU M 67 -13.23 52.05 32.38
CA GLU M 67 -13.50 50.58 32.45
C GLU M 67 -12.30 49.85 33.07
N LEU M 68 -11.08 50.17 32.64
CA LEU M 68 -9.87 49.51 33.18
C LEU M 68 -9.80 49.75 34.69
N ARG M 69 -10.09 50.98 35.14
CA ARG M 69 -10.07 51.29 36.59
C ARG M 69 -11.01 50.34 37.34
N GLU M 70 -12.22 50.13 36.82
CA GLU M 70 -13.22 49.24 37.48
C GLU M 70 -12.65 47.82 37.61
N ALA M 71 -12.26 47.21 36.48
CA ALA M 71 -11.69 45.85 36.49
C ALA M 71 -10.60 45.76 37.57
N ARG M 72 -9.69 46.74 37.60
CA ARG M 72 -8.57 46.70 38.57
C ARG M 72 -9.08 46.49 39.99
N LYS M 73 -10.15 47.18 40.38
CA LYS M 73 -10.63 47.09 41.78
C LYS M 73 -11.66 45.96 41.92
N SER M 74 -12.08 45.36 40.81
CA SER M 74 -13.16 44.33 40.86
C SER M 74 -12.59 42.92 40.68
N CYS M 75 -11.63 42.72 39.78
CA CYS M 75 -11.12 41.35 39.48
C CYS M 75 -10.11 40.87 40.52
N ALA M 76 -9.86 39.55 40.57
CA ALA M 76 -8.90 38.97 41.53
C ALA M 76 -7.47 39.17 41.02
N ALA M 77 -6.47 38.87 41.85
CA ALA M 77 -5.05 39.00 41.42
C ALA M 77 -4.82 38.18 40.15
N GLY M 78 -4.02 38.70 39.22
CA GLY M 78 -3.78 38.02 37.94
C GLY M 78 -3.25 38.99 36.90
N TYR M 79 -3.67 38.85 35.64
CA TYR M 79 -3.15 39.71 34.55
C TYR M 79 -4.31 40.43 33.83
N ILE M 80 -4.08 41.66 33.35
CA ILE M 80 -5.11 42.38 32.54
C ILE M 80 -4.45 42.90 31.25
N ARG M 81 -5.16 42.87 30.12
CA ARG M 81 -4.58 43.29 28.81
C ARG M 81 -5.60 44.11 28.01
N ILE M 82 -5.12 45.05 27.19
CA ILE M 82 -6.02 45.87 26.31
C ILE M 82 -5.74 45.49 24.85
N ASN M 83 -6.79 45.25 24.07
CA ASN M 83 -6.62 44.83 22.65
C ASN M 83 -7.33 45.81 21.71
N ALA M 84 -6.88 45.90 20.46
CA ALA M 84 -7.54 46.77 19.45
C ALA M 84 -7.87 45.94 18.20
N PHE M 85 -9.10 46.04 17.68
CA PHE M 85 -9.53 45.20 16.53
C PHE M 85 -9.80 46.06 15.28
N ASN M 86 -9.45 45.55 14.10
CA ASN M 86 -9.69 46.28 12.81
C ASN M 86 -10.58 45.41 11.92
N ALA M 87 -11.82 45.83 11.66
CA ALA M 87 -12.78 45.00 10.89
C ALA M 87 -12.74 45.31 9.38
N ALA M 88 -11.68 45.95 8.89
CA ALA M 88 -11.55 46.30 7.46
C ALA M 88 -11.33 45.05 6.58
N TYR M 89 -11.98 44.97 5.42
CA TYR M 89 -11.76 43.86 4.47
C TYR M 89 -10.26 43.70 4.22
N GLY M 90 -9.73 42.49 4.35
CA GLY M 90 -8.28 42.27 4.20
C GLY M 90 -7.61 42.08 5.54
N THR M 91 -8.31 42.41 6.63
CA THR M 91 -7.74 42.27 8.00
C THR M 91 -8.72 41.50 8.88
N GLU M 92 -9.74 42.19 9.39
CA GLU M 92 -10.78 41.53 10.22
C GLU M 92 -10.07 40.73 11.32
N SER M 93 -9.18 41.39 12.09
CA SER M 93 -8.42 40.70 13.16
C SER M 93 -7.91 41.73 14.18
N CYS M 94 -7.22 41.27 15.23
CA CYS M 94 -6.62 42.19 16.22
C CYS M 94 -5.35 42.83 15.61
N VAL M 95 -5.05 44.08 15.97
CA VAL M 95 -3.87 44.78 15.38
C VAL M 95 -2.98 45.37 16.49
N MET M 96 -3.35 45.20 17.76
CA MET M 96 -2.50 45.65 18.89
C MET M 96 -2.91 44.94 20.18
N SER M 97 -1.96 44.70 21.09
CA SER M 97 -2.26 44.03 22.38
C SER M 97 -1.10 44.28 23.36
N PHE M 98 -1.39 44.77 24.57
CA PHE M 98 -0.32 44.98 25.58
C PHE M 98 -0.85 44.76 27.01
N ILE M 99 0.00 44.27 27.92
CA ILE M 99 -0.39 44.01 29.34
C ILE M 99 -0.44 45.33 30.11
N VAL M 100 -1.38 45.46 31.04
CA VAL M 100 -1.55 46.73 31.80
C VAL M 100 -1.74 46.46 33.31
N ASN M 101 -1.47 45.25 33.79
CA ASN M 101 -1.56 44.91 35.24
C ASN M 101 -0.97 43.50 35.49
N ARG M 102 -0.12 43.36 36.50
CA ARG M 102 0.58 42.06 36.73
C ARG M 102 0.41 41.61 38.19
N PRO M 103 0.61 40.32 38.55
CA PRO M 103 0.57 39.89 39.96
C PRO M 103 1.83 40.30 40.71
N SER M 104 1.79 40.31 42.05
CA SER M 104 2.98 40.67 42.86
C SER M 104 4.16 39.73 42.58
N ASN M 105 3.87 38.47 42.22
CA ASN M 105 4.96 37.47 42.03
C ASN M 105 4.53 36.43 40.99
N GLU M 106 5.42 36.08 40.06
CA GLU M 106 5.10 35.00 39.09
C GLU M 106 6.22 33.95 39.12
N PRO M 107 5.97 32.72 39.61
CA PRO M 107 7.03 31.70 39.71
C PRO M 107 7.48 31.19 38.33
N GLY M 108 6.56 31.07 37.37
CA GLY M 108 6.96 30.68 36.00
C GLY M 108 6.53 29.27 35.60
N PHE M 109 7.37 28.56 34.84
CA PHE M 109 7.00 27.22 34.32
C PHE M 109 8.17 26.25 34.35
N TYR M 110 7.90 24.96 34.09
CA TYR M 110 8.96 23.92 34.00
C TYR M 110 8.55 22.93 32.90
N LEU M 111 9.49 22.10 32.42
CA LEU M 111 9.17 21.19 31.28
C LEU M 111 9.09 19.72 31.73
N GLU M 112 8.15 18.95 31.17
CA GLU M 112 8.08 17.49 31.44
C GLU M 112 8.46 16.77 30.13
N ARG M 113 9.27 15.71 30.19
CA ARG M 113 9.76 15.06 28.95
C ARG M 113 9.34 13.58 28.85
N GLN M 114 8.34 13.26 28.03
CA GLN M 114 7.95 11.84 27.82
C GLN M 114 8.77 11.25 26.67
N GLU M 115 9.41 10.10 26.90
CA GLU M 115 10.28 9.47 25.85
C GLU M 115 9.43 8.54 24.97
N LEU M 116 9.41 8.79 23.66
CA LEU M 116 8.64 7.93 22.72
C LEU M 116 9.59 7.10 21.84
N GLU M 117 9.32 6.99 20.53
CA GLU M 117 10.14 6.09 19.66
C GLU M 117 11.54 6.66 19.40
N GLY M 118 12.55 5.79 19.29
CA GLY M 118 13.93 6.22 19.00
C GLY M 118 14.44 7.23 20.01
N ARG M 119 14.76 8.45 19.56
CA ARG M 119 15.25 9.52 20.47
C ARG M 119 14.20 10.64 20.60
N ARG M 120 12.97 10.42 20.11
CA ARG M 120 11.96 11.51 20.11
C ARG M 120 11.44 11.79 21.53
N ILE M 121 11.17 13.06 21.86
CA ILE M 121 10.58 13.43 23.18
C ILE M 121 9.26 14.18 22.94
N ALA M 122 8.23 13.93 23.76
CA ALA M 122 6.98 14.72 23.68
C ALA M 122 7.00 15.68 24.86
N TYR M 123 7.07 16.99 24.60
CA TYR M 123 7.23 17.99 25.69
C TYR M 123 5.88 18.53 26.20
N THR M 124 5.81 18.87 27.49
CA THR M 124 4.61 19.52 28.06
C THR M 124 5.08 20.68 28.95
N THR M 125 4.58 21.90 28.73
CA THR M 125 4.93 23.09 29.57
C THR M 125 3.96 23.19 30.75
N LYS M 126 4.46 23.32 31.99
CA LYS M 126 3.56 23.33 33.19
C LYS M 126 3.72 24.60 34.03
N SER M 127 2.61 25.17 34.51
CA SER M 127 2.64 26.41 35.34
C SER M 127 2.63 26.06 36.84
N TYR M 128 3.51 26.69 37.63
CA TYR M 128 3.53 26.46 39.10
C TYR M 128 2.22 26.95 39.75
N SER M 129 1.77 28.17 39.42
CA SER M 129 0.56 28.77 40.04
C SER M 129 -0.69 27.92 39.73
N VAL M 130 -0.88 27.53 38.47
CA VAL M 130 -2.09 26.75 38.08
C VAL M 130 -2.10 25.42 38.84
N GLN M 131 -1.02 24.64 38.77
CA GLN M 131 -0.99 23.30 39.40
C GLN M 131 -1.27 23.38 40.90
N ALA M 132 -1.07 24.55 41.52
CA ALA M 132 -1.19 24.65 43.00
C ALA M 132 -2.58 25.06 43.49
N ASN M 133 -3.29 25.92 42.77
CA ASN M 133 -4.57 26.44 43.31
C ASN M 133 -5.62 26.59 42.22
N PRO M 134 -6.94 26.51 42.54
CA PRO M 134 -7.99 26.72 41.53
C PRO M 134 -8.13 28.19 41.08
N GLU M 135 -8.86 28.43 39.98
CA GLU M 135 -9.05 29.80 39.43
C GLU M 135 -9.64 30.72 40.50
N GLY M 136 -9.17 31.96 40.59
CA GLY M 136 -9.64 32.89 41.63
C GLY M 136 -8.66 33.01 42.79
N GLY M 137 -7.86 31.97 43.06
CA GLY M 137 -6.93 31.98 44.20
C GLY M 137 -5.52 31.54 43.82
N ARG M 138 -5.06 31.88 42.61
CA ARG M 138 -3.73 31.42 42.14
C ARG M 138 -2.65 32.45 42.50
N TYR M 139 -3.02 33.71 42.71
CA TYR M 139 -2.02 34.78 42.97
C TYR M 139 -2.44 35.63 44.18
N MET N 1 8.06 -2.09 -51.40
CA MET N 1 8.58 -1.06 -50.48
C MET N 1 10.11 -1.17 -50.38
N ARG N 2 10.79 -0.06 -50.10
CA ARG N 2 12.26 -0.06 -49.93
C ARG N 2 12.56 0.03 -48.42
N LEU N 3 13.36 -0.89 -47.89
CA LEU N 3 13.72 -0.86 -46.45
C LEU N 3 14.66 0.34 -46.21
N THR N 4 14.36 1.20 -45.23
CA THR N 4 15.16 2.45 -45.06
C THR N 4 16.16 2.35 -43.90
N GLN N 5 16.58 1.14 -43.52
CA GLN N 5 17.62 1.00 -42.48
C GLN N 5 18.98 1.33 -43.11
N GLY N 6 19.91 1.89 -42.34
CA GLY N 6 21.24 2.24 -42.88
C GLY N 6 21.40 3.74 -43.08
N CYS N 7 22.62 4.21 -43.36
CA CYS N 7 22.87 5.68 -43.47
C CYS N 7 22.68 6.22 -44.90
N PHE N 8 22.65 5.38 -45.93
CA PHE N 8 22.57 5.92 -47.32
C PHE N 8 21.37 5.36 -48.10
N SER N 9 20.30 4.96 -47.40
CA SER N 9 19.15 4.30 -48.07
C SER N 9 18.28 5.29 -48.87
N PHE N 10 18.44 6.60 -48.65
CA PHE N 10 17.69 7.60 -49.46
C PHE N 10 18.47 7.93 -50.74
N LEU N 11 19.61 7.25 -50.95
CA LEU N 11 20.38 7.43 -52.22
C LEU N 11 20.22 6.18 -53.07
N PRO N 12 20.44 6.20 -54.41
CA PRO N 12 20.39 4.97 -55.22
C PRO N 12 21.38 3.91 -54.73
N ASP N 13 21.17 2.66 -55.11
CA ASP N 13 22.14 1.58 -54.75
C ASP N 13 23.55 2.06 -55.15
N LEU N 14 24.54 1.86 -54.28
CA LEU N 14 25.91 2.38 -54.56
C LEU N 14 26.69 1.42 -55.46
N THR N 15 27.57 1.96 -56.32
CA THR N 15 28.42 1.11 -57.19
C THR N 15 29.59 0.53 -56.38
N ASP N 16 30.32 -0.42 -56.96
CA ASP N 16 31.47 -1.05 -56.25
C ASP N 16 32.53 0.02 -55.97
N GLN N 17 32.76 0.93 -56.91
CA GLN N 17 33.75 2.02 -56.71
C GLN N 17 33.30 2.88 -55.53
N GLN N 18 32.00 3.21 -55.47
CA GLN N 18 31.47 4.00 -54.32
C GLN N 18 31.73 3.26 -53.02
N ILE N 19 31.39 1.97 -52.95
CA ILE N 19 31.59 1.17 -51.70
C ILE N 19 33.06 1.24 -51.28
N GLU N 20 33.97 0.98 -52.22
CA GLU N 20 35.43 0.96 -51.92
C GLU N 20 35.86 2.27 -51.24
N LYS N 21 35.35 3.42 -51.71
CA LYS N 21 35.75 4.74 -51.14
C LYS N 21 35.35 4.82 -49.67
N GLN N 22 34.12 4.43 -49.34
CA GLN N 22 33.63 4.51 -47.93
C GLN N 22 34.52 3.61 -47.06
N ILE N 23 34.86 2.42 -47.56
CA ILE N 23 35.76 1.50 -46.80
C ILE N 23 37.09 2.22 -46.58
N ALA N 24 37.66 2.82 -47.63
CA ALA N 24 38.95 3.55 -47.53
C ALA N 24 38.87 4.64 -46.45
N TYR N 25 37.69 5.23 -46.24
CA TYR N 25 37.52 6.31 -45.24
C TYR N 25 37.56 5.72 -43.82
N CYS N 26 36.97 4.54 -43.62
CA CYS N 26 36.93 3.91 -42.27
C CYS N 26 38.32 3.40 -41.86
N ILE N 27 39.11 2.89 -42.80
CA ILE N 27 40.45 2.33 -42.48
C ILE N 27 41.42 3.48 -42.17
N THR N 28 41.28 4.62 -42.85
CA THR N 28 42.13 5.79 -42.54
C THR N 28 41.91 6.21 -41.08
N LYS N 29 40.76 5.87 -40.49
CA LYS N 29 40.49 6.19 -39.07
C LYS N 29 41.06 5.09 -38.16
N GLY N 30 41.32 3.90 -38.70
CA GLY N 30 41.81 2.78 -37.88
C GLY N 30 40.69 1.88 -37.37
N TRP N 31 39.52 1.86 -38.04
CA TRP N 31 38.35 1.08 -37.55
C TRP N 31 38.41 -0.38 -38.02
N ALA N 32 37.72 -1.30 -37.31
CA ALA N 32 37.65 -2.72 -37.72
C ALA N 32 36.38 -2.96 -38.54
N MET N 33 36.46 -3.73 -39.63
CA MET N 33 35.29 -3.90 -40.54
C MET N 33 34.74 -5.33 -40.48
N ASN N 34 33.42 -5.50 -40.70
CA ASN N 34 32.82 -6.88 -40.76
C ASN N 34 31.62 -6.89 -41.72
N VAL N 35 31.16 -8.09 -42.11
CA VAL N 35 30.02 -8.23 -43.08
C VAL N 35 28.96 -9.14 -42.46
N GLU N 36 27.67 -8.80 -42.61
CA GLU N 36 26.57 -9.60 -41.99
C GLU N 36 25.46 -9.89 -43.00
N TRP N 37 24.58 -10.87 -42.71
CA TRP N 37 23.46 -11.26 -43.62
C TRP N 37 22.20 -11.62 -42.84
N THR N 38 21.02 -11.41 -43.42
CA THR N 38 19.75 -11.83 -42.76
C THR N 38 18.60 -11.90 -43.76
N ASP N 39 17.53 -12.63 -43.41
CA ASP N 39 16.31 -12.65 -44.28
C ASP N 39 15.12 -12.24 -43.39
N ASP N 40 15.39 -11.71 -42.19
CA ASP N 40 14.31 -11.20 -41.31
C ASP N 40 14.59 -9.72 -41.04
N PRO N 41 13.94 -8.76 -41.75
CA PRO N 41 14.28 -7.34 -41.60
C PRO N 41 13.49 -6.54 -40.54
N HIS N 42 12.91 -7.24 -39.55
CA HIS N 42 12.20 -6.53 -38.45
C HIS N 42 13.13 -5.47 -37.84
N PRO N 43 12.65 -4.25 -37.50
CA PRO N 43 13.53 -3.19 -36.96
C PRO N 43 14.13 -3.53 -35.58
N ARG N 44 13.55 -4.48 -34.85
CA ARG N 44 14.12 -4.90 -33.54
C ARG N 44 14.93 -6.20 -33.69
N ASN N 45 15.24 -6.62 -34.91
CA ASN N 45 16.10 -7.83 -35.13
C ASN N 45 17.56 -7.39 -35.00
N SER N 46 18.10 -7.36 -33.78
CA SER N 46 19.47 -6.81 -33.55
C SER N 46 20.62 -7.66 -34.11
N TYR N 47 20.54 -8.99 -34.01
CA TYR N 47 21.71 -9.82 -34.39
C TYR N 47 21.59 -10.43 -35.78
N TRP N 48 22.22 -9.82 -36.79
CA TRP N 48 22.27 -10.46 -38.14
C TRP N 48 23.31 -11.59 -38.08
N GLU N 49 23.36 -12.46 -39.09
CA GLU N 49 24.31 -13.61 -39.09
C GLU N 49 25.71 -13.13 -39.48
N LEU N 50 26.76 -13.62 -38.80
CA LEU N 50 28.15 -13.13 -39.05
C LEU N 50 28.79 -13.87 -40.23
N TRP N 51 29.52 -13.16 -41.09
CA TRP N 51 30.25 -13.80 -42.22
C TRP N 51 31.73 -13.83 -41.84
N GLY N 52 32.19 -14.89 -41.16
CA GLY N 52 33.59 -14.94 -40.69
C GLY N 52 33.83 -14.00 -39.52
N LEU N 53 35.09 -13.86 -39.09
CA LEU N 53 35.45 -12.92 -37.97
C LEU N 53 35.65 -11.51 -38.52
N PRO N 54 35.63 -10.44 -37.68
CA PRO N 54 35.90 -9.08 -38.15
C PRO N 54 37.36 -8.96 -38.63
N LEU N 55 37.61 -8.12 -39.64
CA LEU N 55 38.99 -7.90 -40.16
C LEU N 55 39.63 -6.79 -39.32
N PHE N 56 40.45 -7.16 -38.33
CA PHE N 56 41.00 -6.14 -37.38
C PHE N 56 42.15 -5.32 -37.97
N ASP N 57 43.23 -5.95 -38.44
CA ASP N 57 44.41 -5.17 -38.87
C ASP N 57 44.55 -5.10 -40.40
N VAL N 58 43.52 -5.48 -41.15
CA VAL N 58 43.60 -5.35 -42.64
C VAL N 58 43.72 -3.86 -42.98
N LYS N 59 44.68 -3.50 -43.83
CA LYS N 59 44.91 -2.08 -44.20
C LYS N 59 44.77 -1.89 -45.71
N ASP N 60 43.84 -2.61 -46.34
CA ASP N 60 43.63 -2.50 -47.81
C ASP N 60 42.17 -2.85 -48.14
N PRO N 61 41.36 -1.94 -48.72
CA PRO N 61 39.94 -2.22 -48.97
C PRO N 61 39.75 -3.48 -49.84
N ALA N 62 40.73 -3.80 -50.68
CA ALA N 62 40.62 -4.97 -51.59
C ALA N 62 40.28 -6.22 -50.79
N SER N 63 40.88 -6.39 -49.61
CA SER N 63 40.57 -7.56 -48.74
C SER N 63 39.08 -7.56 -48.37
N VAL N 64 38.52 -6.41 -48.00
CA VAL N 64 37.08 -6.31 -47.64
C VAL N 64 36.22 -6.58 -48.89
N MET N 65 36.57 -5.95 -50.02
CA MET N 65 35.80 -6.15 -51.28
C MET N 65 35.74 -7.65 -51.62
N PHE N 66 36.86 -8.35 -51.52
CA PHE N 66 36.90 -9.81 -51.84
C PHE N 66 35.86 -10.56 -50.99
N GLU N 67 35.88 -10.36 -49.68
CA GLU N 67 34.95 -11.10 -48.78
C GLU N 67 33.50 -10.83 -49.20
N LEU N 68 33.14 -9.57 -49.45
CA LEU N 68 31.76 -9.22 -49.86
C LEU N 68 31.41 -9.98 -51.16
N ARG N 69 32.34 -10.01 -52.11
CA ARG N 69 32.10 -10.75 -53.38
C ARG N 69 31.73 -12.20 -53.06
N GLU N 70 32.49 -12.86 -52.18
CA GLU N 70 32.20 -14.27 -51.79
C GLU N 70 30.76 -14.40 -51.28
N ALA N 71 30.44 -13.70 -50.19
CA ALA N 71 29.08 -13.76 -49.61
C ALA N 71 28.03 -13.61 -50.72
N ARG N 72 28.20 -12.63 -51.60
CA ARG N 72 27.19 -12.37 -52.67
C ARG N 72 26.89 -13.66 -53.43
N LYS N 73 27.91 -14.43 -53.81
CA LYS N 73 27.68 -15.65 -54.64
C LYS N 73 27.42 -16.86 -53.75
N SER N 74 27.60 -16.74 -52.44
CA SER N 74 27.47 -17.91 -51.53
C SER N 74 26.15 -17.88 -50.75
N CYS N 75 25.72 -16.71 -50.27
CA CYS N 75 24.51 -16.63 -49.41
C CYS N 75 23.21 -16.67 -50.23
N ALA N 76 22.09 -16.97 -49.58
CA ALA N 76 20.77 -17.02 -50.26
C ALA N 76 20.23 -15.60 -50.45
N ALA N 77 19.15 -15.45 -51.22
CA ALA N 77 18.52 -14.13 -51.43
C ALA N 77 18.19 -13.49 -50.08
N GLY N 78 18.39 -12.18 -49.93
CA GLY N 78 18.15 -11.49 -48.66
C GLY N 78 18.88 -10.16 -48.61
N TYR N 79 19.43 -9.79 -47.45
CA TYR N 79 20.10 -8.47 -47.31
C TYR N 79 21.55 -8.65 -46.82
N ILE N 80 22.47 -7.78 -47.25
CA ILE N 80 23.88 -7.81 -46.74
C ILE N 80 24.28 -6.39 -46.29
N ARG N 81 25.04 -6.27 -45.20
CA ARG N 81 25.42 -4.93 -44.65
C ARG N 81 26.88 -4.94 -44.22
N ILE N 82 27.55 -3.78 -44.29
CA ILE N 82 28.97 -3.64 -43.83
C ILE N 82 28.99 -2.72 -42.61
N ASN N 83 29.69 -3.12 -41.54
CA ASN N 83 29.73 -2.32 -40.29
C ASN N 83 31.17 -1.95 -39.94
N ALA N 84 31.38 -0.85 -39.20
CA ALA N 84 32.73 -0.45 -38.74
C ALA N 84 32.71 -0.25 -37.22
N PHE N 85 33.69 -0.82 -36.50
CA PHE N 85 33.70 -0.75 -35.01
C PHE N 85 34.88 0.08 -34.50
N ASN N 86 34.67 0.85 -33.42
CA ASN N 86 35.76 1.67 -32.81
C ASN N 86 35.95 1.24 -31.35
N ALA N 87 37.08 0.61 -31.01
CA ALA N 87 37.29 0.07 -29.64
C ALA N 87 37.97 1.09 -28.71
N ALA N 88 37.96 2.38 -29.06
CA ALA N 88 38.60 3.43 -28.22
C ALA N 88 37.82 3.67 -26.92
N TYR N 89 38.53 3.84 -25.81
CA TYR N 89 37.89 4.17 -24.51
C TYR N 89 36.96 5.37 -24.70
N GLY N 90 35.70 5.26 -24.26
CA GLY N 90 34.72 6.35 -24.49
C GLY N 90 33.75 5.99 -25.59
N THR N 91 34.07 4.95 -26.37
CA THR N 91 33.19 4.53 -27.50
C THR N 91 32.93 3.02 -27.40
N GLU N 92 33.88 2.22 -27.85
CA GLU N 92 33.75 0.74 -27.76
C GLU N 92 32.39 0.34 -28.34
N SER N 93 32.10 0.77 -29.58
CA SER N 93 30.80 0.47 -30.22
C SER N 93 30.92 0.61 -31.74
N CYS N 94 29.84 0.35 -32.48
CA CYS N 94 29.84 0.53 -33.95
C CYS N 94 29.74 2.04 -34.27
N VAL N 95 30.37 2.48 -35.37
CA VAL N 95 30.36 3.94 -35.71
C VAL N 95 29.90 4.15 -37.16
N MET N 96 29.60 3.08 -37.90
CA MET N 96 29.07 3.20 -39.28
C MET N 96 28.38 1.90 -39.69
N SER N 97 27.35 1.98 -40.54
CA SER N 97 26.62 0.77 -41.02
C SER N 97 25.80 1.14 -42.26
N PHE N 98 25.94 0.39 -43.37
CA PHE N 98 25.14 0.67 -44.58
C PHE N 98 24.84 -0.64 -45.35
N ILE N 99 23.68 -0.71 -46.02
CA ILE N 99 23.27 -1.91 -46.80
C ILE N 99 24.03 -1.94 -48.13
N VAL N 100 24.38 -3.14 -48.60
CA VAL N 100 25.19 -3.26 -49.86
C VAL N 100 24.63 -4.37 -50.77
N ASN N 101 23.41 -4.87 -50.50
CA ASN N 101 22.75 -5.90 -51.36
C ASN N 101 21.29 -6.10 -50.92
N ARG N 102 20.35 -6.12 -51.87
CA ARG N 102 18.90 -6.20 -51.51
C ARG N 102 18.22 -7.32 -52.29
N PRO N 103 17.04 -7.84 -51.86
CA PRO N 103 16.30 -8.85 -52.65
C PRO N 103 15.59 -8.22 -53.86
N SER N 104 15.20 -9.05 -54.83
CA SER N 104 14.52 -8.56 -56.06
C SER N 104 13.29 -7.70 -55.73
N ASN N 105 12.56 -8.05 -54.67
CA ASN N 105 11.41 -7.22 -54.25
C ASN N 105 11.04 -7.51 -52.79
N GLU N 106 10.57 -6.50 -52.06
CA GLU N 106 10.24 -6.69 -50.62
C GLU N 106 8.80 -6.24 -50.36
N PRO N 107 7.88 -7.15 -49.92
CA PRO N 107 6.47 -6.77 -49.73
C PRO N 107 6.26 -5.81 -48.55
N GLY N 108 7.04 -5.96 -47.47
CA GLY N 108 6.95 -5.01 -46.34
C GLY N 108 6.30 -5.57 -45.09
N PHE N 109 5.52 -4.75 -44.37
CA PHE N 109 4.92 -5.19 -43.09
C PHE N 109 3.50 -4.69 -42.91
N TYR N 110 2.79 -5.18 -41.88
CA TYR N 110 1.43 -4.70 -41.54
C TYR N 110 1.29 -4.70 -40.02
N LEU N 111 0.27 -4.03 -39.47
CA LEU N 111 0.16 -3.90 -37.99
C LEU N 111 -1.02 -4.73 -37.44
N GLU N 112 -0.85 -5.36 -36.28
CA GLU N 112 -1.97 -6.07 -35.61
C GLU N 112 -2.31 -5.29 -34.33
N ARG N 113 -3.59 -5.09 -34.01
CA ARG N 113 -3.96 -4.23 -32.86
C ARG N 113 -4.77 -4.99 -31.80
N GLN N 114 -4.14 -5.36 -30.68
CA GLN N 114 -4.89 -6.02 -29.56
C GLN N 114 -5.44 -4.94 -28.62
N GLU N 115 -6.74 -4.99 -28.33
CA GLU N 115 -7.40 -3.97 -27.46
C GLU N 115 -7.30 -4.40 -25.99
N LEU N 116 -6.68 -3.57 -25.14
CA LEU N 116 -6.55 -3.88 -23.69
C LEU N 116 -7.45 -2.95 -22.85
N GLU N 117 -6.96 -2.43 -21.72
CA GLU N 117 -7.82 -1.63 -20.81
C GLU N 117 -8.16 -0.25 -21.39
N GLY N 118 -9.38 0.25 -21.13
CA GLY N 118 -9.79 1.58 -21.60
C GLY N 118 -9.67 1.72 -23.11
N ARG N 119 -8.82 2.63 -23.58
CA ARG N 119 -8.61 2.83 -25.05
C ARG N 119 -7.20 2.38 -25.46
N ARG N 120 -6.48 1.68 -24.57
CA ARG N 120 -5.07 1.31 -24.89
C ARG N 120 -5.01 0.20 -25.95
N ILE N 121 -4.02 0.25 -26.84
CA ILE N 121 -3.81 -0.83 -27.85
C ILE N 121 -2.39 -1.39 -27.69
N ALA N 122 -2.23 -2.72 -27.84
CA ALA N 122 -0.87 -3.31 -27.84
C ALA N 122 -0.55 -3.66 -29.29
N TYR N 123 0.45 -3.01 -29.88
CA TYR N 123 0.74 -3.18 -31.33
C TYR N 123 1.77 -4.28 -31.60
N THR N 124 1.66 -4.97 -32.74
CA THR N 124 2.69 -5.96 -33.17
C THR N 124 2.97 -5.72 -34.65
N THR N 125 4.24 -5.55 -35.04
CA THR N 125 4.63 -5.37 -36.47
C THR N 125 4.91 -6.73 -37.10
N LYS N 126 4.31 -7.04 -38.27
CA LYS N 126 4.48 -8.40 -38.87
C LYS N 126 5.05 -8.33 -40.30
N SER N 127 5.98 -9.24 -40.63
CA SER N 127 6.61 -9.26 -41.99
C SER N 127 5.88 -10.27 -42.90
N TYR N 128 5.58 -9.88 -44.14
CA TYR N 128 4.91 -10.79 -45.11
C TYR N 128 5.85 -11.96 -45.47
N SER N 129 7.11 -11.67 -45.80
CA SER N 129 8.09 -12.72 -46.21
C SER N 129 8.31 -13.76 -45.10
N VAL N 130 8.55 -13.30 -43.87
CA VAL N 130 8.82 -14.22 -42.72
C VAL N 130 7.60 -15.14 -42.52
N GLN N 131 6.41 -14.57 -42.35
CA GLN N 131 5.20 -15.39 -42.04
C GLN N 131 4.95 -16.43 -43.13
N ALA N 132 5.49 -16.25 -44.34
CA ALA N 132 5.15 -17.16 -45.47
C ALA N 132 6.14 -18.33 -45.63
N ASN N 133 7.43 -18.13 -45.38
CA ASN N 133 8.40 -19.22 -45.68
C ASN N 133 9.48 -19.30 -44.61
N PRO N 134 10.11 -20.48 -44.38
CA PRO N 134 11.22 -20.59 -43.42
C PRO N 134 12.52 -19.92 -43.88
N GLU N 135 13.48 -19.73 -42.97
CA GLU N 135 14.77 -19.05 -43.30
C GLU N 135 15.47 -19.80 -44.44
N GLY N 136 16.07 -19.06 -45.39
CA GLY N 136 16.71 -19.69 -46.56
C GLY N 136 15.85 -19.63 -47.81
N GLY N 137 14.52 -19.57 -47.65
CA GLY N 137 13.59 -19.55 -48.81
C GLY N 137 12.56 -18.44 -48.72
N ARG N 138 12.91 -17.28 -48.15
CA ARG N 138 11.93 -16.19 -47.96
C ARG N 138 11.92 -15.25 -49.18
N TYR N 139 13.01 -15.19 -49.95
CA TYR N 139 13.11 -14.24 -51.09
C TYR N 139 13.60 -14.97 -52.35
N MET O 1 20.24 10.64 47.52
CA MET O 1 20.94 9.97 46.40
C MET O 1 22.07 10.86 45.88
N ARG O 2 23.12 10.25 45.32
CA ARG O 2 24.24 11.02 44.71
C ARG O 2 24.09 10.97 43.20
N LEU O 3 24.09 12.12 42.54
CA LEU O 3 23.98 12.16 41.04
C LEU O 3 25.30 11.62 40.45
N THR O 4 25.22 10.65 39.53
CA THR O 4 26.47 10.01 39.04
C THR O 4 26.88 10.52 37.64
N GLN O 5 26.47 11.73 37.27
CA GLN O 5 26.93 12.31 35.98
C GLN O 5 28.37 12.80 36.17
N GLY O 6 29.19 12.75 35.11
CA GLY O 6 30.59 13.20 35.21
C GLY O 6 31.57 12.03 35.23
N CYS O 7 32.88 12.31 35.10
CA CYS O 7 33.87 11.21 35.01
C CYS O 7 34.43 10.77 36.38
N PHE O 8 34.25 11.55 37.46
CA PHE O 8 34.88 11.17 38.75
C PHE O 8 33.84 11.07 39.89
N SER O 9 32.58 10.78 39.56
CA SER O 9 31.51 10.80 40.60
C SER O 9 31.56 9.57 41.52
N PHE O 10 32.32 8.52 41.15
CA PHE O 10 32.48 7.35 42.06
C PHE O 10 33.65 7.60 43.03
N LEU O 11 34.26 8.79 42.96
CA LEU O 11 35.34 9.15 43.92
C LEU O 11 34.80 10.20 44.89
N PRO O 12 35.38 10.40 46.10
CA PRO O 12 34.92 11.48 46.99
C PRO O 12 35.01 12.86 46.33
N ASP O 13 34.29 13.85 46.86
CA ASP O 13 34.40 15.24 46.32
C ASP O 13 35.89 15.62 46.26
N LEU O 14 36.33 16.22 45.16
CA LEU O 14 37.78 16.53 44.99
C LEU O 14 38.16 17.83 45.70
N THR O 15 39.39 17.90 46.22
CA THR O 15 39.88 19.14 46.87
C THR O 15 40.28 20.17 45.81
N ASP O 16 40.55 21.41 46.24
CA ASP O 16 40.93 22.50 45.29
C ASP O 16 42.26 22.13 44.60
N GLN O 17 43.21 21.57 45.37
CA GLN O 17 44.49 21.13 44.76
C GLN O 17 44.22 20.07 43.69
N GLN O 18 43.35 19.11 44.00
CA GLN O 18 42.99 18.05 43.01
C GLN O 18 42.44 18.71 41.75
N ILE O 19 41.48 19.63 41.89
CA ILE O 19 40.85 20.30 40.71
C ILE O 19 41.94 20.98 39.89
N GLU O 20 42.80 21.77 40.54
CA GLU O 20 43.87 22.53 39.83
C GLU O 20 44.71 21.59 38.95
N LYS O 21 45.04 20.38 39.45
CA LYS O 21 45.89 19.43 38.68
C LYS O 21 45.19 19.03 37.38
N GLN O 22 43.91 18.68 37.46
CA GLN O 22 43.15 18.24 36.25
C GLN O 22 43.13 19.39 35.24
N ILE O 23 42.92 20.62 35.72
CA ILE O 23 42.94 21.81 34.82
C ILE O 23 44.32 21.88 34.16
N ALA O 24 45.40 21.76 34.94
CA ALA O 24 46.78 21.82 34.41
C ALA O 24 46.98 20.76 33.31
N TYR O 25 46.28 19.62 33.41
CA TYR O 25 46.43 18.54 32.41
C TYR O 25 45.75 18.94 31.09
N CYS O 26 44.59 19.60 31.18
CA CYS O 26 43.83 20.00 29.95
C CYS O 26 44.55 21.13 29.20
N ILE O 27 45.19 22.06 29.91
CA ILE O 27 45.87 23.21 29.26
C ILE O 27 47.16 22.72 28.59
N THR O 28 47.84 21.74 29.18
CA THR O 28 49.05 21.16 28.54
C THR O 28 48.68 20.57 27.17
N LYS O 29 47.41 20.20 26.98
CA LYS O 29 46.96 19.67 25.66
C LYS O 29 46.57 20.82 24.73
N GLY O 30 46.32 22.02 25.28
CA GLY O 30 45.86 23.16 24.45
C GLY O 30 44.35 23.27 24.36
N TRP O 31 43.61 22.74 25.35
CA TRP O 31 42.11 22.75 25.28
C TRP O 31 41.52 24.04 25.84
N ALA O 32 40.30 24.40 25.44
CA ALA O 32 39.60 25.60 25.96
C ALA O 32 38.69 25.20 27.13
N MET O 33 38.67 26.00 28.21
CA MET O 33 37.90 25.60 29.44
C MET O 33 36.69 26.51 29.66
N ASN O 34 35.62 25.98 30.27
CA ASN O 34 34.43 26.83 30.61
C ASN O 34 33.74 26.29 31.87
N VAL O 35 32.85 27.09 32.49
CA VAL O 35 32.15 26.70 33.75
C VAL O 35 30.64 26.86 33.54
N GLU O 36 29.83 25.90 34.03
CA GLU O 36 28.35 25.95 33.82
C GLU O 36 27.61 25.69 35.14
N TRP O 37 26.29 26.03 35.19
CA TRP O 37 25.47 25.85 36.42
C TRP O 37 24.04 25.43 36.07
N THR O 38 23.38 24.67 36.95
CA THR O 38 21.95 24.31 36.72
C THR O 38 21.28 23.84 38.01
N ASP O 39 19.94 23.87 38.06
CA ASP O 39 19.21 23.31 39.22
C ASP O 39 18.22 22.26 38.70
N ASP O 40 18.37 21.86 37.43
CA ASP O 40 17.51 20.78 36.86
C ASP O 40 18.44 19.66 36.40
N PRO O 41 18.63 18.57 37.17
CA PRO O 41 19.61 17.52 36.82
C PRO O 41 19.09 16.35 35.97
N HIS O 42 17.98 16.55 35.25
CA HIS O 42 17.46 15.48 34.35
C HIS O 42 18.59 15.03 33.41
N PRO O 43 18.75 13.71 33.12
CA PRO O 43 19.85 13.23 32.26
C PRO O 43 19.76 13.72 30.80
N ARG O 44 18.58 14.15 30.35
CA ARG O 44 18.44 14.70 28.97
C ARG O 44 18.44 16.23 28.99
N ASN O 45 18.82 16.86 30.11
CA ASN O 45 18.93 18.35 30.16
C ASN O 45 20.29 18.74 29.58
N SER O 46 20.39 18.90 28.26
CA SER O 46 21.71 19.13 27.60
C SER O 46 22.34 20.50 27.87
N TYR O 47 21.55 21.57 27.91
CA TYR O 47 22.16 22.92 28.00
C TYR O 47 22.14 23.50 29.42
N TRP O 48 23.26 23.40 30.14
CA TRP O 48 23.35 24.08 31.47
C TRP O 48 23.57 25.59 31.21
N GLU O 49 23.44 26.43 32.23
CA GLU O 49 23.60 27.90 32.05
C GLU O 49 25.08 28.27 31.98
N LEU O 50 25.47 29.18 31.06
CA LEU O 50 26.91 29.52 30.86
C LEU O 50 27.37 30.58 31.87
N TRP O 51 28.57 30.43 32.41
CA TRP O 51 29.15 31.46 33.33
C TRP O 51 30.21 32.23 32.55
N GLY O 52 29.83 33.30 31.86
CA GLY O 52 30.78 34.05 31.01
C GLY O 52 31.13 33.29 29.74
N LEU O 53 32.09 33.79 28.95
CA LEU O 53 32.54 33.10 27.71
C LEU O 53 33.60 32.05 28.05
N PRO O 54 33.91 31.07 27.16
CA PRO O 54 34.99 30.10 27.42
C PRO O 54 36.36 30.80 27.45
N LEU O 55 37.28 30.32 28.28
CA LEU O 55 38.66 30.89 28.34
C LEU O 55 39.50 30.22 27.25
N PHE O 56 39.68 30.88 26.11
CA PHE O 56 40.36 30.23 24.96
C PHE O 56 41.90 30.19 25.11
N ASP O 57 42.55 31.33 25.32
CA ASP O 57 44.05 31.33 25.31
C ASP O 57 44.63 31.49 26.72
N VAL O 58 43.83 31.32 27.77
CA VAL O 58 44.39 31.38 29.15
C VAL O 58 45.37 30.21 29.32
N LYS O 59 46.58 30.49 29.82
CA LYS O 59 47.62 29.42 29.98
C LYS O 59 48.04 29.33 31.45
N ASP O 60 47.09 29.50 32.38
CA ASP O 60 47.41 29.42 33.83
C ASP O 60 46.16 28.97 34.61
N PRO O 61 46.16 27.83 35.32
CA PRO O 61 44.94 27.34 35.99
C PRO O 61 44.38 28.37 36.98
N ALA O 62 45.24 29.24 37.51
CA ALA O 62 44.80 30.24 38.51
C ALA O 62 43.63 31.06 37.95
N SER O 63 43.69 31.42 36.66
CA SER O 63 42.56 32.18 36.03
C SER O 63 41.26 31.37 36.11
N VAL O 64 41.31 30.06 35.83
CA VAL O 64 40.10 29.20 35.88
C VAL O 64 39.64 29.06 37.34
N MET O 65 40.58 28.80 38.26
CA MET O 65 40.23 28.68 39.71
C MET O 65 39.50 29.93 40.18
N PHE O 66 39.99 31.12 39.83
CA PHE O 66 39.35 32.39 40.24
C PHE O 66 37.88 32.41 39.80
N GLU O 67 37.63 32.14 38.52
CA GLU O 67 36.23 32.20 38.00
C GLU O 67 35.33 31.25 38.79
N LEU O 68 35.78 30.02 39.03
CA LEU O 68 34.98 29.03 39.80
C LEU O 68 34.68 29.59 41.19
N ARG O 69 35.67 30.20 41.84
CA ARG O 69 35.47 30.80 43.18
C ARG O 69 34.31 31.80 43.13
N GLU O 70 34.30 32.68 42.12
CA GLU O 70 33.24 33.71 41.99
C GLU O 70 31.86 33.03 41.89
N ALA O 71 31.68 32.15 40.89
CA ALA O 71 30.39 31.44 40.72
C ALA O 71 29.94 30.86 42.05
N ARG O 72 30.85 30.20 42.77
CA ARG O 72 30.48 29.53 44.05
C ARG O 72 29.78 30.53 44.98
N LYS O 73 30.30 31.74 45.10
CA LYS O 73 29.73 32.72 46.07
C LYS O 73 28.62 33.54 45.42
N SER O 74 28.45 33.41 44.09
CA SER O 74 27.46 34.26 43.37
C SER O 74 26.20 33.46 43.01
N CYS O 75 26.33 32.22 42.58
CA CYS O 75 25.16 31.44 42.09
C CYS O 75 24.33 30.85 43.25
N ALA O 76 23.09 30.46 42.99
CA ALA O 76 22.20 29.86 44.01
C ALA O 76 22.57 28.40 44.24
N ALA O 77 22.01 27.76 45.27
CA ALA O 77 22.27 26.33 45.53
C ALA O 77 21.94 25.50 44.28
N GLY O 78 22.76 24.50 43.98
CA GLY O 78 22.56 23.66 42.79
C GLY O 78 23.83 22.93 42.41
N TYR O 79 24.13 22.81 41.12
CA TYR O 79 25.32 22.04 40.67
C TYR O 79 26.24 22.91 39.80
N ILE O 80 27.56 22.70 39.88
CA ILE O 80 28.52 23.42 38.98
C ILE O 80 29.45 22.39 38.31
N ARG O 81 29.81 22.59 37.05
CA ARG O 81 30.66 21.61 36.30
C ARG O 81 31.70 22.35 35.46
N ILE O 82 32.87 21.73 35.24
CA ILE O 82 33.94 22.33 34.38
C ILE O 82 34.09 21.45 33.13
N ASN O 83 34.13 22.07 31.95
CA ASN O 83 34.22 21.31 30.68
C ASN O 83 35.47 21.73 29.89
N ALA O 84 35.99 20.85 29.03
CA ALA O 84 37.16 21.18 28.17
C ALA O 84 36.80 20.88 26.70
N PHE O 85 37.08 21.80 25.78
CA PHE O 85 36.69 21.63 24.35
C PHE O 85 37.93 21.51 23.46
N ASN O 86 37.86 20.65 22.42
CA ASN O 86 38.98 20.48 21.46
C ASN O 86 38.48 20.82 20.05
N ALA O 87 38.97 21.91 19.45
CA ALA O 87 38.45 22.36 18.13
C ALA O 87 39.26 21.78 16.95
N ALA O 88 40.04 20.71 17.18
CA ALA O 88 40.86 20.10 16.12
C ALA O 88 39.99 19.38 15.07
N TYR O 89 40.31 19.51 13.78
CA TYR O 89 39.59 18.78 12.72
C TYR O 89 39.54 17.29 13.07
N GLY O 90 38.35 16.68 13.02
CA GLY O 90 38.20 15.28 13.42
C GLY O 90 37.56 15.16 14.79
N THR O 91 37.49 16.27 15.53
CA THR O 91 36.89 16.26 16.89
C THR O 91 35.86 17.38 17.00
N GLU O 92 36.33 18.60 17.23
CA GLU O 92 35.42 19.77 17.30
C GLU O 92 34.29 19.45 18.28
N SER O 93 34.65 19.03 19.51
CA SER O 93 33.63 18.66 20.53
C SER O 93 34.25 18.74 21.93
N CYS O 94 33.45 18.45 22.97
CA CYS O 94 33.98 18.42 24.36
C CYS O 94 34.78 17.13 24.57
N VAL O 95 35.84 17.17 25.39
CA VAL O 95 36.70 15.97 25.59
C VAL O 95 36.87 15.67 27.09
N MET O 96 36.27 16.48 27.97
CA MET O 96 36.31 16.21 29.43
C MET O 96 35.19 16.98 30.13
N SER O 97 34.66 16.44 31.24
CA SER O 97 33.58 17.12 32.01
C SER O 97 33.47 16.48 33.40
N PHE O 98 33.51 17.27 34.46
CA PHE O 98 33.36 16.73 35.84
C PHE O 98 32.66 17.74 36.77
N ILE O 99 31.89 17.24 37.75
CA ILE O 99 31.15 18.11 38.72
C ILE O 99 32.13 18.65 39.76
N VAL O 100 31.93 19.89 40.22
CA VAL O 100 32.86 20.52 41.20
C VAL O 100 32.08 21.25 42.31
N ASN O 101 30.78 21.00 42.45
CA ASN O 101 29.96 21.60 43.55
C ASN O 101 28.56 20.96 43.57
N ARG O 102 28.06 20.56 44.74
CA ARG O 102 26.77 19.83 44.82
C ARG O 102 25.85 20.48 45.86
N PRO O 103 24.51 20.26 45.84
CA PRO O 103 23.62 20.78 46.88
C PRO O 103 23.75 19.97 48.18
N SER O 104 23.30 20.54 49.31
CA SER O 104 23.36 19.83 50.62
C SER O 104 22.56 18.51 50.56
N ASN O 105 21.51 18.45 49.74
CA ASN O 105 20.65 17.24 49.71
C ASN O 105 20.02 17.07 48.33
N GLU O 106 20.02 15.85 47.79
CA GLU O 106 19.35 15.60 46.49
C GLU O 106 18.35 14.45 46.65
N PRO O 107 17.02 14.69 46.58
CA PRO O 107 16.03 13.62 46.78
C PRO O 107 16.03 12.59 45.63
N GLY O 108 16.26 13.04 44.39
CA GLY O 108 16.35 12.09 43.26
C GLY O 108 15.17 12.12 42.30
N PHE O 109 14.77 10.96 41.78
CA PHE O 109 13.69 10.91 40.76
C PHE O 109 12.77 9.72 40.96
N TYR O 110 11.65 9.67 40.23
CA TYR O 110 10.71 8.52 40.26
C TYR O 110 10.16 8.32 38.84
N LEU O 111 9.54 7.17 38.56
CA LEU O 111 9.09 6.88 37.17
C LEU O 111 7.55 6.91 37.06
N GLU O 112 7.02 7.44 35.96
CA GLU O 112 5.56 7.39 35.70
C GLU O 112 5.33 6.44 34.51
N ARG O 113 4.32 5.57 34.56
CA ARG O 113 4.14 4.55 33.50
C ARG O 113 2.79 4.68 32.78
N GLN O 114 2.77 5.22 31.56
CA GLN O 114 1.50 5.29 30.77
C GLN O 114 1.35 4.01 29.94
N GLU O 115 0.20 3.35 30.05
CA GLU O 115 -0.03 2.06 29.32
C GLU O 115 -0.61 2.35 27.92
N LEU O 116 0.09 1.90 26.87
CA LEU O 116 -0.40 2.11 25.47
C LEU O 116 -0.87 0.78 24.86
N GLU O 117 -0.53 0.51 23.60
CA GLU O 117 -1.06 -0.71 22.90
C GLU O 117 -0.44 -2.01 23.44
N GLY O 118 -1.22 -3.09 23.50
CA GLY O 118 -0.71 -4.39 23.95
C GLY O 118 -0.11 -4.32 25.35
N ARG O 119 1.19 -4.61 25.48
CA ARG O 119 1.88 -4.54 26.80
C ARG O 119 2.89 -3.38 26.82
N ARG O 120 2.85 -2.48 25.82
CA ARG O 120 3.87 -1.40 25.75
C ARG O 120 3.64 -0.34 26.84
N ILE O 121 4.71 0.21 27.40
CA ILE O 121 4.60 1.32 28.40
C ILE O 121 5.39 2.54 27.89
N ALA O 122 4.87 3.75 28.08
CA ALA O 122 5.64 4.97 27.74
C ALA O 122 6.13 5.56 29.06
N TYR O 123 7.45 5.58 29.28
CA TYR O 123 8.01 6.01 30.59
C TYR O 123 8.34 7.51 30.64
N THR O 124 8.21 8.12 31.82
CA THR O 124 8.63 9.54 32.01
C THR O 124 9.41 9.61 33.33
N THR O 125 10.63 10.17 33.31
CA THR O 125 11.44 10.33 34.56
C THR O 125 11.14 11.69 35.19
N LYS O 126 10.83 11.74 36.50
CA LYS O 126 10.42 13.03 37.14
C LYS O 126 11.33 13.39 38.33
N SER O 127 11.69 14.67 38.46
CA SER O 127 12.58 15.15 39.57
C SER O 127 11.73 15.69 40.73
N TYR O 128 12.05 15.29 41.98
CA TYR O 128 11.32 15.81 43.17
C TYR O 128 11.56 17.32 43.34
N SER O 129 12.81 17.78 43.25
CA SER O 129 13.16 19.21 43.46
C SER O 129 12.47 20.10 42.42
N VAL O 130 12.54 19.73 41.14
CA VAL O 130 11.93 20.56 40.05
C VAL O 130 10.43 20.68 40.28
N GLN O 131 9.73 19.56 40.43
CA GLN O 131 8.24 19.58 40.55
C GLN O 131 7.81 20.43 41.75
N ALA O 132 8.69 20.66 42.73
CA ALA O 132 8.26 21.35 43.98
C ALA O 132 8.48 22.87 43.94
N ASN O 133 9.54 23.36 43.31
CA ASN O 133 9.84 24.81 43.40
C ASN O 133 10.35 25.37 42.08
N PRO O 134 10.17 26.67 41.77
CA PRO O 134 10.71 27.27 40.55
C PRO O 134 12.25 27.44 40.57
N GLU O 135 12.85 27.70 39.40
CA GLU O 135 14.32 27.83 39.29
C GLU O 135 14.82 28.93 40.24
N GLY O 136 15.96 28.70 40.90
CA GLY O 136 16.48 29.68 41.89
C GLY O 136 16.19 29.26 43.33
N GLY O 137 15.10 28.51 43.55
CA GLY O 137 14.72 28.10 44.91
C GLY O 137 14.44 26.61 45.04
N ARG O 138 15.17 25.77 44.30
CA ARG O 138 14.91 24.31 44.31
C ARG O 138 15.76 23.61 45.39
N TYR O 139 16.87 24.21 45.81
CA TYR O 139 17.78 23.55 46.79
C TYR O 139 18.16 24.54 47.91
N MET P 1 15.82 -27.61 -41.22
CA MET P 1 16.46 -27.57 -39.89
C MET P 1 16.33 -28.95 -39.21
N ARG P 2 17.28 -29.30 -38.34
CA ARG P 2 17.22 -30.57 -37.58
C ARG P 2 16.78 -30.25 -36.14
N LEU P 3 15.74 -30.90 -35.65
CA LEU P 3 15.27 -30.66 -34.25
C LEU P 3 16.31 -31.25 -33.28
N THR P 4 16.78 -30.47 -32.30
CA THR P 4 17.89 -30.95 -31.44
C THR P 4 17.40 -31.41 -30.06
N GLN P 5 16.14 -31.84 -29.94
CA GLN P 5 15.64 -32.40 -28.66
C GLN P 5 16.18 -33.84 -28.54
N GLY P 6 16.44 -34.30 -27.32
CA GLY P 6 16.95 -35.67 -27.11
C GLY P 6 18.43 -35.68 -26.75
N CYS P 7 18.97 -36.83 -26.34
CA CYS P 7 20.38 -36.89 -25.86
C CYS P 7 21.39 -37.20 -26.99
N PHE P 8 20.95 -37.68 -28.15
CA PHE P 8 21.94 -38.07 -29.20
C PHE P 8 21.68 -37.36 -30.54
N SER P 9 21.07 -36.17 -30.51
CA SER P 9 20.68 -35.49 -31.77
C SER P 9 21.88 -34.86 -32.50
N PHE P 10 23.04 -34.73 -31.83
CA PHE P 10 24.25 -34.22 -32.53
C PHE P 10 25.00 -35.38 -33.19
N LEU P 11 24.44 -36.59 -33.11
CA LEU P 11 25.05 -37.76 -33.82
C LEU P 11 24.17 -38.13 -35.00
N PRO P 12 24.65 -38.85 -36.05
CA PRO P 12 23.78 -39.29 -37.15
C PRO P 12 22.62 -40.16 -36.65
N ASP P 13 21.57 -40.30 -37.46
CA ASP P 13 20.44 -41.20 -37.09
C ASP P 13 21.03 -42.57 -36.70
N LEU P 14 20.54 -43.15 -35.60
CA LEU P 14 21.13 -44.44 -35.11
C LEU P 14 20.54 -45.64 -35.86
N THR P 15 21.35 -46.69 -36.06
CA THR P 15 20.85 -47.93 -36.71
C THR P 15 20.02 -48.76 -35.72
N ASP P 16 19.33 -49.79 -36.21
CA ASP P 16 18.50 -50.65 -35.33
C ASP P 16 19.41 -51.35 -34.31
N GLN P 17 20.59 -51.79 -34.74
CA GLN P 17 21.54 -52.46 -33.81
C GLN P 17 21.94 -51.46 -32.72
N GLN P 18 22.23 -50.21 -33.11
CA GLN P 18 22.57 -49.17 -32.10
C GLN P 18 21.43 -49.01 -31.10
N ILE P 19 20.19 -48.86 -31.59
CA ILE P 19 19.01 -48.66 -30.69
C ILE P 19 18.93 -49.83 -29.71
N GLU P 20 19.01 -51.07 -30.21
CA GLU P 20 18.90 -52.28 -29.35
C GLU P 20 19.89 -52.22 -28.18
N LYS P 21 21.13 -51.77 -28.44
CA LYS P 21 22.17 -51.72 -27.38
C LYS P 21 21.74 -50.77 -26.25
N GLN P 22 21.26 -49.59 -26.60
CA GLN P 22 20.84 -48.58 -25.59
C GLN P 22 19.70 -49.18 -24.75
N ILE P 23 18.76 -49.85 -25.41
CA ILE P 23 17.63 -50.51 -24.68
C ILE P 23 18.23 -51.53 -23.71
N ALA P 24 19.16 -52.38 -24.18
CA ALA P 24 19.81 -53.40 -23.33
C ALA P 24 20.46 -52.75 -22.10
N TYR P 25 20.94 -51.51 -22.23
CA TYR P 25 21.61 -50.81 -21.10
C TYR P 25 20.57 -50.39 -20.05
N CYS P 26 19.39 -49.94 -20.51
CA CYS P 26 18.33 -49.47 -19.57
C CYS P 26 17.71 -50.64 -18.80
N ILE P 27 17.56 -51.80 -19.44
CA ILE P 27 16.92 -52.98 -18.77
C ILE P 27 17.89 -53.57 -17.75
N THR P 28 19.20 -53.54 -18.03
CA THR P 28 20.20 -54.02 -17.04
C THR P 28 20.09 -53.20 -15.75
N LYS P 29 19.57 -51.97 -15.83
CA LYS P 29 19.38 -51.13 -14.62
C LYS P 29 18.03 -51.46 -13.96
N GLY P 30 17.11 -52.09 -14.70
CA GLY P 30 15.76 -52.36 -14.15
C GLY P 30 14.74 -51.27 -14.46
N TRP P 31 14.95 -50.49 -15.53
CA TRP P 31 14.04 -49.34 -15.83
C TRP P 31 12.84 -49.78 -16.67
N ALA P 32 11.74 -49.02 -16.64
CA ALA P 32 10.54 -49.31 -17.45
C ALA P 32 10.60 -48.51 -18.76
N MET P 33 10.24 -49.12 -19.90
CA MET P 33 10.40 -48.43 -21.22
C MET P 33 9.04 -48.11 -21.85
N ASN P 34 8.95 -47.03 -22.64
CA ASN P 34 7.68 -46.70 -23.37
C ASN P 34 8.00 -45.98 -24.68
N VAL P 35 7.01 -45.89 -25.59
CA VAL P 35 7.21 -45.25 -26.93
C VAL P 35 6.14 -44.17 -27.13
N GLU P 36 6.50 -43.00 -27.69
CA GLU P 36 5.54 -41.88 -27.86
C GLU P 36 5.62 -41.31 -29.28
N TRP P 37 4.60 -40.54 -29.70
CA TRP P 37 4.55 -39.93 -31.07
C TRP P 37 3.93 -38.53 -31.04
N THR P 38 4.34 -37.65 -31.96
CA THR P 38 3.71 -36.31 -32.05
C THR P 38 3.98 -35.65 -33.40
N ASP P 39 3.17 -34.65 -33.78
CA ASP P 39 3.45 -33.88 -35.03
C ASP P 39 3.53 -32.39 -34.64
N ASP P 40 3.62 -32.09 -33.33
CA ASP P 40 3.79 -30.69 -32.87
C ASP P 40 5.08 -30.63 -32.06
N PRO P 41 6.23 -30.18 -32.63
CA PRO P 41 7.51 -30.22 -31.91
C PRO P 41 7.89 -28.97 -31.09
N HIS P 42 6.90 -28.16 -30.70
CA HIS P 42 7.17 -26.99 -29.83
C HIS P 42 7.96 -27.45 -28.59
N PRO P 43 8.99 -26.70 -28.12
CA PRO P 43 9.80 -27.14 -26.96
C PRO P 43 9.01 -27.20 -25.64
N ARG P 44 7.86 -26.52 -25.55
CA ARG P 44 7.02 -26.59 -24.33
C ARG P 44 5.85 -27.58 -24.53
N ASN P 45 5.88 -28.39 -25.58
CA ASN P 45 4.82 -29.43 -25.79
C ASN P 45 5.19 -30.65 -24.94
N SER P 46 4.80 -30.67 -23.66
CA SER P 46 5.24 -31.74 -22.73
C SER P 46 4.63 -33.12 -22.99
N TYR P 47 3.35 -33.20 -23.36
CA TYR P 47 2.70 -34.54 -23.45
C TYR P 47 2.61 -35.06 -24.89
N TRP P 48 3.53 -35.94 -25.29
CA TRP P 48 3.40 -36.59 -26.63
C TRP P 48 2.31 -37.69 -26.50
N GLU P 49 1.85 -38.25 -27.61
CA GLU P 49 0.76 -39.27 -27.58
C GLU P 49 1.36 -40.64 -27.19
N LEU P 50 0.67 -41.40 -26.32
CA LEU P 50 1.21 -42.69 -25.81
C LEU P 50 0.93 -43.84 -26.78
N TRP P 51 1.89 -44.73 -26.99
CA TRP P 51 1.68 -45.92 -27.85
C TRP P 51 1.53 -47.13 -26.92
N GLY P 52 0.30 -47.45 -26.49
CA GLY P 52 0.09 -48.54 -25.52
C GLY P 52 0.57 -48.17 -24.12
N LEU P 53 0.56 -49.13 -23.19
CA LEU P 53 1.03 -48.88 -21.79
C LEU P 53 2.55 -49.06 -21.73
N PRO P 54 3.26 -48.57 -20.69
CA PRO P 54 4.70 -48.81 -20.54
C PRO P 54 5.00 -50.30 -20.32
N LEU P 55 6.13 -50.80 -20.83
CA LEU P 55 6.53 -52.21 -20.64
C LEU P 55 7.27 -52.32 -19.31
N PHE P 56 6.58 -52.74 -18.24
CA PHE P 56 7.22 -52.72 -16.89
C PHE P 56 8.20 -53.89 -16.66
N ASP P 57 7.75 -55.14 -16.77
CA ASP P 57 8.65 -56.27 -16.40
C ASP P 57 9.23 -56.99 -17.63
N VAL P 58 9.14 -56.39 -18.82
CA VAL P 58 9.78 -57.03 -20.02
C VAL P 58 11.30 -57.05 -19.80
N LYS P 59 11.93 -58.20 -20.00
CA LYS P 59 13.40 -58.34 -19.78
C LYS P 59 14.09 -58.78 -21.07
N ASP P 60 13.62 -58.27 -22.23
CA ASP P 60 14.24 -58.63 -23.53
C ASP P 60 14.02 -57.49 -24.52
N PRO P 61 15.08 -56.84 -25.08
CA PRO P 61 14.88 -55.67 -25.96
C PRO P 61 14.01 -56.03 -27.18
N ALA P 62 13.97 -57.31 -27.57
CA ALA P 62 13.19 -57.73 -28.76
C ALA P 62 11.74 -57.28 -28.62
N SER P 63 11.17 -57.39 -27.42
CA SER P 63 9.77 -56.94 -27.18
C SER P 63 9.65 -55.44 -27.49
N VAL P 64 10.60 -54.63 -27.04
CA VAL P 64 10.57 -53.15 -27.30
C VAL P 64 10.76 -52.90 -28.80
N MET P 65 11.74 -53.56 -29.42
CA MET P 65 12.00 -53.39 -30.87
C MET P 65 10.71 -53.69 -31.66
N PHE P 66 10.02 -54.77 -31.34
CA PHE P 66 8.77 -55.14 -32.06
C PHE P 66 7.77 -53.98 -32.00
N GLU P 67 7.51 -53.46 -30.80
CA GLU P 67 6.49 -52.37 -30.65
C GLU P 67 6.89 -51.17 -31.53
N LEU P 68 8.15 -50.76 -31.50
CA LEU P 68 8.62 -49.61 -32.31
C LEU P 68 8.37 -49.91 -33.80
N ARG P 69 8.66 -51.14 -34.24
CA ARG P 69 8.41 -51.51 -35.66
C ARG P 69 6.94 -51.26 -36.02
N GLU P 70 6.01 -51.68 -35.16
CA GLU P 70 4.56 -51.51 -35.42
C GLU P 70 4.23 -50.02 -35.58
N ALA P 71 4.55 -49.21 -34.57
CA ALA P 71 4.28 -47.75 -34.64
C ALA P 71 4.79 -47.19 -35.96
N ARG P 72 6.01 -47.55 -36.35
CA ARG P 72 6.62 -47.00 -37.58
C ARG P 72 5.69 -47.21 -38.78
N LYS P 73 5.09 -48.40 -38.90
CA LYS P 73 4.25 -48.70 -40.10
C LYS P 73 2.80 -48.29 -39.83
N SER P 74 2.46 -47.92 -38.59
CA SER P 74 1.04 -47.61 -38.25
C SER P 74 0.81 -46.10 -38.13
N CYS P 75 1.73 -45.37 -37.53
CA CYS P 75 1.51 -43.91 -37.26
C CYS P 75 1.75 -43.05 -38.51
N ALA P 76 1.24 -41.82 -38.52
CA ALA P 76 1.43 -40.89 -39.66
C ALA P 76 2.83 -40.27 -39.60
N ALA P 77 3.23 -39.56 -40.66
CA ALA P 77 4.55 -38.88 -40.68
C ALA P 77 4.67 -37.96 -39.47
N GLY P 78 5.85 -37.90 -38.85
CA GLY P 78 6.06 -37.09 -37.64
C GLY P 78 7.30 -37.54 -36.88
N TYR P 79 7.25 -37.54 -35.55
CA TYR P 79 8.43 -37.90 -34.73
C TYR P 79 8.09 -39.06 -33.77
N ILE P 80 9.06 -39.94 -33.49
CA ILE P 80 8.86 -41.02 -32.47
C ILE P 80 10.03 -41.00 -31.48
N ARG P 81 9.78 -41.25 -30.19
CA ARG P 81 10.84 -41.19 -29.15
C ARG P 81 10.69 -42.36 -28.17
N ILE P 82 11.80 -42.83 -27.59
CA ILE P 82 11.77 -43.92 -26.57
C ILE P 82 12.22 -43.33 -25.23
N ASN P 83 11.47 -43.61 -24.15
CA ASN P 83 11.79 -43.05 -22.82
C ASN P 83 12.02 -44.17 -21.80
N ALA P 84 12.79 -43.91 -20.74
CA ALA P 84 13.01 -44.91 -19.66
C ALA P 84 12.67 -44.26 -18.31
N PHE P 85 11.89 -44.95 -17.46
CA PHE P 85 11.44 -44.38 -16.17
C PHE P 85 12.04 -45.14 -14.98
N ASN P 86 12.39 -44.42 -13.90
CA ASN P 86 12.95 -45.05 -12.67
C ASN P 86 12.05 -44.72 -11.48
N ALA P 87 11.35 -45.70 -10.92
CA ALA P 87 10.36 -45.44 -9.83
C ALA P 87 11.00 -45.56 -8.44
N ALA P 88 12.33 -45.49 -8.33
CA ALA P 88 13.02 -45.60 -7.03
C ALA P 88 12.80 -44.36 -6.15
N TYR P 89 12.58 -44.53 -4.85
CA TYR P 89 12.44 -43.40 -3.92
C TYR P 89 13.63 -42.45 -4.09
N GLY P 90 13.38 -41.16 -4.27
CA GLY P 90 14.47 -40.20 -4.53
C GLY P 90 14.51 -39.79 -5.98
N THR P 91 13.81 -40.54 -6.85
CA THR P 91 13.80 -40.23 -8.30
C THR P 91 12.36 -40.18 -8.80
N GLU P 92 11.76 -41.33 -9.04
CA GLU P 92 10.34 -41.39 -9.48
C GLU P 92 10.16 -40.44 -10.67
N SER P 93 10.99 -40.59 -11.71
CA SER P 93 10.92 -39.70 -12.89
C SER P 93 11.58 -40.39 -14.10
N CYS P 94 11.59 -39.72 -15.26
CA CYS P 94 12.28 -40.27 -16.46
C CYS P 94 13.80 -40.09 -16.30
N VAL P 95 14.60 -41.02 -16.84
CA VAL P 95 16.08 -40.95 -16.67
C VAL P 95 16.78 -41.06 -18.04
N MET P 96 16.03 -41.22 -19.12
CA MET P 96 16.62 -41.25 -20.49
C MET P 96 15.54 -40.98 -21.54
N SER P 97 15.91 -40.35 -22.67
CA SER P 97 14.94 -40.05 -23.76
C SER P 97 15.71 -39.73 -25.04
N PHE P 98 15.39 -40.40 -26.16
CA PHE P 98 16.07 -40.11 -27.46
C PHE P 98 15.11 -40.32 -28.64
N ILE P 99 15.28 -39.53 -29.71
CA ILE P 99 14.41 -39.63 -30.93
C ILE P 99 14.85 -40.85 -31.76
N VAL P 100 13.89 -41.53 -32.39
CA VAL P 100 14.21 -42.77 -33.17
C VAL P 100 13.48 -42.77 -34.52
N ASN P 101 12.91 -41.63 -34.96
CA ASN P 101 12.24 -41.51 -36.29
C ASN P 101 11.91 -40.05 -36.58
N ARG P 102 12.21 -39.56 -37.79
CA ARG P 102 12.02 -38.12 -38.10
C ARG P 102 11.23 -37.96 -39.41
N PRO P 103 10.60 -36.79 -39.69
CA PRO P 103 9.93 -36.56 -40.99
C PRO P 103 10.95 -36.29 -42.11
N SER P 104 10.52 -36.45 -43.37
CA SER P 104 11.42 -36.24 -44.53
C SER P 104 12.10 -34.86 -44.49
N ASN P 105 11.39 -33.84 -44.00
CA ASN P 105 12.01 -32.50 -43.86
C ASN P 105 11.22 -31.64 -42.87
N GLU P 106 11.91 -30.79 -42.12
CA GLU P 106 11.23 -29.95 -41.09
C GLU P 106 11.56 -28.48 -41.33
N PRO P 107 10.56 -27.60 -41.62
CA PRO P 107 10.84 -26.18 -41.92
C PRO P 107 11.33 -25.40 -40.69
N GLY P 108 10.82 -25.71 -39.50
CA GLY P 108 11.33 -25.06 -38.27
C GLY P 108 10.36 -24.06 -37.65
N PHE P 109 10.89 -22.95 -37.11
CA PHE P 109 10.03 -21.97 -36.39
C PHE P 109 10.45 -20.53 -36.68
N TYR P 110 9.62 -19.57 -36.24
CA TYR P 110 9.95 -18.13 -36.37
C TYR P 110 9.41 -17.41 -35.12
N LEU P 111 9.86 -16.17 -34.87
CA LEU P 111 9.47 -15.47 -33.61
C LEU P 111 8.50 -14.31 -33.89
N GLU P 112 7.51 -14.10 -33.02
CA GLU P 112 6.60 -12.92 -33.14
C GLU P 112 6.90 -12.01 -31.94
N ARG P 113 6.98 -10.69 -32.14
CA ARG P 113 7.39 -9.77 -31.04
C ARG P 113 6.30 -8.74 -30.70
N GLN P 114 5.57 -8.92 -29.60
CA GLN P 114 4.57 -7.92 -29.16
C GLN P 114 5.25 -6.88 -28.25
N GLU P 115 5.10 -5.59 -28.56
CA GLU P 115 5.76 -4.51 -27.77
C GLU P 115 4.84 -4.10 -26.60
N LEU P 116 5.34 -4.21 -25.37
CA LEU P 116 4.53 -3.80 -24.17
C LEU P 116 5.12 -2.53 -23.54
N GLU P 117 5.22 -2.46 -22.20
CA GLU P 117 5.65 -1.20 -21.53
C GLU P 117 7.15 -0.92 -21.74
N GLY P 118 7.53 0.36 -21.85
CA GLY P 118 8.94 0.74 -22.01
C GLY P 118 9.59 0.07 -23.20
N ARG P 119 10.61 -0.75 -22.97
CA ARG P 119 11.30 -1.48 -24.08
C ARG P 119 11.02 -2.99 -23.98
N ARG P 120 10.07 -3.41 -23.15
CA ARG P 120 9.83 -4.87 -22.95
C ARG P 120 9.15 -5.49 -24.18
N ILE P 121 9.51 -6.73 -24.52
CA ILE P 121 8.85 -7.47 -25.64
C ILE P 121 8.26 -8.78 -25.08
N ALA P 122 7.07 -9.18 -25.55
CA ALA P 122 6.51 -10.51 -25.18
C ALA P 122 6.69 -11.41 -26.39
N TYR P 123 7.51 -12.46 -26.28
CA TYR P 123 7.84 -13.31 -27.45
C TYR P 123 6.91 -14.52 -27.59
N THR P 124 6.65 -14.94 -28.84
CA THR P 124 5.86 -16.19 -29.08
C THR P 124 6.60 -17.00 -30.16
N THR P 125 6.90 -18.27 -29.90
CA THR P 125 7.59 -19.15 -30.90
C THR P 125 6.53 -19.86 -31.75
N LYS P 126 6.63 -19.80 -33.09
CA LYS P 126 5.58 -20.38 -33.97
C LYS P 126 6.12 -21.45 -34.93
N SER P 127 5.40 -22.56 -35.13
CA SER P 127 5.83 -23.66 -36.04
C SER P 127 5.21 -23.51 -37.43
N TYR P 128 6.00 -23.65 -38.48
CA TYR P 128 5.47 -23.55 -39.88
C TYR P 128 4.50 -24.73 -40.16
N SER P 129 4.88 -25.97 -39.82
CA SER P 129 4.04 -27.16 -40.11
C SER P 129 2.69 -27.08 -39.40
N VAL P 130 2.70 -26.75 -38.10
CA VAL P 130 1.43 -26.68 -37.30
C VAL P 130 0.50 -25.63 -37.92
N GLN P 131 0.98 -24.39 -38.09
CA GLN P 131 0.10 -23.29 -38.59
C GLN P 131 -0.50 -23.64 -39.95
N ALA P 132 0.08 -24.58 -40.70
CA ALA P 132 -0.38 -24.84 -42.09
C ALA P 132 -1.42 -25.97 -42.19
N ASN P 133 -1.32 -27.01 -41.37
CA ASN P 133 -2.23 -28.18 -41.57
C ASN P 133 -2.69 -28.76 -40.24
N PRO P 134 -3.87 -29.41 -40.14
CA PRO P 134 -4.30 -30.06 -38.90
C PRO P 134 -3.51 -31.33 -38.55
N GLU P 135 -3.64 -31.82 -37.31
CA GLU P 135 -2.89 -33.02 -36.85
C GLU P 135 -3.19 -34.21 -37.76
N GLY P 136 -2.18 -35.01 -38.09
CA GLY P 136 -2.37 -36.14 -39.02
C GLY P 136 -1.87 -35.83 -40.43
N GLY P 137 -1.88 -34.56 -40.83
CA GLY P 137 -1.45 -34.16 -42.19
C GLY P 137 -0.45 -33.03 -42.20
N ARG P 138 0.44 -32.96 -41.20
CA ARG P 138 1.40 -31.83 -41.10
C ARG P 138 2.71 -32.16 -41.85
N TYR P 139 3.02 -33.45 -42.04
CA TYR P 139 4.31 -33.83 -42.68
C TYR P 139 4.06 -34.88 -43.77
N LYS Q 1 -14.29 -21.80 -55.33
CA LYS Q 1 -12.87 -21.82 -55.74
C LYS Q 1 -12.01 -21.20 -54.62
N TRP Q 2 -12.57 -20.24 -53.90
CA TRP Q 2 -11.83 -19.58 -52.78
C TRP Q 2 -12.21 -20.26 -51.46
N SER Q 3 -13.14 -21.22 -51.50
CA SER Q 3 -13.60 -21.92 -50.27
C SER Q 3 -12.90 -23.28 -50.14
N PRO Q 4 -12.68 -24.05 -51.23
CA PRO Q 4 -12.01 -25.34 -51.14
C PRO Q 4 -10.48 -25.18 -51.16
N ARG Q 5 -10.00 -24.02 -51.58
CA ARG Q 5 -8.54 -23.73 -51.66
C ARG Q 5 -7.91 -23.92 -50.28
N GLY Q 6 -8.57 -23.40 -49.23
CA GLY Q 6 -8.07 -23.53 -47.84
C GLY Q 6 -9.08 -24.23 -46.95
N GLY Q 7 -8.77 -24.37 -45.66
CA GLY Q 7 -9.68 -25.01 -44.69
C GLY Q 7 -10.22 -26.34 -45.21
N SER Q 8 -9.33 -27.32 -45.41
CA SER Q 8 -9.74 -28.66 -45.92
C SER Q 8 -10.91 -29.21 -45.09
N LYS R 1 9.82 -23.78 -55.49
CA LYS R 1 8.36 -24.03 -55.69
C LYS R 1 7.60 -23.65 -54.42
N TRP R 2 8.24 -23.83 -53.26
CA TRP R 2 7.61 -23.49 -51.95
C TRP R 2 8.05 -22.10 -51.52
N SER R 3 8.96 -21.48 -52.29
CA SER R 3 9.48 -20.12 -51.94
C SER R 3 8.75 -19.04 -52.75
N PRO R 4 8.43 -19.26 -54.04
CA PRO R 4 7.73 -18.25 -54.85
C PRO R 4 6.21 -18.34 -54.66
N ARG R 5 5.74 -19.45 -54.09
CA ARG R 5 4.28 -19.67 -53.86
C ARG R 5 3.74 -18.54 -52.96
N GLY R 6 4.49 -18.20 -51.91
CA GLY R 6 4.07 -17.13 -50.98
C GLY R 6 5.12 -16.03 -50.90
N GLY R 7 4.90 -15.02 -50.06
CA GLY R 7 5.84 -13.90 -49.89
C GLY R 7 6.32 -13.34 -51.22
N SER R 8 5.40 -12.75 -52.00
CA SER R 8 5.73 -12.17 -53.32
C SER R 8 6.94 -11.23 -53.20
N LYS S 1 -1.28 -11.62 -59.98
CA LYS S 1 -1.15 -13.09 -59.75
C LYS S 1 -0.97 -13.35 -58.26
N TRP S 2 -0.30 -12.42 -57.55
CA TRP S 2 -0.08 -12.56 -56.10
C TRP S 2 -1.17 -11.79 -55.33
N SER S 3 -2.04 -11.10 -56.06
CA SER S 3 -3.13 -10.29 -55.42
C SER S 3 -4.45 -11.07 -55.44
N PRO S 4 -4.80 -11.80 -56.52
CA PRO S 4 -6.05 -12.55 -56.57
C PRO S 4 -5.90 -13.93 -55.92
N ARG S 5 -4.66 -14.38 -55.71
CA ARG S 5 -4.38 -15.69 -55.08
C ARG S 5 -5.03 -15.75 -53.70
N GLY S 6 -4.90 -14.67 -52.91
CA GLY S 6 -5.50 -14.61 -51.56
C GLY S 6 -6.46 -13.43 -51.43
N GLY S 7 -7.02 -13.22 -50.25
CA GLY S 7 -7.96 -12.11 -50.00
C GLY S 7 -9.02 -12.01 -51.07
N SER S 8 -9.89 -13.02 -51.19
CA SER S 8 -10.97 -13.03 -52.22
C SER S 8 -11.76 -11.72 -52.16
N LYS T 1 -3.21 -33.90 -50.77
CA LYS T 1 -3.37 -32.70 -51.63
C LYS T 1 -3.44 -31.45 -50.73
N TRP T 2 -4.02 -31.60 -49.54
CA TRP T 2 -4.14 -30.47 -48.58
C TRP T 2 -2.98 -30.52 -47.58
N SER T 3 -2.14 -31.56 -47.67
CA SER T 3 -0.99 -31.71 -46.74
C SER T 3 0.31 -31.21 -47.39
N PRO T 4 0.55 -31.46 -48.69
CA PRO T 4 1.77 -31.00 -49.34
C PRO T 4 1.64 -29.55 -49.84
N ARG T 5 0.40 -29.06 -49.92
CA ARG T 5 0.13 -27.67 -50.38
C ARG T 5 0.88 -26.67 -49.49
N GLY T 6 0.83 -26.89 -48.16
CA GLY T 6 1.52 -26.00 -47.20
C GLY T 6 2.52 -26.78 -46.36
N GLY T 7 3.19 -26.11 -45.42
CA GLY T 7 4.17 -26.75 -44.53
C GLY T 7 5.16 -27.62 -45.29
N SER T 8 5.98 -27.01 -46.16
CA SER T 8 6.97 -27.75 -46.96
C SER T 8 7.81 -28.67 -46.07
N ALA U 1 61.72 -1.50 1.70
CA ALA U 1 62.47 -0.51 2.49
C ALA U 1 61.79 0.86 2.40
N ALA U 2 62.53 1.88 1.96
CA ALA U 2 61.98 3.25 1.81
C ALA U 2 61.58 3.48 0.35
N GLU U 3 61.70 2.44 -0.49
CA GLU U 3 61.34 2.53 -1.93
C GLU U 3 59.86 2.19 -2.10
N TRP U 4 59.22 1.71 -1.03
CA TRP U 4 57.78 1.35 -1.07
C TRP U 4 56.92 2.62 -1.01
N GLY U 5 57.48 3.71 -0.47
CA GLY U 5 56.75 4.99 -0.36
C GLY U 5 56.92 5.82 -1.61
N SER U 6 57.95 5.53 -2.41
CA SER U 6 58.23 6.29 -3.66
C SER U 6 57.65 5.52 -4.87
N MET U 7 57.49 4.21 -4.74
CA MET U 7 56.95 3.37 -5.84
C MET U 7 55.42 3.54 -5.92
N ASN U 8 54.81 3.97 -4.80
CA ASN U 8 53.33 4.16 -4.74
C ASN U 8 53.02 5.63 -4.45
N GLN U 9 53.18 6.50 -5.44
CA GLN U 9 52.92 7.95 -5.27
C GLN U 9 51.53 8.15 -4.67
N ALA V 1 48.06 33.92 -18.67
CA ALA V 1 48.95 33.40 -19.74
C ALA V 1 49.16 31.90 -19.57
N ALA V 2 50.42 31.47 -19.45
CA ALA V 2 50.74 30.04 -19.26
C ALA V 2 50.97 29.75 -17.78
N GLU V 3 50.76 30.75 -16.93
CA GLU V 3 50.95 30.61 -15.46
C GLU V 3 49.62 30.14 -14.83
N TRP V 4 48.55 30.11 -15.63
CA TRP V 4 47.22 29.66 -15.13
C TRP V 4 47.18 28.12 -15.06
N GLY V 5 48.06 27.46 -15.83
CA GLY V 5 48.12 25.98 -15.83
C GLY V 5 49.05 25.46 -14.76
N SER V 6 49.95 26.33 -14.28
CA SER V 6 50.93 25.94 -13.22
C SER V 6 50.43 26.39 -11.84
N MET V 7 49.55 27.40 -11.81
CA MET V 7 49.00 27.94 -10.55
C MET V 7 47.81 27.08 -10.08
N ASN V 8 47.32 26.19 -10.95
CA ASN V 8 46.21 25.24 -10.60
C ASN V 8 46.66 23.81 -10.92
N GLN V 9 47.55 23.24 -10.10
CA GLN V 9 48.05 21.86 -10.31
C GLN V 9 46.86 20.91 -10.48
N ALA W 1 2.16 58.22 -20.46
CA ALA W 1 1.58 59.32 -19.66
C ALA W 1 0.30 58.84 -18.98
N ALA W 2 -0.81 59.55 -19.21
CA ALA W 2 -2.12 59.18 -18.62
C ALA W 2 -2.94 58.38 -19.64
N GLU W 3 -2.34 58.09 -20.79
CA GLU W 3 -3.03 57.31 -21.86
C GLU W 3 -2.79 55.82 -21.64
N TRP W 4 -1.91 55.48 -20.68
CA TRP W 4 -1.60 54.06 -20.36
C TRP W 4 -2.72 53.46 -19.52
N GLY W 5 -3.49 54.31 -18.83
CA GLY W 5 -4.62 53.85 -17.99
C GLY W 5 -5.89 53.73 -18.79
N SER W 6 -5.96 54.41 -19.94
CA SER W 6 -7.17 54.38 -20.81
C SER W 6 -6.98 53.36 -21.95
N MET W 7 -5.70 53.05 -22.27
CA MET W 7 -5.38 52.09 -23.36
C MET W 7 -5.44 50.65 -22.83
N ASN W 8 -5.53 50.48 -21.51
CA ASN W 8 -5.68 49.14 -20.87
C ASN W 8 -6.90 49.15 -19.94
N GLN W 9 -8.10 49.13 -20.51
CA GLN W 9 -9.36 49.14 -19.71
C GLN W 9 -9.28 48.05 -18.63
N ALA X 1 -38.54 44.13 -19.39
CA ALA X 1 -38.52 44.57 -20.80
C ALA X 1 -37.07 44.61 -21.31
N ALA X 2 -36.62 45.76 -21.81
CA ALA X 2 -35.24 45.92 -22.32
C ALA X 2 -34.37 46.56 -21.24
N GLU X 3 -34.93 46.76 -20.05
CA GLU X 3 -34.19 47.37 -18.92
C GLU X 3 -33.50 46.27 -18.11
N TRP X 4 -33.80 45.01 -18.44
CA TRP X 4 -33.19 43.85 -17.73
C TRP X 4 -31.76 43.62 -18.26
N GLY X 5 -31.48 44.09 -19.46
CA GLY X 5 -30.14 43.94 -20.07
C GLY X 5 -29.23 45.08 -19.67
N SER X 6 -29.80 46.21 -19.23
CA SER X 6 -29.01 47.39 -18.82
C SER X 6 -28.84 47.42 -17.29
N MET X 7 -29.75 46.75 -16.58
CA MET X 7 -29.72 46.69 -15.08
C MET X 7 -28.76 45.61 -14.61
N ASN X 8 -28.30 44.74 -15.54
CA ASN X 8 -27.30 43.68 -15.22
C ASN X 8 -26.13 43.80 -16.21
N GLN X 9 -25.27 44.80 -16.02
CA GLN X 9 -24.09 45.02 -16.92
C GLN X 9 -23.31 43.71 -17.04
N ALA Y 1 -61.45 4.02 4.39
CA ALA Y 1 -62.13 3.89 5.70
C ALA Y 1 -61.41 2.83 6.54
N ALA Y 2 -62.16 1.82 7.00
CA ALA Y 2 -61.58 0.73 7.82
C ALA Y 2 -61.28 -0.47 6.92
N GLU Y 3 -61.49 -0.32 5.61
CA GLU Y 3 -61.23 -1.41 4.63
C GLU Y 3 -59.77 -1.34 4.16
N TRP Y 4 -59.07 -0.26 4.55
CA TRP Y 4 -57.64 -0.08 4.16
C TRP Y 4 -56.75 -0.96 5.04
N GLY Y 5 -57.25 -1.34 6.23
CA GLY Y 5 -56.48 -2.19 7.15
C GLY Y 5 -56.71 -3.66 6.87
N SER Y 6 -57.80 -3.99 6.17
CA SER Y 6 -58.14 -5.40 5.83
C SER Y 6 -57.68 -5.72 4.40
N MET Y 7 -57.53 -4.68 3.57
CA MET Y 7 -57.11 -4.86 2.15
C MET Y 7 -55.57 -4.96 2.06
N ASN Y 8 -54.87 -4.65 3.16
CA ASN Y 8 -53.40 -4.79 3.24
C ASN Y 8 -53.02 -5.63 4.47
N GLN Y 9 -53.24 -6.95 4.38
CA GLN Y 9 -52.92 -7.87 5.50
C GLN Y 9 -51.48 -7.63 5.97
N ALA Z 1 -48.25 -35.88 13.91
CA ALA Z 1 -49.23 -36.25 12.87
C ALA Z 1 -49.47 -35.05 11.94
N ALA Z 2 -50.73 -34.62 11.81
CA ALA Z 2 -51.09 -33.47 10.96
C ALA Z 2 -51.22 -32.22 11.82
N GLU Z 3 -50.92 -32.35 13.12
CA GLU Z 3 -51.01 -31.20 14.07
C GLU Z 3 -49.67 -30.45 14.09
N TRP Z 4 -48.65 -31.02 13.42
CA TRP Z 4 -47.31 -30.39 13.37
C TRP Z 4 -47.31 -29.25 12.34
N GLY Z 5 -48.25 -29.29 11.39
CA GLY Z 5 -48.36 -28.25 10.35
C GLY Z 5 -49.24 -27.11 10.82
N SER Z 6 -50.08 -27.35 11.83
CA SER Z 6 -51.00 -26.30 12.37
C SER Z 6 -50.38 -25.67 13.62
N MET Z 7 -49.48 -26.38 14.30
CA MET Z 7 -48.83 -25.85 15.52
C MET Z 7 -47.72 -24.88 15.13
N ASN Z 8 -47.21 -24.98 13.90
CA ASN Z 8 -46.13 -24.09 13.40
C ASN Z 8 -46.64 -23.29 12.19
N GLN Z 9 -47.48 -22.28 12.45
CA GLN Z 9 -48.04 -21.43 11.37
C GLN Z 9 -46.90 -20.92 10.49
N ALA AA 1 -1.92 -55.71 26.56
CA ALA AA 1 -1.27 -55.96 27.87
C ALA AA 1 0.05 -55.18 27.94
N ALA AA 2 1.16 -55.88 28.19
CA ALA AA 2 2.49 -55.24 28.27
C ALA AA 2 3.22 -55.42 26.94
N GLU AA 3 2.53 -55.99 25.94
CA GLU AA 3 3.12 -56.21 24.59
C GLU AA 3 2.87 -54.99 23.72
N TRP AA 4 2.05 -54.05 24.22
CA TRP AA 4 1.73 -52.80 23.47
C TRP AA 4 2.90 -51.82 23.57
N GLY AA 5 3.73 -51.96 24.62
CA GLY AA 5 4.90 -51.09 24.82
C GLY AA 5 6.12 -51.60 24.08
N SER AA 6 6.12 -52.89 23.73
CA SER AA 6 7.26 -53.52 23.02
C SER AA 6 6.96 -53.58 21.51
N MET AA 7 5.67 -53.56 21.15
CA MET AA 7 5.24 -53.62 19.72
C MET AA 7 5.31 -52.22 19.08
N ASN AA 8 5.49 -51.17 19.89
CA ASN AA 8 5.65 -49.78 19.40
C ASN AA 8 6.93 -49.18 19.99
N GLN AA 9 8.09 -49.59 19.48
CA GLN AA 9 9.39 -49.09 19.98
C GLN AA 9 9.37 -47.55 19.99
N ALA BA 1 37.95 -46.19 13.84
CA ALA BA 1 37.81 -47.54 13.24
C ALA BA 1 36.32 -47.90 13.11
N ALA BA 2 35.93 -49.02 13.70
CA ALA BA 2 34.51 -49.47 13.67
C ALA BA 2 33.81 -49.06 14.97
N GLU BA 3 34.51 -48.33 15.83
CA GLU BA 3 33.96 -47.87 17.12
C GLU BA 3 33.27 -46.50 16.92
N TRP BA 4 33.43 -45.92 15.73
CA TRP BA 4 32.81 -44.60 15.41
C TRP BA 4 31.33 -44.80 15.08
N GLY BA 5 30.95 -46.02 14.68
CA GLY BA 5 29.55 -46.33 14.34
C GLY BA 5 28.76 -46.76 15.58
N SER BA 6 29.48 -47.19 16.62
CA SER BA 6 28.83 -47.65 17.88
C SER BA 6 28.83 -46.52 18.92
N MET BA 7 29.76 -45.58 18.74
CA MET BA 7 29.99 -44.39 19.62
C MET BA 7 28.91 -43.33 19.32
N ASN BA 8 28.27 -43.42 18.15
CA ASN BA 8 27.24 -42.46 17.70
C ASN BA 8 25.97 -43.23 17.29
N GLN BA 9 25.22 -43.73 18.28
CA GLN BA 9 23.98 -44.50 18.00
C GLN BA 9 23.09 -43.70 17.05
#